data_1H8E
#
_entry.id   1H8E
#
_cell.length_a   267.700
_cell.length_b   106.200
_cell.length_c   138.300
_cell.angle_alpha   90.00
_cell.angle_beta   90.00
_cell.angle_gamma   90.00
#
_symmetry.space_group_name_H-M   'P 21 21 21'
#
loop_
_entity.id
_entity.type
_entity.pdbx_description
1 polymer 'BOVINE MITOCHONDRIAL F1-ATPASE'
2 polymer 'BOVINE MITOCHONDRIAL F1-ATPASE'
3 polymer 'BOVINE MITOCHONDRIAL F1-ATPASE'
4 polymer 'BOVINE MITOCHONDRIAL F1-ATPASE'
5 polymer 'BOVINE MITOCHONDRIAL F1-ATPASE'
6 non-polymer "ADENOSINE-5'-DIPHOSPHATE"
7 non-polymer 'MAGNESIUM ION'
8 non-polymer GLYCEROL
9 non-polymer 'TETRAFLUOROALUMINATE ION'
10 non-polymer 'SULFATE ION'
11 water water
#
loop_
_entity_poly.entity_id
_entity_poly.type
_entity_poly.pdbx_seq_one_letter_code
_entity_poly.pdbx_strand_id
1 'polypeptide(L)'
;QKTGTAEVSSILEERILGADTSVDLEETGRVLSIGDGIARVHGLRNVQAEEMVEFSSGLKGMSLNLEPDNVGVVVFGNDK
LIKEGDIVKRTGAIVDVPVGEELLGRVVDALGNAIDGKGPIGSKARRRVGLKAPGIIPRISVREPMQTGIKAVDSLVPIG
RGQRELIIGDRQTGKTSIAIDTIINQKRFNDGTDEKKKLYCIYVAIGQKRSTVAQLVKRLTDADAMKYTIVVSATASDAA
PLQYLAPYSGCSMGEYFRDNGKHALIIYDDLSKQAVAYRQMSLLLRRPPGREAYPGDVFYLHSRLLERAAKMNDAFGGGS
LTALPVIETQAGDVSAYIPTNVISITDGQIFLETELFYKGIRPAINVGLSVSRVGSAAQTRAMKQVAGTMKLELAQYREV
AAFAQFGSDLDAATQQLLSRGVRLTELLKQGQYSPMAIEEQVAVIYAGVRGYLDKLEPSKITKFENAFLSHVISQHQALL
GKIRTDGKISEESDAKLKEIVTNFLAGFEA
;
A,B,C
2 'polypeptide(L)'
;AAQASPSPKAGATTGRIVAVIGAVVDVQFDEGLPPILNALEVQGRETRLVLEVAQHLGESTVRTIAMDGTEGLVRGQKVL
DSGAPIRIPVGPETLGRIMNVIGEPIDERGPIKTKQFAAIHAEAPEFVEMSVEQEILVTGIKVVDLLAPYAKGGKIGLFG
GAGVGKTVLIMELINNVAKAHGGYSVFAGVGERTREGNDLYHEMIESGVINLKDATSKVALVYGQMNEPPGARARVALTG
LTVAEYFRDQEGQDVLLFIDNIFRFTQAGSEVSALLGRIPSAVGYQPTLATDMGTMQERITTTKKGSITSVQAIYVPADD
LTDPAPATTFAHLDATTVLSRAIAELGIYPAVDPLDSTSRIMDPNIVGSEHYDVARGVQKILQDYKSLQDIIAILGMDEL
SEEDKLTVSRARKIQRFLSQPFQVAEVFTGHLGKLVPLKETIKGFQQILAGEYDHLPEQAFYMVGPIEEAVAKADKLAEE
HS
;
D,E,F
3 'polypeptide(L)'
;ATLKDITRRLKSIKNIQKITKSMKMVAAAKYARAERELKPARVYGVGSLALYEKADIKTPEDKKKHLIIGVSSDRGLCGA
IHSSVAKQMKSEAANLAAAGKEVKIIGVGDKIRSILHRTHSDQFLVTFKEVGRRPPTFGDASVIALELLNSGYEFDEGSI
IFNRFRSVISYKTEEKPIFSLDTISSAESMSIYDDIDADVLRNYQEYSLANIIYYSLKESTTSEQSARMTAMDNASKNAS
EMIDKLTLTFNRTRQAVITKELIEIISGAAAL
;
G
4 'polypeptide(L)'
;AEAAAAQAPAAGPGQMSFTFASPTQVFFNSANVRQVDVPTQTGAFGILAAHVPTLQVLRPGLVVVHAEDGTTSKYFVSSG
SVTVNADSSVQLLAEEAVTLDMLDLGAAKANLEKAQSELLGAADEATRAEIQIRIEANEALVKALE
;
H
5 'polypeptide(L)' VAYWRQAGLSYIRYSQICAKAVRDALKTEFKANAMKTSGSTIKIVKVKKE I
#
# COMPACT_ATOMS: atom_id res chain seq x y z
N ALA A 19 -55.86 -37.55 3.54
CA ALA A 19 -56.95 -36.81 4.14
C ALA A 19 -56.43 -35.72 5.07
N ASP A 20 -56.89 -35.79 6.30
CA ASP A 20 -56.67 -34.91 7.41
C ASP A 20 -55.25 -34.46 7.64
N THR A 21 -54.42 -35.33 8.16
CA THR A 21 -53.03 -34.97 8.47
C THR A 21 -52.25 -34.58 7.23
N SER A 22 -52.55 -35.30 6.17
CA SER A 22 -51.98 -35.12 4.86
C SER A 22 -51.84 -33.66 4.44
N VAL A 23 -50.93 -33.39 3.52
CA VAL A 23 -50.65 -32.05 3.01
C VAL A 23 -49.96 -32.18 1.65
N ASP A 24 -50.19 -31.25 0.74
CA ASP A 24 -49.57 -31.31 -0.60
C ASP A 24 -48.19 -30.64 -0.55
N LEU A 25 -47.12 -31.43 -0.45
CA LEU A 25 -45.78 -30.86 -0.27
C LEU A 25 -45.14 -30.61 -1.63
N GLU A 26 -45.99 -30.80 -2.66
CA GLU A 26 -45.55 -30.49 -4.01
C GLU A 26 -45.85 -29.00 -4.33
N GLU A 27 -46.94 -28.49 -3.85
CA GLU A 27 -47.44 -27.16 -4.15
C GLU A 27 -47.37 -26.22 -2.96
N THR A 28 -47.08 -26.76 -1.79
CA THR A 28 -46.99 -25.96 -0.58
C THR A 28 -45.85 -26.53 0.27
N GLY A 29 -45.47 -25.72 1.26
CA GLY A 29 -44.41 -26.16 2.17
C GLY A 29 -44.63 -25.55 3.53
N ARG A 30 -43.67 -25.75 4.41
CA ARG A 30 -43.75 -25.21 5.76
C ARG A 30 -42.39 -24.61 6.14
N VAL A 31 -42.43 -23.50 6.83
CA VAL A 31 -41.20 -22.81 7.26
C VAL A 31 -40.47 -23.61 8.34
N LEU A 32 -39.20 -23.90 8.12
CA LEU A 32 -38.33 -24.58 9.09
C LEU A 32 -37.57 -23.60 9.99
N SER A 33 -37.19 -22.46 9.43
CA SER A 33 -36.49 -21.39 10.14
C SER A 33 -36.60 -20.11 9.36
N ILE A 34 -36.52 -19.00 10.11
CA ILE A 34 -36.73 -17.65 9.53
C ILE A 34 -35.86 -16.67 10.30
N GLY A 35 -35.10 -15.89 9.57
CA GLY A 35 -34.20 -14.89 10.16
C GLY A 35 -33.53 -14.09 9.06
N ASP A 36 -33.37 -12.79 9.33
CA ASP A 36 -32.68 -11.89 8.41
C ASP A 36 -33.18 -11.91 6.99
N GLY A 37 -34.46 -11.99 6.74
CA GLY A 37 -35.05 -12.06 5.43
C GLY A 37 -34.96 -13.38 4.69
N ILE A 38 -34.46 -14.43 5.29
CA ILE A 38 -34.33 -15.75 4.66
C ILE A 38 -35.25 -16.74 5.38
N ALA A 39 -36.20 -17.28 4.65
CA ALA A 39 -37.04 -18.37 5.14
C ALA A 39 -36.50 -19.67 4.54
N ARG A 40 -36.22 -20.67 5.41
CA ARG A 40 -35.79 -21.97 4.87
C ARG A 40 -37.09 -22.79 4.82
N VAL A 41 -37.52 -23.29 3.65
CA VAL A 41 -38.85 -23.90 3.63
C VAL A 41 -38.83 -25.39 3.34
N HIS A 42 -39.62 -26.14 4.13
CA HIS A 42 -39.67 -27.60 3.84
C HIS A 42 -40.76 -27.85 2.80
N GLY A 43 -40.55 -28.72 1.82
CA GLY A 43 -41.60 -29.04 0.82
C GLY A 43 -41.43 -28.27 -0.48
N LEU A 44 -42.53 -27.70 -1.00
CA LEU A 44 -42.50 -27.01 -2.28
C LEU A 44 -41.74 -27.80 -3.33
N ARG A 45 -41.92 -29.13 -3.37
CA ARG A 45 -41.20 -29.97 -4.30
C ARG A 45 -41.21 -29.55 -5.73
N ASN A 46 -42.29 -28.93 -6.21
CA ASN A 46 -42.37 -28.53 -7.62
C ASN A 46 -42.03 -27.07 -7.87
N VAL A 47 -41.64 -26.35 -6.83
CA VAL A 47 -41.30 -24.94 -6.97
C VAL A 47 -40.18 -24.83 -7.99
N GLN A 48 -40.25 -23.79 -8.82
CA GLN A 48 -39.20 -23.50 -9.78
C GLN A 48 -38.17 -22.52 -9.20
N ALA A 49 -36.95 -22.62 -9.71
CA ALA A 49 -35.88 -21.67 -9.35
C ALA A 49 -36.30 -20.24 -9.71
N GLU A 50 -36.34 -19.38 -8.71
CA GLU A 50 -36.63 -17.98 -8.84
C GLU A 50 -38.11 -17.68 -8.85
N GLU A 51 -38.98 -18.66 -8.59
CA GLU A 51 -40.41 -18.43 -8.58
C GLU A 51 -40.85 -17.68 -7.36
N MET A 52 -41.81 -16.74 -7.47
CA MET A 52 -42.28 -16.10 -6.23
C MET A 52 -43.36 -16.96 -5.57
N VAL A 53 -43.26 -17.10 -4.26
CA VAL A 53 -44.21 -17.88 -3.47
C VAL A 53 -44.89 -16.99 -2.46
N GLU A 54 -45.90 -17.45 -1.78
CA GLU A 54 -46.62 -16.59 -0.84
C GLU A 54 -46.75 -17.20 0.55
N PHE A 55 -46.46 -16.42 1.58
CA PHE A 55 -46.49 -16.91 2.97
C PHE A 55 -47.89 -16.73 3.53
N SER A 56 -48.28 -17.43 4.59
CA SER A 56 -49.66 -17.34 5.07
C SER A 56 -50.10 -15.90 5.33
N SER A 57 -49.20 -15.08 5.85
CA SER A 57 -49.51 -13.69 6.13
C SER A 57 -49.76 -12.88 4.87
N GLY A 58 -49.41 -13.38 3.69
CA GLY A 58 -49.62 -12.49 2.51
C GLY A 58 -48.28 -12.02 1.98
N LEU A 59 -47.23 -11.91 2.80
CA LEU A 59 -45.91 -11.54 2.29
C LEU A 59 -45.52 -12.50 1.17
N LYS A 60 -44.76 -12.00 0.21
CA LYS A 60 -44.22 -12.79 -0.89
C LYS A 60 -42.73 -13.05 -0.69
N GLY A 61 -42.23 -14.05 -1.41
CA GLY A 61 -40.80 -14.36 -1.37
C GLY A 61 -40.34 -14.95 -2.67
N MET A 62 -39.02 -14.94 -2.90
CA MET A 62 -38.50 -15.56 -4.13
C MET A 62 -37.62 -16.73 -3.77
N SER A 63 -37.85 -17.88 -4.43
CA SER A 63 -37.08 -19.10 -4.20
C SER A 63 -35.77 -19.07 -4.97
N LEU A 64 -34.70 -18.48 -4.39
CA LEU A 64 -33.41 -18.42 -5.09
C LEU A 64 -32.57 -19.67 -4.87
N ASN A 65 -32.68 -20.36 -3.74
CA ASN A 65 -31.92 -21.58 -3.46
C ASN A 65 -32.84 -22.81 -3.36
N LEU A 66 -32.72 -23.73 -4.33
CA LEU A 66 -33.53 -24.96 -4.24
C LEU A 66 -32.58 -26.02 -3.67
N GLU A 67 -32.78 -26.56 -2.49
CA GLU A 67 -31.76 -27.53 -1.98
C GLU A 67 -32.42 -28.87 -1.73
N PRO A 68 -31.68 -29.93 -1.54
CA PRO A 68 -32.24 -31.30 -1.40
C PRO A 68 -33.33 -31.35 -0.37
N ASP A 69 -33.09 -30.71 0.79
CA ASP A 69 -34.06 -30.73 1.88
C ASP A 69 -34.74 -29.41 2.16
N ASN A 70 -34.52 -28.35 1.36
CA ASN A 70 -35.17 -27.07 1.72
C ASN A 70 -35.12 -26.12 0.53
N VAL A 71 -35.97 -25.11 0.60
CA VAL A 71 -35.97 -24.01 -0.33
C VAL A 71 -35.50 -22.78 0.48
N GLY A 72 -34.53 -22.06 -0.08
CA GLY A 72 -34.08 -20.81 0.63
C GLY A 72 -34.93 -19.69 0.01
N VAL A 73 -35.85 -19.09 0.71
CA VAL A 73 -36.65 -18.03 0.11
C VAL A 73 -36.28 -16.63 0.65
N VAL A 74 -36.17 -15.67 -0.28
CA VAL A 74 -35.86 -14.29 0.17
C VAL A 74 -37.14 -13.51 0.33
N VAL A 75 -37.30 -12.94 1.51
CA VAL A 75 -38.54 -12.28 1.90
C VAL A 75 -38.70 -10.85 1.42
N PHE A 76 -39.84 -10.58 0.78
CA PHE A 76 -40.16 -9.21 0.34
C PHE A 76 -40.94 -8.49 1.43
N GLY A 77 -40.31 -8.12 2.54
CA GLY A 77 -41.00 -7.53 3.67
C GLY A 77 -40.26 -7.73 4.98
N ASN A 78 -40.91 -7.49 6.08
CA ASN A 78 -40.36 -7.67 7.45
C ASN A 78 -40.57 -9.12 7.89
N ASP A 79 -39.56 -9.81 8.40
CA ASP A 79 -39.67 -11.19 8.86
C ASP A 79 -40.67 -11.41 9.99
N LYS A 80 -40.97 -10.39 10.77
CA LYS A 80 -41.82 -10.58 11.93
C LYS A 80 -43.14 -11.26 11.62
N LEU A 81 -43.61 -11.26 10.38
CA LEU A 81 -44.91 -11.87 10.10
C LEU A 81 -44.80 -13.35 9.76
N ILE A 82 -43.59 -13.87 9.68
CA ILE A 82 -43.35 -15.26 9.30
C ILE A 82 -42.79 -16.02 10.50
N LYS A 83 -43.40 -17.15 10.85
CA LYS A 83 -42.95 -17.94 11.98
C LYS A 83 -42.60 -19.36 11.58
N GLU A 84 -41.82 -20.09 12.37
CA GLU A 84 -41.53 -21.51 12.06
C GLU A 84 -42.88 -22.22 11.88
N GLY A 85 -43.11 -23.05 10.87
CA GLY A 85 -44.42 -23.69 10.71
C GLY A 85 -45.38 -22.97 9.80
N ASP A 86 -45.20 -21.71 9.44
CA ASP A 86 -46.12 -21.04 8.52
C ASP A 86 -46.15 -21.71 7.15
N ILE A 87 -47.37 -21.89 6.64
CA ILE A 87 -47.60 -22.52 5.34
C ILE A 87 -47.16 -21.55 4.24
N VAL A 88 -46.51 -22.06 3.23
CA VAL A 88 -46.02 -21.25 2.11
C VAL A 88 -46.61 -21.84 0.83
N LYS A 89 -47.05 -21.10 -0.16
CA LYS A 89 -47.55 -21.78 -1.37
C LYS A 89 -47.06 -21.24 -2.69
N ARG A 90 -47.18 -22.10 -3.69
CA ARG A 90 -47.01 -21.74 -5.09
C ARG A 90 -48.37 -21.13 -5.49
N THR A 91 -48.44 -20.17 -6.38
CA THR A 91 -49.72 -19.54 -6.67
C THR A 91 -49.80 -19.23 -8.18
N GLY A 92 -48.80 -19.68 -8.94
CA GLY A 92 -48.81 -19.35 -10.37
C GLY A 92 -48.38 -17.91 -10.58
N ALA A 93 -47.70 -17.29 -9.62
CA ALA A 93 -47.28 -15.89 -9.83
C ALA A 93 -46.18 -15.75 -10.86
N ILE A 94 -46.28 -14.66 -11.63
CA ILE A 94 -45.25 -14.29 -12.60
C ILE A 94 -44.60 -13.02 -12.01
N VAL A 95 -43.27 -12.93 -12.05
CA VAL A 95 -42.66 -11.68 -11.52
C VAL A 95 -42.61 -10.67 -12.69
N ASP A 96 -43.65 -9.85 -12.75
CA ASP A 96 -43.72 -8.87 -13.83
C ASP A 96 -44.17 -7.53 -13.28
N VAL A 97 -44.08 -6.48 -14.11
CA VAL A 97 -44.54 -5.15 -13.77
C VAL A 97 -45.43 -4.56 -14.86
N PRO A 98 -46.22 -3.57 -14.52
CA PRO A 98 -47.01 -2.77 -15.46
C PRO A 98 -46.05 -1.97 -16.34
N VAL A 99 -46.37 -1.82 -17.61
CA VAL A 99 -45.56 -1.06 -18.55
C VAL A 99 -46.52 -0.26 -19.44
N GLY A 100 -46.02 0.73 -20.17
CA GLY A 100 -46.89 1.53 -21.02
C GLY A 100 -46.79 3.00 -20.67
N GLU A 101 -47.40 3.81 -21.53
CA GLU A 101 -47.34 5.26 -21.35
C GLU A 101 -48.06 5.71 -20.12
N GLU A 102 -48.87 4.86 -19.50
CA GLU A 102 -49.58 5.23 -18.29
C GLU A 102 -48.64 5.47 -17.11
N LEU A 103 -47.40 4.97 -17.19
CA LEU A 103 -46.50 5.15 -16.01
C LEU A 103 -45.83 6.53 -16.04
N LEU A 104 -45.88 7.19 -17.22
CA LEU A 104 -45.25 8.53 -17.30
C LEU A 104 -45.85 9.48 -16.28
N GLY A 105 -45.03 10.23 -15.54
CA GLY A 105 -45.55 11.17 -14.55
C GLY A 105 -45.75 10.56 -13.19
N ARG A 106 -45.62 9.25 -13.05
CA ARG A 106 -45.84 8.54 -11.80
C ARG A 106 -44.58 8.09 -11.09
N VAL A 107 -44.73 7.95 -9.78
CA VAL A 107 -43.66 7.42 -8.97
C VAL A 107 -44.14 6.04 -8.48
N VAL A 108 -43.43 5.00 -8.83
CA VAL A 108 -43.76 3.64 -8.38
C VAL A 108 -42.62 2.97 -7.61
N ASP A 109 -42.96 1.94 -6.84
CA ASP A 109 -42.02 1.10 -6.10
C ASP A 109 -41.39 0.06 -7.03
N ALA A 110 -40.61 -0.89 -6.53
CA ALA A 110 -39.93 -1.84 -7.41
C ALA A 110 -40.82 -2.72 -8.24
N LEU A 111 -42.04 -2.98 -7.83
CA LEU A 111 -42.97 -3.82 -8.55
C LEU A 111 -44.03 -3.04 -9.28
N GLY A 112 -43.89 -1.73 -9.49
CA GLY A 112 -44.87 -1.01 -10.27
C GLY A 112 -46.12 -0.57 -9.54
N ASN A 113 -46.18 -0.65 -8.23
CA ASN A 113 -47.24 -0.09 -7.42
C ASN A 113 -47.02 1.43 -7.30
N ALA A 114 -48.08 2.22 -7.36
CA ALA A 114 -48.00 3.67 -7.19
C ALA A 114 -47.69 4.05 -5.75
N ILE A 115 -46.73 4.94 -5.53
CA ILE A 115 -46.37 5.39 -4.19
C ILE A 115 -46.46 6.91 -4.10
N ASP A 116 -47.05 7.55 -5.12
CA ASP A 116 -47.22 9.00 -5.11
C ASP A 116 -48.61 9.41 -4.61
N GLY A 117 -49.46 8.45 -4.23
CA GLY A 117 -50.79 8.73 -3.76
C GLY A 117 -51.77 9.22 -4.82
N LYS A 118 -51.45 9.06 -6.11
CA LYS A 118 -52.37 9.52 -7.15
C LYS A 118 -53.22 8.37 -7.68
N GLY A 119 -53.38 7.31 -6.93
CA GLY A 119 -54.20 6.19 -7.36
C GLY A 119 -53.52 5.21 -8.28
N PRO A 120 -54.33 4.30 -8.80
CA PRO A 120 -53.91 3.22 -9.66
C PRO A 120 -53.21 3.64 -10.93
N ILE A 121 -52.21 2.89 -11.34
CA ILE A 121 -51.59 3.09 -12.66
C ILE A 121 -52.63 2.46 -13.57
N GLY A 122 -53.18 3.03 -14.61
CA GLY A 122 -54.28 2.16 -15.23
C GLY A 122 -53.68 1.38 -16.37
N SER A 123 -52.61 0.62 -16.12
CA SER A 123 -51.93 0.02 -17.28
C SER A 123 -52.71 -1.13 -17.89
N LYS A 124 -52.44 -1.37 -19.17
CA LYS A 124 -53.11 -2.45 -19.88
C LYS A 124 -52.09 -3.37 -20.54
N ALA A 125 -50.87 -3.30 -20.02
CA ALA A 125 -49.85 -4.26 -20.50
C ALA A 125 -48.88 -4.51 -19.33
N ARG A 126 -48.33 -5.69 -19.25
CA ARG A 126 -47.39 -6.12 -18.24
C ARG A 126 -46.22 -6.77 -18.97
N ARG A 127 -45.07 -6.78 -18.29
CA ARG A 127 -43.88 -7.36 -18.91
C ARG A 127 -43.05 -8.00 -17.80
N ARG A 128 -42.40 -9.11 -18.11
CA ARG A 128 -41.61 -9.82 -17.10
C ARG A 128 -40.39 -8.99 -16.70
N VAL A 129 -39.89 -9.10 -15.47
CA VAL A 129 -38.71 -8.27 -15.18
C VAL A 129 -37.43 -8.94 -15.68
N GLY A 130 -37.48 -10.27 -15.71
CA GLY A 130 -36.32 -11.03 -16.14
C GLY A 130 -36.55 -11.52 -17.57
N LEU A 131 -35.97 -10.84 -18.53
CA LEU A 131 -36.16 -11.25 -19.93
C LEU A 131 -34.79 -11.10 -20.56
N LYS A 132 -34.47 -11.94 -21.52
CA LYS A 132 -33.17 -11.86 -22.17
C LYS A 132 -33.06 -10.63 -23.06
N ALA A 133 -31.85 -10.09 -23.15
CA ALA A 133 -31.57 -8.95 -24.02
C ALA A 133 -31.70 -9.38 -25.49
N PRO A 134 -31.97 -8.44 -26.38
CA PRO A 134 -31.96 -8.70 -27.81
C PRO A 134 -30.56 -9.23 -28.17
N GLY A 135 -30.43 -10.20 -29.02
CA GLY A 135 -29.16 -10.75 -29.46
C GLY A 135 -28.50 -9.81 -30.47
N ILE A 136 -27.51 -10.37 -31.14
CA ILE A 136 -26.66 -9.72 -32.10
C ILE A 136 -27.40 -9.26 -33.36
N ILE A 137 -28.36 -10.04 -33.83
CA ILE A 137 -28.98 -9.79 -35.11
C ILE A 137 -29.95 -8.63 -35.20
N PRO A 138 -30.93 -8.47 -34.37
CA PRO A 138 -31.94 -7.44 -34.44
C PRO A 138 -31.52 -6.01 -34.15
N ARG A 139 -30.26 -5.71 -34.15
CA ARG A 139 -29.71 -4.43 -33.81
C ARG A 139 -29.04 -3.75 -35.00
N ILE A 140 -28.83 -2.44 -34.85
CA ILE A 140 -28.04 -1.71 -35.85
C ILE A 140 -27.19 -0.70 -35.10
N SER A 141 -26.07 -0.28 -35.64
CA SER A 141 -25.15 0.60 -34.93
C SER A 141 -25.80 1.87 -34.41
N VAL A 142 -25.33 2.30 -33.24
CA VAL A 142 -25.81 3.50 -32.56
C VAL A 142 -25.43 4.73 -33.38
N ARG A 143 -26.35 5.59 -33.75
CA ARG A 143 -26.02 6.70 -34.65
C ARG A 143 -26.82 7.95 -34.34
N GLU A 144 -27.88 7.83 -33.54
CA GLU A 144 -28.67 8.99 -33.17
C GLU A 144 -28.20 9.59 -31.85
N PRO A 145 -28.03 10.90 -31.84
CA PRO A 145 -27.58 11.64 -30.68
C PRO A 145 -28.56 11.48 -29.52
N MET A 146 -28.01 11.28 -28.32
CA MET A 146 -28.83 11.32 -27.08
C MET A 146 -28.20 12.54 -26.37
N GLN A 147 -28.80 13.70 -26.60
CA GLN A 147 -28.28 14.98 -26.15
C GLN A 147 -28.47 15.20 -24.67
N THR A 148 -27.39 15.39 -23.90
CA THR A 148 -27.60 15.65 -22.46
C THR A 148 -27.81 17.17 -22.24
N GLY A 149 -27.43 17.99 -23.24
CA GLY A 149 -27.51 19.46 -23.01
C GLY A 149 -26.34 19.94 -22.17
N ILE A 150 -25.40 19.06 -21.86
CA ILE A 150 -24.23 19.36 -21.06
C ILE A 150 -23.02 19.43 -22.01
N LYS A 151 -22.38 20.60 -22.06
CA LYS A 151 -21.33 20.82 -23.03
C LYS A 151 -20.21 19.82 -22.97
N ALA A 152 -19.66 19.57 -21.77
CA ALA A 152 -18.49 18.66 -21.68
C ALA A 152 -18.84 17.28 -22.22
N VAL A 153 -20.08 16.83 -22.02
CA VAL A 153 -20.49 15.52 -22.53
C VAL A 153 -20.79 15.51 -24.00
N ASP A 154 -21.73 16.32 -24.45
CA ASP A 154 -22.17 16.36 -25.85
C ASP A 154 -21.01 16.64 -26.77
N SER A 155 -19.95 17.32 -26.30
CA SER A 155 -18.80 17.53 -27.18
C SER A 155 -17.71 16.49 -27.04
N LEU A 156 -17.36 16.11 -25.80
CA LEU A 156 -16.19 15.23 -25.65
C LEU A 156 -16.47 13.81 -25.15
N VAL A 157 -17.65 13.48 -24.67
CA VAL A 157 -18.00 12.14 -24.24
C VAL A 157 -19.43 11.84 -24.72
N PRO A 158 -19.65 11.96 -25.99
CA PRO A 158 -20.94 11.99 -26.63
C PRO A 158 -21.71 10.71 -26.47
N ILE A 159 -23.01 10.76 -26.28
CA ILE A 159 -23.82 9.58 -26.07
C ILE A 159 -24.81 9.36 -27.21
N GLY A 160 -24.95 8.12 -27.68
CA GLY A 160 -25.89 7.81 -28.75
C GLY A 160 -27.06 7.00 -28.26
N ARG A 161 -28.11 6.90 -29.05
CA ARG A 161 -29.31 6.18 -28.57
C ARG A 161 -29.10 4.68 -28.66
N GLY A 162 -29.25 4.02 -27.51
CA GLY A 162 -28.98 2.61 -27.36
C GLY A 162 -27.61 2.33 -26.75
N GLN A 163 -26.84 3.38 -26.49
CA GLN A 163 -25.56 3.20 -25.81
C GLN A 163 -25.79 2.96 -24.31
N ARG A 164 -24.71 2.51 -23.66
CA ARG A 164 -24.66 2.36 -22.21
C ARG A 164 -23.41 3.18 -21.77
N GLU A 165 -23.66 4.30 -21.09
CA GLU A 165 -22.56 5.17 -20.69
C GLU A 165 -22.54 5.34 -19.17
N LEU A 166 -21.44 4.96 -18.54
CA LEU A 166 -21.42 5.00 -17.07
C LEU A 166 -21.16 6.38 -16.50
N ILE A 167 -21.82 6.72 -15.41
CA ILE A 167 -21.53 7.92 -14.64
C ILE A 167 -20.87 7.46 -13.34
N ILE A 168 -19.56 7.74 -13.18
CA ILE A 168 -18.85 7.19 -12.03
C ILE A 168 -17.99 8.25 -11.35
N GLY A 169 -17.96 8.23 -10.02
CA GLY A 169 -17.16 9.04 -9.17
C GLY A 169 -17.52 8.87 -7.70
N ASP A 170 -16.75 9.50 -6.85
CA ASP A 170 -16.98 9.47 -5.41
C ASP A 170 -18.25 10.18 -5.00
N ARG A 171 -18.70 9.97 -3.78
CA ARG A 171 -19.87 10.69 -3.27
C ARG A 171 -19.71 12.21 -3.52
N GLN A 172 -20.82 12.87 -3.80
CA GLN A 172 -20.83 14.34 -3.89
C GLN A 172 -19.98 14.91 -4.99
N THR A 173 -19.79 14.17 -6.10
CA THR A 173 -19.01 14.70 -7.20
C THR A 173 -19.94 15.23 -8.30
N GLY A 174 -21.26 15.00 -8.26
CA GLY A 174 -22.14 15.51 -9.30
C GLY A 174 -22.80 14.46 -10.19
N LYS A 175 -22.80 13.19 -9.79
CA LYS A 175 -23.30 12.11 -10.61
C LYS A 175 -24.78 12.24 -10.91
N THR A 176 -25.57 12.36 -9.84
CA THR A 176 -27.00 12.45 -9.99
C THR A 176 -27.38 13.69 -10.82
N SER A 177 -26.68 14.81 -10.59
CA SER A 177 -26.99 16.04 -11.30
C SER A 177 -26.83 15.93 -12.81
N ILE A 178 -25.82 15.18 -13.23
CA ILE A 178 -25.60 14.92 -14.64
C ILE A 178 -26.87 14.21 -15.18
N ALA A 179 -27.38 13.20 -14.47
CA ALA A 179 -28.54 12.45 -14.92
C ALA A 179 -29.79 13.32 -14.96
N ILE A 180 -29.94 14.19 -13.95
CA ILE A 180 -31.17 15.02 -13.90
C ILE A 180 -31.23 16.06 -15.01
N ASP A 181 -30.10 16.73 -15.26
CA ASP A 181 -30.04 17.69 -16.32
C ASP A 181 -30.29 17.02 -17.67
N THR A 182 -29.83 15.78 -17.81
CA THR A 182 -30.09 15.04 -19.04
C THR A 182 -31.58 14.83 -19.20
N ILE A 183 -32.28 14.47 -18.12
CA ILE A 183 -33.71 14.24 -18.19
C ILE A 183 -34.45 15.57 -18.51
N ILE A 184 -34.09 16.62 -17.82
CA ILE A 184 -34.61 17.96 -17.99
C ILE A 184 -34.42 18.41 -19.43
N ASN A 185 -33.31 18.04 -20.06
CA ASN A 185 -33.04 18.48 -21.41
C ASN A 185 -34.05 17.97 -22.44
N GLN A 186 -34.61 16.79 -22.27
CA GLN A 186 -35.43 16.18 -23.33
C GLN A 186 -36.74 16.93 -23.56
N LYS A 187 -37.12 17.80 -22.64
CA LYS A 187 -38.30 18.61 -22.81
C LYS A 187 -38.34 19.35 -24.17
N ARG A 188 -37.18 19.80 -24.64
CA ARG A 188 -37.17 20.53 -25.91
C ARG A 188 -37.58 19.61 -27.06
N PHE A 189 -37.43 18.29 -26.87
CA PHE A 189 -37.83 17.41 -27.96
C PHE A 189 -39.23 16.90 -27.69
N ASN A 190 -39.54 16.58 -26.44
CA ASN A 190 -40.83 16.01 -26.12
C ASN A 190 -41.96 17.01 -26.35
N ASP A 191 -41.63 18.30 -26.29
CA ASP A 191 -42.60 19.35 -26.56
C ASP A 191 -42.61 19.70 -28.05
N GLY A 192 -41.66 19.17 -28.79
CA GLY A 192 -41.48 19.40 -30.21
C GLY A 192 -42.50 18.67 -31.06
N THR A 193 -42.26 18.65 -32.38
CA THR A 193 -43.20 17.95 -33.27
C THR A 193 -42.45 16.92 -34.11
N ASP A 194 -41.14 16.82 -33.91
CA ASP A 194 -40.41 15.71 -34.57
C ASP A 194 -40.48 14.49 -33.64
N GLU A 195 -41.29 13.52 -34.03
CA GLU A 195 -41.58 12.33 -33.27
C GLU A 195 -40.37 11.46 -32.93
N LYS A 196 -39.49 11.25 -33.89
CA LYS A 196 -38.28 10.48 -33.78
C LYS A 196 -37.25 11.01 -32.78
N LYS A 197 -37.29 12.29 -32.43
CA LYS A 197 -36.35 12.89 -31.50
C LYS A 197 -36.85 12.81 -30.06
N LYS A 198 -38.11 12.42 -29.86
CA LYS A 198 -38.65 12.34 -28.52
C LYS A 198 -37.95 11.24 -27.70
N LEU A 199 -37.97 11.44 -26.38
CA LEU A 199 -37.22 10.55 -25.50
C LEU A 199 -37.88 10.44 -24.14
N TYR A 200 -38.37 9.25 -23.78
CA TYR A 200 -39.01 9.00 -22.50
C TYR A 200 -37.98 8.52 -21.48
N CYS A 201 -38.08 9.07 -20.30
CA CYS A 201 -37.10 8.86 -19.26
C CYS A 201 -37.63 8.04 -18.10
N ILE A 202 -36.70 7.24 -17.59
CA ILE A 202 -36.95 6.38 -16.41
C ILE A 202 -35.81 6.59 -15.42
N TYR A 203 -36.17 7.02 -14.21
CA TYR A 203 -35.09 7.24 -13.23
C TYR A 203 -35.26 6.17 -12.16
N VAL A 204 -34.26 5.25 -12.06
CA VAL A 204 -34.43 4.23 -10.99
C VAL A 204 -33.61 4.61 -9.77
N ALA A 205 -34.21 4.77 -8.63
CA ALA A 205 -33.63 5.09 -7.36
C ALA A 205 -33.47 3.79 -6.54
N ILE A 206 -32.26 3.45 -6.20
CA ILE A 206 -31.99 2.23 -5.43
C ILE A 206 -31.22 2.59 -4.15
N GLY A 207 -31.81 2.28 -3.00
CA GLY A 207 -31.07 2.50 -1.76
C GLY A 207 -31.02 3.93 -1.27
N GLN A 208 -31.70 4.86 -1.92
CA GLN A 208 -31.64 6.27 -1.48
C GLN A 208 -32.62 6.50 -0.36
N LYS A 209 -32.60 7.65 0.31
CA LYS A 209 -33.64 7.87 1.32
C LYS A 209 -34.86 8.52 0.65
N ARG A 210 -36.03 8.35 1.25
CA ARG A 210 -37.24 8.84 0.61
C ARG A 210 -37.27 10.35 0.43
N SER A 211 -36.80 11.19 1.33
CA SER A 211 -36.87 12.64 1.14
C SER A 211 -35.91 13.10 0.05
N THR A 212 -34.85 12.36 -0.25
CA THR A 212 -34.02 12.71 -1.42
C THR A 212 -34.78 12.47 -2.71
N VAL A 213 -35.56 11.37 -2.79
CA VAL A 213 -36.31 11.04 -4.00
C VAL A 213 -37.40 12.11 -4.16
N ALA A 214 -38.04 12.49 -3.04
CA ALA A 214 -39.03 13.59 -3.13
C ALA A 214 -38.37 14.90 -3.57
N GLN A 215 -37.17 15.25 -3.12
CA GLN A 215 -36.46 16.42 -3.63
C GLN A 215 -36.25 16.31 -5.13
N LEU A 216 -35.84 15.15 -5.60
CA LEU A 216 -35.65 14.94 -7.03
C LEU A 216 -36.95 15.06 -7.83
N VAL A 217 -38.02 14.47 -7.30
CA VAL A 217 -39.32 14.55 -7.99
C VAL A 217 -39.79 16.01 -8.05
N LYS A 218 -39.58 16.73 -6.97
CA LYS A 218 -39.97 18.16 -6.94
C LYS A 218 -39.19 18.88 -8.04
N ARG A 219 -37.89 18.61 -8.15
CA ARG A 219 -37.08 19.27 -9.18
C ARG A 219 -37.57 18.95 -10.57
N LEU A 220 -37.91 17.68 -10.83
CA LEU A 220 -38.39 17.32 -12.17
C LEU A 220 -39.74 17.98 -12.43
N THR A 221 -40.63 17.98 -11.44
CA THR A 221 -41.94 18.58 -11.55
C THR A 221 -41.86 20.09 -11.84
N ASP A 222 -41.01 20.84 -11.13
CA ASP A 222 -40.84 22.25 -11.41
C ASP A 222 -40.28 22.50 -12.80
N ALA A 223 -39.45 21.56 -13.28
CA ALA A 223 -38.87 21.67 -14.61
C ALA A 223 -39.86 21.17 -15.65
N ASP A 224 -41.03 20.70 -15.20
CA ASP A 224 -41.98 20.13 -16.15
C ASP A 224 -41.36 18.98 -16.93
N ALA A 225 -40.53 18.17 -16.25
CA ALA A 225 -39.97 16.98 -16.87
C ALA A 225 -40.74 15.73 -16.41
N MET A 226 -41.46 15.82 -15.28
CA MET A 226 -42.18 14.64 -14.78
C MET A 226 -43.14 14.05 -15.81
N LYS A 227 -43.79 14.88 -16.64
CA LYS A 227 -44.72 14.33 -17.62
C LYS A 227 -44.14 13.30 -18.56
N TYR A 228 -42.81 13.27 -18.78
CA TYR A 228 -42.33 12.21 -19.69
C TYR A 228 -41.37 11.27 -18.93
N THR A 229 -41.54 11.18 -17.63
CA THR A 229 -40.60 10.44 -16.79
C THR A 229 -41.30 9.48 -15.83
N ILE A 230 -40.66 8.34 -15.70
CA ILE A 230 -41.12 7.34 -14.74
C ILE A 230 -40.07 7.25 -13.63
N VAL A 231 -40.52 7.41 -12.41
CA VAL A 231 -39.63 7.23 -11.26
C VAL A 231 -39.95 5.88 -10.58
N VAL A 232 -38.97 5.00 -10.63
CA VAL A 232 -39.05 3.67 -10.01
C VAL A 232 -38.17 3.70 -8.77
N SER A 233 -38.81 3.54 -7.63
CA SER A 233 -38.05 3.75 -6.39
C SER A 233 -38.12 2.63 -5.39
N ALA A 234 -36.93 2.19 -4.99
CA ALA A 234 -36.75 1.15 -3.99
C ALA A 234 -35.72 1.68 -2.99
N THR A 235 -36.23 2.32 -1.95
CA THR A 235 -35.40 3.08 -1.01
C THR A 235 -34.80 2.28 0.12
N ALA A 236 -34.05 2.99 1.00
CA ALA A 236 -33.21 2.36 1.97
C ALA A 236 -33.91 1.45 2.97
N SER A 237 -35.17 1.70 3.34
CA SER A 237 -35.89 0.85 4.25
C SER A 237 -36.63 -0.23 3.45
N ASP A 238 -36.55 -0.25 2.12
CA ASP A 238 -37.25 -1.37 1.43
C ASP A 238 -36.40 -2.63 1.54
N ALA A 239 -36.99 -3.82 1.66
CA ALA A 239 -36.25 -5.06 1.81
C ALA A 239 -35.25 -5.27 0.68
N ALA A 240 -34.15 -5.92 0.92
CA ALA A 240 -33.10 -6.14 -0.05
C ALA A 240 -33.54 -6.67 -1.41
N PRO A 241 -34.39 -7.67 -1.48
CA PRO A 241 -34.90 -8.21 -2.72
C PRO A 241 -35.61 -7.14 -3.56
N LEU A 242 -36.25 -6.12 -2.98
CA LEU A 242 -36.88 -5.11 -3.86
C LEU A 242 -35.81 -4.22 -4.50
N GLN A 243 -34.77 -3.96 -3.71
CA GLN A 243 -33.67 -3.15 -4.21
C GLN A 243 -32.97 -3.91 -5.33
N TYR A 244 -32.83 -5.23 -5.14
CA TYR A 244 -32.25 -6.07 -6.21
C TYR A 244 -33.04 -5.98 -7.50
N LEU A 245 -34.39 -6.03 -7.38
CA LEU A 245 -35.21 -6.11 -8.58
C LEU A 245 -35.41 -4.79 -9.32
N ALA A 246 -35.50 -3.70 -8.58
CA ALA A 246 -35.80 -2.38 -9.12
C ALA A 246 -35.17 -2.05 -10.44
N PRO A 247 -33.89 -2.26 -10.66
CA PRO A 247 -33.27 -1.92 -11.94
C PRO A 247 -33.86 -2.74 -13.08
N TYR A 248 -34.17 -4.01 -12.83
CA TYR A 248 -34.75 -4.88 -13.87
C TYR A 248 -36.18 -4.46 -14.15
N SER A 249 -36.88 -4.07 -13.07
CA SER A 249 -38.26 -3.64 -13.20
C SER A 249 -38.32 -2.38 -14.09
N GLY A 250 -37.37 -1.46 -13.90
CA GLY A 250 -37.44 -0.22 -14.71
C GLY A 250 -37.01 -0.51 -16.13
N CYS A 251 -36.01 -1.39 -16.26
CA CYS A 251 -35.52 -1.75 -17.60
C CYS A 251 -36.72 -2.25 -18.42
N SER A 252 -37.55 -3.11 -17.83
CA SER A 252 -38.68 -3.64 -18.61
C SER A 252 -39.60 -2.48 -18.96
N MET A 253 -39.74 -1.46 -18.09
CA MET A 253 -40.59 -0.34 -18.47
C MET A 253 -39.99 0.42 -19.65
N GLY A 254 -38.68 0.48 -19.75
CA GLY A 254 -38.02 1.16 -20.86
C GLY A 254 -38.09 0.32 -22.14
N GLU A 255 -38.11 -0.99 -21.97
CA GLU A 255 -38.21 -1.89 -23.15
C GLU A 255 -39.55 -1.78 -23.86
N TYR A 256 -40.59 -1.42 -23.11
CA TYR A 256 -41.89 -1.18 -23.73
C TYR A 256 -41.71 -0.12 -24.85
N PHE A 257 -40.99 0.96 -24.58
CA PHE A 257 -40.76 1.97 -25.62
C PHE A 257 -39.78 1.43 -26.64
N ARG A 258 -38.73 0.76 -26.17
CA ARG A 258 -37.72 0.27 -27.11
C ARG A 258 -38.37 -0.58 -28.21
N ASP A 259 -39.25 -1.49 -27.85
CA ASP A 259 -39.78 -2.47 -28.79
C ASP A 259 -40.95 -2.00 -29.62
N ASN A 260 -41.46 -0.82 -29.37
CA ASN A 260 -42.58 -0.25 -30.10
C ASN A 260 -42.16 0.98 -30.87
N GLY A 261 -40.99 1.00 -31.51
CA GLY A 261 -40.57 2.12 -32.31
C GLY A 261 -40.37 3.41 -31.58
N LYS A 262 -40.16 3.37 -30.25
CA LYS A 262 -39.81 4.58 -29.50
C LYS A 262 -38.46 4.51 -28.81
N HIS A 263 -38.09 5.63 -28.20
CA HIS A 263 -36.82 5.81 -27.52
C HIS A 263 -36.97 6.12 -26.04
N ALA A 264 -36.27 5.30 -25.23
CA ALA A 264 -36.28 5.48 -23.79
C ALA A 264 -34.84 5.66 -23.26
N LEU A 265 -34.75 6.39 -22.18
CA LEU A 265 -33.52 6.67 -21.46
C LEU A 265 -33.68 6.10 -20.04
N ILE A 266 -32.78 5.17 -19.65
CA ILE A 266 -32.94 4.75 -18.21
C ILE A 266 -31.71 5.13 -17.38
N ILE A 267 -31.94 5.62 -16.17
CA ILE A 267 -30.84 5.95 -15.23
C ILE A 267 -30.95 4.97 -14.04
N TYR A 268 -29.85 4.33 -13.68
CA TYR A 268 -29.83 3.39 -12.55
C TYR A 268 -28.95 4.03 -11.46
N ASP A 269 -29.54 4.65 -10.47
CA ASP A 269 -28.89 5.44 -9.43
C ASP A 269 -29.22 4.93 -8.02
N ASP A 270 -28.37 4.02 -7.58
CA ASP A 270 -27.19 3.62 -8.31
C ASP A 270 -26.98 2.13 -8.29
N LEU A 271 -26.10 1.60 -9.15
CA LEU A 271 -25.85 0.16 -9.17
C LEU A 271 -25.00 -0.36 -8.02
N SER A 272 -24.21 0.52 -7.36
CA SER A 272 -23.37 0.12 -6.26
C SER A 272 -24.25 -0.39 -5.10
N LYS A 273 -25.37 0.29 -4.91
CA LYS A 273 -26.31 -0.07 -3.86
C LYS A 273 -27.08 -1.33 -4.22
N GLN A 274 -27.31 -1.52 -5.52
CA GLN A 274 -28.02 -2.71 -5.93
C GLN A 274 -27.12 -3.94 -5.64
N ALA A 275 -25.85 -3.83 -5.94
CA ALA A 275 -24.92 -4.92 -5.67
C ALA A 275 -24.82 -5.17 -4.17
N VAL A 276 -24.93 -4.16 -3.30
CA VAL A 276 -24.89 -4.36 -1.87
C VAL A 276 -26.12 -5.19 -1.41
N ALA A 277 -27.29 -4.90 -1.93
CA ALA A 277 -28.51 -5.64 -1.61
C ALA A 277 -28.39 -7.10 -2.07
N TYR A 278 -27.87 -7.35 -3.27
CA TYR A 278 -27.69 -8.69 -3.76
C TYR A 278 -26.71 -9.48 -2.88
N ARG A 279 -25.58 -8.85 -2.51
CA ARG A 279 -24.58 -9.43 -1.62
C ARG A 279 -25.23 -9.80 -0.30
N GLN A 280 -26.06 -8.92 0.26
CA GLN A 280 -26.72 -9.30 1.51
C GLN A 280 -27.44 -10.67 1.33
N MET A 281 -28.22 -10.75 0.25
CA MET A 281 -28.98 -12.01 0.04
C MET A 281 -28.06 -13.20 -0.17
N SER A 282 -27.03 -13.04 -1.00
CA SER A 282 -26.12 -14.12 -1.29
C SER A 282 -25.45 -14.63 -0.01
N LEU A 283 -24.86 -13.76 0.79
CA LEU A 283 -24.19 -14.16 2.02
C LEU A 283 -25.16 -14.80 3.00
N LEU A 284 -26.37 -14.30 3.12
CA LEU A 284 -27.34 -14.87 4.05
C LEU A 284 -27.93 -16.21 3.59
N LEU A 285 -27.87 -16.58 2.35
CA LEU A 285 -28.30 -17.87 1.78
C LEU A 285 -27.07 -18.78 1.79
N ARG A 286 -25.99 -18.22 2.38
CA ARG A 286 -24.72 -18.88 2.48
C ARG A 286 -24.06 -19.27 1.19
N ARG A 287 -24.14 -18.47 0.14
CA ARG A 287 -23.35 -18.70 -1.05
C ARG A 287 -21.94 -18.17 -0.77
N PRO A 288 -20.95 -18.66 -1.46
CA PRO A 288 -19.56 -18.36 -1.29
C PRO A 288 -19.21 -16.90 -1.59
N PRO A 289 -18.53 -16.27 -0.66
CA PRO A 289 -18.10 -14.90 -0.74
C PRO A 289 -16.77 -14.82 -1.54
N GLY A 290 -16.67 -13.81 -2.39
CA GLY A 290 -15.44 -13.55 -3.13
C GLY A 290 -14.82 -12.23 -2.66
N ARG A 291 -14.14 -11.55 -3.56
CA ARG A 291 -13.51 -10.27 -3.29
C ARG A 291 -14.55 -9.30 -2.72
N GLU A 292 -14.20 -8.54 -1.68
CA GLU A 292 -15.10 -7.62 -1.01
C GLU A 292 -16.39 -8.30 -0.57
N ALA A 293 -16.38 -9.62 -0.43
CA ALA A 293 -17.56 -10.41 -0.02
C ALA A 293 -18.66 -10.51 -1.06
N TYR A 294 -18.44 -10.05 -2.31
CA TYR A 294 -19.45 -10.23 -3.35
C TYR A 294 -19.39 -11.65 -3.89
N PRO A 295 -20.49 -12.15 -4.36
CA PRO A 295 -20.59 -13.49 -4.89
C PRO A 295 -20.06 -13.51 -6.32
N GLY A 296 -19.77 -14.70 -6.81
CA GLY A 296 -19.19 -14.88 -8.13
C GLY A 296 -20.09 -14.52 -9.29
N ASP A 297 -21.38 -14.27 -9.06
CA ASP A 297 -22.20 -13.89 -10.21
C ASP A 297 -22.60 -12.42 -10.15
N VAL A 298 -21.94 -11.57 -9.34
CA VAL A 298 -22.32 -10.16 -9.27
C VAL A 298 -21.99 -9.46 -10.59
N PHE A 299 -21.05 -9.93 -11.38
CA PHE A 299 -20.70 -9.38 -12.68
C PHE A 299 -21.88 -9.58 -13.64
N TYR A 300 -22.34 -10.81 -13.65
CA TYR A 300 -23.50 -11.22 -14.46
C TYR A 300 -24.76 -10.50 -14.02
N LEU A 301 -24.96 -10.20 -12.73
CA LEU A 301 -26.13 -9.42 -12.31
C LEU A 301 -26.20 -8.10 -13.13
N HIS A 302 -25.06 -7.41 -13.23
CA HIS A 302 -25.01 -6.16 -13.98
C HIS A 302 -24.92 -6.32 -15.48
N SER A 303 -24.22 -7.33 -15.97
CA SER A 303 -24.04 -7.50 -17.41
C SER A 303 -25.38 -7.82 -18.08
N ARG A 304 -26.20 -8.66 -17.48
CA ARG A 304 -27.50 -8.97 -18.13
C ARG A 304 -28.44 -7.78 -18.01
N LEU A 305 -28.31 -6.96 -16.98
CA LEU A 305 -29.13 -5.75 -16.89
C LEU A 305 -28.75 -4.77 -18.02
N LEU A 306 -27.43 -4.52 -18.16
CA LEU A 306 -26.98 -3.56 -19.15
C LEU A 306 -27.01 -3.99 -20.58
N GLU A 307 -26.86 -5.29 -20.89
CA GLU A 307 -27.03 -5.69 -22.29
C GLU A 307 -28.49 -5.52 -22.72
N ARG A 308 -29.44 -5.25 -21.81
CA ARG A 308 -30.80 -5.02 -22.35
C ARG A 308 -30.92 -3.66 -23.01
N ALA A 309 -29.94 -2.73 -22.78
CA ALA A 309 -30.04 -1.46 -23.51
C ALA A 309 -29.59 -1.74 -24.94
N ALA A 310 -30.28 -1.16 -25.92
CA ALA A 310 -29.93 -1.43 -27.31
C ALA A 310 -30.58 -0.47 -28.29
N LYS A 311 -30.08 -0.54 -29.51
CA LYS A 311 -30.65 0.21 -30.65
C LYS A 311 -31.23 -0.79 -31.65
N MET A 312 -32.54 -0.82 -31.81
CA MET A 312 -33.12 -1.85 -32.71
C MET A 312 -33.01 -1.49 -34.17
N ASN A 313 -33.02 -2.54 -35.02
CA ASN A 313 -33.01 -2.39 -36.46
C ASN A 313 -34.43 -2.05 -36.95
N ASP A 314 -34.54 -1.64 -38.23
CA ASP A 314 -35.84 -1.21 -38.78
C ASP A 314 -36.87 -2.32 -38.75
N ALA A 315 -36.42 -3.53 -39.09
CA ALA A 315 -37.34 -4.67 -39.01
C ALA A 315 -37.94 -4.75 -37.64
N PHE A 316 -37.18 -4.36 -36.58
CA PHE A 316 -37.77 -4.47 -35.25
C PHE A 316 -38.40 -3.22 -34.70
N GLY A 317 -38.55 -2.19 -35.51
CA GLY A 317 -39.25 -0.97 -35.09
C GLY A 317 -38.34 0.26 -34.97
N GLY A 318 -37.03 0.16 -35.12
CA GLY A 318 -36.16 1.30 -34.97
C GLY A 318 -36.00 1.92 -33.60
N GLY A 319 -36.73 1.51 -32.59
CA GLY A 319 -36.69 1.96 -31.23
C GLY A 319 -35.32 1.72 -30.55
N SER A 320 -35.20 2.25 -29.32
CA SER A 320 -33.94 2.13 -28.61
C SER A 320 -34.13 2.32 -27.11
N LEU A 321 -33.14 1.86 -26.36
CA LEU A 321 -33.12 1.99 -24.91
C LEU A 321 -31.69 2.40 -24.54
N THR A 322 -31.55 3.62 -23.99
CA THR A 322 -30.18 4.05 -23.64
C THR A 322 -30.01 3.88 -22.13
N ALA A 323 -28.86 3.43 -21.67
CA ALA A 323 -28.71 3.31 -20.21
C ALA A 323 -27.60 4.20 -19.67
N LEU A 324 -27.87 4.84 -18.54
CA LEU A 324 -26.87 5.58 -17.80
C LEU A 324 -26.79 5.05 -16.35
N PRO A 325 -26.09 3.96 -16.14
CA PRO A 325 -25.88 3.44 -14.80
C PRO A 325 -25.00 4.42 -14.02
N VAL A 326 -25.19 4.47 -12.73
CA VAL A 326 -24.35 5.27 -11.84
C VAL A 326 -23.56 4.34 -10.91
N ILE A 327 -22.26 4.58 -10.80
CA ILE A 327 -21.45 3.86 -9.79
C ILE A 327 -20.81 4.90 -8.86
N GLU A 328 -20.88 4.65 -7.57
CA GLU A 328 -20.17 5.40 -6.56
C GLU A 328 -18.83 4.74 -6.20
N THR A 329 -17.71 5.43 -6.43
CA THR A 329 -16.42 4.90 -6.04
C THR A 329 -16.09 5.32 -4.61
N GLN A 330 -15.04 4.70 -4.04
CA GLN A 330 -14.58 5.08 -2.71
C GLN A 330 -13.15 5.61 -2.83
N ALA A 331 -12.92 6.83 -2.38
CA ALA A 331 -11.61 7.46 -2.48
C ALA A 331 -10.99 7.30 -3.86
N GLY A 332 -11.79 7.44 -4.91
CA GLY A 332 -11.31 7.52 -6.29
C GLY A 332 -10.97 6.13 -6.85
N ASP A 333 -11.22 5.04 -6.11
CA ASP A 333 -10.78 3.74 -6.63
C ASP A 333 -11.66 3.15 -7.73
N VAL A 334 -11.31 3.43 -8.98
CA VAL A 334 -12.03 2.95 -10.15
C VAL A 334 -11.65 1.53 -10.52
N SER A 335 -10.70 0.97 -9.77
CA SER A 335 -10.27 -0.41 -9.95
C SER A 335 -10.83 -1.29 -8.82
N ALA A 336 -11.76 -0.78 -8.02
CA ALA A 336 -12.41 -1.63 -7.01
C ALA A 336 -13.31 -2.62 -7.79
N TYR A 337 -13.80 -3.65 -7.10
CA TYR A 337 -14.51 -4.72 -7.83
C TYR A 337 -15.70 -4.27 -8.65
N ILE A 338 -16.73 -3.72 -8.02
CA ILE A 338 -17.95 -3.36 -8.70
C ILE A 338 -17.76 -2.32 -9.79
N PRO A 339 -16.92 -1.34 -9.58
CA PRO A 339 -16.58 -0.34 -10.57
C PRO A 339 -15.89 -0.99 -11.77
N THR A 340 -14.91 -1.86 -11.53
CA THR A 340 -14.19 -2.50 -12.65
C THR A 340 -15.21 -3.22 -13.52
N ASN A 341 -16.16 -3.89 -12.86
CA ASN A 341 -17.16 -4.67 -13.59
C ASN A 341 -18.00 -3.78 -14.53
N VAL A 342 -18.54 -2.68 -13.99
CA VAL A 342 -19.46 -1.82 -14.75
C VAL A 342 -18.71 -1.01 -15.79
N ILE A 343 -17.49 -0.60 -15.53
CA ILE A 343 -16.65 0.05 -16.55
C ILE A 343 -16.47 -0.92 -17.73
N SER A 344 -16.10 -2.21 -17.43
CA SER A 344 -15.84 -3.09 -18.56
C SER A 344 -17.07 -3.41 -19.38
N ILE A 345 -18.23 -3.42 -18.76
CA ILE A 345 -19.48 -3.75 -19.45
C ILE A 345 -19.93 -2.64 -20.38
N THR A 346 -19.73 -1.36 -19.97
CA THR A 346 -20.30 -0.24 -20.72
C THR A 346 -19.52 0.14 -21.96
N ASP A 347 -20.12 1.02 -22.78
CA ASP A 347 -19.54 1.51 -24.02
C ASP A 347 -18.63 2.70 -23.76
N GLY A 348 -18.74 3.22 -22.53
CA GLY A 348 -17.86 4.33 -22.18
C GLY A 348 -18.22 4.80 -20.78
N GLN A 349 -17.45 5.78 -20.30
CA GLN A 349 -17.67 6.24 -18.93
C GLN A 349 -17.34 7.75 -18.84
N ILE A 350 -18.11 8.37 -17.97
CA ILE A 350 -17.86 9.78 -17.64
C ILE A 350 -17.31 9.77 -16.21
N PHE A 351 -16.04 10.04 -16.03
CA PHE A 351 -15.37 10.10 -14.76
C PHE A 351 -15.40 11.48 -14.08
N LEU A 352 -15.92 11.53 -12.86
CA LEU A 352 -16.01 12.74 -12.06
C LEU A 352 -14.95 12.68 -10.95
N GLU A 353 -14.42 13.81 -10.53
CA GLU A 353 -13.32 13.84 -9.56
C GLU A 353 -13.44 15.03 -8.59
N THR A 354 -13.28 14.78 -7.31
CA THR A 354 -13.52 15.75 -6.24
C THR A 354 -12.55 16.93 -6.31
N GLU A 355 -11.32 16.65 -6.77
CA GLU A 355 -10.33 17.73 -6.89
C GLU A 355 -10.78 18.70 -7.98
N LEU A 356 -11.22 18.20 -9.12
CA LEU A 356 -11.74 19.09 -10.17
C LEU A 356 -12.91 19.92 -9.65
N PHE A 357 -13.88 19.26 -9.01
CA PHE A 357 -15.03 19.89 -8.41
C PHE A 357 -14.68 21.07 -7.51
N TYR A 358 -13.82 20.95 -6.51
CA TYR A 358 -13.54 22.09 -5.64
C TYR A 358 -12.63 23.13 -6.28
N LYS A 359 -11.91 22.81 -7.34
CA LYS A 359 -11.13 23.79 -8.05
C LYS A 359 -12.04 24.71 -8.88
N GLY A 360 -13.32 24.36 -9.01
CA GLY A 360 -14.25 25.10 -9.82
C GLY A 360 -14.59 24.44 -11.16
N ILE A 361 -14.02 23.27 -11.46
CA ILE A 361 -14.36 22.54 -12.68
C ILE A 361 -15.67 21.76 -12.45
N ARG A 362 -16.79 22.36 -12.78
CA ARG A 362 -18.12 21.83 -12.58
C ARG A 362 -18.95 22.09 -13.82
N PRO A 363 -19.46 21.04 -14.43
CA PRO A 363 -19.37 19.65 -13.99
C PRO A 363 -17.95 19.11 -13.90
N ALA A 364 -17.73 18.25 -12.90
CA ALA A 364 -16.40 17.77 -12.55
C ALA A 364 -15.85 16.63 -13.37
N ILE A 365 -15.95 16.74 -14.68
CA ILE A 365 -15.58 15.73 -15.61
C ILE A 365 -14.14 15.81 -16.06
N ASN A 366 -13.48 14.66 -15.96
CA ASN A 366 -12.12 14.46 -16.43
C ASN A 366 -12.21 14.03 -17.89
N VAL A 367 -12.24 15.02 -18.78
CA VAL A 367 -12.39 14.74 -20.20
C VAL A 367 -11.17 14.08 -20.80
N GLY A 368 -9.97 14.18 -20.21
CA GLY A 368 -8.85 13.45 -20.78
C GLY A 368 -8.88 11.94 -20.46
N LEU A 369 -9.77 11.54 -19.55
CA LEU A 369 -9.90 10.16 -19.14
C LEU A 369 -11.27 9.58 -19.45
N SER A 370 -12.29 10.40 -19.61
CA SER A 370 -13.63 9.88 -19.95
C SER A 370 -13.65 9.24 -21.33
N VAL A 371 -14.56 8.30 -21.56
CA VAL A 371 -14.51 7.48 -22.76
C VAL A 371 -15.86 7.43 -23.42
N SER A 372 -15.88 7.40 -24.77
CA SER A 372 -17.11 7.10 -25.48
C SER A 372 -16.76 6.35 -26.76
N ARG A 373 -16.93 5.01 -26.79
CA ARG A 373 -16.44 4.29 -27.98
C ARG A 373 -17.30 4.65 -29.19
N VAL A 374 -18.51 5.13 -28.93
CA VAL A 374 -19.41 5.52 -30.01
C VAL A 374 -18.95 6.84 -30.63
N GLY A 375 -18.58 7.79 -29.76
CA GLY A 375 -18.01 9.04 -30.19
C GLY A 375 -18.80 9.84 -31.22
N SER A 376 -18.11 10.23 -32.26
CA SER A 376 -18.63 11.08 -33.32
C SER A 376 -19.86 10.47 -33.98
N ALA A 377 -19.89 9.16 -34.06
CA ALA A 377 -21.07 8.53 -34.70
C ALA A 377 -22.34 9.00 -34.04
N ALA A 378 -22.27 9.49 -32.80
CA ALA A 378 -23.49 10.00 -32.18
C ALA A 378 -23.53 11.52 -32.11
N GLN A 379 -22.69 12.24 -32.86
CA GLN A 379 -22.78 13.71 -32.81
C GLN A 379 -23.39 14.33 -34.06
N THR A 380 -23.90 15.56 -33.95
CA THR A 380 -24.35 16.25 -35.17
C THR A 380 -23.16 16.81 -35.89
N ARG A 381 -23.27 17.05 -37.21
CA ARG A 381 -22.11 17.56 -37.94
C ARG A 381 -21.50 18.82 -37.37
N ALA A 382 -22.28 19.83 -36.95
CA ALA A 382 -21.63 21.05 -36.44
C ALA A 382 -20.93 20.82 -35.11
N MET A 383 -21.56 20.01 -34.23
CA MET A 383 -20.86 19.76 -32.95
C MET A 383 -19.61 18.91 -33.24
N LYS A 384 -19.74 17.98 -34.18
CA LYS A 384 -18.61 17.11 -34.50
C LYS A 384 -17.42 17.93 -34.99
N GLN A 385 -17.73 18.99 -35.73
CA GLN A 385 -16.69 19.92 -36.19
C GLN A 385 -15.98 20.65 -35.07
N VAL A 386 -16.69 21.39 -34.22
CA VAL A 386 -15.95 22.16 -33.21
C VAL A 386 -15.43 21.27 -32.09
N ALA A 387 -16.08 20.15 -31.77
CA ALA A 387 -15.62 19.24 -30.71
C ALA A 387 -14.26 18.62 -31.05
N GLY A 388 -14.11 18.24 -32.32
CA GLY A 388 -12.86 17.71 -32.82
C GLY A 388 -11.71 18.65 -32.59
N THR A 389 -11.89 19.93 -32.94
CA THR A 389 -10.85 20.94 -32.75
C THR A 389 -10.56 21.05 -31.25
N MET A 390 -11.65 21.16 -30.47
CA MET A 390 -11.46 21.31 -29.02
C MET A 390 -10.75 20.08 -28.44
N LYS A 391 -11.14 18.89 -28.93
CA LYS A 391 -10.50 17.67 -28.42
C LYS A 391 -8.98 17.80 -28.56
N LEU A 392 -8.54 18.07 -29.80
CA LEU A 392 -7.13 18.22 -30.10
C LEU A 392 -6.42 19.32 -29.34
N GLU A 393 -7.01 20.50 -29.22
CA GLU A 393 -6.35 21.60 -28.50
C GLU A 393 -6.27 21.33 -27.02
N LEU A 394 -7.24 20.59 -26.50
CA LEU A 394 -7.13 20.21 -25.08
C LEU A 394 -6.02 19.18 -24.91
N ALA A 395 -5.93 18.18 -25.76
CA ALA A 395 -4.84 17.21 -25.69
C ALA A 395 -3.47 17.90 -25.76
N GLN A 396 -3.33 18.85 -26.66
CA GLN A 396 -2.10 19.61 -26.83
C GLN A 396 -1.84 20.51 -25.62
N TYR A 397 -2.91 20.98 -25.02
CA TYR A 397 -2.75 21.73 -23.77
C TYR A 397 -2.24 20.81 -22.67
N ARG A 398 -2.86 19.61 -22.55
CA ARG A 398 -2.43 18.73 -21.45
C ARG A 398 -0.94 18.43 -21.52
N GLU A 399 -0.45 18.25 -22.74
CA GLU A 399 0.93 17.88 -22.97
C GLU A 399 1.93 18.89 -22.45
N VAL A 400 1.61 20.17 -22.36
CA VAL A 400 2.57 21.19 -21.96
C VAL A 400 2.14 21.98 -20.73
N ALA A 401 1.08 21.54 -20.08
CA ALA A 401 0.48 22.21 -18.95
C ALA A 401 1.33 22.40 -17.70
N ALA A 402 0.69 23.02 -16.69
CA ALA A 402 1.24 23.20 -15.38
C ALA A 402 2.54 24.02 -15.41
N PHE A 403 2.83 24.58 -16.59
CA PHE A 403 4.00 25.45 -16.69
C PHE A 403 3.52 26.91 -16.51
N LEU A 410 8.87 31.35 -21.58
CA LEU A 410 8.74 30.23 -22.49
C LEU A 410 8.29 30.65 -23.88
N ASP A 411 8.68 29.86 -24.87
CA ASP A 411 8.33 30.08 -26.26
C ASP A 411 6.88 30.53 -26.43
N ALA A 412 6.64 31.36 -27.44
CA ALA A 412 5.31 31.88 -27.72
C ALA A 412 4.34 30.77 -28.10
N ALA A 413 4.81 29.80 -28.90
CA ALA A 413 3.92 28.71 -29.30
C ALA A 413 3.32 27.99 -28.10
N THR A 414 4.07 27.80 -27.00
CA THR A 414 3.43 27.12 -25.86
C THR A 414 2.75 28.11 -24.95
N GLN A 415 2.99 29.42 -25.11
CA GLN A 415 2.19 30.42 -24.36
C GLN A 415 0.76 30.36 -24.93
N GLN A 416 0.68 30.24 -26.26
CA GLN A 416 -0.61 30.16 -26.94
C GLN A 416 -1.34 28.86 -26.60
N LEU A 417 -0.64 27.72 -26.58
CA LEU A 417 -1.26 26.44 -26.29
C LEU A 417 -1.88 26.41 -24.89
N LEU A 418 -1.24 27.08 -23.96
CA LEU A 418 -1.73 27.24 -22.61
C LEU A 418 -2.92 28.18 -22.52
N SER A 419 -2.80 29.34 -23.19
CA SER A 419 -3.85 30.33 -23.20
C SER A 419 -5.15 29.78 -23.77
N ARG A 420 -5.08 29.00 -24.85
CA ARG A 420 -6.24 28.35 -25.43
C ARG A 420 -6.85 27.28 -24.50
N GLY A 421 -6.02 26.37 -23.99
CA GLY A 421 -6.51 25.30 -23.11
C GLY A 421 -7.26 25.84 -21.91
N VAL A 422 -6.67 26.82 -21.24
CA VAL A 422 -7.30 27.45 -20.06
C VAL A 422 -8.64 28.04 -20.42
N ARG A 423 -8.73 28.60 -21.63
CA ARG A 423 -10.01 29.18 -22.06
C ARG A 423 -11.02 28.12 -22.44
N LEU A 424 -10.59 27.08 -23.15
CA LEU A 424 -11.52 26.00 -23.49
C LEU A 424 -12.04 25.34 -22.19
N THR A 425 -11.18 25.29 -21.19
CA THR A 425 -11.57 24.73 -19.89
C THR A 425 -12.69 25.55 -19.29
N GLU A 426 -12.57 26.89 -19.25
CA GLU A 426 -13.65 27.71 -18.66
C GLU A 426 -14.97 27.52 -19.38
N LEU A 427 -14.93 27.37 -20.69
CA LEU A 427 -16.11 27.18 -21.52
C LEU A 427 -16.83 25.87 -21.25
N LEU A 428 -16.15 24.86 -20.72
CA LEU A 428 -16.75 23.55 -20.43
C LEU A 428 -17.44 23.59 -19.07
N LYS A 429 -17.16 24.63 -18.27
CA LYS A 429 -17.91 24.83 -17.04
C LYS A 429 -19.39 25.04 -17.34
N GLN A 430 -20.26 24.67 -16.40
CA GLN A 430 -21.69 24.86 -16.63
C GLN A 430 -22.43 24.75 -15.31
N GLY A 431 -23.38 25.62 -15.04
CA GLY A 431 -24.20 25.52 -13.83
C GLY A 431 -25.25 24.43 -14.06
N GLN A 432 -25.93 24.03 -13.03
CA GLN A 432 -26.99 23.04 -13.07
C GLN A 432 -28.33 23.54 -13.57
N TYR A 433 -29.19 22.57 -13.93
CA TYR A 433 -30.56 22.90 -14.26
C TYR A 433 -30.69 23.82 -15.47
N SER A 434 -29.69 23.88 -16.33
CA SER A 434 -29.85 24.61 -17.58
C SER A 434 -29.19 23.91 -18.76
N PRO A 435 -29.64 22.72 -19.09
CA PRO A 435 -29.09 21.99 -20.25
C PRO A 435 -29.23 22.89 -21.47
N MET A 436 -28.31 22.85 -22.42
CA MET A 436 -28.39 23.72 -23.57
C MET A 436 -28.69 23.02 -24.89
N ALA A 437 -29.36 23.75 -25.78
CA ALA A 437 -29.59 23.28 -27.14
C ALA A 437 -28.22 23.13 -27.81
N ILE A 438 -28.13 22.25 -28.78
CA ILE A 438 -26.89 21.91 -29.45
C ILE A 438 -26.30 23.07 -30.24
N GLU A 439 -27.11 23.93 -30.84
CA GLU A 439 -26.57 25.08 -31.58
C GLU A 439 -25.94 26.11 -30.61
N GLU A 440 -26.49 26.18 -29.41
CA GLU A 440 -25.99 27.12 -28.40
C GLU A 440 -24.63 26.65 -27.89
N GLN A 441 -24.58 25.32 -27.66
CA GLN A 441 -23.31 24.74 -27.26
C GLN A 441 -22.24 25.06 -28.33
N VAL A 442 -22.57 24.77 -29.57
CA VAL A 442 -21.69 25.01 -30.70
C VAL A 442 -21.27 26.49 -30.80
N ALA A 443 -22.20 27.43 -30.73
CA ALA A 443 -21.84 28.85 -30.82
C ALA A 443 -20.79 29.18 -29.74
N VAL A 444 -21.03 28.63 -28.55
CA VAL A 444 -20.06 28.82 -27.46
C VAL A 444 -18.71 28.19 -27.72
N ILE A 445 -18.65 26.92 -28.07
CA ILE A 445 -17.36 26.24 -28.28
C ILE A 445 -16.61 26.98 -29.39
N TYR A 446 -17.32 27.32 -30.44
CA TYR A 446 -16.81 28.13 -31.56
C TYR A 446 -16.09 29.37 -31.06
N ALA A 447 -16.72 30.22 -30.25
CA ALA A 447 -15.99 31.39 -29.73
C ALA A 447 -14.58 31.03 -29.26
N GLY A 448 -14.43 29.95 -28.47
CA GLY A 448 -13.15 29.54 -27.93
C GLY A 448 -12.23 28.89 -28.94
N VAL A 449 -12.70 27.92 -29.74
CA VAL A 449 -11.72 27.26 -30.62
C VAL A 449 -11.26 28.17 -31.75
N ARG A 450 -12.00 29.24 -32.04
CA ARG A 450 -11.54 30.15 -33.09
C ARG A 450 -10.69 31.27 -32.52
N GLY A 451 -10.42 31.26 -31.23
CA GLY A 451 -9.51 32.21 -30.61
C GLY A 451 -10.13 33.52 -30.21
N TYR A 452 -11.44 33.70 -30.31
CA TYR A 452 -12.00 35.01 -29.95
C TYR A 452 -11.87 35.35 -28.50
N LEU A 453 -11.58 34.42 -27.61
CA LEU A 453 -11.50 34.77 -26.20
C LEU A 453 -10.08 34.68 -25.67
N ASP A 454 -9.10 34.52 -26.58
CA ASP A 454 -7.73 34.33 -26.12
C ASP A 454 -7.20 35.49 -25.32
N LYS A 455 -7.77 36.69 -25.49
CA LYS A 455 -7.25 37.80 -24.68
C LYS A 455 -8.15 38.25 -23.56
N LEU A 456 -9.23 37.53 -23.32
CA LEU A 456 -10.13 37.84 -22.20
C LEU A 456 -9.62 37.19 -20.94
N GLU A 457 -9.70 37.87 -19.81
CA GLU A 457 -9.22 37.26 -18.56
C GLU A 457 -10.05 36.01 -18.31
N PRO A 458 -9.39 34.91 -18.01
CA PRO A 458 -10.00 33.60 -17.84
C PRO A 458 -11.11 33.59 -16.80
N SER A 459 -10.97 34.31 -15.72
CA SER A 459 -11.95 34.42 -14.65
C SER A 459 -13.22 35.13 -15.11
N LYS A 460 -13.21 35.76 -16.30
CA LYS A 460 -14.48 36.41 -16.69
C LYS A 460 -15.24 35.63 -17.75
N ILE A 461 -14.74 34.51 -18.21
CA ILE A 461 -15.35 33.70 -19.26
C ILE A 461 -16.74 33.24 -18.95
N THR A 462 -17.00 32.78 -17.72
CA THR A 462 -18.35 32.33 -17.38
C THR A 462 -19.37 33.45 -17.51
N LYS A 463 -19.01 34.65 -17.02
CA LYS A 463 -19.94 35.78 -17.18
C LYS A 463 -20.11 36.14 -18.65
N PHE A 464 -19.01 36.11 -19.41
CA PHE A 464 -19.05 36.38 -20.82
C PHE A 464 -20.03 35.45 -21.52
N GLU A 465 -19.82 34.15 -21.34
CA GLU A 465 -20.65 33.17 -22.04
C GLU A 465 -22.12 33.35 -21.72
N ASN A 466 -22.46 33.51 -20.45
CA ASN A 466 -23.87 33.76 -20.09
C ASN A 466 -24.43 34.99 -20.81
N ALA A 467 -23.75 36.16 -20.78
CA ALA A 467 -24.30 37.34 -21.44
C ALA A 467 -24.31 37.18 -22.97
N PHE A 468 -23.31 36.52 -23.50
CA PHE A 468 -23.23 36.32 -24.95
C PHE A 468 -24.37 35.45 -25.45
N LEU A 469 -24.69 34.46 -24.64
CA LEU A 469 -25.76 33.50 -24.99
C LEU A 469 -27.12 34.18 -24.93
N SER A 470 -27.35 34.96 -23.86
CA SER A 470 -28.62 35.70 -23.80
C SER A 470 -28.76 36.61 -25.02
N HIS A 471 -27.68 37.30 -25.38
CA HIS A 471 -27.67 38.20 -26.51
C HIS A 471 -27.96 37.51 -27.84
N VAL A 472 -27.30 36.37 -28.12
CA VAL A 472 -27.54 35.71 -29.39
C VAL A 472 -28.92 35.08 -29.45
N ILE A 473 -29.44 34.61 -28.32
CA ILE A 473 -30.80 34.06 -28.29
C ILE A 473 -31.84 35.15 -28.53
N SER A 474 -31.61 36.37 -28.08
CA SER A 474 -32.54 37.49 -28.28
C SER A 474 -32.43 38.10 -29.67
N GLN A 475 -31.33 38.71 -30.03
CA GLN A 475 -31.15 39.33 -31.33
C GLN A 475 -30.75 38.39 -32.45
N HIS A 476 -30.20 37.20 -32.23
CA HIS A 476 -29.75 36.42 -33.38
C HIS A 476 -30.29 35.01 -33.51
N GLN A 477 -31.58 34.83 -33.31
CA GLN A 477 -32.30 33.58 -33.51
C GLN A 477 -32.02 33.02 -34.92
N ALA A 478 -31.88 33.91 -35.89
CA ALA A 478 -31.63 33.48 -37.26
C ALA A 478 -30.30 32.77 -37.41
N LEU A 479 -29.27 33.25 -36.71
CA LEU A 479 -27.95 32.61 -36.80
C LEU A 479 -28.08 31.23 -36.14
N LEU A 480 -28.71 31.18 -34.98
CA LEU A 480 -28.92 29.90 -34.30
C LEU A 480 -29.62 28.90 -35.21
N GLY A 481 -30.67 29.32 -35.91
CA GLY A 481 -31.34 28.45 -36.86
C GLY A 481 -30.41 27.75 -37.84
N LYS A 482 -29.61 28.53 -38.57
CA LYS A 482 -28.66 28.05 -39.55
C LYS A 482 -27.55 27.19 -38.95
N ILE A 483 -27.11 27.50 -37.74
CA ILE A 483 -26.03 26.68 -37.17
C ILE A 483 -26.61 25.28 -37.02
N ARG A 484 -27.85 25.30 -36.54
CA ARG A 484 -28.64 24.14 -36.28
C ARG A 484 -28.92 23.36 -37.56
N THR A 485 -29.31 24.08 -38.58
CA THR A 485 -29.75 23.60 -39.87
C THR A 485 -28.72 23.29 -40.91
N ASP A 486 -27.72 24.14 -41.11
CA ASP A 486 -26.77 23.98 -42.18
C ASP A 486 -25.97 22.69 -42.08
N GLY A 487 -26.05 22.07 -40.91
CA GLY A 487 -25.30 20.86 -40.63
C GLY A 487 -23.81 21.07 -40.63
N LYS A 488 -23.26 22.23 -40.37
CA LYS A 488 -21.82 22.47 -40.42
C LYS A 488 -21.58 23.95 -40.80
N ILE A 489 -20.81 24.63 -39.97
CA ILE A 489 -20.65 26.06 -39.99
C ILE A 489 -20.30 26.66 -41.33
N SER A 490 -21.31 27.30 -41.90
CA SER A 490 -21.20 27.90 -43.23
C SER A 490 -20.29 29.13 -43.24
N GLU A 491 -19.93 29.59 -44.44
CA GLU A 491 -19.10 30.79 -44.54
C GLU A 491 -19.88 31.97 -43.96
N GLU A 492 -21.19 31.99 -44.17
CA GLU A 492 -22.04 33.04 -43.65
C GLU A 492 -21.99 33.15 -42.13
N SER A 493 -22.33 32.07 -41.45
CA SER A 493 -22.35 32.02 -39.99
C SER A 493 -20.98 32.45 -39.43
N ASP A 494 -19.94 32.01 -40.12
CA ASP A 494 -18.58 32.36 -39.75
C ASP A 494 -18.44 33.90 -39.73
N ALA A 495 -18.91 34.54 -40.80
CA ALA A 495 -18.73 35.99 -40.91
C ALA A 495 -19.59 36.69 -39.85
N LYS A 496 -20.80 36.17 -39.66
CA LYS A 496 -21.73 36.73 -38.73
C LYS A 496 -21.28 36.59 -37.29
N LEU A 497 -20.73 35.43 -36.97
CA LEU A 497 -20.36 35.12 -35.60
C LEU A 497 -19.20 36.04 -35.19
N LYS A 498 -18.28 36.24 -36.12
CA LYS A 498 -17.07 37.02 -35.87
C LYS A 498 -17.46 38.47 -35.59
N GLU A 499 -18.45 38.93 -36.31
CA GLU A 499 -18.99 40.27 -36.19
C GLU A 499 -19.64 40.44 -34.82
N ILE A 500 -20.56 39.55 -34.49
CA ILE A 500 -21.19 39.63 -33.16
C ILE A 500 -20.18 39.50 -32.05
N VAL A 501 -19.30 38.50 -32.16
CA VAL A 501 -18.36 38.24 -31.07
C VAL A 501 -17.39 39.36 -30.82
N THR A 502 -16.66 39.81 -31.84
CA THR A 502 -15.66 40.83 -31.66
C THR A 502 -16.27 42.10 -31.04
N ASN A 503 -17.44 42.51 -31.55
CA ASN A 503 -18.07 43.74 -31.04
C ASN A 503 -18.76 43.55 -29.70
N PHE A 504 -19.36 42.40 -29.42
CA PHE A 504 -19.99 42.15 -28.10
C PHE A 504 -18.92 42.16 -27.03
N LEU A 505 -17.79 41.52 -27.34
CA LEU A 505 -16.66 41.42 -26.45
C LEU A 505 -16.05 42.77 -26.09
N ALA A 506 -15.85 43.64 -27.08
CA ALA A 506 -15.33 45.00 -26.79
C ALA A 506 -16.26 45.75 -25.85
N GLY A 507 -17.58 45.66 -26.07
CA GLY A 507 -18.54 46.25 -25.19
C GLY A 507 -18.39 45.64 -23.79
N PHE A 508 -18.40 44.31 -23.75
CA PHE A 508 -18.26 43.55 -22.52
C PHE A 508 -17.01 43.93 -21.75
N GLU A 509 -15.93 44.24 -22.44
CA GLU A 509 -14.72 44.66 -21.73
C GLU A 509 -14.79 46.15 -21.38
N ALA A 510 -15.78 46.89 -21.90
CA ALA A 510 -15.77 48.34 -21.67
C ALA A 510 -15.56 48.64 -20.18
N ASP B 24 -11.74 -57.01 -1.26
CA ASP B 24 -10.59 -56.74 -0.41
C ASP B 24 -10.43 -55.27 -0.05
N LEU B 25 -10.91 -54.83 1.12
CA LEU B 25 -10.78 -53.41 1.46
C LEU B 25 -9.50 -53.11 2.21
N GLU B 26 -8.58 -54.05 2.25
CA GLU B 26 -7.30 -53.80 2.93
C GLU B 26 -6.27 -53.34 1.91
N GLU B 27 -6.35 -53.97 0.75
CA GLU B 27 -5.40 -53.74 -0.32
C GLU B 27 -5.97 -52.88 -1.41
N THR B 28 -7.29 -52.67 -1.39
CA THR B 28 -7.89 -51.88 -2.47
C THR B 28 -8.98 -51.00 -1.89
N GLY B 29 -9.49 -50.06 -2.71
CA GLY B 29 -10.59 -49.23 -2.14
C GLY B 29 -11.41 -48.72 -3.32
N ARG B 30 -12.37 -47.85 -3.08
CA ARG B 30 -13.25 -47.33 -4.11
C ARG B 30 -13.48 -45.81 -3.87
N VAL B 31 -13.35 -45.04 -4.94
CA VAL B 31 -13.46 -43.60 -4.85
C VAL B 31 -14.82 -43.16 -4.33
N LEU B 32 -14.83 -42.38 -3.26
CA LEU B 32 -16.04 -41.83 -2.71
C LEU B 32 -16.43 -40.51 -3.41
N SER B 33 -15.43 -39.68 -3.69
CA SER B 33 -15.65 -38.37 -4.27
C SER B 33 -14.36 -37.84 -4.88
N ILE B 34 -14.52 -36.97 -5.86
CA ILE B 34 -13.40 -36.39 -6.58
C ILE B 34 -13.85 -35.04 -7.17
N GLY B 35 -12.96 -34.08 -7.04
CA GLY B 35 -13.15 -32.70 -7.43
C GLY B 35 -12.22 -31.87 -6.50
N ASP B 36 -11.81 -30.69 -6.93
CA ASP B 36 -10.90 -29.93 -6.05
C ASP B 36 -9.59 -30.69 -5.85
N GLY B 37 -9.25 -31.57 -6.80
CA GLY B 37 -8.00 -32.29 -6.82
C GLY B 37 -7.80 -33.36 -5.78
N ILE B 38 -8.63 -33.45 -4.75
CA ILE B 38 -8.40 -34.57 -3.80
C ILE B 38 -9.36 -35.71 -4.08
N ALA B 39 -8.85 -36.94 -4.14
CA ALA B 39 -9.80 -38.07 -4.29
C ALA B 39 -10.07 -38.62 -2.89
N ARG B 40 -11.30 -38.71 -2.44
CA ARG B 40 -11.53 -39.35 -1.13
C ARG B 40 -11.79 -40.85 -1.39
N VAL B 41 -11.12 -41.73 -0.65
CA VAL B 41 -11.24 -43.17 -0.94
C VAL B 41 -11.70 -43.98 0.26
N HIS B 42 -12.72 -44.79 0.00
CA HIS B 42 -13.23 -45.75 0.97
C HIS B 42 -12.36 -47.01 0.96
N GLY B 43 -11.92 -47.45 2.12
CA GLY B 43 -11.10 -48.66 2.19
C GLY B 43 -9.62 -48.43 2.28
N LEU B 44 -8.84 -49.19 1.52
CA LEU B 44 -7.37 -49.10 1.61
C LEU B 44 -6.87 -49.17 3.05
N ARG B 45 -7.47 -50.03 3.85
CA ARG B 45 -7.19 -50.14 5.28
C ARG B 45 -5.76 -50.36 5.66
N ASN B 46 -4.98 -51.06 4.82
CA ASN B 46 -3.57 -51.21 5.10
C ASN B 46 -2.68 -50.20 4.39
N VAL B 47 -3.18 -49.11 3.78
CA VAL B 47 -2.24 -48.24 3.03
C VAL B 47 -1.37 -47.47 4.00
N GLN B 48 -0.14 -47.17 3.63
CA GLN B 48 0.74 -46.38 4.46
C GLN B 48 0.57 -44.87 4.12
N ALA B 49 0.88 -44.02 5.09
CA ALA B 49 0.86 -42.57 4.80
C ALA B 49 1.97 -42.32 3.80
N GLU B 50 1.69 -41.58 2.74
CA GLU B 50 2.63 -41.28 1.68
C GLU B 50 2.91 -42.45 0.73
N GLU B 51 1.98 -43.43 0.66
CA GLU B 51 2.19 -44.51 -0.32
C GLU B 51 1.59 -44.15 -1.67
N MET B 52 2.23 -44.56 -2.76
CA MET B 52 1.60 -44.45 -4.10
C MET B 52 0.47 -45.49 -4.22
N VAL B 53 -0.67 -45.02 -4.71
CA VAL B 53 -1.86 -45.81 -4.97
C VAL B 53 -2.14 -45.69 -6.48
N GLU B 54 -2.86 -46.65 -7.05
CA GLU B 54 -3.09 -46.69 -8.49
C GLU B 54 -4.55 -46.65 -8.85
N PHE B 55 -4.97 -45.75 -9.73
CA PHE B 55 -6.40 -45.73 -10.10
C PHE B 55 -6.61 -46.64 -11.30
N SER B 56 -7.82 -47.13 -11.49
CA SER B 56 -8.04 -48.08 -12.61
C SER B 56 -7.63 -47.45 -13.93
N SER B 57 -7.92 -46.16 -14.09
CA SER B 57 -7.51 -45.46 -15.31
C SER B 57 -6.03 -45.52 -15.57
N GLY B 58 -5.22 -45.82 -14.56
CA GLY B 58 -3.75 -45.88 -14.81
C GLY B 58 -3.04 -44.71 -14.15
N LEU B 59 -3.80 -43.70 -13.67
CA LEU B 59 -3.16 -42.63 -12.95
C LEU B 59 -2.65 -43.16 -11.60
N LYS B 60 -1.66 -42.49 -11.08
CA LYS B 60 -1.12 -42.73 -9.75
C LYS B 60 -1.52 -41.56 -8.84
N GLY B 61 -1.49 -41.84 -7.55
CA GLY B 61 -1.76 -40.85 -6.52
C GLY B 61 -0.97 -41.18 -5.26
N MET B 62 -0.90 -40.21 -4.36
CA MET B 62 -0.20 -40.38 -3.09
C MET B 62 -1.22 -40.31 -1.95
N SER B 63 -1.19 -41.28 -1.04
CA SER B 63 -2.01 -41.27 0.16
C SER B 63 -1.52 -40.14 1.08
N LEU B 64 -2.32 -39.11 1.24
CA LEU B 64 -1.90 -37.95 2.03
C LEU B 64 -2.54 -37.98 3.40
N ASN B 65 -3.85 -38.04 3.47
CA ASN B 65 -4.59 -38.08 4.69
C ASN B 65 -5.12 -39.52 4.95
N LEU B 66 -4.79 -40.07 6.10
CA LEU B 66 -5.43 -41.27 6.58
C LEU B 66 -6.44 -40.86 7.65
N GLU B 67 -7.72 -41.09 7.42
CA GLU B 67 -8.76 -40.79 8.37
C GLU B 67 -9.48 -42.09 8.75
N PRO B 68 -10.26 -42.01 9.80
CA PRO B 68 -11.00 -43.14 10.32
C PRO B 68 -11.94 -43.71 9.27
N ASP B 69 -12.52 -42.89 8.38
CA ASP B 69 -13.43 -43.42 7.36
C ASP B 69 -13.05 -43.10 5.93
N ASN B 70 -11.83 -42.60 5.67
CA ASN B 70 -11.42 -42.47 4.28
C ASN B 70 -9.92 -42.28 4.19
N VAL B 71 -9.39 -42.36 2.99
CA VAL B 71 -8.06 -41.96 2.64
C VAL B 71 -8.18 -40.81 1.61
N GLY B 72 -7.47 -39.69 1.87
CA GLY B 72 -7.45 -38.55 0.94
C GLY B 72 -6.22 -38.75 0.04
N VAL B 73 -6.36 -38.73 -1.27
CA VAL B 73 -5.28 -39.02 -2.19
C VAL B 73 -5.03 -37.82 -3.11
N VAL B 74 -3.77 -37.45 -3.24
CA VAL B 74 -3.33 -36.39 -4.16
C VAL B 74 -3.18 -37.04 -5.51
N VAL B 75 -3.78 -36.51 -6.57
CA VAL B 75 -3.71 -37.20 -7.87
C VAL B 75 -2.62 -36.64 -8.76
N PHE B 76 -1.73 -37.49 -9.23
CA PHE B 76 -0.60 -37.09 -10.05
C PHE B 76 -0.99 -37.14 -11.53
N GLY B 77 -1.93 -36.24 -11.83
CA GLY B 77 -2.44 -36.12 -13.19
C GLY B 77 -3.82 -35.52 -13.15
N ASN B 78 -4.57 -35.73 -14.21
CA ASN B 78 -5.88 -35.05 -14.35
C ASN B 78 -6.96 -35.81 -13.64
N ASP B 79 -7.73 -35.12 -12.79
CA ASP B 79 -8.72 -35.86 -12.01
C ASP B 79 -10.00 -36.16 -12.75
N LYS B 80 -10.24 -35.59 -13.93
CA LYS B 80 -11.44 -35.97 -14.67
C LYS B 80 -11.34 -37.43 -15.10
N LEU B 81 -10.17 -38.05 -15.02
CA LEU B 81 -10.07 -39.45 -15.44
C LEU B 81 -10.43 -40.31 -14.24
N ILE B 82 -10.86 -39.65 -13.15
CA ILE B 82 -11.30 -40.39 -11.97
C ILE B 82 -12.77 -40.12 -11.69
N LYS B 83 -13.54 -41.18 -11.45
CA LYS B 83 -14.94 -41.10 -11.11
C LYS B 83 -15.28 -41.83 -9.82
N GLU B 84 -16.36 -41.41 -9.19
CA GLU B 84 -16.85 -42.05 -7.99
C GLU B 84 -17.04 -43.54 -8.28
N GLY B 85 -16.65 -44.42 -7.37
CA GLY B 85 -16.84 -45.85 -7.59
C GLY B 85 -15.62 -46.49 -8.21
N ASP B 86 -14.69 -45.70 -8.73
CA ASP B 86 -13.52 -46.26 -9.39
C ASP B 86 -12.71 -47.07 -8.37
N ILE B 87 -12.06 -48.12 -8.83
CA ILE B 87 -11.25 -48.98 -8.00
C ILE B 87 -9.87 -48.33 -7.79
N VAL B 88 -9.40 -48.47 -6.57
CA VAL B 88 -8.06 -47.96 -6.23
C VAL B 88 -7.26 -49.08 -5.55
N LYS B 89 -6.01 -49.19 -5.91
CA LYS B 89 -5.19 -50.23 -5.33
C LYS B 89 -3.86 -49.74 -4.78
N ARG B 90 -3.47 -50.37 -3.67
CA ARG B 90 -2.16 -50.10 -3.10
C ARG B 90 -1.04 -50.47 -4.04
N THR B 91 0.12 -49.84 -3.89
CA THR B 91 1.34 -50.27 -4.56
C THR B 91 2.29 -50.87 -3.49
N GLY B 92 2.04 -50.53 -2.22
CA GLY B 92 2.90 -51.00 -1.15
C GLY B 92 4.16 -50.15 -1.00
N ALA B 93 4.47 -49.25 -1.91
CA ALA B 93 5.72 -48.48 -1.85
C ALA B 93 5.50 -46.98 -1.58
N ILE B 94 6.30 -46.42 -0.69
CA ILE B 94 6.23 -44.94 -0.42
C ILE B 94 6.56 -44.25 -1.72
N VAL B 95 6.00 -43.11 -2.12
CA VAL B 95 6.29 -42.48 -3.41
C VAL B 95 7.75 -42.53 -3.79
N ASP B 96 8.05 -43.06 -4.99
CA ASP B 96 9.46 -43.17 -5.38
C ASP B 96 9.62 -42.98 -6.87
N VAL B 97 10.84 -42.90 -7.38
CA VAL B 97 11.04 -42.71 -8.80
C VAL B 97 12.20 -43.63 -9.20
N PRO B 98 12.33 -43.94 -10.46
CA PRO B 98 13.47 -44.66 -11.01
C PRO B 98 14.68 -43.73 -10.88
N VAL B 99 15.88 -44.26 -10.72
CA VAL B 99 17.09 -43.47 -10.70
C VAL B 99 18.21 -44.30 -11.37
N GLY B 100 19.31 -43.66 -11.72
CA GLY B 100 20.46 -44.31 -12.28
C GLY B 100 21.06 -43.58 -13.47
N GLU B 101 22.11 -44.17 -14.06
CA GLU B 101 22.72 -43.56 -15.25
C GLU B 101 21.86 -43.78 -16.48
N GLU B 102 20.89 -44.67 -16.43
CA GLU B 102 19.97 -44.88 -17.54
C GLU B 102 19.15 -43.62 -17.84
N LEU B 103 18.91 -42.81 -16.81
CA LEU B 103 18.06 -41.61 -17.02
C LEU B 103 18.83 -40.60 -17.84
N LEU B 104 20.15 -40.74 -17.94
CA LEU B 104 20.98 -39.77 -18.66
C LEU B 104 20.60 -39.69 -20.13
N GLY B 105 20.49 -38.48 -20.67
CA GLY B 105 20.15 -38.25 -22.05
C GLY B 105 18.67 -38.40 -22.33
N ARG B 106 17.86 -38.58 -21.30
CA ARG B 106 16.42 -38.74 -21.48
C ARG B 106 15.58 -37.57 -20.98
N VAL B 107 14.32 -37.54 -21.47
CA VAL B 107 13.37 -36.55 -20.99
C VAL B 107 12.19 -37.29 -20.35
N VAL B 108 11.95 -37.05 -19.07
CA VAL B 108 10.87 -37.73 -18.36
C VAL B 108 9.88 -36.78 -17.70
N ASP B 109 8.71 -37.27 -17.32
CA ASP B 109 7.76 -36.48 -16.53
C ASP B 109 8.13 -36.53 -15.05
N ALA B 110 7.32 -35.97 -14.18
CA ALA B 110 7.65 -35.94 -12.75
C ALA B 110 7.62 -37.34 -12.12
N LEU B 111 6.96 -38.31 -12.77
CA LEU B 111 6.98 -39.66 -12.19
C LEU B 111 8.14 -40.48 -12.74
N GLY B 112 8.85 -39.99 -13.74
CA GLY B 112 9.97 -40.72 -14.29
C GLY B 112 9.64 -41.48 -15.58
N ASN B 113 8.42 -41.38 -16.09
CA ASN B 113 8.09 -42.01 -17.36
C ASN B 113 8.73 -41.24 -18.51
N ALA B 114 9.20 -41.97 -19.52
CA ALA B 114 9.75 -41.33 -20.70
C ALA B 114 8.64 -40.57 -21.47
N ILE B 115 9.02 -39.39 -21.95
CA ILE B 115 8.11 -38.57 -22.72
C ILE B 115 8.79 -38.08 -23.98
N ASP B 116 10.02 -38.51 -24.23
CA ASP B 116 10.79 -38.17 -25.39
C ASP B 116 10.57 -39.19 -26.53
N GLY B 117 9.75 -40.21 -26.37
CA GLY B 117 9.55 -41.16 -27.45
C GLY B 117 10.66 -42.13 -27.74
N LYS B 118 11.75 -42.18 -26.96
CA LYS B 118 12.84 -43.10 -27.20
C LYS B 118 12.72 -44.41 -26.44
N GLY B 119 11.57 -44.77 -25.91
CA GLY B 119 11.45 -46.05 -25.24
C GLY B 119 11.54 -46.05 -23.73
N PRO B 120 11.36 -47.23 -23.15
CA PRO B 120 11.43 -47.49 -21.74
C PRO B 120 12.71 -46.98 -21.11
N ILE B 121 12.63 -46.58 -19.82
CA ILE B 121 13.89 -46.18 -19.14
C ILE B 121 14.48 -47.52 -18.67
N GLY B 122 15.74 -47.78 -18.92
CA GLY B 122 16.19 -49.15 -18.51
C GLY B 122 16.56 -49.17 -17.05
N SER B 123 15.87 -48.37 -16.22
CA SER B 123 16.33 -48.24 -14.83
C SER B 123 16.29 -49.53 -14.04
N LYS B 124 17.27 -49.74 -13.16
CA LYS B 124 17.33 -50.88 -12.29
C LYS B 124 17.18 -50.51 -10.81
N ALA B 125 17.04 -49.25 -10.44
CA ALA B 125 16.89 -48.94 -9.01
C ALA B 125 15.91 -47.77 -8.84
N ARG B 126 15.27 -47.68 -7.70
CA ARG B 126 14.31 -46.62 -7.43
C ARG B 126 14.71 -45.89 -6.15
N ARG B 127 14.19 -44.69 -5.96
CA ARG B 127 14.54 -43.93 -4.74
C ARG B 127 13.39 -43.03 -4.30
N ARG B 128 13.07 -43.03 -3.03
CA ARG B 128 11.99 -42.25 -2.45
C ARG B 128 12.19 -40.75 -2.72
N VAL B 129 11.15 -40.07 -3.15
CA VAL B 129 11.22 -38.66 -3.48
C VAL B 129 11.35 -37.80 -2.25
N GLY B 130 10.95 -38.33 -1.09
CA GLY B 130 10.96 -37.55 0.13
C GLY B 130 12.03 -37.84 1.14
N LEU B 131 13.13 -38.49 0.76
CA LEU B 131 14.19 -38.80 1.70
C LEU B 131 14.79 -37.58 2.37
N LYS B 132 14.97 -37.66 3.70
CA LYS B 132 15.53 -36.54 4.44
C LYS B 132 16.96 -36.23 4.01
N ALA B 133 17.40 -34.97 4.01
CA ALA B 133 18.79 -34.70 3.59
C ALA B 133 19.79 -35.27 4.57
N PRO B 134 21.02 -35.46 4.17
CA PRO B 134 22.11 -35.87 5.01
C PRO B 134 22.24 -34.97 6.23
N GLY B 135 22.64 -35.56 7.35
CA GLY B 135 22.82 -34.84 8.62
C GLY B 135 24.15 -34.09 8.63
N ILE B 136 24.62 -33.75 9.79
CA ILE B 136 25.87 -33.01 9.97
C ILE B 136 27.12 -33.81 9.68
N ILE B 137 27.20 -35.06 10.16
CA ILE B 137 28.44 -35.83 10.01
C ILE B 137 28.87 -36.21 8.64
N PRO B 138 28.05 -36.70 7.75
CA PRO B 138 28.44 -37.12 6.43
C PRO B 138 28.93 -35.98 5.55
N ARG B 139 28.91 -34.72 6.02
CA ARG B 139 29.28 -33.62 5.16
C ARG B 139 30.68 -33.05 5.40
N ILE B 140 31.15 -32.26 4.45
CA ILE B 140 32.38 -31.46 4.56
C ILE B 140 32.13 -30.15 3.82
N SER B 141 32.83 -29.05 4.10
CA SER B 141 32.58 -27.81 3.35
C SER B 141 33.00 -27.92 1.89
N VAL B 142 32.21 -27.28 1.01
CA VAL B 142 32.49 -27.37 -0.40
C VAL B 142 33.91 -26.94 -0.71
N ARG B 143 34.54 -27.62 -1.68
CA ARG B 143 35.96 -27.31 -1.92
C ARG B 143 36.38 -27.58 -3.34
N GLU B 144 35.47 -28.04 -4.20
CA GLU B 144 35.85 -28.27 -5.60
C GLU B 144 35.00 -27.31 -6.43
N PRO B 145 35.58 -26.70 -7.44
CA PRO B 145 34.89 -25.68 -8.21
C PRO B 145 33.73 -26.24 -9.01
N MET B 146 32.58 -25.57 -9.06
CA MET B 146 31.52 -26.01 -10.02
C MET B 146 31.57 -24.93 -11.12
N GLN B 147 32.38 -25.12 -12.15
CA GLN B 147 32.65 -24.05 -13.12
C GLN B 147 31.48 -23.80 -14.07
N THR B 148 30.93 -22.58 -14.09
CA THR B 148 29.83 -22.33 -15.03
C THR B 148 30.33 -22.03 -16.44
N GLY B 149 31.57 -21.60 -16.58
CA GLY B 149 32.02 -21.11 -17.89
C GLY B 149 31.63 -19.64 -18.09
N ILE B 150 30.98 -19.02 -17.11
CA ILE B 150 30.54 -17.62 -17.26
C ILE B 150 31.52 -16.74 -16.49
N LYS B 151 32.23 -15.83 -17.17
CA LYS B 151 33.28 -15.06 -16.48
C LYS B 151 32.80 -14.41 -15.21
N ALA B 152 31.71 -13.66 -15.24
CA ALA B 152 31.23 -12.94 -14.06
C ALA B 152 30.95 -13.84 -12.86
N VAL B 153 30.52 -15.07 -13.07
CA VAL B 153 30.23 -15.96 -11.93
C VAL B 153 31.50 -16.61 -11.40
N ASP B 154 32.26 -17.22 -12.32
CA ASP B 154 33.44 -17.99 -11.93
C ASP B 154 34.43 -17.12 -11.22
N SER B 155 34.46 -15.81 -11.54
CA SER B 155 35.39 -14.92 -10.87
C SER B 155 34.88 -14.25 -9.59
N LEU B 156 33.70 -13.68 -9.65
CA LEU B 156 33.13 -12.86 -8.60
C LEU B 156 32.06 -13.55 -7.77
N VAL B 157 31.37 -14.56 -8.28
CA VAL B 157 30.39 -15.28 -7.44
C VAL B 157 30.67 -16.77 -7.54
N PRO B 158 31.86 -17.20 -7.17
CA PRO B 158 32.28 -18.60 -7.39
C PRO B 158 31.36 -19.62 -6.72
N ILE B 159 31.03 -20.67 -7.47
CA ILE B 159 30.19 -21.73 -6.99
C ILE B 159 31.02 -23.00 -6.76
N GLY B 160 30.81 -23.68 -5.62
CA GLY B 160 31.46 -24.92 -5.31
C GLY B 160 30.54 -26.14 -5.38
N ARG B 161 31.11 -27.33 -5.53
CA ARG B 161 30.32 -28.56 -5.70
C ARG B 161 29.66 -28.93 -4.40
N GLY B 162 28.34 -29.04 -4.36
CA GLY B 162 27.67 -29.27 -3.06
C GLY B 162 26.87 -28.05 -2.60
N GLN B 163 27.24 -26.88 -3.16
CA GLN B 163 26.63 -25.61 -2.79
C GLN B 163 25.24 -25.45 -3.40
N ARG B 164 24.45 -24.57 -2.78
CA ARG B 164 23.15 -24.13 -3.24
C ARG B 164 23.28 -22.64 -3.58
N GLU B 165 23.12 -22.26 -4.85
CA GLU B 165 23.32 -20.83 -5.20
C GLU B 165 22.06 -20.39 -5.96
N LEU B 166 21.29 -19.49 -5.37
CA LEU B 166 20.05 -19.05 -6.01
C LEU B 166 20.28 -18.18 -7.25
N ILE B 167 19.48 -18.36 -8.29
CA ILE B 167 19.47 -17.50 -9.48
C ILE B 167 18.17 -16.70 -9.37
N ILE B 168 18.27 -15.39 -9.16
CA ILE B 168 17.05 -14.63 -8.96
C ILE B 168 16.99 -13.34 -9.76
N GLY B 169 15.80 -13.01 -10.25
CA GLY B 169 15.58 -11.74 -10.94
C GLY B 169 14.29 -11.78 -11.75
N ASP B 170 13.89 -10.63 -12.28
CA ASP B 170 12.64 -10.57 -13.02
C ASP B 170 12.68 -11.44 -14.27
N ARG B 171 11.50 -11.62 -14.82
CA ARG B 171 11.26 -12.35 -16.06
C ARG B 171 12.13 -11.73 -17.16
N GLN B 172 12.74 -12.52 -18.01
CA GLN B 172 13.57 -12.10 -19.12
C GLN B 172 14.87 -11.44 -18.75
N THR B 173 15.51 -11.78 -17.65
CA THR B 173 16.78 -11.21 -17.26
C THR B 173 17.92 -12.17 -17.60
N GLY B 174 17.62 -13.39 -18.04
CA GLY B 174 18.70 -14.30 -18.39
C GLY B 174 18.98 -15.39 -17.36
N LYS B 175 18.01 -15.67 -16.51
CA LYS B 175 18.15 -16.67 -15.45
C LYS B 175 18.37 -18.07 -16.02
N THR B 176 17.47 -18.54 -16.88
CA THR B 176 17.62 -19.83 -17.51
C THR B 176 18.92 -19.97 -18.29
N SER B 177 19.31 -18.97 -19.02
CA SER B 177 20.51 -18.93 -19.83
C SER B 177 21.77 -19.19 -19.01
N ILE B 178 21.83 -18.64 -17.81
CA ILE B 178 23.00 -18.95 -16.96
C ILE B 178 23.06 -20.45 -16.72
N ALA B 179 21.89 -21.04 -16.47
CA ALA B 179 21.79 -22.46 -16.20
C ALA B 179 22.20 -23.30 -17.41
N ILE B 180 21.66 -22.96 -18.56
CA ILE B 180 21.95 -23.67 -19.81
C ILE B 180 23.43 -23.55 -20.14
N ASP B 181 24.07 -22.40 -19.95
CA ASP B 181 25.50 -22.31 -20.28
C ASP B 181 26.32 -23.20 -19.35
N THR B 182 25.88 -23.27 -18.09
CA THR B 182 26.57 -24.05 -17.07
C THR B 182 26.57 -25.53 -17.46
N ILE B 183 25.42 -26.03 -17.89
CA ILE B 183 25.25 -27.38 -18.34
C ILE B 183 26.11 -27.62 -19.60
N ILE B 184 26.07 -26.70 -20.55
CA ILE B 184 26.91 -26.87 -21.76
C ILE B 184 28.39 -26.89 -21.38
N ASN B 185 28.82 -26.08 -20.42
CA ASN B 185 30.21 -26.02 -19.99
C ASN B 185 30.82 -27.36 -19.54
N GLN B 186 30.06 -28.25 -18.97
CA GLN B 186 30.56 -29.47 -18.39
C GLN B 186 31.12 -30.47 -19.40
N LYS B 187 30.81 -30.30 -20.68
CA LYS B 187 31.31 -31.21 -21.70
C LYS B 187 32.83 -31.36 -21.65
N ARG B 188 33.59 -30.30 -21.41
CA ARG B 188 35.04 -30.43 -21.38
C ARG B 188 35.47 -31.47 -20.37
N PHE B 189 34.84 -31.49 -19.18
CA PHE B 189 35.21 -32.44 -18.13
C PHE B 189 34.65 -33.83 -18.45
N ASN B 190 33.39 -33.89 -18.86
CA ASN B 190 32.74 -35.17 -19.13
C ASN B 190 33.33 -35.95 -20.29
N ASP B 191 33.93 -35.28 -21.26
CA ASP B 191 34.59 -35.91 -22.38
C ASP B 191 36.08 -36.10 -22.08
N GLY B 192 36.51 -35.83 -20.88
CA GLY B 192 37.88 -36.00 -20.45
C GLY B 192 38.11 -37.30 -19.68
N THR B 193 39.34 -37.47 -19.22
CA THR B 193 39.84 -38.60 -18.50
C THR B 193 39.44 -38.64 -17.03
N ASP B 194 39.88 -37.63 -16.30
CA ASP B 194 39.70 -37.46 -14.87
C ASP B 194 38.26 -37.54 -14.41
N GLU B 195 37.80 -38.73 -14.05
CA GLU B 195 36.43 -38.96 -13.65
C GLU B 195 35.94 -38.10 -12.50
N LYS B 196 36.85 -37.64 -11.65
CA LYS B 196 36.43 -36.93 -10.43
C LYS B 196 35.98 -35.52 -10.77
N LYS B 197 36.32 -35.10 -11.99
CA LYS B 197 35.98 -33.77 -12.44
C LYS B 197 34.66 -33.77 -13.18
N LYS B 198 34.10 -34.95 -13.39
CA LYS B 198 32.86 -35.02 -14.17
C LYS B 198 31.68 -34.39 -13.44
N LEU B 199 30.67 -34.00 -14.23
CA LEU B 199 29.49 -33.38 -13.61
C LEU B 199 28.24 -33.75 -14.39
N TYR B 200 27.38 -34.51 -13.77
CA TYR B 200 26.12 -34.93 -14.41
C TYR B 200 25.03 -33.92 -14.06
N CYS B 201 24.21 -33.60 -15.04
CA CYS B 201 23.26 -32.52 -14.94
C CYS B 201 21.81 -32.97 -14.97
N ILE B 202 21.03 -32.24 -14.17
CA ILE B 202 19.60 -32.45 -14.13
C ILE B 202 18.90 -31.10 -14.28
N TYR B 203 17.99 -31.04 -15.26
CA TYR B 203 17.26 -29.77 -15.46
C TYR B 203 15.80 -30.03 -15.18
N VAL B 204 15.27 -29.43 -14.10
CA VAL B 204 13.84 -29.65 -13.81
C VAL B 204 13.03 -28.44 -14.31
N ALA B 205 12.18 -28.71 -15.30
CA ALA B 205 11.31 -27.70 -15.85
C ALA B 205 9.98 -27.73 -15.08
N ILE B 206 9.65 -26.62 -14.40
CA ILE B 206 8.41 -26.58 -13.62
C ILE B 206 7.54 -25.40 -14.05
N GLY B 207 6.40 -25.68 -14.65
CA GLY B 207 5.43 -24.72 -15.07
C GLY B 207 5.77 -23.96 -16.35
N GLN B 208 6.84 -24.37 -17.02
CA GLN B 208 7.27 -23.76 -18.25
C GLN B 208 6.43 -24.27 -19.43
N LYS B 209 6.55 -23.61 -20.55
CA LYS B 209 5.82 -23.99 -21.76
C LYS B 209 6.48 -25.25 -22.36
N ARG B 210 5.73 -26.13 -22.95
CA ARG B 210 6.26 -27.30 -23.64
C ARG B 210 7.28 -26.92 -24.72
N SER B 211 6.90 -26.02 -25.62
CA SER B 211 7.73 -25.61 -26.73
C SER B 211 9.07 -25.12 -26.24
N THR B 212 9.06 -24.48 -25.07
CA THR B 212 10.31 -23.97 -24.48
C THR B 212 11.17 -25.15 -24.03
N VAL B 213 10.54 -26.14 -23.39
CA VAL B 213 11.36 -27.31 -22.98
C VAL B 213 11.93 -28.02 -24.23
N ALA B 214 11.11 -28.15 -25.25
CA ALA B 214 11.54 -28.81 -26.49
C ALA B 214 12.67 -28.06 -27.16
N GLN B 215 12.63 -26.75 -27.08
CA GLN B 215 13.67 -25.91 -27.67
C GLN B 215 14.98 -26.07 -26.92
N LEU B 216 14.85 -26.21 -25.59
CA LEU B 216 16.00 -26.39 -24.71
C LEU B 216 16.67 -27.75 -24.98
N VAL B 217 15.86 -28.80 -25.15
CA VAL B 217 16.41 -30.14 -25.42
C VAL B 217 17.13 -30.16 -26.77
N LYS B 218 16.60 -29.40 -27.72
CA LYS B 218 17.27 -29.38 -29.04
C LYS B 218 18.61 -28.67 -28.88
N ARG B 219 18.62 -27.53 -28.21
CA ARG B 219 19.85 -26.80 -27.92
C ARG B 219 20.89 -27.66 -27.22
N LEU B 220 20.45 -28.42 -26.19
CA LEU B 220 21.37 -29.28 -25.46
C LEU B 220 21.86 -30.39 -26.40
N THR B 221 20.98 -30.96 -27.19
CA THR B 221 21.34 -31.99 -28.16
C THR B 221 22.37 -31.46 -29.16
N ASP B 222 22.13 -30.30 -29.75
CA ASP B 222 23.11 -29.75 -30.69
C ASP B 222 24.45 -29.45 -30.01
N ALA B 223 24.43 -29.15 -28.71
CA ALA B 223 25.71 -28.86 -28.04
C ALA B 223 26.33 -30.18 -27.56
N ASP B 224 25.61 -31.27 -27.73
CA ASP B 224 26.05 -32.57 -27.32
C ASP B 224 26.22 -32.66 -25.79
N ALA B 225 25.33 -31.96 -25.10
CA ALA B 225 25.31 -31.98 -23.63
C ALA B 225 24.23 -32.89 -23.12
N MET B 226 23.24 -33.24 -23.98
CA MET B 226 22.18 -34.10 -23.50
C MET B 226 22.70 -35.44 -23.00
N LYS B 227 23.81 -35.95 -23.58
CA LYS B 227 24.22 -37.32 -23.19
C LYS B 227 24.53 -37.42 -21.69
N TYR B 228 24.78 -36.27 -21.04
CA TYR B 228 25.03 -36.33 -19.61
C TYR B 228 23.99 -35.52 -18.84
N THR B 229 22.78 -35.34 -19.37
CA THR B 229 21.75 -34.59 -18.69
C THR B 229 20.44 -35.36 -18.56
N ILE B 230 19.76 -35.19 -17.43
CA ILE B 230 18.39 -35.73 -17.29
C ILE B 230 17.43 -34.54 -17.34
N VAL B 231 16.37 -34.59 -18.12
CA VAL B 231 15.39 -33.50 -18.13
C VAL B 231 14.07 -33.99 -17.55
N VAL B 232 13.64 -33.43 -16.42
CA VAL B 232 12.39 -33.72 -15.76
C VAL B 232 11.46 -32.54 -16.05
N SER B 233 10.30 -32.85 -16.64
CA SER B 233 9.39 -31.82 -17.09
C SER B 233 7.97 -31.96 -16.57
N ALA B 234 7.49 -30.90 -15.94
CA ALA B 234 6.12 -30.73 -15.49
C ALA B 234 5.70 -29.31 -15.91
N THR B 235 5.24 -29.23 -17.16
CA THR B 235 5.02 -27.93 -17.79
C THR B 235 3.70 -27.31 -17.38
N ALA B 236 3.39 -26.16 -17.95
CA ALA B 236 2.26 -25.33 -17.60
C ALA B 236 0.90 -25.96 -17.72
N SER B 237 0.69 -26.96 -18.57
CA SER B 237 -0.61 -27.62 -18.56
C SER B 237 -0.56 -28.88 -17.71
N ASP B 238 0.57 -29.27 -17.11
CA ASP B 238 0.50 -30.48 -16.25
C ASP B 238 -0.21 -30.15 -14.94
N ALA B 239 -0.95 -31.09 -14.37
CA ALA B 239 -1.63 -30.82 -13.12
C ALA B 239 -0.65 -30.37 -12.03
N ALA B 240 -1.12 -29.51 -11.12
CA ALA B 240 -0.29 -28.94 -10.06
C ALA B 240 0.54 -29.92 -9.28
N PRO B 241 0.01 -31.05 -8.86
CA PRO B 241 0.76 -32.05 -8.08
C PRO B 241 1.96 -32.58 -8.82
N LEU B 242 1.93 -32.67 -10.17
CA LEU B 242 3.15 -33.10 -10.87
C LEU B 242 4.20 -32.01 -10.79
N GLN B 243 3.75 -30.74 -10.86
CA GLN B 243 4.65 -29.60 -10.81
C GLN B 243 5.26 -29.48 -9.42
N TYR B 244 4.43 -29.77 -8.44
CA TYR B 244 4.89 -29.85 -7.03
C TYR B 244 5.91 -30.97 -6.86
N LEU B 245 5.61 -32.15 -7.39
CA LEU B 245 6.53 -33.30 -7.29
C LEU B 245 7.82 -33.16 -8.06
N ALA B 246 7.84 -32.60 -9.27
CA ALA B 246 8.99 -32.67 -10.13
C ALA B 246 10.34 -32.42 -9.51
N PRO B 247 10.54 -31.38 -8.73
CA PRO B 247 11.78 -31.08 -8.08
C PRO B 247 12.22 -32.20 -7.14
N TYR B 248 11.35 -32.74 -6.31
CA TYR B 248 11.74 -33.85 -5.44
C TYR B 248 12.19 -35.05 -6.30
N SER B 249 11.56 -35.31 -7.43
CA SER B 249 11.95 -36.39 -8.29
C SER B 249 13.35 -36.22 -8.87
N GLY B 250 13.57 -35.03 -9.45
CA GLY B 250 14.90 -34.76 -10.01
C GLY B 250 15.95 -34.86 -8.91
N CYS B 251 15.62 -34.31 -7.74
CA CYS B 251 16.57 -34.34 -6.61
C CYS B 251 16.98 -35.80 -6.31
N SER B 252 16.02 -36.69 -6.22
CA SER B 252 16.37 -38.09 -5.94
C SER B 252 17.23 -38.66 -7.06
N MET B 253 16.96 -38.29 -8.33
CA MET B 253 17.85 -38.71 -9.40
C MET B 253 19.25 -38.16 -9.22
N GLY B 254 19.38 -37.02 -8.57
CA GLY B 254 20.71 -36.42 -8.40
C GLY B 254 21.42 -37.05 -7.21
N GLU B 255 20.67 -37.43 -6.21
CA GLU B 255 21.17 -38.05 -4.99
C GLU B 255 21.88 -39.38 -5.28
N TYR B 256 21.39 -40.06 -6.30
CA TYR B 256 21.96 -41.30 -6.80
C TYR B 256 23.44 -41.09 -7.12
N PHE B 257 23.80 -39.97 -7.75
CA PHE B 257 25.18 -39.64 -8.00
C PHE B 257 25.88 -39.16 -6.72
N ARG B 258 25.22 -38.31 -5.94
CA ARG B 258 25.78 -37.77 -4.72
C ARG B 258 26.28 -38.90 -3.79
N ASP B 259 25.43 -39.91 -3.62
CA ASP B 259 25.78 -41.01 -2.71
C ASP B 259 26.67 -42.06 -3.30
N ASN B 260 26.95 -41.99 -4.60
CA ASN B 260 27.82 -43.05 -5.17
C ASN B 260 29.14 -42.50 -5.65
N GLY B 261 29.66 -41.54 -4.86
CA GLY B 261 30.96 -40.97 -5.18
C GLY B 261 30.98 -40.14 -6.44
N LYS B 262 29.82 -39.71 -6.95
CA LYS B 262 29.86 -38.88 -8.16
C LYS B 262 29.27 -37.50 -7.87
N HIS B 263 29.31 -36.64 -8.86
CA HIS B 263 28.84 -35.28 -8.68
C HIS B 263 27.75 -34.92 -9.69
N ALA B 264 26.65 -34.38 -9.15
CA ALA B 264 25.55 -33.99 -10.00
C ALA B 264 25.23 -32.50 -9.75
N LEU B 265 24.64 -31.91 -10.77
CA LEU B 265 24.23 -30.51 -10.73
C LEU B 265 22.73 -30.48 -11.10
N ILE B 266 21.91 -29.91 -10.24
CA ILE B 266 20.48 -29.82 -10.47
C ILE B 266 20.02 -28.37 -10.53
N ILE B 267 19.23 -28.07 -11.56
CA ILE B 267 18.64 -26.73 -11.75
C ILE B 267 17.13 -26.86 -11.55
N TYR B 268 16.57 -26.01 -10.68
CA TYR B 268 15.11 -26.04 -10.49
C TYR B 268 14.55 -24.74 -11.15
N ASP B 269 14.05 -24.88 -12.35
CA ASP B 269 13.49 -23.82 -13.17
C ASP B 269 12.00 -23.93 -13.40
N ASP B 270 11.19 -23.32 -12.53
CA ASP B 270 11.70 -22.63 -11.34
C ASP B 270 10.83 -22.88 -10.09
N LEU B 271 11.31 -22.47 -8.91
CA LEU B 271 10.60 -22.70 -7.66
C LEU B 271 9.49 -21.72 -7.41
N SER B 272 9.44 -20.62 -8.18
CA SER B 272 8.32 -19.72 -8.00
C SER B 272 7.05 -20.45 -8.45
N LYS B 273 7.17 -21.08 -9.65
CA LYS B 273 6.05 -21.82 -10.19
C LYS B 273 5.75 -23.05 -9.34
N GLN B 274 6.80 -23.65 -8.77
CA GLN B 274 6.49 -24.81 -7.88
C GLN B 274 5.70 -24.34 -6.67
N ALA B 275 6.04 -23.17 -6.10
CA ALA B 275 5.24 -22.69 -4.94
C ALA B 275 3.83 -22.26 -5.35
N VAL B 276 3.69 -21.74 -6.61
CA VAL B 276 2.30 -21.47 -7.05
C VAL B 276 1.53 -22.78 -7.18
N ALA B 277 2.10 -23.86 -7.74
CA ALA B 277 1.37 -25.13 -7.84
C ALA B 277 1.00 -25.64 -6.45
N TYR B 278 1.90 -25.46 -5.47
CA TYR B 278 1.64 -25.90 -4.10
C TYR B 278 0.59 -25.10 -3.39
N ARG B 279 0.59 -23.78 -3.68
CA ARG B 279 -0.47 -22.94 -3.11
C ARG B 279 -1.81 -23.40 -3.71
N GLN B 280 -1.83 -23.70 -5.02
CA GLN B 280 -3.13 -24.18 -5.56
C GLN B 280 -3.60 -25.44 -4.80
N MET B 281 -2.71 -26.41 -4.64
CA MET B 281 -3.11 -27.65 -3.92
C MET B 281 -3.56 -27.29 -2.51
N SER B 282 -2.78 -26.42 -1.81
CA SER B 282 -3.17 -26.11 -0.41
C SER B 282 -4.50 -25.43 -0.22
N LEU B 283 -4.75 -24.43 -1.08
CA LEU B 283 -6.02 -23.72 -1.04
C LEU B 283 -7.15 -24.71 -1.35
N LEU B 284 -6.96 -25.60 -2.34
CA LEU B 284 -8.02 -26.60 -2.61
C LEU B 284 -8.26 -27.48 -1.40
N LEU B 285 -7.21 -27.76 -0.63
CA LEU B 285 -7.37 -28.52 0.62
C LEU B 285 -7.86 -27.66 1.77
N ARG B 286 -8.15 -26.38 1.51
CA ARG B 286 -8.65 -25.48 2.55
C ARG B 286 -7.68 -25.22 3.67
N ARG B 287 -6.39 -25.29 3.48
CA ARG B 287 -5.38 -24.90 4.45
C ARG B 287 -5.38 -23.38 4.53
N PRO B 288 -5.19 -22.81 5.69
CA PRO B 288 -5.25 -21.39 5.93
C PRO B 288 -4.23 -20.58 5.15
N PRO B 289 -4.66 -19.68 4.30
CA PRO B 289 -3.76 -18.80 3.57
C PRO B 289 -3.10 -17.75 4.46
N GLY B 290 -1.83 -17.48 4.21
CA GLY B 290 -1.05 -16.43 4.86
C GLY B 290 -0.65 -15.30 3.90
N ARG B 291 0.60 -14.82 4.01
CA ARG B 291 1.13 -13.81 3.14
C ARG B 291 0.97 -14.20 1.66
N GLU B 292 0.45 -13.32 0.83
CA GLU B 292 0.16 -13.63 -0.56
C GLU B 292 -0.64 -14.91 -0.70
N ALA B 293 -1.39 -15.29 0.31
CA ALA B 293 -2.21 -16.48 0.30
C ALA B 293 -1.43 -17.79 0.26
N TYR B 294 -0.14 -17.82 0.49
CA TYR B 294 0.67 -19.02 0.57
C TYR B 294 0.47 -19.71 1.92
N PRO B 295 0.45 -21.05 1.91
CA PRO B 295 0.33 -21.86 3.12
C PRO B 295 1.51 -21.67 4.05
N GLY B 296 1.34 -21.89 5.35
CA GLY B 296 2.46 -21.68 6.30
C GLY B 296 3.62 -22.60 6.13
N ASP B 297 3.46 -23.72 5.40
CA ASP B 297 4.61 -24.60 5.16
C ASP B 297 5.25 -24.38 3.80
N VAL B 298 5.10 -23.23 3.15
CA VAL B 298 5.73 -23.01 1.83
C VAL B 298 7.22 -22.82 2.02
N PHE B 299 7.72 -22.33 3.17
CA PHE B 299 9.19 -22.23 3.34
C PHE B 299 9.77 -23.68 3.35
N TYR B 300 9.19 -24.56 4.14
CA TYR B 300 9.60 -25.94 4.31
C TYR B 300 9.55 -26.73 2.99
N LEU B 301 8.62 -26.41 2.13
CA LEU B 301 8.53 -27.00 0.79
C LEU B 301 9.90 -26.93 0.13
N HIS B 302 10.47 -25.73 0.24
CA HIS B 302 11.73 -25.44 -0.40
C HIS B 302 12.90 -25.85 0.47
N SER B 303 12.80 -25.63 1.77
CA SER B 303 13.94 -25.91 2.62
C SER B 303 14.31 -27.40 2.56
N ARG B 304 13.34 -28.30 2.62
CA ARG B 304 13.70 -29.73 2.64
C ARG B 304 14.31 -30.16 1.31
N LEU B 305 13.86 -29.57 0.22
CA LEU B 305 14.37 -29.83 -1.09
C LEU B 305 15.81 -29.38 -1.23
N LEU B 306 16.11 -28.17 -0.76
CA LEU B 306 17.46 -27.64 -1.03
C LEU B 306 18.46 -28.15 -0.05
N GLU B 307 18.00 -28.60 1.12
CA GLU B 307 18.98 -29.21 2.07
C GLU B 307 19.61 -30.45 1.44
N ARG B 308 18.92 -31.10 0.49
CA ARG B 308 19.41 -32.34 -0.08
C ARG B 308 20.56 -32.11 -1.05
N ALA B 309 20.77 -30.83 -1.49
CA ALA B 309 22.05 -30.56 -2.20
C ALA B 309 23.13 -30.45 -1.13
N ALA B 310 24.22 -31.19 -1.21
CA ALA B 310 25.23 -31.27 -0.18
C ALA B 310 26.54 -31.82 -0.72
N LYS B 311 27.59 -31.64 0.04
CA LYS B 311 28.91 -32.19 -0.31
C LYS B 311 29.23 -33.24 0.77
N MET B 312 29.47 -34.46 0.32
CA MET B 312 29.74 -35.61 1.17
C MET B 312 31.25 -35.74 1.42
N ASN B 313 31.65 -35.98 2.66
CA ASN B 313 33.07 -36.21 2.98
C ASN B 313 33.51 -37.55 2.36
N ASP B 314 34.79 -37.87 2.40
CA ASP B 314 35.33 -39.07 1.79
C ASP B 314 34.81 -40.34 2.43
N ALA B 315 34.51 -40.34 3.72
CA ALA B 315 33.97 -41.56 4.34
C ALA B 315 32.59 -41.89 3.82
N PHE B 316 31.95 -40.97 3.08
CA PHE B 316 30.63 -41.26 2.50
C PHE B 316 30.76 -41.25 1.00
N GLY B 317 32.00 -41.41 0.53
CA GLY B 317 32.28 -41.48 -0.88
C GLY B 317 32.74 -40.21 -1.54
N GLY B 318 32.70 -39.06 -0.86
CA GLY B 318 33.16 -37.82 -1.48
C GLY B 318 32.36 -37.25 -2.63
N GLY B 319 31.10 -37.64 -2.82
CA GLY B 319 30.30 -37.13 -3.92
C GLY B 319 29.57 -35.83 -3.55
N SER B 320 28.81 -35.29 -4.53
CA SER B 320 28.09 -34.04 -4.22
C SER B 320 26.87 -33.86 -5.11
N LEU B 321 25.98 -33.00 -4.66
CA LEU B 321 24.82 -32.56 -5.42
C LEU B 321 24.76 -31.02 -5.28
N THR B 322 24.99 -30.29 -6.34
CA THR B 322 24.94 -28.84 -6.35
C THR B 322 23.58 -28.41 -6.85
N ALA B 323 22.97 -27.37 -6.26
CA ALA B 323 21.69 -26.94 -6.79
C ALA B 323 21.74 -25.45 -7.15
N LEU B 324 21.07 -25.17 -8.24
CA LEU B 324 20.83 -23.80 -8.69
C LEU B 324 19.33 -23.63 -8.85
N PRO B 325 18.64 -23.33 -7.77
CA PRO B 325 17.21 -23.04 -7.83
C PRO B 325 17.00 -21.70 -8.53
N VAL B 326 15.91 -21.53 -9.23
CA VAL B 326 15.59 -20.23 -9.85
C VAL B 326 14.37 -19.61 -9.17
N ILE B 327 14.40 -18.30 -8.95
CA ILE B 327 13.25 -17.56 -8.38
C ILE B 327 12.95 -16.35 -9.27
N GLU B 328 11.73 -16.16 -9.69
CA GLU B 328 11.34 -15.02 -10.52
C GLU B 328 10.76 -13.90 -9.63
N THR B 329 11.38 -12.75 -9.53
CA THR B 329 10.86 -11.60 -8.80
C THR B 329 9.87 -10.81 -9.67
N GLN B 330 9.15 -9.87 -9.08
CA GLN B 330 8.21 -8.98 -9.78
C GLN B 330 8.72 -7.55 -9.51
N ALA B 331 9.12 -6.84 -10.53
CA ALA B 331 9.68 -5.50 -10.43
C ALA B 331 10.86 -5.43 -9.48
N GLY B 332 11.78 -6.39 -9.53
CA GLY B 332 13.00 -6.34 -8.76
C GLY B 332 12.80 -6.40 -7.26
N ASP B 333 11.63 -6.79 -6.75
CA ASP B 333 11.44 -6.87 -5.31
C ASP B 333 11.91 -8.21 -4.71
N VAL B 334 13.13 -8.26 -4.23
CA VAL B 334 13.75 -9.35 -3.53
C VAL B 334 13.34 -9.46 -2.05
N SER B 335 12.61 -8.53 -1.49
CA SER B 335 12.05 -8.55 -0.17
C SER B 335 10.69 -9.20 -0.08
N ALA B 336 10.12 -9.64 -1.18
CA ALA B 336 8.84 -10.38 -1.13
C ALA B 336 9.01 -11.71 -0.42
N TYR B 337 7.89 -12.37 -0.07
CA TYR B 337 7.86 -13.58 0.73
C TYR B 337 8.60 -14.78 0.20
N ILE B 338 8.35 -15.20 -1.02
CA ILE B 338 9.05 -16.35 -1.62
C ILE B 338 10.50 -16.12 -1.88
N PRO B 339 10.91 -15.02 -2.49
CA PRO B 339 12.31 -14.66 -2.67
C PRO B 339 13.10 -14.70 -1.36
N THR B 340 12.57 -14.07 -0.30
CA THR B 340 13.26 -13.99 0.97
C THR B 340 13.33 -15.38 1.60
N ASN B 341 12.26 -16.15 1.46
CA ASN B 341 12.31 -17.52 1.94
C ASN B 341 13.50 -18.27 1.35
N VAL B 342 13.67 -18.16 0.03
CA VAL B 342 14.66 -18.96 -0.68
C VAL B 342 16.06 -18.41 -0.44
N ILE B 343 16.20 -17.08 -0.40
CA ILE B 343 17.45 -16.43 0.01
C ILE B 343 17.84 -16.97 1.38
N SER B 344 16.85 -17.13 2.28
CA SER B 344 17.21 -17.66 3.61
C SER B 344 17.53 -19.15 3.61
N ILE B 345 17.46 -19.86 2.51
CA ILE B 345 17.80 -21.30 2.47
C ILE B 345 19.15 -21.48 1.75
N THR B 346 19.40 -20.79 0.62
CA THR B 346 20.60 -20.98 -0.15
C THR B 346 21.89 -20.38 0.43
N ASP B 347 23.01 -20.70 -0.17
CA ASP B 347 24.33 -20.24 0.24
C ASP B 347 24.76 -19.01 -0.56
N GLY B 348 23.78 -18.14 -0.81
CA GLY B 348 24.03 -16.95 -1.61
C GLY B 348 23.18 -16.94 -2.84
N GLN B 349 23.38 -15.92 -3.68
CA GLN B 349 22.54 -15.74 -4.85
C GLN B 349 23.17 -14.81 -5.88
N ILE B 350 22.79 -15.00 -7.13
CA ILE B 350 23.20 -14.27 -8.30
C ILE B 350 21.98 -13.47 -8.76
N PHE B 351 22.01 -12.16 -8.47
CA PHE B 351 20.88 -11.29 -8.76
C PHE B 351 21.01 -10.71 -10.18
N LEU B 352 20.00 -10.86 -10.99
CA LEU B 352 19.95 -10.34 -12.34
C LEU B 352 19.02 -9.11 -12.37
N GLU B 353 19.32 -8.11 -13.21
CA GLU B 353 18.42 -6.92 -13.21
C GLU B 353 18.08 -6.43 -14.62
N THR B 354 16.83 -6.10 -14.85
CA THR B 354 16.34 -5.62 -16.13
C THR B 354 17.09 -4.40 -16.64
N GLU B 355 17.41 -3.45 -15.76
CA GLU B 355 18.10 -2.23 -16.17
C GLU B 355 19.47 -2.56 -16.75
N LEU B 356 20.15 -3.51 -16.09
CA LEU B 356 21.45 -3.97 -16.53
C LEU B 356 21.33 -4.63 -17.90
N PHE B 357 20.24 -5.40 -18.10
CA PHE B 357 20.06 -6.10 -19.36
C PHE B 357 19.86 -5.10 -20.51
N TYR B 358 18.87 -4.23 -20.37
CA TYR B 358 18.56 -3.25 -21.38
C TYR B 358 19.79 -2.43 -21.80
N LYS B 359 20.62 -2.06 -20.86
CA LYS B 359 21.80 -1.29 -21.12
C LYS B 359 22.90 -2.10 -21.80
N GLY B 360 22.67 -3.37 -22.08
CA GLY B 360 23.68 -4.24 -22.62
C GLY B 360 24.63 -4.86 -21.61
N ILE B 361 24.36 -4.80 -20.32
CA ILE B 361 25.18 -5.47 -19.31
C ILE B 361 24.62 -6.91 -19.26
N ARG B 362 25.21 -7.77 -20.06
CA ARG B 362 24.81 -9.13 -20.28
C ARG B 362 26.01 -10.07 -20.24
N PRO B 363 25.93 -11.08 -19.39
CA PRO B 363 24.85 -11.35 -18.46
C PRO B 363 24.52 -10.23 -17.48
N ALA B 364 23.24 -10.03 -17.16
CA ALA B 364 22.77 -8.90 -16.38
C ALA B 364 22.96 -9.04 -14.89
N ILE B 365 24.17 -9.43 -14.50
CA ILE B 365 24.46 -9.65 -13.09
C ILE B 365 24.87 -8.40 -12.33
N ASN B 366 24.17 -8.10 -11.24
CA ASN B 366 24.50 -7.05 -10.30
C ASN B 366 25.56 -7.62 -9.36
N VAL B 367 26.81 -7.24 -9.53
CA VAL B 367 27.93 -7.72 -8.78
C VAL B 367 27.91 -7.37 -7.30
N GLY B 368 27.68 -6.10 -7.02
CA GLY B 368 27.66 -5.66 -5.64
C GLY B 368 26.65 -6.40 -4.79
N LEU B 369 25.44 -6.65 -5.27
CA LEU B 369 24.43 -7.33 -4.47
C LEU B 369 24.57 -8.85 -4.49
N SER B 370 25.15 -9.48 -5.49
CA SER B 370 25.33 -10.93 -5.52
C SER B 370 26.34 -11.43 -4.52
N VAL B 371 26.22 -12.71 -4.13
CA VAL B 371 27.13 -13.24 -3.12
C VAL B 371 27.20 -14.75 -3.27
N SER B 372 28.37 -15.28 -2.97
CA SER B 372 28.62 -16.69 -2.83
C SER B 372 29.08 -16.88 -1.37
N ARG B 373 28.20 -17.41 -0.52
CA ARG B 373 28.58 -17.52 0.89
C ARG B 373 29.67 -18.58 1.08
N VAL B 374 29.75 -19.64 0.29
CA VAL B 374 30.82 -20.63 0.57
C VAL B 374 31.72 -20.95 -0.59
N GLY B 375 31.58 -20.35 -1.76
CA GLY B 375 32.34 -20.73 -2.92
C GLY B 375 33.76 -20.21 -3.05
N SER B 376 34.19 -19.25 -2.24
CA SER B 376 35.56 -18.76 -2.40
C SER B 376 36.60 -19.84 -2.10
N ALA B 377 36.31 -20.71 -1.17
CA ALA B 377 37.20 -21.82 -0.89
C ALA B 377 37.27 -22.77 -2.08
N ALA B 378 36.31 -22.77 -3.00
CA ALA B 378 36.36 -23.69 -4.13
C ALA B 378 36.71 -23.05 -5.44
N GLN B 379 37.52 -22.02 -5.44
CA GLN B 379 37.89 -21.35 -6.73
C GLN B 379 39.35 -21.61 -6.99
N THR B 380 39.75 -21.96 -8.23
CA THR B 380 41.16 -22.29 -8.50
C THR B 380 42.05 -21.16 -8.05
N ARG B 381 43.29 -21.42 -7.66
CA ARG B 381 44.18 -20.35 -7.26
C ARG B 381 44.37 -19.35 -8.41
N ALA B 382 44.56 -19.90 -9.61
CA ALA B 382 44.74 -19.06 -10.79
C ALA B 382 43.64 -18.02 -10.92
N MET B 383 42.37 -18.46 -10.84
CA MET B 383 41.29 -17.48 -10.96
C MET B 383 41.36 -16.55 -9.73
N LYS B 384 41.72 -17.19 -8.61
CA LYS B 384 41.88 -16.46 -7.36
C LYS B 384 42.90 -15.34 -7.52
N GLN B 385 44.09 -15.58 -8.08
CA GLN B 385 45.12 -14.60 -8.27
C GLN B 385 44.80 -13.47 -9.25
N VAL B 386 43.59 -13.35 -9.76
CA VAL B 386 43.20 -12.29 -10.67
C VAL B 386 41.81 -11.77 -10.31
N ALA B 387 40.92 -12.66 -9.87
CA ALA B 387 39.57 -12.24 -9.46
C ALA B 387 39.65 -11.35 -8.21
N GLY B 388 40.63 -11.60 -7.35
CA GLY B 388 40.77 -10.76 -6.18
C GLY B 388 40.89 -9.28 -6.54
N THR B 389 41.86 -8.97 -7.41
CA THR B 389 42.05 -7.56 -7.71
C THR B 389 40.93 -7.03 -8.56
N MET B 390 40.33 -7.87 -9.42
CA MET B 390 39.21 -7.32 -10.19
C MET B 390 38.07 -6.97 -9.23
N LYS B 391 37.89 -7.81 -8.19
CA LYS B 391 36.83 -7.52 -7.21
C LYS B 391 37.06 -6.17 -6.55
N LEU B 392 38.29 -5.98 -6.06
CA LEU B 392 38.62 -4.70 -5.42
C LEU B 392 38.47 -3.53 -6.38
N GLU B 393 38.93 -3.72 -7.62
CA GLU B 393 38.85 -2.64 -8.62
C GLU B 393 37.43 -2.31 -9.00
N LEU B 394 36.54 -3.31 -9.05
CA LEU B 394 35.14 -2.99 -9.32
C LEU B 394 34.51 -2.41 -8.05
N ALA B 395 35.04 -2.79 -6.90
CA ALA B 395 34.48 -2.26 -5.65
C ALA B 395 34.73 -0.76 -5.60
N GLN B 396 35.92 -0.36 -6.07
CA GLN B 396 36.28 1.06 -6.01
C GLN B 396 35.55 1.84 -7.09
N TYR B 397 35.45 1.25 -8.27
CA TYR B 397 34.67 1.85 -9.35
C TYR B 397 33.25 2.14 -8.87
N ARG B 398 32.53 1.12 -8.43
CA ARG B 398 31.15 1.26 -8.00
C ARG B 398 30.90 2.53 -7.20
N GLU B 399 31.94 3.12 -6.62
CA GLU B 399 31.73 4.39 -5.90
C GLU B 399 31.60 5.61 -6.79
N VAL B 400 32.48 5.73 -7.79
CA VAL B 400 32.50 6.91 -8.64
C VAL B 400 31.45 6.98 -9.73
N ALA B 401 31.03 5.86 -10.34
CA ALA B 401 30.01 5.97 -11.39
C ALA B 401 28.72 6.55 -10.81
N LEU B 410 37.10 15.04 -14.23
CA LEU B 410 38.09 15.67 -13.38
C LEU B 410 38.64 14.71 -12.34
N ASP B 411 39.67 15.16 -11.65
CA ASP B 411 40.38 14.49 -10.60
C ASP B 411 40.99 13.16 -11.03
N ALA B 412 42.22 13.23 -11.52
CA ALA B 412 42.93 12.01 -11.94
C ALA B 412 43.37 11.23 -10.70
N ALA B 413 42.70 10.13 -10.47
CA ALA B 413 42.81 9.23 -9.35
C ALA B 413 41.44 8.54 -9.29
N THR B 414 40.44 9.29 -8.80
CA THR B 414 39.08 8.74 -8.88
C THR B 414 38.84 8.46 -10.37
N GLN B 415 39.44 9.29 -11.21
CA GLN B 415 39.34 9.22 -12.65
C GLN B 415 40.02 7.98 -13.22
N GLN B 416 41.03 7.49 -12.50
CA GLN B 416 41.74 6.27 -12.95
C GLN B 416 40.83 5.08 -12.61
N LEU B 417 40.32 5.08 -11.39
CA LEU B 417 39.41 4.06 -10.92
C LEU B 417 38.27 3.88 -11.94
N LEU B 418 37.79 5.02 -12.44
CA LEU B 418 36.71 5.02 -13.39
C LEU B 418 37.08 4.25 -14.65
N SER B 419 38.31 4.48 -15.09
CA SER B 419 38.85 3.89 -16.30
C SER B 419 38.92 2.38 -16.21
N ARG B 420 39.58 1.90 -15.17
CA ARG B 420 39.70 0.45 -14.95
C ARG B 420 38.31 -0.17 -14.83
N GLY B 421 37.42 0.46 -14.09
CA GLY B 421 36.07 -0.04 -13.87
C GLY B 421 35.27 -0.23 -15.13
N VAL B 422 35.38 0.71 -16.06
CA VAL B 422 34.71 0.66 -17.34
C VAL B 422 35.25 -0.46 -18.22
N ARG B 423 36.56 -0.73 -18.10
CA ARG B 423 37.15 -1.77 -18.95
C ARG B 423 36.82 -3.16 -18.40
N LEU B 424 36.92 -3.24 -17.08
CA LEU B 424 36.58 -4.46 -16.36
C LEU B 424 35.12 -4.84 -16.62
N THR B 425 34.25 -3.84 -16.61
CA THR B 425 32.82 -4.16 -16.87
C THR B 425 32.70 -4.75 -18.26
N GLU B 426 33.44 -4.20 -19.24
CA GLU B 426 33.35 -4.72 -20.61
C GLU B 426 33.81 -6.17 -20.65
N LEU B 427 34.82 -6.50 -19.86
CA LEU B 427 35.35 -7.86 -19.82
C LEU B 427 34.34 -8.87 -19.29
N LEU B 428 33.44 -8.41 -18.44
CA LEU B 428 32.47 -9.33 -17.85
C LEU B 428 31.31 -9.61 -18.77
N LYS B 429 31.23 -8.89 -19.90
CA LYS B 429 30.15 -9.12 -20.84
C LYS B 429 30.45 -10.44 -21.55
N GLN B 430 29.43 -11.18 -21.90
CA GLN B 430 29.67 -12.48 -22.54
C GLN B 430 28.42 -12.87 -23.32
N GLY B 431 28.61 -13.48 -24.48
CA GLY B 431 27.44 -13.94 -25.23
C GLY B 431 26.98 -15.29 -24.66
N GLN B 432 25.96 -15.87 -25.27
CA GLN B 432 25.40 -17.15 -24.88
C GLN B 432 26.03 -18.28 -25.70
N TYR B 433 25.90 -19.50 -25.23
CA TYR B 433 26.36 -20.74 -25.71
C TYR B 433 27.86 -20.92 -25.87
N SER B 434 28.68 -20.04 -25.35
CA SER B 434 30.13 -20.29 -25.40
C SER B 434 30.83 -20.22 -24.05
N PRO B 435 30.43 -21.06 -23.12
CA PRO B 435 31.04 -21.15 -21.80
C PRO B 435 32.55 -21.32 -21.97
N MET B 436 33.37 -20.57 -21.25
CA MET B 436 34.79 -20.62 -21.38
C MET B 436 35.57 -21.43 -20.35
N ALA B 437 36.61 -22.12 -20.83
CA ALA B 437 37.50 -22.84 -19.95
C ALA B 437 38.12 -21.85 -18.98
N ILE B 438 38.30 -22.30 -17.73
CA ILE B 438 38.84 -21.43 -16.70
C ILE B 438 40.17 -20.78 -17.11
N GLU B 439 41.12 -21.51 -17.68
CA GLU B 439 42.42 -20.88 -18.02
C GLU B 439 42.25 -19.78 -19.04
N GLU B 440 41.25 -19.90 -19.91
CA GLU B 440 40.99 -18.76 -20.83
C GLU B 440 40.41 -17.56 -20.10
N GLN B 441 39.56 -17.78 -19.10
CA GLN B 441 38.95 -16.69 -18.35
C GLN B 441 40.05 -15.91 -17.62
N VAL B 442 40.98 -16.67 -17.04
CA VAL B 442 42.07 -16.03 -16.30
C VAL B 442 42.91 -15.18 -17.26
N ALA B 443 43.21 -15.79 -18.41
CA ALA B 443 44.04 -15.08 -19.39
C ALA B 443 43.40 -13.75 -19.78
N VAL B 444 42.06 -13.75 -19.85
CA VAL B 444 41.32 -12.55 -20.22
C VAL B 444 41.26 -11.58 -19.05
N ILE B 445 40.95 -12.11 -17.86
CA ILE B 445 40.88 -11.20 -16.70
C ILE B 445 42.27 -10.59 -16.46
N TYR B 446 43.30 -11.41 -16.67
CA TYR B 446 44.67 -10.91 -16.53
C TYR B 446 44.89 -9.64 -17.37
N ALA B 447 44.58 -9.68 -18.65
CA ALA B 447 44.79 -8.48 -19.49
C ALA B 447 44.26 -7.24 -18.80
N GLY B 448 43.05 -7.34 -18.27
CA GLY B 448 42.37 -6.23 -17.66
C GLY B 448 42.92 -5.74 -16.35
N VAL B 449 43.23 -6.61 -15.40
CA VAL B 449 43.67 -6.13 -14.08
C VAL B 449 45.14 -5.73 -14.09
N ARG B 450 45.87 -6.14 -15.13
CA ARG B 450 47.30 -5.82 -15.23
C ARG B 450 47.52 -4.56 -16.05
N GLY B 451 46.45 -3.92 -16.49
CA GLY B 451 46.49 -2.68 -17.22
C GLY B 451 46.57 -2.74 -18.72
N TYR B 452 46.72 -3.88 -19.37
CA TYR B 452 46.86 -3.95 -20.82
C TYR B 452 45.65 -3.47 -21.59
N LEU B 453 44.63 -2.96 -20.92
CA LEU B 453 43.45 -2.51 -21.66
C LEU B 453 43.19 -1.03 -21.48
N ASP B 454 43.84 -0.41 -20.49
CA ASP B 454 43.55 0.99 -20.19
C ASP B 454 43.64 1.89 -21.42
N LYS B 455 44.74 1.79 -22.16
CA LYS B 455 44.88 2.62 -23.37
C LYS B 455 44.08 1.97 -24.48
N LEU B 456 42.77 1.81 -24.24
CA LEU B 456 41.89 1.26 -25.27
C LEU B 456 40.54 1.96 -25.22
N GLU B 457 39.87 1.99 -26.37
CA GLU B 457 38.55 2.57 -26.44
C GLU B 457 37.56 1.58 -25.80
N PRO B 458 36.88 2.00 -24.76
CA PRO B 458 35.85 1.22 -24.10
C PRO B 458 35.10 0.33 -25.08
N SER B 459 34.91 0.86 -26.27
CA SER B 459 34.22 0.29 -27.41
C SER B 459 34.99 -0.86 -28.05
N LYS B 460 36.28 -0.96 -27.76
CA LYS B 460 37.11 -1.99 -28.39
C LYS B 460 37.52 -3.15 -27.51
N ILE B 461 37.11 -3.16 -26.24
CA ILE B 461 37.50 -4.28 -25.35
C ILE B 461 37.00 -5.62 -25.87
N THR B 462 35.73 -5.70 -26.23
CA THR B 462 35.19 -6.97 -26.71
C THR B 462 35.95 -7.47 -27.92
N LYS B 463 36.07 -6.63 -28.97
CA LYS B 463 36.85 -7.06 -30.13
C LYS B 463 38.26 -7.42 -29.65
N PHE B 464 38.85 -6.59 -28.79
CA PHE B 464 40.17 -6.95 -28.25
C PHE B 464 40.14 -8.36 -27.67
N GLU B 465 39.20 -8.58 -26.72
CA GLU B 465 39.14 -9.88 -26.05
C GLU B 465 39.01 -11.04 -26.99
N ASN B 466 38.16 -11.01 -28.02
CA ASN B 466 38.08 -12.17 -28.92
C ASN B 466 39.38 -12.44 -29.68
N ALA B 467 39.93 -11.39 -30.29
CA ALA B 467 41.18 -11.54 -31.05
C ALA B 467 42.29 -12.12 -30.18
N PHE B 468 42.43 -11.60 -28.96
CA PHE B 468 43.46 -12.10 -28.03
C PHE B 468 43.26 -13.56 -27.68
N LEU B 469 42.01 -13.95 -27.45
CA LEU B 469 41.71 -15.35 -27.11
C LEU B 469 41.99 -16.29 -28.26
N SER B 470 41.68 -15.89 -29.51
CA SER B 470 41.97 -16.77 -30.64
C SER B 470 43.49 -16.91 -30.79
N HIS B 471 44.17 -15.81 -30.47
CA HIS B 471 45.62 -15.82 -30.50
C HIS B 471 46.21 -16.76 -29.46
N VAL B 472 45.94 -16.51 -28.17
CA VAL B 472 46.55 -17.40 -27.16
C VAL B 472 46.10 -18.83 -27.44
N ILE B 473 44.84 -19.01 -27.85
CA ILE B 473 44.37 -20.36 -28.12
C ILE B 473 45.14 -21.04 -29.25
N SER B 474 45.46 -20.30 -30.31
CA SER B 474 46.15 -20.94 -31.44
C SER B 474 47.64 -21.05 -31.19
N GLN B 475 48.27 -19.92 -30.91
CA GLN B 475 49.70 -19.84 -30.69
C GLN B 475 50.21 -20.05 -29.30
N HIS B 476 49.40 -20.27 -28.25
CA HIS B 476 49.99 -20.41 -26.92
C HIS B 476 49.31 -21.43 -26.05
N GLN B 477 48.80 -22.49 -26.67
CA GLN B 477 48.16 -23.58 -25.94
C GLN B 477 48.95 -24.00 -24.72
N ALA B 478 50.23 -24.31 -24.92
CA ALA B 478 51.09 -24.77 -23.85
C ALA B 478 50.96 -23.91 -22.60
N LEU B 479 51.04 -22.59 -22.74
CA LEU B 479 50.93 -21.72 -21.58
C LEU B 479 49.58 -21.94 -20.90
N LEU B 480 48.54 -22.00 -21.72
CA LEU B 480 47.19 -22.25 -21.23
C LEU B 480 47.14 -23.63 -20.57
N GLY B 481 47.69 -24.64 -21.23
CA GLY B 481 47.72 -26.00 -20.67
C GLY B 481 48.40 -25.96 -19.30
N LYS B 482 49.37 -25.06 -19.17
CA LYS B 482 50.13 -24.93 -17.93
C LYS B 482 49.20 -24.44 -16.81
N ILE B 483 48.59 -23.30 -17.07
CA ILE B 483 47.69 -22.69 -16.07
C ILE B 483 46.61 -23.68 -15.69
N ARG B 484 46.11 -24.43 -16.67
CA ARG B 484 45.08 -25.42 -16.40
C ARG B 484 45.59 -26.53 -15.49
N THR B 485 46.75 -27.07 -15.79
CA THR B 485 47.38 -28.16 -15.06
C THR B 485 47.80 -27.74 -13.68
N ASP B 486 48.58 -26.68 -13.53
CA ASP B 486 49.04 -26.25 -12.22
C ASP B 486 47.89 -25.73 -11.36
N GLY B 487 46.85 -25.21 -12.01
CA GLY B 487 45.75 -24.58 -11.25
C GLY B 487 46.17 -23.21 -10.73
N LYS B 488 47.34 -22.72 -11.12
CA LYS B 488 47.83 -21.43 -10.69
C LYS B 488 48.61 -20.78 -11.85
N ILE B 489 49.03 -19.55 -11.66
CA ILE B 489 49.90 -18.84 -12.59
C ILE B 489 51.29 -18.77 -11.95
N SER B 490 52.23 -19.61 -12.35
CA SER B 490 53.57 -19.52 -11.72
C SER B 490 54.26 -18.20 -12.00
N GLU B 491 55.39 -17.96 -11.32
CA GLU B 491 56.18 -16.75 -11.57
C GLU B 491 56.57 -16.71 -13.05
N GLU B 492 56.80 -17.89 -13.62
CA GLU B 492 57.15 -18.01 -15.02
C GLU B 492 55.95 -17.70 -15.91
N SER B 493 54.80 -18.33 -15.59
CA SER B 493 53.62 -18.13 -16.45
C SER B 493 53.23 -16.67 -16.49
N ASP B 494 53.48 -15.99 -15.39
CA ASP B 494 53.18 -14.56 -15.27
C ASP B 494 54.12 -13.77 -16.18
N ALA B 495 55.41 -14.07 -16.10
CA ALA B 495 56.36 -13.36 -17.00
C ALA B 495 55.97 -13.71 -18.43
N LYS B 496 55.82 -15.00 -18.73
CA LYS B 496 55.40 -15.39 -20.07
C LYS B 496 54.18 -14.60 -20.55
N LEU B 497 53.09 -14.69 -19.79
CA LEU B 497 51.85 -14.01 -20.12
C LEU B 497 52.05 -12.53 -20.32
N LYS B 498 52.95 -11.93 -19.53
CA LYS B 498 53.23 -10.50 -19.68
C LYS B 498 53.74 -10.20 -21.09
N GLU B 499 54.54 -11.11 -21.64
CA GLU B 499 55.11 -10.96 -22.97
C GLU B 499 54.06 -11.11 -24.06
N ILE B 500 53.32 -12.21 -23.98
CA ILE B 500 52.25 -12.47 -24.94
C ILE B 500 51.28 -11.29 -25.03
N VAL B 501 50.74 -10.87 -23.88
CA VAL B 501 49.75 -9.80 -23.89
C VAL B 501 50.33 -8.53 -24.50
N THR B 502 51.55 -8.22 -24.06
CA THR B 502 52.27 -7.04 -24.50
C THR B 502 52.44 -7.06 -26.01
N ASN B 503 53.01 -8.15 -26.50
CA ASN B 503 53.22 -8.30 -27.94
C ASN B 503 51.93 -8.44 -28.70
N PHE B 504 50.82 -8.72 -28.01
CA PHE B 504 49.54 -8.74 -28.72
C PHE B 504 48.99 -7.33 -28.80
N LEU B 505 49.11 -6.56 -27.72
CA LEU B 505 48.51 -5.23 -27.71
C LEU B 505 49.18 -4.31 -28.73
N ALA B 506 50.46 -4.57 -29.00
CA ALA B 506 51.19 -3.76 -29.97
C ALA B 506 50.57 -3.91 -31.36
N GLY B 507 50.55 -5.15 -31.86
CA GLY B 507 49.98 -5.48 -33.14
C GLY B 507 48.48 -5.34 -33.26
N PHE B 508 47.76 -5.19 -32.15
CA PHE B 508 46.31 -5.05 -32.18
C PHE B 508 45.93 -3.88 -33.08
N GLU B 509 45.30 -4.18 -34.21
CA GLU B 509 44.93 -3.16 -35.17
C GLU B 509 43.70 -2.39 -34.76
N ALA B 510 42.58 -3.04 -34.54
CA ALA B 510 41.37 -2.31 -34.13
C ALA B 510 41.68 -0.99 -33.45
N ALA C 19 -26.24 -45.20 48.61
CA ALA C 19 -26.19 -44.75 47.22
C ALA C 19 -25.50 -43.37 47.10
N ASP C 20 -24.38 -43.30 46.41
CA ASP C 20 -23.58 -42.12 46.24
C ASP C 20 -24.23 -41.11 45.31
N THR C 21 -24.58 -39.93 45.81
CA THR C 21 -25.18 -38.94 44.91
C THR C 21 -24.32 -37.71 44.75
N SER C 22 -23.04 -37.81 45.03
CA SER C 22 -22.12 -36.70 45.01
C SER C 22 -21.67 -36.28 43.62
N VAL C 23 -21.93 -37.08 42.60
CA VAL C 23 -21.56 -36.73 41.21
C VAL C 23 -22.77 -36.63 40.29
N ASP C 24 -23.86 -35.99 40.73
CA ASP C 24 -25.02 -35.87 39.83
C ASP C 24 -24.68 -34.90 38.69
N LEU C 25 -25.45 -34.87 37.59
CA LEU C 25 -25.02 -34.01 36.47
C LEU C 25 -25.49 -32.59 36.56
N GLU C 26 -26.09 -32.14 37.65
CA GLU C 26 -26.48 -30.76 37.82
C GLU C 26 -25.44 -29.86 38.50
N GLU C 27 -24.69 -30.35 39.45
CA GLU C 27 -23.72 -29.61 40.21
C GLU C 27 -22.29 -29.97 39.83
N THR C 28 -22.09 -31.07 39.14
CA THR C 28 -20.82 -31.54 38.67
C THR C 28 -20.91 -31.88 37.18
N GLY C 29 -19.74 -32.02 36.56
CA GLY C 29 -19.71 -32.48 35.17
C GLY C 29 -18.47 -33.34 34.95
N ARG C 30 -18.32 -33.84 33.72
CA ARG C 30 -17.12 -34.58 33.34
C ARG C 30 -16.56 -34.05 32.03
N VAL C 31 -15.23 -33.93 32.01
CA VAL C 31 -14.57 -33.44 30.81
C VAL C 31 -14.79 -34.35 29.63
N LEU C 32 -15.27 -33.82 28.50
CA LEU C 32 -15.37 -34.60 27.27
C LEU C 32 -14.13 -34.53 26.39
N SER C 33 -13.54 -33.36 26.30
CA SER C 33 -12.32 -33.03 25.58
C SER C 33 -11.64 -31.82 26.26
N ILE C 34 -10.35 -31.74 26.08
CA ILE C 34 -9.49 -30.71 26.60
C ILE C 34 -8.30 -30.55 25.63
N GLY C 35 -8.08 -29.31 25.23
CA GLY C 35 -7.00 -28.95 24.30
C GLY C 35 -6.85 -27.41 24.27
N ASP C 36 -5.65 -26.88 24.25
CA ASP C 36 -5.42 -25.44 24.17
C ASP C 36 -6.19 -24.59 25.17
N GLY C 37 -6.27 -25.00 26.44
CA GLY C 37 -6.88 -24.25 27.50
C GLY C 37 -8.40 -24.29 27.55
N ILE C 38 -9.05 -25.06 26.69
CA ILE C 38 -10.48 -25.14 26.56
C ILE C 38 -10.97 -26.56 26.92
N ALA C 39 -11.80 -26.59 27.97
CA ALA C 39 -12.44 -27.84 28.36
C ALA C 39 -13.92 -27.83 27.92
N ARG C 40 -14.31 -28.86 27.19
CA ARG C 40 -15.75 -29.07 26.90
C ARG C 40 -16.29 -30.07 27.95
N VAL C 41 -17.25 -29.67 28.73
CA VAL C 41 -17.73 -30.49 29.84
C VAL C 41 -19.15 -30.97 29.66
N HIS C 42 -19.38 -32.25 29.97
CA HIS C 42 -20.73 -32.82 29.95
C HIS C 42 -21.33 -32.61 31.32
N GLY C 43 -22.62 -32.25 31.42
CA GLY C 43 -23.19 -32.02 32.74
C GLY C 43 -23.22 -30.52 33.11
N LEU C 44 -23.04 -30.25 34.39
CA LEU C 44 -23.05 -28.88 34.91
C LEU C 44 -24.33 -28.19 34.50
N ARG C 45 -25.42 -28.97 34.58
CA ARG C 45 -26.75 -28.49 34.19
C ARG C 45 -27.19 -27.24 34.92
N ASN C 46 -26.77 -27.08 36.18
CA ASN C 46 -27.15 -25.85 36.91
C ASN C 46 -26.08 -24.78 36.94
N VAL C 47 -24.99 -24.91 36.18
CA VAL C 47 -23.92 -23.89 36.19
C VAL C 47 -24.36 -22.60 35.49
N GLN C 48 -23.95 -21.45 36.03
CA GLN C 48 -24.32 -20.14 35.51
C GLN C 48 -23.32 -19.68 34.43
N ALA C 49 -23.78 -18.84 33.51
CA ALA C 49 -22.80 -18.22 32.60
C ALA C 49 -21.84 -17.39 33.46
N GLU C 50 -20.55 -17.51 33.20
CA GLU C 50 -19.51 -16.77 33.90
C GLU C 50 -19.28 -17.21 35.35
N GLU C 51 -19.62 -18.47 35.63
CA GLU C 51 -19.36 -18.98 37.01
C GLU C 51 -17.96 -19.58 37.06
N MET C 52 -17.27 -19.47 38.17
CA MET C 52 -16.00 -20.18 38.41
C MET C 52 -16.29 -21.66 38.65
N VAL C 53 -15.58 -22.59 38.07
CA VAL C 53 -15.76 -24.02 38.28
C VAL C 53 -14.40 -24.64 38.65
N GLU C 54 -14.41 -25.83 39.23
CA GLU C 54 -13.19 -26.44 39.70
C GLU C 54 -12.82 -27.76 39.08
N PHE C 55 -11.55 -27.97 38.80
CA PHE C 55 -11.04 -29.22 38.27
C PHE C 55 -10.47 -30.14 39.36
N SER C 56 -10.70 -31.43 39.22
CA SER C 56 -10.27 -32.39 40.25
C SER C 56 -8.79 -32.14 40.57
N SER C 57 -8.04 -31.70 39.57
CA SER C 57 -6.62 -31.43 39.76
C SER C 57 -6.33 -30.16 40.51
N GLY C 58 -7.31 -29.33 40.84
CA GLY C 58 -7.03 -28.09 41.56
C GLY C 58 -7.17 -26.81 40.77
N LEU C 59 -7.01 -26.85 39.45
CA LEU C 59 -7.14 -25.67 38.62
C LEU C 59 -8.53 -25.04 38.75
N LYS C 60 -8.67 -23.76 38.44
CA LYS C 60 -10.00 -23.17 38.34
C LYS C 60 -10.30 -22.82 36.87
N GLY C 61 -11.60 -22.74 36.54
CA GLY C 61 -11.96 -22.36 35.17
C GLY C 61 -13.19 -21.49 35.17
N MET C 62 -13.52 -20.98 33.98
CA MET C 62 -14.70 -20.12 33.88
C MET C 62 -15.64 -20.63 32.82
N SER C 63 -16.93 -20.64 33.13
CA SER C 63 -17.96 -21.07 32.20
C SER C 63 -18.36 -19.98 31.22
N LEU C 64 -17.93 -19.97 29.97
CA LEU C 64 -18.33 -18.92 29.01
C LEU C 64 -19.33 -19.34 27.97
N ASN C 65 -19.25 -20.60 27.52
CA ASN C 65 -20.18 -21.13 26.53
C ASN C 65 -21.16 -22.10 27.17
N LEU C 66 -22.44 -21.78 27.27
CA LEU C 66 -23.43 -22.73 27.73
C LEU C 66 -24.22 -23.23 26.50
N GLU C 67 -23.90 -24.41 26.04
CA GLU C 67 -24.53 -25.06 24.89
C GLU C 67 -25.43 -26.22 25.30
N PRO C 68 -26.29 -26.67 24.42
CA PRO C 68 -27.31 -27.68 24.73
C PRO C 68 -26.69 -28.95 25.24
N ASP C 69 -25.52 -29.34 24.74
CA ASP C 69 -24.87 -30.56 25.19
C ASP C 69 -23.54 -30.40 25.86
N ASN C 70 -23.06 -29.21 26.21
CA ASN C 70 -21.72 -29.10 26.78
C ASN C 70 -21.48 -27.69 27.36
N VAL C 71 -20.56 -27.58 28.26
CA VAL C 71 -20.18 -26.26 28.80
C VAL C 71 -18.74 -26.01 28.34
N GLY C 72 -18.46 -24.95 27.60
CA GLY C 72 -17.06 -24.67 27.18
C GLY C 72 -16.45 -23.87 28.34
N VAL C 73 -15.38 -24.40 28.91
CA VAL C 73 -14.72 -23.79 30.07
C VAL C 73 -13.30 -23.32 29.71
N VAL C 74 -13.01 -22.06 30.00
CA VAL C 74 -11.62 -21.58 29.79
C VAL C 74 -10.83 -21.88 31.06
N VAL C 75 -9.62 -22.38 30.96
CA VAL C 75 -8.86 -22.76 32.14
C VAL C 75 -7.93 -21.68 32.68
N PHE C 76 -8.08 -21.29 33.94
CA PHE C 76 -7.18 -20.29 34.54
C PHE C 76 -5.87 -20.91 34.96
N GLY C 77 -5.10 -21.44 34.00
CA GLY C 77 -3.84 -22.06 34.33
C GLY C 77 -3.47 -23.09 33.27
N ASN C 78 -2.52 -23.92 33.61
CA ASN C 78 -1.97 -24.98 32.76
C ASN C 78 -2.97 -26.10 32.56
N ASP C 79 -3.38 -26.39 31.33
CA ASP C 79 -4.39 -27.39 31.03
C ASP C 79 -3.84 -28.82 31.00
N LYS C 80 -2.53 -28.96 31.09
CA LYS C 80 -1.86 -30.25 31.03
C LYS C 80 -2.32 -31.27 32.05
N LEU C 81 -2.83 -30.80 33.16
CA LEU C 81 -3.26 -31.70 34.23
C LEU C 81 -4.67 -32.18 34.00
N ILE C 82 -5.42 -31.50 33.13
CA ILE C 82 -6.80 -31.87 32.87
C ILE C 82 -6.91 -33.01 31.87
N LYS C 83 -7.75 -34.00 32.17
CA LYS C 83 -7.93 -35.14 31.31
C LYS C 83 -9.37 -35.50 30.98
N GLU C 84 -9.54 -36.15 29.82
CA GLU C 84 -10.90 -36.61 29.47
C GLU C 84 -11.47 -37.41 30.65
N GLY C 85 -12.69 -37.09 31.08
CA GLY C 85 -13.34 -37.79 32.17
C GLY C 85 -13.15 -37.14 33.51
N ASP C 86 -12.21 -36.20 33.72
CA ASP C 86 -12.07 -35.60 35.05
C ASP C 86 -13.41 -34.99 35.52
N ILE C 87 -13.56 -34.90 36.82
CA ILE C 87 -14.67 -34.28 37.49
C ILE C 87 -14.48 -32.76 37.55
N VAL C 88 -15.55 -32.07 37.23
CA VAL C 88 -15.55 -30.61 37.28
C VAL C 88 -16.67 -30.20 38.22
N LYS C 89 -16.44 -29.29 39.13
CA LYS C 89 -17.49 -28.91 40.07
C LYS C 89 -17.84 -27.42 40.02
N ARG C 90 -19.11 -27.13 40.39
CA ARG C 90 -19.55 -25.76 40.57
C ARG C 90 -18.96 -25.22 41.88
N THR C 91 -18.83 -23.90 41.93
CA THR C 91 -18.52 -23.14 43.12
C THR C 91 -19.82 -22.38 43.43
N GLY C 92 -20.69 -22.20 42.42
CA GLY C 92 -21.90 -21.39 42.68
C GLY C 92 -21.54 -19.91 42.61
N ALA C 93 -20.27 -19.56 42.31
CA ALA C 93 -19.96 -18.12 42.30
C ALA C 93 -19.50 -17.53 40.97
N ILE C 94 -20.04 -16.38 40.62
CA ILE C 94 -19.50 -15.63 39.43
C ILE C 94 -18.05 -15.29 39.72
N VAL C 95 -17.12 -15.31 38.80
CA VAL C 95 -15.72 -15.03 39.10
C VAL C 95 -15.52 -13.77 39.92
N ASP C 96 -14.68 -13.87 40.97
CA ASP C 96 -14.44 -12.68 41.77
C ASP C 96 -13.01 -12.71 42.30
N VAL C 97 -12.57 -11.64 42.94
CA VAL C 97 -11.22 -11.59 43.47
C VAL C 97 -11.23 -10.93 44.85
N PRO C 98 -10.19 -11.16 45.61
CA PRO C 98 -9.96 -10.52 46.90
C PRO C 98 -9.70 -9.02 46.68
N VAL C 99 -10.27 -8.16 47.52
CA VAL C 99 -9.96 -6.73 47.39
C VAL C 99 -9.62 -6.12 48.74
N GLY C 100 -9.12 -4.89 48.78
CA GLY C 100 -8.84 -4.21 50.01
C GLY C 100 -7.41 -3.82 50.30
N GLU C 101 -7.22 -3.10 51.41
CA GLU C 101 -5.93 -2.57 51.80
C GLU C 101 -4.86 -3.62 52.06
N GLU C 102 -5.23 -4.86 52.30
CA GLU C 102 -4.24 -5.89 52.54
C GLU C 102 -3.39 -6.12 51.27
N LEU C 103 -3.91 -5.75 50.11
CA LEU C 103 -3.18 -5.96 48.85
C LEU C 103 -2.08 -4.94 48.66
N LEU C 104 -2.10 -3.81 49.34
CA LEU C 104 -1.10 -2.77 49.18
C LEU C 104 0.29 -3.28 49.49
N GLY C 105 1.27 -2.96 48.63
CA GLY C 105 2.63 -3.45 48.90
C GLY C 105 2.79 -4.87 48.39
N ARG C 106 1.74 -5.48 47.80
CA ARG C 106 1.97 -6.88 47.41
C ARG C 106 2.02 -7.06 45.90
N VAL C 107 2.56 -8.21 45.49
CA VAL C 107 2.50 -8.57 44.07
C VAL C 107 1.68 -9.88 43.94
N VAL C 108 0.58 -9.83 43.21
CA VAL C 108 -0.33 -10.95 43.08
C VAL C 108 -0.59 -11.36 41.64
N ASP C 109 -1.13 -12.57 41.44
CA ASP C 109 -1.40 -12.98 40.05
C ASP C 109 -2.77 -12.46 39.64
N ALA C 110 -3.29 -12.80 38.47
CA ALA C 110 -4.60 -12.30 38.03
C ALA C 110 -5.75 -12.73 38.91
N LEU C 111 -5.61 -13.79 39.72
CA LEU C 111 -6.71 -14.21 40.57
C LEU C 111 -6.53 -13.64 41.98
N GLY C 112 -5.46 -12.88 42.21
CA GLY C 112 -5.29 -12.28 43.53
C GLY C 112 -4.46 -13.11 44.49
N ASN C 113 -3.84 -14.19 44.06
CA ASN C 113 -2.94 -14.98 44.85
C ASN C 113 -1.59 -14.28 44.95
N ALA C 114 -0.91 -14.36 46.11
CA ALA C 114 0.38 -13.72 46.29
C ALA C 114 1.48 -14.41 45.50
N ILE C 115 2.39 -13.70 44.85
CA ILE C 115 3.46 -14.35 44.10
C ILE C 115 4.80 -13.74 44.50
N ASP C 116 4.77 -12.87 45.50
CA ASP C 116 5.98 -12.18 45.95
C ASP C 116 6.71 -12.91 47.09
N GLY C 117 6.31 -14.13 47.44
CA GLY C 117 6.96 -14.89 48.47
C GLY C 117 6.67 -14.44 49.90
N LYS C 118 5.81 -13.44 50.11
CA LYS C 118 5.57 -12.94 51.46
C LYS C 118 4.34 -13.55 52.11
N GLY C 119 3.87 -14.69 51.60
CA GLY C 119 2.76 -15.38 52.21
C GLY C 119 1.39 -14.89 51.78
N PRO C 120 0.39 -15.64 52.17
CA PRO C 120 -0.99 -15.41 51.87
C PRO C 120 -1.49 -14.02 52.15
N ILE C 121 -2.39 -13.55 51.30
CA ILE C 121 -3.01 -12.24 51.51
C ILE C 121 -4.18 -12.42 52.48
N GLY C 122 -4.29 -11.56 53.49
CA GLY C 122 -5.43 -11.76 54.42
C GLY C 122 -6.51 -10.74 54.15
N SER C 123 -7.01 -10.71 52.91
CA SER C 123 -8.07 -9.74 52.62
C SER C 123 -9.38 -10.30 53.19
N LYS C 124 -10.28 -9.39 53.54
CA LYS C 124 -11.54 -9.74 54.16
C LYS C 124 -12.73 -9.55 53.25
N ALA C 125 -12.49 -9.07 52.03
CA ALA C 125 -13.65 -8.85 51.14
C ALA C 125 -13.33 -9.37 49.77
N ARG C 126 -14.35 -9.60 48.96
CA ARG C 126 -14.08 -10.05 47.59
C ARG C 126 -14.99 -9.20 46.71
N ARG C 127 -14.69 -9.14 45.41
CA ARG C 127 -15.58 -8.40 44.51
C ARG C 127 -15.55 -9.01 43.12
N ARG C 128 -16.69 -9.06 42.44
CA ARG C 128 -16.78 -9.62 41.10
C ARG C 128 -15.90 -8.85 40.12
N VAL C 129 -15.26 -9.56 39.20
CA VAL C 129 -14.40 -8.88 38.25
C VAL C 129 -15.21 -8.19 37.18
N GLY C 130 -16.46 -8.58 36.97
CA GLY C 130 -17.29 -8.04 35.92
C GLY C 130 -18.42 -7.13 36.32
N LEU C 131 -18.40 -6.48 37.45
CA LEU C 131 -19.45 -5.52 37.80
C LEU C 131 -19.54 -4.39 36.75
N LYS C 132 -20.75 -3.90 36.54
CA LYS C 132 -21.03 -2.85 35.57
C LYS C 132 -20.59 -1.49 36.14
N ALA C 133 -20.02 -0.62 35.34
CA ALA C 133 -19.53 0.68 35.80
C ALA C 133 -20.71 1.48 36.32
N PRO C 134 -20.47 2.39 37.22
CA PRO C 134 -21.48 3.31 37.72
C PRO C 134 -22.23 3.97 36.58
N GLY C 135 -23.47 4.32 36.78
CA GLY C 135 -24.34 4.98 35.85
C GLY C 135 -24.16 6.50 35.94
N ILE C 136 -25.05 7.24 35.34
CA ILE C 136 -25.03 8.69 35.33
C ILE C 136 -25.22 9.33 36.69
N ILE C 137 -26.22 8.94 37.47
CA ILE C 137 -26.45 9.60 38.76
C ILE C 137 -25.31 9.61 39.75
N PRO C 138 -24.68 8.49 40.04
CA PRO C 138 -23.66 8.34 41.05
C PRO C 138 -22.38 9.13 40.81
N ARG C 139 -22.26 9.81 39.66
CA ARG C 139 -21.03 10.49 39.30
C ARG C 139 -21.18 12.02 39.49
N ILE C 140 -20.02 12.68 39.48
CA ILE C 140 -19.96 14.12 39.41
C ILE C 140 -18.81 14.44 38.44
N SER C 141 -18.80 15.57 37.77
CA SER C 141 -17.75 15.92 36.81
C SER C 141 -16.34 15.89 37.39
N VAL C 142 -15.38 15.43 36.61
CA VAL C 142 -13.98 15.36 37.01
C VAL C 142 -13.44 16.78 37.22
N ARG C 143 -12.91 17.06 38.41
CA ARG C 143 -12.45 18.38 38.76
C ARG C 143 -11.23 18.43 39.67
N GLU C 144 -10.79 17.35 40.30
CA GLU C 144 -9.60 17.43 41.14
C GLU C 144 -8.40 16.97 40.31
N PRO C 145 -7.29 17.65 40.42
CA PRO C 145 -6.08 17.32 39.72
C PRO C 145 -5.51 15.97 40.09
N MET C 146 -5.09 15.20 39.09
CA MET C 146 -4.31 13.97 39.31
C MET C 146 -2.92 14.31 38.77
N GLN C 147 -2.06 14.88 39.60
CA GLN C 147 -0.75 15.38 39.16
C GLN C 147 0.24 14.26 38.86
N THR C 148 0.75 14.20 37.62
CA THR C 148 1.74 13.23 37.25
C THR C 148 3.15 13.65 37.67
N GLY C 149 3.34 14.97 37.78
CA GLY C 149 4.68 15.48 38.14
C GLY C 149 5.50 15.67 36.87
N ILE C 150 4.92 15.34 35.73
CA ILE C 150 5.60 15.52 34.43
C ILE C 150 5.07 16.83 33.81
N LYS C 151 5.91 17.86 33.67
CA LYS C 151 5.48 19.12 33.11
C LYS C 151 4.65 19.03 31.85
N ALA C 152 5.12 18.33 30.81
CA ALA C 152 4.34 18.24 29.56
C ALA C 152 2.94 17.67 29.72
N VAL C 153 2.68 16.69 30.55
CA VAL C 153 1.32 16.15 30.74
C VAL C 153 0.49 17.13 31.57
N ASP C 154 1.01 17.49 32.74
CA ASP C 154 0.29 18.34 33.69
C ASP C 154 -0.10 19.68 33.10
N SER C 155 0.64 20.18 32.11
CA SER C 155 0.29 21.46 31.49
C SER C 155 -0.50 21.36 30.20
N LEU C 156 -0.19 20.40 29.33
CA LEU C 156 -0.83 20.28 28.02
C LEU C 156 -2.00 19.33 27.91
N VAL C 157 -1.93 18.18 28.56
CA VAL C 157 -2.91 17.12 28.51
C VAL C 157 -3.26 16.67 29.93
N PRO C 158 -3.79 17.58 30.74
CA PRO C 158 -4.05 17.45 32.15
C PRO C 158 -5.04 16.35 32.49
N ILE C 159 -4.79 15.63 33.57
CA ILE C 159 -5.56 14.52 34.03
C ILE C 159 -6.12 14.83 35.44
N GLY C 160 -7.37 14.55 35.66
CA GLY C 160 -8.08 14.73 36.92
C GLY C 160 -8.49 13.41 37.53
N ARG C 161 -8.88 13.38 38.80
CA ARG C 161 -9.25 12.14 39.48
C ARG C 161 -10.55 11.59 38.95
N GLY C 162 -10.53 10.33 38.45
CA GLY C 162 -11.73 9.76 37.83
C GLY C 162 -11.65 9.74 36.31
N GLN C 163 -10.60 10.39 35.78
CA GLN C 163 -10.41 10.39 34.31
C GLN C 163 -9.75 9.11 33.80
N ARG C 164 -9.84 8.89 32.49
CA ARG C 164 -9.06 7.88 31.81
C ARG C 164 -8.16 8.59 30.77
N GLU C 165 -6.89 8.23 30.76
CA GLU C 165 -6.02 8.87 29.75
C GLU C 165 -5.04 7.84 29.25
N LEU C 166 -5.16 7.54 27.97
CA LEU C 166 -4.36 6.51 27.32
C LEU C 166 -2.92 7.03 27.15
N ILE C 167 -1.97 6.14 27.27
CA ILE C 167 -0.59 6.32 26.94
C ILE C 167 -0.32 5.37 25.74
N ILE C 168 0.01 5.94 24.58
CA ILE C 168 0.15 5.19 23.34
C ILE C 168 1.31 5.59 22.44
N GLY C 169 1.99 4.59 21.85
CA GLY C 169 3.16 4.92 21.01
C GLY C 169 3.93 3.63 20.76
N ASP C 170 4.88 3.66 19.84
CA ASP C 170 5.61 2.43 19.54
C ASP C 170 6.35 1.90 20.73
N ARG C 171 6.88 0.67 20.57
CA ARG C 171 7.72 0.15 21.63
C ARG C 171 8.88 1.14 21.86
N GLN C 172 9.32 1.20 23.11
CA GLN C 172 10.52 1.99 23.44
C GLN C 172 10.34 3.46 23.17
N THR C 173 9.16 4.04 23.38
CA THR C 173 9.00 5.50 23.24
C THR C 173 8.87 6.17 24.60
N GLY C 174 8.78 5.38 25.68
CA GLY C 174 8.73 5.95 27.03
C GLY C 174 7.39 5.80 27.73
N LYS C 175 6.53 4.89 27.25
CA LYS C 175 5.18 4.75 27.79
C LYS C 175 5.19 4.29 29.23
N THR C 176 5.83 3.17 29.53
CA THR C 176 5.85 2.64 30.89
C THR C 176 6.49 3.65 31.86
N SER C 177 7.49 4.39 31.38
CA SER C 177 8.10 5.45 32.22
C SER C 177 7.14 6.53 32.66
N ILE C 178 6.20 6.95 31.80
CA ILE C 178 5.21 7.93 32.18
C ILE C 178 4.40 7.39 33.40
N ALA C 179 3.95 6.13 33.27
CA ALA C 179 3.15 5.57 34.34
C ALA C 179 3.96 5.43 35.63
N ILE C 180 5.21 5.03 35.54
CA ILE C 180 6.00 4.79 36.74
C ILE C 180 6.39 6.09 37.45
N ASP C 181 6.58 7.16 36.67
CA ASP C 181 6.85 8.45 37.31
C ASP C 181 5.58 8.98 37.97
N THR C 182 4.44 8.72 37.39
CA THR C 182 3.16 9.20 37.94
C THR C 182 2.90 8.49 39.26
N ILE C 183 3.18 7.18 39.32
CA ILE C 183 3.04 6.41 40.55
C ILE C 183 3.98 7.01 41.61
N ILE C 184 5.25 7.19 41.26
CA ILE C 184 6.27 7.73 42.15
C ILE C 184 5.91 9.13 42.68
N ASN C 185 5.31 10.00 41.90
CA ASN C 185 4.93 11.34 42.28
C ASN C 185 3.99 11.42 43.49
N GLN C 186 3.16 10.40 43.64
CA GLN C 186 2.15 10.42 44.68
C GLN C 186 2.75 10.33 46.08
N LYS C 187 4.00 9.93 46.22
CA LYS C 187 4.61 9.77 47.53
C LYS C 187 4.54 11.08 48.32
N ARG C 188 4.53 12.21 47.65
CA ARG C 188 4.41 13.48 48.39
C ARG C 188 3.03 13.59 49.01
N PHE C 189 1.97 12.99 48.43
CA PHE C 189 0.66 13.10 49.11
C PHE C 189 0.44 11.93 50.05
N ASN C 190 0.96 10.75 49.68
CA ASN C 190 0.72 9.57 50.51
C ASN C 190 1.45 9.64 51.84
N ASP C 191 2.59 10.35 51.87
CA ASP C 191 3.36 10.50 53.10
C ASP C 191 2.89 11.77 53.84
N GLY C 192 1.99 12.50 53.22
CA GLY C 192 1.50 13.77 53.75
C GLY C 192 0.44 13.57 54.82
N THR C 193 -0.16 14.68 55.19
CA THR C 193 -1.13 14.86 56.23
C THR C 193 -2.49 15.33 55.73
N ASP C 194 -2.77 15.20 54.44
CA ASP C 194 -4.09 15.49 53.90
C ASP C 194 -4.56 14.22 53.16
N GLU C 195 -5.41 13.46 53.84
CA GLU C 195 -5.90 12.18 53.34
C GLU C 195 -6.73 12.26 52.08
N LYS C 196 -7.29 13.45 51.79
CA LYS C 196 -8.18 13.49 50.61
C LYS C 196 -7.33 13.57 49.37
N LYS C 197 -6.07 13.88 49.60
CA LYS C 197 -5.10 14.02 48.52
C LYS C 197 -4.37 12.70 48.25
N LYS C 198 -4.55 11.73 49.13
CA LYS C 198 -3.87 10.45 48.93
C LYS C 198 -4.38 9.75 47.67
N LEU C 199 -3.48 8.98 47.09
CA LEU C 199 -3.74 8.23 45.88
C LEU C 199 -3.08 6.88 45.90
N TYR C 200 -3.85 5.80 45.99
CA TYR C 200 -3.30 4.45 46.00
C TYR C 200 -3.11 3.96 44.56
N CYS C 201 -2.04 3.25 44.28
CA CYS C 201 -1.75 2.87 42.91
C CYS C 201 -1.87 1.38 42.66
N ILE C 202 -2.24 1.03 41.43
CA ILE C 202 -2.35 -0.36 40.99
C ILE C 202 -1.68 -0.46 39.60
N TYR C 203 -0.64 -1.28 39.51
CA TYR C 203 0.00 -1.45 38.20
C TYR C 203 -0.32 -2.88 37.70
N VAL C 204 -1.05 -2.97 36.58
CA VAL C 204 -1.35 -4.31 36.03
C VAL C 204 -0.43 -4.60 34.87
N ALA C 205 0.33 -5.69 35.01
CA ALA C 205 1.25 -6.11 33.96
C ALA C 205 0.55 -7.24 33.19
N ILE C 206 0.41 -7.06 31.89
CA ILE C 206 -0.18 -8.05 30.99
C ILE C 206 0.77 -8.39 29.85
N GLY C 207 1.19 -9.66 29.79
CA GLY C 207 2.01 -10.15 28.71
C GLY C 207 3.50 -9.83 28.76
N GLN C 208 3.99 -9.16 29.80
CA GLN C 208 5.40 -8.84 29.93
C GLN C 208 6.22 -10.01 30.43
N LYS C 209 7.56 -9.93 30.37
CA LYS C 209 8.30 -11.05 30.97
C LYS C 209 8.42 -10.80 32.48
N ARG C 210 8.48 -11.87 33.23
CA ARG C 210 8.59 -11.79 34.68
C ARG C 210 9.80 -10.96 35.11
N SER C 211 10.96 -11.11 34.45
CA SER C 211 12.13 -10.36 34.93
C SER C 211 11.93 -8.87 34.71
N THR C 212 11.12 -8.46 33.72
CA THR C 212 10.87 -7.00 33.63
C THR C 212 9.97 -6.56 34.76
N VAL C 213 8.93 -7.35 35.09
CA VAL C 213 8.08 -7.01 36.22
C VAL C 213 8.92 -6.92 37.49
N ALA C 214 9.91 -7.79 37.63
CA ALA C 214 10.77 -7.74 38.83
C ALA C 214 11.65 -6.50 38.84
N GLN C 215 12.16 -6.04 37.69
CA GLN C 215 12.91 -4.77 37.71
C GLN C 215 11.99 -3.62 38.14
N LEU C 216 10.75 -3.65 37.64
CA LEU C 216 9.75 -2.64 37.93
C LEU C 216 9.44 -2.54 39.44
N VAL C 217 9.15 -3.67 40.07
CA VAL C 217 8.88 -3.72 41.51
C VAL C 217 10.13 -3.27 42.27
N LYS C 218 11.33 -3.65 41.84
CA LYS C 218 12.51 -3.14 42.56
C LYS C 218 12.58 -1.61 42.47
N ARG C 219 12.23 -1.05 41.33
CA ARG C 219 12.27 0.39 41.12
C ARG C 219 11.31 1.08 42.08
N LEU C 220 10.07 0.59 42.11
CA LEU C 220 9.06 1.14 43.01
C LEU C 220 9.46 0.99 44.49
N THR C 221 10.10 -0.11 44.81
CA THR C 221 10.60 -0.38 46.14
C THR C 221 11.70 0.62 46.52
N ASP C 222 12.65 0.80 45.62
CA ASP C 222 13.72 1.78 45.84
C ASP C 222 13.18 3.19 45.98
N ALA C 223 12.07 3.55 45.35
CA ALA C 223 11.57 4.92 45.48
C ALA C 223 10.56 4.98 46.65
N ASP C 224 10.41 3.88 47.39
CA ASP C 224 9.43 3.82 48.48
C ASP C 224 8.02 4.11 48.04
N ALA C 225 7.65 3.67 46.81
CA ALA C 225 6.26 3.84 46.35
C ALA C 225 5.49 2.53 46.47
N MET C 226 6.21 1.41 46.56
CA MET C 226 5.59 0.10 46.62
C MET C 226 4.63 -0.05 47.79
N LYS C 227 4.79 0.74 48.85
CA LYS C 227 3.94 0.64 50.03
C LYS C 227 2.52 1.09 49.79
N TYR C 228 2.29 1.90 48.74
CA TYR C 228 0.91 2.32 48.43
C TYR C 228 0.50 1.75 47.07
N THR C 229 1.19 0.72 46.60
CA THR C 229 0.91 0.16 45.29
C THR C 229 0.55 -1.31 45.37
N ILE C 230 -0.37 -1.69 44.51
CA ILE C 230 -0.66 -3.12 44.27
C ILE C 230 -0.15 -3.45 42.88
N VAL C 231 0.65 -4.50 42.71
CA VAL C 231 1.06 -4.93 41.38
C VAL C 231 0.33 -6.22 41.03
N VAL C 232 -0.47 -6.19 39.98
CA VAL C 232 -1.23 -7.36 39.48
C VAL C 232 -0.49 -7.87 38.26
N SER C 233 0.00 -9.13 38.32
CA SER C 233 0.84 -9.60 37.22
C SER C 233 0.35 -10.87 36.55
N ALA C 234 0.08 -10.80 35.27
CA ALA C 234 -0.26 -11.91 34.39
C ALA C 234 0.67 -11.89 33.17
N THR C 235 1.86 -12.41 33.33
CA THR C 235 2.97 -12.32 32.39
C THR C 235 2.85 -13.31 31.23
N ALA C 236 3.83 -13.35 30.36
CA ALA C 236 3.79 -14.08 29.11
C ALA C 236 3.61 -15.60 29.19
N SER C 237 4.01 -16.26 30.26
CA SER C 237 3.83 -17.68 30.40
C SER C 237 2.51 -18.00 31.11
N ASP C 238 1.75 -17.03 31.55
CA ASP C 238 0.46 -17.32 32.19
C ASP C 238 -0.58 -17.56 31.08
N ALA C 239 -1.49 -18.49 31.30
CA ALA C 239 -2.51 -18.82 30.31
C ALA C 239 -3.32 -17.60 29.83
N ALA C 240 -3.75 -17.64 28.56
CA ALA C 240 -4.50 -16.52 27.99
C ALA C 240 -5.65 -16.01 28.83
N PRO C 241 -6.38 -16.91 29.46
CA PRO C 241 -7.53 -16.53 30.26
C PRO C 241 -7.11 -15.65 31.42
N LEU C 242 -5.91 -15.94 31.96
CA LEU C 242 -5.43 -15.12 33.08
C LEU C 242 -5.05 -13.72 32.61
N GLN C 243 -4.40 -13.58 31.47
CA GLN C 243 -3.96 -12.30 30.93
C GLN C 243 -5.20 -11.47 30.54
N TYR C 244 -6.19 -12.17 30.00
CA TYR C 244 -7.48 -11.54 29.67
C TYR C 244 -8.12 -10.99 30.92
N LEU C 245 -8.08 -11.77 31.99
CA LEU C 245 -8.77 -11.36 33.24
C LEU C 245 -8.02 -10.29 34.04
N ALA C 246 -6.68 -10.25 34.02
CA ALA C 246 -5.94 -9.34 34.87
C ALA C 246 -6.38 -7.94 34.95
N PRO C 247 -6.64 -7.22 33.88
CA PRO C 247 -7.17 -5.86 33.95
C PRO C 247 -8.46 -5.78 34.76
N TYR C 248 -9.41 -6.73 34.58
CA TYR C 248 -10.64 -6.68 35.34
C TYR C 248 -10.39 -6.94 36.82
N SER C 249 -9.55 -7.87 37.22
CA SER C 249 -9.26 -8.06 38.66
C SER C 249 -8.63 -6.82 39.28
N GLY C 250 -7.56 -6.29 38.66
CA GLY C 250 -6.96 -5.06 39.17
C GLY C 250 -7.99 -3.93 39.22
N CYS C 251 -8.94 -3.93 38.31
CA CYS C 251 -9.94 -2.87 38.31
C CYS C 251 -10.84 -2.96 39.53
N SER C 252 -11.30 -4.17 39.84
CA SER C 252 -12.08 -4.46 41.03
C SER C 252 -11.30 -4.01 42.26
N MET C 253 -10.00 -4.28 42.29
CA MET C 253 -9.22 -3.84 43.45
C MET C 253 -9.22 -2.33 43.60
N GLY C 254 -9.30 -1.57 42.49
CA GLY C 254 -9.31 -0.12 42.49
C GLY C 254 -10.68 0.43 42.85
N GLU C 255 -11.73 -0.30 42.54
CA GLU C 255 -13.10 0.01 42.84
C GLU C 255 -13.38 -0.06 44.35
N TYR C 256 -12.59 -0.85 45.07
CA TYR C 256 -12.71 -0.90 46.52
C TYR C 256 -12.40 0.48 47.10
N PHE C 257 -11.33 1.11 46.66
CA PHE C 257 -10.99 2.47 47.01
C PHE C 257 -12.04 3.48 46.52
N ARG C 258 -12.40 3.44 45.24
CA ARG C 258 -13.35 4.31 44.60
C ARG C 258 -14.68 4.42 45.34
N ASP C 259 -15.16 3.27 45.84
CA ASP C 259 -16.44 3.19 46.48
C ASP C 259 -16.40 3.43 47.98
N ASN C 260 -15.22 3.61 48.54
CA ASN C 260 -15.05 3.84 49.97
C ASN C 260 -14.45 5.18 50.31
N GLY C 261 -14.79 6.23 49.57
CA GLY C 261 -14.29 7.56 49.84
C GLY C 261 -12.82 7.74 49.49
N LYS C 262 -12.16 6.75 48.88
CA LYS C 262 -10.74 6.90 48.58
C LYS C 262 -10.49 7.12 47.06
N HIS C 263 -9.23 7.28 46.73
CA HIS C 263 -8.79 7.61 45.38
C HIS C 263 -7.73 6.62 44.92
N ALA C 264 -7.93 6.03 43.74
CA ALA C 264 -6.99 5.04 43.23
C ALA C 264 -6.65 5.33 41.78
N LEU C 265 -5.44 4.95 41.40
CA LEU C 265 -4.87 5.14 40.09
C LEU C 265 -4.56 3.76 39.53
N ILE C 266 -5.11 3.37 38.39
CA ILE C 266 -4.73 2.07 37.85
C ILE C 266 -4.02 2.20 36.50
N ILE C 267 -2.97 1.39 36.30
CA ILE C 267 -2.23 1.35 35.06
C ILE C 267 -2.45 -0.01 34.39
N TYR C 268 -2.85 0.03 33.11
CA TYR C 268 -3.01 -1.24 32.39
C TYR C 268 -1.89 -1.39 31.38
N ASP C 269 -0.84 -2.13 31.76
CA ASP C 269 0.34 -2.19 30.86
C ASP C 269 0.65 -3.58 30.35
N ASP C 270 0.18 -3.99 29.15
CA ASP C 270 -0.65 -3.09 28.32
C ASP C 270 -1.88 -3.76 27.72
N LEU C 271 -2.80 -2.97 27.19
CA LEU C 271 -4.04 -3.44 26.62
C LEU C 271 -3.85 -4.07 25.26
N SER C 272 -2.73 -3.84 24.59
CA SER C 272 -2.48 -4.52 23.31
C SER C 272 -2.31 -6.01 23.54
N LYS C 273 -1.56 -6.34 24.59
CA LYS C 273 -1.29 -7.73 24.90
C LYS C 273 -2.56 -8.35 25.46
N GLN C 274 -3.41 -7.56 26.11
CA GLN C 274 -4.66 -8.14 26.61
C GLN C 274 -5.60 -8.49 25.46
N ALA C 275 -5.68 -7.63 24.44
CA ALA C 275 -6.55 -7.92 23.30
C ALA C 275 -6.10 -9.20 22.59
N VAL C 276 -4.80 -9.39 22.45
CA VAL C 276 -4.18 -10.58 21.88
C VAL C 276 -4.55 -11.85 22.68
N ALA C 277 -4.49 -11.81 24.01
CA ALA C 277 -4.92 -12.96 24.81
C ALA C 277 -6.43 -13.20 24.64
N TYR C 278 -7.24 -12.16 24.51
CA TYR C 278 -8.69 -12.31 24.33
C TYR C 278 -8.96 -12.93 22.97
N ARG C 279 -8.23 -12.48 21.92
CA ARG C 279 -8.39 -13.11 20.62
C ARG C 279 -8.03 -14.59 20.66
N GLN C 280 -7.03 -15.03 21.39
CA GLN C 280 -6.71 -16.46 21.49
C GLN C 280 -7.84 -17.28 22.11
N MET C 281 -8.28 -16.87 23.29
CA MET C 281 -9.38 -17.52 24.00
C MET C 281 -10.61 -17.62 23.10
N SER C 282 -11.03 -16.49 22.50
CA SER C 282 -12.20 -16.49 21.63
C SER C 282 -12.05 -17.41 20.43
N LEU C 283 -10.91 -17.39 19.74
CA LEU C 283 -10.77 -18.27 18.56
C LEU C 283 -10.79 -19.74 19.02
N LEU C 284 -10.29 -20.00 20.20
CA LEU C 284 -10.20 -21.38 20.70
C LEU C 284 -11.58 -21.82 21.17
N LEU C 285 -12.43 -20.85 21.55
CA LEU C 285 -13.80 -21.21 21.89
C LEU C 285 -14.65 -21.38 20.63
N ARG C 286 -14.08 -21.16 19.48
CA ARG C 286 -14.66 -21.18 18.18
C ARG C 286 -15.64 -20.05 17.91
N ARG C 287 -15.54 -18.93 18.62
CA ARG C 287 -16.34 -17.74 18.19
C ARG C 287 -15.63 -17.22 16.95
N PRO C 288 -16.25 -17.02 15.82
CA PRO C 288 -15.64 -16.57 14.57
C PRO C 288 -15.05 -15.17 14.67
N PRO C 289 -13.84 -14.95 14.23
CA PRO C 289 -13.14 -13.68 14.30
C PRO C 289 -13.78 -12.60 13.41
N GLY C 290 -13.47 -11.34 13.72
CA GLY C 290 -13.93 -10.22 12.89
C GLY C 290 -12.66 -9.57 12.30
N ARG C 291 -12.63 -8.24 12.20
CA ARG C 291 -11.50 -7.52 11.69
C ARG C 291 -10.18 -7.88 12.35
N GLU C 292 -9.13 -7.96 11.56
CA GLU C 292 -7.79 -8.22 11.99
C GLU C 292 -7.70 -9.48 12.83
N ALA C 293 -8.73 -10.34 12.65
CA ALA C 293 -8.80 -11.62 13.32
C ALA C 293 -9.15 -11.47 14.80
N TYR C 294 -9.38 -10.21 15.21
CA TYR C 294 -9.85 -10.02 16.58
C TYR C 294 -11.33 -10.32 16.60
N PRO C 295 -11.84 -10.66 17.77
CA PRO C 295 -13.26 -10.95 17.96
C PRO C 295 -14.00 -9.69 17.58
N GLY C 296 -15.20 -9.74 17.04
CA GLY C 296 -15.88 -8.52 16.64
C GLY C 296 -16.17 -7.58 17.80
N ASP C 297 -16.04 -7.94 19.08
CA ASP C 297 -16.30 -6.96 20.14
C ASP C 297 -15.02 -6.54 20.89
N VAL C 298 -13.91 -6.38 20.15
CA VAL C 298 -12.67 -6.03 20.85
C VAL C 298 -12.81 -4.67 21.46
N PHE C 299 -13.64 -3.79 20.91
CA PHE C 299 -13.89 -2.47 21.49
C PHE C 299 -14.57 -2.61 22.86
N TYR C 300 -15.62 -3.45 22.92
CA TYR C 300 -16.34 -3.71 24.13
C TYR C 300 -15.49 -4.32 25.24
N LEU C 301 -14.53 -5.16 24.90
CA LEU C 301 -13.53 -5.65 25.87
C LEU C 301 -12.95 -4.50 26.69
N HIS C 302 -12.49 -3.45 26.02
CA HIS C 302 -11.85 -2.30 26.66
C HIS C 302 -12.85 -1.28 27.13
N SER C 303 -13.96 -1.02 26.44
CA SER C 303 -14.89 0.01 26.89
C SER C 303 -15.54 -0.37 28.23
N ARG C 304 -16.01 -1.59 28.41
CA ARG C 304 -16.59 -1.95 29.72
C ARG C 304 -15.55 -1.80 30.85
N LEU C 305 -14.29 -2.11 30.63
CA LEU C 305 -13.21 -1.99 31.58
C LEU C 305 -12.95 -0.51 31.96
N LEU C 306 -12.80 0.32 30.93
CA LEU C 306 -12.38 1.70 31.15
C LEU C 306 -13.49 2.55 31.68
N GLU C 307 -14.75 2.18 31.45
CA GLU C 307 -15.89 2.87 31.99
C GLU C 307 -15.92 2.84 33.51
N ARG C 308 -15.23 1.89 34.12
CA ARG C 308 -15.26 1.72 35.57
C ARG C 308 -14.36 2.73 36.25
N ALA C 309 -13.42 3.33 35.51
CA ALA C 309 -12.65 4.43 36.10
C ALA C 309 -13.65 5.58 36.11
N ALA C 310 -13.92 6.15 37.27
CA ALA C 310 -14.92 7.20 37.37
C ALA C 310 -14.68 8.08 38.62
N LYS C 311 -15.34 9.23 38.61
CA LYS C 311 -15.34 10.12 39.78
C LYS C 311 -16.73 10.03 40.41
N MET C 312 -16.81 9.70 41.70
CA MET C 312 -18.16 9.53 42.31
C MET C 312 -18.65 10.81 42.96
N ASN C 313 -19.97 11.06 43.02
CA ASN C 313 -20.42 12.19 43.82
C ASN C 313 -20.29 11.96 45.33
N ASP C 314 -20.58 13.00 46.12
CA ASP C 314 -20.52 12.97 47.58
C ASP C 314 -21.40 11.95 48.24
N ALA C 315 -22.62 11.81 47.74
CA ALA C 315 -23.56 10.81 48.22
C ALA C 315 -23.01 9.40 48.03
N PHE C 316 -22.07 9.23 47.07
CA PHE C 316 -21.48 7.88 46.94
C PHE C 316 -20.13 7.85 47.61
N GLY C 317 -19.83 8.93 48.36
CA GLY C 317 -18.60 8.95 49.14
C GLY C 317 -17.50 9.78 48.51
N GLY C 318 -17.70 10.32 47.32
CA GLY C 318 -16.70 11.18 46.70
C GLY C 318 -15.39 10.57 46.29
N GLY C 319 -15.16 9.26 46.37
CA GLY C 319 -13.94 8.63 45.91
C GLY C 319 -13.83 8.57 44.38
N SER C 320 -12.74 8.00 43.87
CA SER C 320 -12.53 7.89 42.43
C SER C 320 -11.51 6.81 42.08
N LEU C 321 -11.48 6.53 40.78
CA LEU C 321 -10.52 5.63 40.16
C LEU C 321 -10.12 6.28 38.82
N THR C 322 -8.84 6.50 38.66
CA THR C 322 -8.22 7.08 37.48
C THR C 322 -7.44 5.98 36.76
N ALA C 323 -7.64 5.89 35.45
CA ALA C 323 -6.98 4.86 34.64
C ALA C 323 -6.06 5.47 33.56
N LEU C 324 -4.91 4.82 33.42
CA LEU C 324 -3.93 5.00 32.40
C LEU C 324 -3.64 3.68 31.68
N PRO C 325 -4.47 3.31 30.74
CA PRO C 325 -4.24 2.18 29.86
C PRO C 325 -3.07 2.51 28.91
N VAL C 326 -2.38 1.50 28.47
CA VAL C 326 -1.24 1.58 27.58
C VAL C 326 -1.57 0.81 26.29
N ILE C 327 -1.26 1.43 25.14
CA ILE C 327 -1.43 0.69 23.85
C ILE C 327 -0.12 0.84 23.11
N GLU C 328 0.37 -0.19 22.50
CA GLU C 328 1.57 -0.20 21.71
C GLU C 328 1.24 -0.09 20.21
N THR C 329 1.68 0.99 19.55
CA THR C 329 1.40 1.08 18.09
C THR C 329 2.49 0.39 17.32
N GLN C 330 2.34 0.28 16.00
CA GLN C 330 3.37 -0.33 15.15
C GLN C 330 3.74 0.71 14.10
N ALA C 331 5.04 1.01 13.98
CA ALA C 331 5.50 1.98 13.02
C ALA C 331 4.76 3.28 13.17
N GLY C 332 4.38 3.67 14.38
CA GLY C 332 3.82 5.01 14.57
C GLY C 332 2.40 5.17 14.04
N ASP C 333 1.72 4.07 13.70
CA ASP C 333 0.38 4.22 13.13
C ASP C 333 -0.72 4.33 14.18
N VAL C 334 -0.96 5.55 14.61
CA VAL C 334 -1.88 5.91 15.64
C VAL C 334 -3.33 5.81 15.16
N SER C 335 -3.55 5.85 13.88
CA SER C 335 -4.91 5.80 13.34
C SER C 335 -5.32 4.40 12.90
N ALA C 336 -4.57 3.38 13.31
CA ALA C 336 -4.95 1.99 13.07
C ALA C 336 -6.16 1.63 13.94
N TYR C 337 -6.74 0.49 13.64
CA TYR C 337 -8.01 0.03 14.23
C TYR C 337 -8.00 -0.17 15.71
N ILE C 338 -7.08 -0.94 16.27
CA ILE C 338 -7.08 -1.13 17.72
C ILE C 338 -6.81 0.17 18.45
N PRO C 339 -5.74 0.87 18.12
CA PRO C 339 -5.42 2.17 18.69
C PRO C 339 -6.57 3.15 18.67
N THR C 340 -7.29 3.32 17.56
CA THR C 340 -8.42 4.28 17.56
C THR C 340 -9.57 3.78 18.43
N ASN C 341 -9.78 2.46 18.52
CA ASN C 341 -10.80 1.95 19.42
C ASN C 341 -10.56 2.47 20.85
N VAL C 342 -9.34 2.41 21.34
CA VAL C 342 -9.04 2.83 22.72
C VAL C 342 -9.10 4.33 22.89
N ILE C 343 -8.55 5.06 21.91
CA ILE C 343 -8.68 6.53 21.88
C ILE C 343 -10.18 6.88 21.97
N SER C 344 -11.01 6.07 21.28
CA SER C 344 -12.43 6.38 21.22
C SER C 344 -13.10 6.09 22.57
N ILE C 345 -12.36 5.57 23.49
CA ILE C 345 -12.91 5.25 24.81
C ILE C 345 -12.45 6.25 25.89
N THR C 346 -11.17 6.59 25.89
CA THR C 346 -10.60 7.37 26.97
C THR C 346 -10.92 8.85 26.90
N ASP C 347 -10.64 9.56 28.00
CA ASP C 347 -10.85 11.00 28.08
C ASP C 347 -9.56 11.71 27.65
N GLY C 348 -8.90 11.20 26.61
CA GLY C 348 -7.67 11.78 26.11
C GLY C 348 -6.58 10.73 25.89
N GLN C 349 -5.47 11.12 25.33
CA GLN C 349 -4.34 10.25 25.09
C GLN C 349 -3.07 11.09 25.03
N ILE C 350 -2.00 10.46 25.45
CA ILE C 350 -0.67 10.95 25.32
C ILE C 350 0.04 10.10 24.27
N PHE C 351 0.25 10.65 23.09
CA PHE C 351 0.93 9.95 22.01
C PHE C 351 2.43 10.25 21.93
N LEU C 352 3.27 9.19 22.09
CA LEU C 352 4.70 9.30 22.06
C LEU C 352 5.26 8.78 20.76
N GLU C 353 6.23 9.50 20.23
CA GLU C 353 6.76 9.23 18.88
C GLU C 353 8.26 9.02 18.92
N THR C 354 8.75 8.06 18.12
CA THR C 354 10.16 7.71 18.16
C THR C 354 11.11 8.79 17.67
N GLU C 355 10.76 9.49 16.61
CA GLU C 355 11.59 10.56 16.05
C GLU C 355 11.87 11.69 17.07
N LEU C 356 10.88 12.05 17.89
CA LEU C 356 11.06 13.05 18.93
C LEU C 356 11.94 12.48 20.03
N PHE C 357 11.75 11.20 20.38
CA PHE C 357 12.46 10.54 21.44
C PHE C 357 13.96 10.59 21.12
N TYR C 358 14.31 10.27 19.88
CA TYR C 358 15.75 10.29 19.54
C TYR C 358 16.30 11.67 19.34
N LYS C 359 15.43 12.63 19.03
CA LYS C 359 15.85 14.02 18.92
C LYS C 359 16.14 14.62 20.30
N GLY C 360 15.84 13.91 21.36
CA GLY C 360 16.05 14.42 22.72
C GLY C 360 14.74 15.01 23.27
N ILE C 361 13.65 14.93 22.51
CA ILE C 361 12.37 15.43 22.97
C ILE C 361 11.77 14.30 23.84
N ARG C 362 12.04 14.42 25.14
CA ARG C 362 11.59 13.46 26.13
C ARG C 362 11.13 14.17 27.40
N PRO C 363 9.93 13.88 27.85
CA PRO C 363 8.98 12.96 27.23
C PRO C 363 8.68 13.23 25.78
N ALA C 364 8.56 12.17 24.98
CA ALA C 364 8.40 12.34 23.54
C ALA C 364 7.01 12.64 23.06
N ILE C 365 6.34 13.63 23.64
CA ILE C 365 4.98 13.95 23.36
C ILE C 365 4.68 14.71 22.08
N ASN C 366 3.91 14.05 21.18
CA ASN C 366 3.39 14.76 20.00
C ASN C 366 2.22 15.60 20.48
N VAL C 367 2.44 16.91 20.54
CA VAL C 367 1.45 17.83 21.05
C VAL C 367 0.15 17.82 20.25
N GLY C 368 0.24 17.93 18.94
CA GLY C 368 -1.02 18.08 18.18
C GLY C 368 -1.89 16.83 18.22
N LEU C 369 -1.30 15.66 18.35
CA LEU C 369 -2.01 14.40 18.35
C LEU C 369 -2.40 13.96 19.76
N SER C 370 -1.92 14.62 20.79
CA SER C 370 -2.29 14.30 22.17
C SER C 370 -3.41 15.23 22.59
N VAL C 371 -4.33 14.76 23.41
CA VAL C 371 -5.38 15.66 23.93
C VAL C 371 -5.78 15.18 25.34
N SER C 372 -6.42 16.01 26.10
CA SER C 372 -7.07 15.76 27.36
C SER C 372 -8.52 16.22 27.11
N ARG C 373 -9.46 15.38 27.48
CA ARG C 373 -10.87 15.71 27.28
C ARG C 373 -11.49 16.33 28.53
N VAL C 374 -10.70 16.61 29.55
CA VAL C 374 -11.17 17.33 30.74
C VAL C 374 -10.62 18.74 30.71
N GLY C 375 -9.40 18.90 30.17
CA GLY C 375 -8.80 20.22 30.03
C GLY C 375 -8.50 20.93 31.35
N SER C 376 -8.62 22.26 31.34
CA SER C 376 -8.24 23.06 32.52
C SER C 376 -9.10 22.82 33.75
N ALA C 377 -10.21 22.12 33.60
CA ALA C 377 -11.01 21.75 34.76
C ALA C 377 -10.21 20.83 35.68
N ALA C 378 -9.17 20.18 35.19
CA ALA C 378 -8.35 19.30 36.02
C ALA C 378 -7.03 19.95 36.45
N GLN C 379 -6.85 21.24 36.29
CA GLN C 379 -5.57 21.90 36.64
C GLN C 379 -5.78 22.92 37.76
N THR C 380 -4.79 23.21 38.59
CA THR C 380 -5.03 24.31 39.59
C THR C 380 -5.13 25.63 38.83
N ARG C 381 -5.66 26.71 39.40
CA ARG C 381 -5.65 27.99 38.67
C ARG C 381 -4.26 28.45 38.24
N ALA C 382 -3.28 28.17 39.09
CA ALA C 382 -1.92 28.56 38.83
C ALA C 382 -1.41 27.88 37.56
N MET C 383 -1.71 26.60 37.37
CA MET C 383 -1.24 25.93 36.15
C MET C 383 -1.94 26.52 34.93
N LYS C 384 -3.23 26.77 35.03
CA LYS C 384 -4.00 27.41 33.97
C LYS C 384 -3.51 28.82 33.64
N GLN C 385 -3.15 29.60 34.67
CA GLN C 385 -2.68 30.96 34.41
C GLN C 385 -1.45 30.84 33.54
N VAL C 386 -0.57 29.84 33.72
CA VAL C 386 0.58 29.81 32.83
C VAL C 386 0.39 28.87 31.60
N ALA C 387 -0.45 27.87 31.64
CA ALA C 387 -0.54 26.93 30.50
C ALA C 387 -1.74 27.11 29.60
N GLY C 388 -2.64 27.99 29.94
CA GLY C 388 -3.88 28.25 29.29
C GLY C 388 -4.07 28.07 27.81
N THR C 389 -3.27 28.76 27.01
CA THR C 389 -3.33 28.68 25.57
C THR C 389 -2.09 28.03 24.99
N MET C 390 -1.26 27.37 25.82
CA MET C 390 0.01 26.84 25.28
C MET C 390 -0.21 25.68 24.32
N LYS C 391 -1.20 24.83 24.52
CA LYS C 391 -1.30 23.64 23.62
C LYS C 391 -1.53 23.99 22.17
N LEU C 392 -2.56 24.79 21.89
CA LEU C 392 -2.82 25.24 20.50
C LEU C 392 -1.62 25.99 19.93
N GLU C 393 -1.03 26.84 20.78
CA GLU C 393 0.15 27.62 20.37
C GLU C 393 1.26 26.69 19.90
N LEU C 394 1.61 25.68 20.67
CA LEU C 394 2.60 24.70 20.24
C LEU C 394 2.25 23.93 18.99
N ALA C 395 0.97 23.62 18.75
CA ALA C 395 0.57 22.91 17.53
C ALA C 395 0.71 23.84 16.34
N GLN C 396 0.32 25.13 16.50
CA GLN C 396 0.55 26.09 15.45
C GLN C 396 2.03 26.34 15.19
N TYR C 397 2.83 26.35 16.26
CA TYR C 397 4.27 26.51 16.11
C TYR C 397 4.85 25.38 15.28
N ARG C 398 4.57 24.12 15.64
CA ARG C 398 5.06 23.02 14.82
C ARG C 398 4.66 23.17 13.36
N GLU C 399 3.42 23.46 13.02
CA GLU C 399 3.05 23.61 11.60
C GLU C 399 3.92 24.67 10.91
N VAL C 400 4.03 25.84 11.52
CA VAL C 400 4.76 26.98 11.00
C VAL C 400 6.26 26.72 10.94
N ALA C 401 6.83 25.97 11.87
CA ALA C 401 8.25 25.63 11.77
C ALA C 401 8.52 24.78 10.53
N ALA C 402 7.63 23.85 10.23
CA ALA C 402 7.85 22.98 9.06
C ALA C 402 7.64 23.77 7.79
N PHE C 403 6.61 24.60 7.72
CA PHE C 403 6.35 25.39 6.52
C PHE C 403 7.49 26.38 6.26
N ALA C 404 7.81 27.23 7.23
CA ALA C 404 8.88 28.22 7.05
C ALA C 404 10.14 27.55 6.47
N ASP C 409 12.11 35.67 4.23
CA ASP C 409 11.80 36.99 4.80
C ASP C 409 10.68 36.92 5.83
N LEU C 410 10.58 35.83 6.58
CA LEU C 410 9.56 35.66 7.60
C LEU C 410 9.18 36.97 8.30
N ASP C 411 7.88 37.21 8.43
CA ASP C 411 7.38 38.41 9.08
C ASP C 411 7.69 38.40 10.58
N ALA C 412 7.45 39.51 11.28
CA ALA C 412 7.79 39.57 12.70
C ALA C 412 6.94 38.62 13.55
N ALA C 413 5.65 38.49 13.28
CA ALA C 413 4.83 37.56 14.09
C ALA C 413 5.28 36.11 13.95
N THR C 414 5.66 35.68 12.76
CA THR C 414 6.13 34.33 12.50
C THR C 414 7.43 34.04 13.23
N GLN C 415 8.32 35.05 13.19
CA GLN C 415 9.58 34.97 13.89
C GLN C 415 9.36 34.82 15.39
N GLN C 416 8.47 35.62 15.98
CA GLN C 416 8.25 35.54 17.42
C GLN C 416 7.60 34.20 17.77
N LEU C 417 6.71 33.71 16.88
CA LEU C 417 6.09 32.41 17.13
C LEU C 417 7.14 31.34 17.11
N LEU C 418 8.12 31.47 16.21
CA LEU C 418 9.19 30.46 16.18
C LEU C 418 10.10 30.52 17.40
N SER C 419 10.44 31.74 17.84
CA SER C 419 11.36 31.92 18.95
C SER C 419 10.76 31.38 20.25
N ARG C 420 9.44 31.60 20.41
CA ARG C 420 8.79 31.11 21.63
C ARG C 420 8.67 29.58 21.67
N GLY C 421 8.18 28.98 20.59
CA GLY C 421 7.89 27.53 20.55
C GLY C 421 9.15 26.71 20.70
N VAL C 422 10.23 27.23 20.10
CA VAL C 422 11.51 26.52 20.21
C VAL C 422 11.97 26.48 21.66
N ARG C 423 11.63 27.50 22.44
CA ARG C 423 12.03 27.61 23.82
C ARG C 423 11.11 26.87 24.78
N LEU C 424 9.83 26.84 24.46
CA LEU C 424 8.89 26.12 25.35
C LEU C 424 9.14 24.62 25.17
N THR C 425 9.57 24.30 23.93
CA THR C 425 9.90 22.90 23.66
C THR C 425 11.01 22.48 24.60
N GLU C 426 12.08 23.32 24.74
CA GLU C 426 13.11 22.89 25.69
C GLU C 426 12.61 22.77 27.11
N LEU C 427 11.78 23.76 27.51
CA LEU C 427 11.26 23.77 28.87
C LEU C 427 10.41 22.54 29.18
N LEU C 428 9.81 21.87 28.19
CA LEU C 428 8.94 20.74 28.55
C LEU C 428 9.71 19.43 28.51
N LYS C 429 10.99 19.47 28.16
CA LYS C 429 11.84 18.28 28.33
C LYS C 429 11.96 17.98 29.82
N GLN C 430 12.10 16.71 30.18
CA GLN C 430 12.23 16.32 31.58
C GLN C 430 12.87 14.95 31.68
N GLY C 431 13.77 14.78 32.65
CA GLY C 431 14.41 13.47 32.84
C GLY C 431 13.46 12.56 33.61
N GLN C 432 13.85 11.30 33.81
CA GLN C 432 13.01 10.36 34.54
C GLN C 432 13.21 10.38 36.06
N TYR C 433 12.21 9.95 36.78
CA TYR C 433 12.34 9.64 38.20
C TYR C 433 12.46 10.88 39.09
N SER C 434 12.06 12.04 38.62
CA SER C 434 12.05 13.21 39.50
C SER C 434 10.84 14.06 39.18
N PRO C 435 9.67 13.47 39.36
CA PRO C 435 8.42 14.12 39.06
C PRO C 435 8.37 15.39 39.93
N MET C 436 7.88 16.50 39.41
CA MET C 436 7.90 17.77 40.10
C MET C 436 6.61 18.16 40.78
N ALA C 437 6.72 18.87 41.90
CA ALA C 437 5.58 19.45 42.59
C ALA C 437 4.98 20.51 41.65
N ILE C 438 3.67 20.71 41.70
CA ILE C 438 2.98 21.60 40.82
C ILE C 438 3.48 23.04 40.86
N GLU C 439 3.80 23.56 42.07
CA GLU C 439 4.18 24.96 42.19
C GLU C 439 5.52 25.18 41.47
N GLU C 440 6.34 24.12 41.44
CA GLU C 440 7.61 24.17 40.77
C GLU C 440 7.46 24.13 39.26
N GLN C 441 6.47 23.35 38.80
CA GLN C 441 6.23 23.32 37.35
C GLN C 441 5.75 24.70 36.94
N VAL C 442 4.83 25.27 37.75
CA VAL C 442 4.35 26.63 37.43
C VAL C 442 5.49 27.63 37.29
N ALA C 443 6.43 27.65 38.21
CA ALA C 443 7.51 28.64 38.21
C ALA C 443 8.42 28.53 36.98
N VAL C 444 8.65 27.32 36.52
CA VAL C 444 9.46 27.06 35.34
C VAL C 444 8.75 27.50 34.07
N ILE C 445 7.50 27.12 33.91
CA ILE C 445 6.72 27.47 32.73
C ILE C 445 6.49 28.98 32.64
N TYR C 446 6.28 29.62 33.79
CA TYR C 446 6.11 31.09 33.88
C TYR C 446 7.24 31.77 33.14
N ALA C 447 8.45 31.32 33.47
CA ALA C 447 9.68 31.86 32.89
C ALA C 447 9.61 31.90 31.38
N GLY C 448 9.14 30.81 30.75
CA GLY C 448 9.02 30.78 29.31
C GLY C 448 7.79 31.46 28.76
N VAL C 449 6.60 31.25 29.37
CA VAL C 449 5.41 31.87 28.74
C VAL C 449 5.31 33.35 29.01
N ARG C 450 6.10 33.94 29.90
CA ARG C 450 5.94 35.43 30.05
C ARG C 450 7.02 36.10 29.20
N GLY C 451 7.75 35.31 28.38
CA GLY C 451 8.71 35.93 27.49
C GLY C 451 10.10 36.17 28.04
N TYR C 452 10.36 35.83 29.29
CA TYR C 452 11.66 36.09 29.89
C TYR C 452 12.81 35.32 29.32
N LEU C 453 12.60 34.20 28.62
CA LEU C 453 13.73 33.48 28.02
C LEU C 453 13.86 33.67 26.52
N ASP C 454 13.16 34.61 25.90
CA ASP C 454 13.14 34.67 24.44
C ASP C 454 14.50 35.03 23.83
N LYS C 455 15.39 35.62 24.59
CA LYS C 455 16.70 35.98 24.03
C LYS C 455 17.76 35.02 24.51
N LEU C 456 17.41 34.11 25.41
CA LEU C 456 18.37 33.10 25.84
C LEU C 456 18.61 32.05 24.78
N GLU C 457 19.85 31.63 24.59
CA GLU C 457 20.16 30.58 23.58
C GLU C 457 19.45 29.28 23.93
N PRO C 458 18.76 28.66 23.00
CA PRO C 458 17.92 27.50 23.22
C PRO C 458 18.62 26.34 23.86
N SER C 459 19.85 26.04 23.52
CA SER C 459 20.66 25.00 24.12
C SER C 459 21.00 25.26 25.58
N LYS C 460 20.80 26.51 26.04
CA LYS C 460 21.05 26.72 27.48
C LYS C 460 19.78 26.58 28.30
N ILE C 461 18.60 26.41 27.71
CA ILE C 461 17.36 26.38 28.49
C ILE C 461 17.36 25.35 29.60
N THR C 462 17.64 24.09 29.28
CA THR C 462 17.64 23.05 30.30
C THR C 462 18.55 23.33 31.48
N LYS C 463 19.73 23.86 31.28
CA LYS C 463 20.64 24.23 32.36
C LYS C 463 20.13 25.42 33.14
N PHE C 464 19.56 26.42 32.49
CA PHE C 464 18.92 27.52 33.23
C PHE C 464 17.85 26.98 34.20
N GLU C 465 16.97 26.14 33.63
CA GLU C 465 15.83 25.61 34.39
C GLU C 465 16.29 24.87 35.63
N ASN C 466 17.30 24.04 35.48
CA ASN C 466 17.82 23.29 36.62
C ASN C 466 18.43 24.23 37.66
N ALA C 467 19.14 25.26 37.21
CA ALA C 467 19.74 26.21 38.18
C ALA C 467 18.67 27.07 38.82
N PHE C 468 17.72 27.53 38.00
CA PHE C 468 16.64 28.39 38.50
C PHE C 468 15.78 27.67 39.54
N LEU C 469 15.48 26.40 39.21
CA LEU C 469 14.63 25.70 40.19
C LEU C 469 15.39 25.53 41.49
N SER C 470 16.64 25.12 41.51
CA SER C 470 17.37 24.99 42.77
C SER C 470 17.34 26.26 43.62
N HIS C 471 17.45 27.39 42.94
CA HIS C 471 17.49 28.71 43.54
C HIS C 471 16.19 29.10 44.20
N VAL C 472 15.06 28.88 43.48
CA VAL C 472 13.76 29.19 44.04
C VAL C 472 13.45 28.26 45.22
N ILE C 473 13.74 26.98 45.08
CA ILE C 473 13.51 26.02 46.17
C ILE C 473 14.33 26.39 47.40
N SER C 474 15.56 26.86 47.17
CA SER C 474 16.48 27.16 48.24
C SER C 474 16.23 28.48 48.95
N GLN C 475 15.90 29.55 48.23
CA GLN C 475 15.78 30.87 48.79
C GLN C 475 14.38 31.45 48.76
N HIS C 476 13.46 30.88 47.97
CA HIS C 476 12.12 31.47 47.95
C HIS C 476 11.04 30.44 48.28
N GLN C 477 11.27 29.62 49.30
CA GLN C 477 10.29 28.63 49.70
C GLN C 477 8.90 29.24 49.93
N ALA C 478 8.93 30.41 50.57
CA ALA C 478 7.69 31.10 50.91
C ALA C 478 6.84 31.35 49.67
N LEU C 479 7.45 31.87 48.63
CA LEU C 479 6.80 32.17 47.35
C LEU C 479 6.18 30.89 46.77
N LEU C 480 6.98 29.82 46.77
CA LEU C 480 6.53 28.53 46.25
C LEU C 480 5.39 27.98 47.12
N GLY C 481 5.46 28.26 48.45
CA GLY C 481 4.43 27.74 49.35
C GLY C 481 3.11 28.46 49.11
N LYS C 482 3.25 29.74 48.79
CA LYS C 482 2.11 30.60 48.55
C LYS C 482 1.40 30.17 47.26
N ILE C 483 2.20 29.89 46.21
CA ILE C 483 1.58 29.42 44.96
C ILE C 483 0.90 28.06 45.23
N ARG C 484 1.58 27.18 45.96
CA ARG C 484 1.00 25.90 46.30
C ARG C 484 -0.26 26.05 47.14
N THR C 485 -0.19 26.83 48.21
CA THR C 485 -1.33 26.99 49.12
C THR C 485 -2.45 27.82 48.55
N ASP C 486 -2.22 28.90 47.84
CA ASP C 486 -3.28 29.72 47.27
C ASP C 486 -3.80 28.94 46.03
N GLY C 487 -2.99 27.97 45.60
CA GLY C 487 -3.36 27.22 44.39
C GLY C 487 -3.41 28.19 43.20
N LYS C 488 -2.77 29.36 43.33
CA LYS C 488 -2.86 30.41 42.30
C LYS C 488 -1.64 31.32 42.28
N ILE C 489 -1.48 32.15 41.25
CA ILE C 489 -0.37 33.11 41.27
C ILE C 489 -0.97 34.47 41.60
N SER C 490 -0.87 34.93 42.87
CA SER C 490 -1.44 36.25 43.17
C SER C 490 -0.65 37.37 42.49
N GLU C 491 -1.26 38.54 42.44
CA GLU C 491 -0.63 39.74 41.90
C GLU C 491 0.76 39.90 42.49
N GLU C 492 0.87 39.72 43.78
CA GLU C 492 2.09 39.81 44.58
C GLU C 492 3.07 38.70 44.27
N SER C 493 2.58 37.44 44.18
CA SER C 493 3.49 36.35 43.79
C SER C 493 4.04 36.65 42.40
N ASP C 494 3.23 37.26 41.55
CA ASP C 494 3.68 37.57 40.18
C ASP C 494 4.75 38.66 40.15
N ALA C 495 4.57 39.77 40.88
CA ALA C 495 5.64 40.77 40.98
C ALA C 495 6.88 40.10 41.56
N LYS C 496 6.66 39.20 42.53
CA LYS C 496 7.85 38.56 43.15
C LYS C 496 8.61 37.70 42.17
N LEU C 497 7.88 36.91 41.36
CA LEU C 497 8.57 36.00 40.42
C LEU C 497 9.35 36.75 39.35
N LYS C 498 8.71 37.76 38.79
CA LYS C 498 9.31 38.58 37.77
C LYS C 498 10.71 39.08 38.13
N GLU C 499 10.91 39.68 39.30
CA GLU C 499 12.28 40.15 39.66
C GLU C 499 13.19 38.97 39.90
N ILE C 500 12.61 37.89 40.46
CA ILE C 500 13.48 36.72 40.62
C ILE C 500 14.02 36.27 39.26
N VAL C 501 13.12 36.12 38.27
CA VAL C 501 13.53 35.60 36.98
C VAL C 501 14.51 36.52 36.24
N THR C 502 14.18 37.79 36.10
CA THR C 502 15.01 38.70 35.35
C THR C 502 16.40 38.89 35.96
N ASN C 503 16.44 38.99 37.29
CA ASN C 503 17.74 39.19 37.94
C ASN C 503 18.56 37.90 37.87
N PHE C 504 17.90 36.76 38.05
CA PHE C 504 18.63 35.50 38.00
C PHE C 504 19.16 35.22 36.61
N LEU C 505 18.37 35.58 35.61
CA LEU C 505 18.66 35.35 34.22
C LEU C 505 19.86 36.19 33.78
N ALA C 506 19.93 37.40 34.28
CA ALA C 506 21.07 38.28 33.91
C ALA C 506 22.35 37.69 34.52
N GLY C 507 22.25 37.21 35.76
CA GLY C 507 23.39 36.55 36.38
C GLY C 507 23.87 35.35 35.55
N PHE C 508 22.93 34.44 35.26
CA PHE C 508 23.17 33.20 34.56
C PHE C 508 23.80 33.49 33.18
N GLU C 509 23.35 34.58 32.57
CA GLU C 509 23.87 34.97 31.26
C GLU C 509 25.24 35.60 31.37
N ALA C 510 25.63 36.07 32.58
CA ALA C 510 26.95 36.70 32.71
C ALA C 510 28.02 35.76 32.14
N THR D 13 -46.98 -17.16 27.22
CA THR D 13 -46.28 -18.47 26.97
C THR D 13 -44.88 -18.41 27.55
N THR D 14 -44.37 -19.53 28.05
CA THR D 14 -43.12 -19.67 28.76
C THR D 14 -42.12 -20.61 28.11
N GLY D 15 -40.87 -20.12 28.03
CA GLY D 15 -39.84 -20.94 27.39
C GLY D 15 -38.70 -21.20 28.36
N ARG D 16 -37.72 -21.94 27.89
CA ARG D 16 -36.58 -22.31 28.71
C ARG D 16 -35.28 -21.98 27.95
N ILE D 17 -34.32 -21.38 28.64
CA ILE D 17 -33.04 -21.09 27.98
C ILE D 17 -32.37 -22.41 27.65
N VAL D 18 -31.95 -22.61 26.39
CA VAL D 18 -31.20 -23.80 26.06
C VAL D 18 -29.73 -23.50 25.76
N ALA D 19 -29.38 -22.23 25.52
CA ALA D 19 -27.98 -21.87 25.26
C ALA D 19 -27.66 -20.44 25.65
N VAL D 20 -26.42 -20.18 26.13
CA VAL D 20 -26.02 -18.78 26.42
C VAL D 20 -24.61 -18.59 25.88
N ILE D 21 -24.37 -17.70 24.90
CA ILE D 21 -22.99 -17.42 24.46
C ILE D 21 -22.86 -15.90 24.32
N GLY D 22 -22.29 -15.31 25.35
CA GLY D 22 -22.21 -13.85 25.43
C GLY D 22 -23.63 -13.29 25.51
N ALA D 23 -23.93 -12.34 24.63
CA ALA D 23 -25.18 -11.65 24.55
C ALA D 23 -26.34 -12.38 23.87
N VAL D 24 -26.06 -13.47 23.18
CA VAL D 24 -27.02 -14.23 22.41
C VAL D 24 -27.53 -15.43 23.23
N VAL D 25 -28.83 -15.51 23.42
CA VAL D 25 -29.46 -16.56 24.22
C VAL D 25 -30.49 -17.33 23.40
N ASP D 26 -30.35 -18.65 23.33
CA ASP D 26 -31.35 -19.47 22.60
C ASP D 26 -32.41 -19.93 23.61
N VAL D 27 -33.68 -19.81 23.26
CA VAL D 27 -34.78 -20.17 24.14
C VAL D 27 -35.76 -21.14 23.47
N GLN D 28 -36.13 -22.22 24.17
CA GLN D 28 -37.07 -23.19 23.60
C GLN D 28 -38.48 -23.06 24.20
N PHE D 29 -39.46 -23.03 23.33
CA PHE D 29 -40.86 -22.92 23.66
C PHE D 29 -41.62 -24.19 23.21
N ASP D 30 -42.28 -24.83 24.14
CA ASP D 30 -43.05 -26.05 23.83
C ASP D 30 -44.37 -25.77 23.13
N GLU D 31 -44.98 -24.62 23.34
CA GLU D 31 -46.24 -24.27 22.73
C GLU D 31 -46.32 -22.81 22.35
N GLY D 32 -46.35 -22.51 21.06
CA GLY D 32 -46.46 -21.09 20.69
C GLY D 32 -45.13 -20.34 20.75
N LEU D 33 -44.54 -20.14 19.57
CA LEU D 33 -43.29 -19.40 19.50
C LEU D 33 -43.56 -17.90 19.44
N PRO D 34 -42.78 -17.14 20.15
CA PRO D 34 -42.84 -15.67 20.08
C PRO D 34 -42.35 -15.24 18.70
N PRO D 35 -43.02 -14.32 18.05
CA PRO D 35 -42.59 -13.74 16.81
C PRO D 35 -41.28 -12.94 16.95
N ILE D 36 -40.56 -12.82 15.83
CA ILE D 36 -39.33 -12.00 15.73
C ILE D 36 -39.65 -10.56 16.14
N LEU D 37 -38.81 -9.98 16.97
CA LEU D 37 -38.90 -8.68 17.55
C LEU D 37 -39.56 -8.62 18.92
N ASN D 38 -40.27 -9.66 19.32
CA ASN D 38 -40.94 -9.65 20.62
C ASN D 38 -39.92 -9.59 21.76
N ALA D 39 -40.30 -8.90 22.84
CA ALA D 39 -39.48 -8.88 24.03
C ALA D 39 -39.87 -10.02 24.98
N LEU D 40 -38.94 -10.82 25.42
CA LEU D 40 -39.13 -11.92 26.36
C LEU D 40 -38.59 -11.48 27.73
N GLU D 41 -39.20 -11.94 28.83
CA GLU D 41 -38.76 -11.47 30.15
C GLU D 41 -38.12 -12.65 30.88
N VAL D 42 -36.87 -12.49 31.28
CA VAL D 42 -36.16 -13.59 31.93
C VAL D 42 -36.63 -13.68 33.40
N GLN D 43 -37.02 -14.90 33.80
CA GLN D 43 -37.51 -15.04 35.20
C GLN D 43 -36.34 -15.29 36.13
N GLY D 44 -36.49 -15.01 37.42
CA GLY D 44 -35.46 -15.24 38.41
C GLY D 44 -34.28 -14.29 38.38
N ARG D 45 -34.46 -13.01 38.09
CA ARG D 45 -33.40 -12.00 38.08
C ARG D 45 -33.78 -10.84 39.01
N GLU D 46 -32.80 -10.22 39.65
CA GLU D 46 -33.08 -9.07 40.48
C GLU D 46 -33.53 -7.85 39.68
N THR D 47 -33.04 -7.65 38.45
CA THR D 47 -33.46 -6.48 37.65
C THR D 47 -33.94 -6.95 36.28
N ARG D 48 -34.93 -6.33 35.71
CA ARG D 48 -35.53 -6.73 34.46
C ARG D 48 -34.46 -7.01 33.40
N LEU D 49 -34.50 -8.24 32.89
CA LEU D 49 -33.64 -8.62 31.77
C LEU D 49 -34.52 -8.99 30.58
N VAL D 50 -34.47 -8.21 29.51
CA VAL D 50 -35.24 -8.43 28.29
C VAL D 50 -34.39 -9.14 27.23
N LEU D 51 -34.99 -10.06 26.53
CA LEU D 51 -34.41 -10.77 25.41
C LEU D 51 -35.26 -10.46 24.16
N GLU D 52 -34.58 -9.95 23.11
CA GLU D 52 -35.33 -9.62 21.92
C GLU D 52 -35.22 -10.74 20.90
N VAL D 53 -36.36 -11.26 20.43
CA VAL D 53 -36.30 -12.36 19.45
C VAL D 53 -35.68 -11.89 18.14
N ALA D 54 -34.71 -12.60 17.60
CA ALA D 54 -34.01 -12.24 16.40
C ALA D 54 -34.24 -13.24 15.27
N GLN D 55 -34.47 -14.51 15.61
CA GLN D 55 -34.68 -15.53 14.60
C GLN D 55 -35.46 -16.73 15.18
N HIS D 56 -36.08 -17.47 14.26
CA HIS D 56 -36.67 -18.77 14.61
C HIS D 56 -35.67 -19.77 14.03
N LEU D 57 -34.99 -20.56 14.86
CA LEU D 57 -33.97 -21.48 14.37
C LEU D 57 -34.53 -22.81 13.86
N GLY D 58 -35.78 -23.10 14.16
CA GLY D 58 -36.33 -24.44 13.89
C GLY D 58 -36.46 -25.17 15.23
N GLU D 59 -37.02 -26.38 15.20
CA GLU D 59 -37.17 -27.17 16.42
C GLU D 59 -37.64 -26.36 17.61
N SER D 60 -38.71 -25.58 17.41
CA SER D 60 -39.29 -24.72 18.41
C SER D 60 -38.29 -23.90 19.24
N THR D 61 -37.15 -23.52 18.66
CA THR D 61 -36.19 -22.67 19.36
C THR D 61 -36.02 -21.33 18.66
N VAL D 62 -35.95 -20.27 19.47
CA VAL D 62 -35.74 -18.92 18.94
C VAL D 62 -34.36 -18.43 19.38
N ARG D 63 -33.69 -17.62 18.56
CA ARG D 63 -32.41 -17.02 18.99
C ARG D 63 -32.68 -15.56 19.38
N THR D 64 -32.11 -15.07 20.47
CA THR D 64 -32.41 -13.72 20.90
C THR D 64 -31.14 -12.93 21.25
N ILE D 65 -31.30 -11.60 21.37
CA ILE D 65 -30.27 -10.72 21.82
C ILE D 65 -30.72 -10.13 23.16
N ALA D 66 -29.77 -10.17 24.12
CA ALA D 66 -30.03 -9.70 25.47
C ALA D 66 -29.86 -8.19 25.58
N MET D 67 -30.70 -7.56 26.39
CA MET D 67 -30.66 -6.12 26.57
C MET D 67 -29.82 -5.72 27.78
N ASP D 68 -29.26 -6.74 28.45
CA ASP D 68 -28.42 -6.47 29.63
C ASP D 68 -27.50 -7.65 29.87
N GLY D 69 -26.64 -7.67 30.89
CA GLY D 69 -25.67 -8.75 31.04
C GLY D 69 -26.30 -10.14 31.10
N THR D 70 -25.62 -11.16 30.60
CA THR D 70 -26.12 -12.52 30.66
C THR D 70 -25.48 -13.34 31.76
N GLU D 71 -24.61 -12.73 32.55
CA GLU D 71 -23.98 -13.44 33.65
C GLU D 71 -25.06 -13.91 34.65
N GLY D 72 -24.92 -15.14 35.10
CA GLY D 72 -25.75 -15.78 36.08
C GLY D 72 -26.94 -16.50 35.46
N LEU D 73 -27.06 -16.48 34.13
CA LEU D 73 -28.19 -17.17 33.50
C LEU D 73 -27.87 -18.68 33.52
N VAL D 74 -28.90 -19.52 33.53
CA VAL D 74 -28.69 -20.97 33.61
C VAL D 74 -29.48 -21.69 32.57
N ARG D 75 -29.01 -22.81 32.04
CA ARG D 75 -29.80 -23.56 31.04
C ARG D 75 -31.02 -24.20 31.73
N GLY D 76 -32.23 -23.87 31.31
CA GLY D 76 -33.43 -24.40 31.98
C GLY D 76 -34.15 -23.24 32.66
N GLN D 77 -33.45 -22.10 32.79
CA GLN D 77 -34.11 -20.93 33.40
C GLN D 77 -35.29 -20.52 32.52
N LYS D 78 -36.41 -20.16 33.17
CA LYS D 78 -37.59 -19.79 32.40
C LYS D 78 -37.63 -18.36 31.86
N VAL D 79 -38.29 -18.25 30.72
CA VAL D 79 -38.50 -16.99 30.03
C VAL D 79 -39.96 -16.83 29.61
N LEU D 80 -40.56 -15.69 29.85
CA LEU D 80 -41.91 -15.34 29.51
C LEU D 80 -41.98 -14.42 28.28
N ASP D 81 -42.84 -14.73 27.34
CA ASP D 81 -43.10 -13.91 26.18
C ASP D 81 -44.04 -12.77 26.57
N SER D 82 -43.64 -11.52 26.41
CA SER D 82 -44.52 -10.42 26.80
C SER D 82 -45.64 -10.19 25.81
N GLY D 83 -45.57 -10.73 24.60
CA GLY D 83 -46.58 -10.57 23.61
C GLY D 83 -46.44 -9.35 22.75
N ALA D 84 -45.31 -8.67 22.77
CA ALA D 84 -45.08 -7.48 21.94
C ALA D 84 -43.56 -7.19 21.91
N PRO D 85 -43.14 -6.31 21.05
CA PRO D 85 -41.78 -5.79 21.02
C PRO D 85 -41.58 -4.94 22.27
N ILE D 86 -40.34 -4.52 22.54
CA ILE D 86 -40.06 -3.62 23.66
C ILE D 86 -40.92 -2.36 23.55
N ARG D 87 -41.66 -1.97 24.56
CA ARG D 87 -42.50 -0.79 24.54
C ARG D 87 -42.03 0.15 25.65
N ILE D 88 -41.97 1.44 25.40
CA ILE D 88 -41.42 2.40 26.33
C ILE D 88 -42.42 3.56 26.48
N PRO D 89 -42.29 4.34 27.52
CA PRO D 89 -43.08 5.53 27.78
C PRO D 89 -42.80 6.58 26.72
N VAL D 90 -43.84 7.20 26.15
CA VAL D 90 -43.66 8.34 25.25
C VAL D 90 -44.61 9.44 25.74
N GLY D 91 -44.36 10.71 25.41
CA GLY D 91 -45.24 11.78 25.87
C GLY D 91 -44.46 12.78 26.71
N PRO D 92 -45.15 13.82 27.16
CA PRO D 92 -44.61 14.92 27.93
C PRO D 92 -43.95 14.49 29.23
N GLU D 93 -44.40 13.37 29.81
CA GLU D 93 -43.81 12.95 31.08
C GLU D 93 -42.39 12.45 30.89
N THR D 94 -41.92 12.29 29.65
CA THR D 94 -40.52 11.88 29.44
C THR D 94 -39.62 13.11 29.47
N LEU D 95 -40.19 14.31 29.51
CA LEU D 95 -39.33 15.51 29.51
C LEU D 95 -38.70 15.75 30.87
N GLY D 96 -37.38 16.05 30.85
CA GLY D 96 -36.64 16.26 32.06
C GLY D 96 -36.16 14.94 32.68
N ARG D 97 -36.58 13.81 32.10
CA ARG D 97 -36.19 12.50 32.62
C ARG D 97 -35.08 11.82 31.80
N ILE D 98 -34.46 10.78 32.35
CA ILE D 98 -33.50 9.92 31.71
C ILE D 98 -34.03 8.47 31.76
N MET D 99 -34.18 7.85 30.63
CA MET D 99 -34.64 6.49 30.40
C MET D 99 -33.48 5.63 29.84
N ASN D 100 -33.51 4.33 30.03
CA ASN D 100 -32.56 3.44 29.39
C ASN D 100 -33.21 2.81 28.15
N VAL D 101 -32.53 1.86 27.53
CA VAL D 101 -33.03 1.22 26.31
C VAL D 101 -34.41 0.65 26.47
N ILE D 102 -34.77 0.09 27.66
CA ILE D 102 -36.12 -0.52 27.70
C ILE D 102 -37.11 0.42 28.37
N GLY D 103 -36.85 1.74 28.42
CA GLY D 103 -37.76 2.72 28.93
C GLY D 103 -37.86 2.86 30.43
N GLU D 104 -36.97 2.25 31.20
CA GLU D 104 -36.98 2.44 32.65
C GLU D 104 -36.25 3.75 32.98
N PRO D 105 -36.67 4.44 34.00
CA PRO D 105 -36.01 5.63 34.52
C PRO D 105 -34.68 5.25 35.17
N ILE D 106 -33.62 6.00 34.92
CA ILE D 106 -32.31 5.73 35.47
C ILE D 106 -31.75 7.01 36.09
N ASP D 107 -32.67 7.91 36.43
CA ASP D 107 -32.37 9.16 37.09
C ASP D 107 -32.84 9.11 38.56
N GLU D 108 -33.23 7.95 39.05
CA GLU D 108 -33.66 7.83 40.43
C GLU D 108 -34.75 8.82 40.80
N ARG D 109 -35.62 9.24 39.89
CA ARG D 109 -36.69 10.16 40.27
C ARG D 109 -38.04 9.45 40.19
N GLY D 110 -38.07 8.12 40.23
CA GLY D 110 -39.27 7.32 40.22
C GLY D 110 -39.91 7.11 38.88
N PRO D 111 -41.12 6.58 38.90
CA PRO D 111 -41.87 6.17 37.74
C PRO D 111 -42.09 7.25 36.71
N ILE D 112 -42.10 6.88 35.44
CA ILE D 112 -42.39 7.89 34.39
C ILE D 112 -43.87 7.70 34.07
N LYS D 113 -44.71 8.49 34.73
CA LYS D 113 -46.17 8.27 34.58
C LYS D 113 -46.69 8.86 33.29
N THR D 114 -46.50 8.16 32.18
CA THR D 114 -47.05 8.60 30.91
C THR D 114 -48.43 7.92 30.73
N LYS D 115 -49.16 8.44 29.76
CA LYS D 115 -50.49 7.87 29.47
C LYS D 115 -50.32 6.76 28.45
N GLN D 116 -49.34 6.90 27.55
CA GLN D 116 -49.15 5.84 26.58
C GLN D 116 -47.69 5.41 26.43
N PHE D 117 -47.58 4.25 25.81
CA PHE D 117 -46.35 3.58 25.52
C PHE D 117 -46.19 3.40 24.01
N ALA D 118 -44.94 3.18 23.59
CA ALA D 118 -44.77 2.93 22.15
C ALA D 118 -43.74 1.86 21.89
N ALA D 119 -44.02 1.01 20.90
CA ALA D 119 -43.07 -0.03 20.52
C ALA D 119 -41.82 0.69 19.95
N ILE D 120 -40.62 0.19 20.19
CA ILE D 120 -39.42 0.87 19.62
C ILE D 120 -39.17 0.50 18.18
N HIS D 121 -39.88 -0.48 17.62
CA HIS D 121 -39.77 -0.85 16.23
C HIS D 121 -41.04 -0.32 15.54
N ALA D 122 -40.88 0.34 14.41
CA ALA D 122 -42.02 0.90 13.68
C ALA D 122 -41.61 1.06 12.22
N GLU D 123 -42.60 1.11 11.33
CA GLU D 123 -42.41 1.34 9.92
C GLU D 123 -41.96 2.77 9.65
N ALA D 124 -41.16 2.97 8.59
CA ALA D 124 -40.73 4.37 8.32
C ALA D 124 -41.86 5.08 7.61
N PRO D 125 -41.95 6.40 7.73
CA PRO D 125 -42.95 7.20 7.04
C PRO D 125 -42.86 6.91 5.54
N GLU D 126 -44.00 6.88 4.86
CA GLU D 126 -44.07 6.57 3.45
C GLU D 126 -43.61 7.78 2.62
N PHE D 127 -43.34 7.53 1.35
CA PHE D 127 -42.97 8.54 0.39
C PHE D 127 -43.99 9.68 0.33
N VAL D 128 -45.28 9.38 0.39
CA VAL D 128 -46.30 10.42 0.31
C VAL D 128 -46.25 11.35 1.51
N GLU D 129 -45.57 10.93 2.58
CA GLU D 129 -45.46 11.82 3.74
C GLU D 129 -44.24 12.74 3.68
N MET D 130 -43.40 12.67 2.63
CA MET D 130 -42.20 13.50 2.68
C MET D 130 -42.49 15.00 2.49
N SER D 131 -41.59 15.83 3.03
CA SER D 131 -41.65 17.26 2.90
C SER D 131 -40.36 17.75 2.23
N VAL D 132 -40.42 18.65 1.28
CA VAL D 132 -39.20 19.12 0.62
C VAL D 132 -38.80 20.52 1.06
N GLU D 133 -39.49 21.11 2.03
CA GLU D 133 -39.13 22.47 2.46
C GLU D 133 -37.73 22.51 3.07
N GLN D 134 -36.95 23.51 2.71
CA GLN D 134 -35.61 23.68 3.19
C GLN D 134 -35.25 25.16 3.47
N GLU D 135 -34.98 25.49 4.71
CA GLU D 135 -34.58 26.82 5.13
C GLU D 135 -33.31 26.72 5.98
N ILE D 136 -32.37 27.62 5.76
CA ILE D 136 -31.12 27.65 6.48
C ILE D 136 -31.34 27.71 7.97
N LEU D 137 -30.53 26.96 8.70
CA LEU D 137 -30.50 26.97 10.15
C LEU D 137 -29.09 27.48 10.53
N VAL D 138 -29.00 28.76 10.83
CA VAL D 138 -27.75 29.42 11.16
C VAL D 138 -27.25 28.94 12.51
N THR D 139 -25.97 28.60 12.58
CA THR D 139 -25.36 28.09 13.79
C THR D 139 -24.37 29.04 14.48
N GLY D 140 -23.82 30.06 13.87
CA GLY D 140 -22.87 30.94 14.54
C GLY D 140 -21.43 30.45 14.39
N ILE D 141 -21.34 29.24 13.79
CA ILE D 141 -20.05 28.62 13.50
C ILE D 141 -19.61 28.99 12.09
N LYS D 142 -18.49 29.72 12.00
CA LYS D 142 -18.08 30.17 10.68
C LYS D 142 -18.06 29.10 9.60
N VAL D 143 -17.23 28.05 9.77
CA VAL D 143 -17.02 27.11 8.68
C VAL D 143 -18.31 26.43 8.21
N VAL D 144 -19.17 25.98 9.10
CA VAL D 144 -20.43 25.38 8.77
C VAL D 144 -21.34 26.34 8.02
N ASP D 145 -21.52 27.56 8.59
CA ASP D 145 -22.47 28.50 8.01
C ASP D 145 -21.99 28.91 6.63
N LEU D 146 -20.71 29.10 6.42
CA LEU D 146 -20.19 29.46 5.12
C LEU D 146 -20.31 28.35 4.08
N LEU D 147 -19.60 27.25 4.29
CA LEU D 147 -19.45 26.19 3.31
C LEU D 147 -20.49 25.11 3.20
N ALA D 148 -21.13 24.70 4.30
CA ALA D 148 -22.06 23.55 4.29
C ALA D 148 -23.17 23.74 5.32
N PRO D 149 -24.00 24.74 5.11
CA PRO D 149 -25.03 25.17 6.02
C PRO D 149 -26.07 24.11 6.36
N TYR D 150 -26.52 24.11 7.61
CA TYR D 150 -27.56 23.16 8.03
C TYR D 150 -28.94 23.67 7.65
N ALA D 151 -29.91 22.76 7.58
CA ALA D 151 -31.27 23.18 7.27
C ALA D 151 -32.22 22.76 8.40
N LYS D 152 -33.15 23.65 8.62
CA LYS D 152 -34.25 23.38 9.57
C LYS D 152 -35.06 22.18 9.08
N GLY D 153 -35.26 21.19 9.98
CA GLY D 153 -36.02 20.02 9.59
C GLY D 153 -35.21 19.02 8.81
N GLY D 154 -33.91 19.26 8.58
CA GLY D 154 -33.09 18.38 7.80
C GLY D 154 -32.29 17.37 8.64
N LYS D 155 -31.58 16.47 7.95
CA LYS D 155 -30.68 15.53 8.56
C LYS D 155 -29.23 16.02 8.40
N ILE D 156 -28.62 16.18 9.54
CA ILE D 156 -27.24 16.56 9.75
C ILE D 156 -26.39 15.43 10.32
N GLY D 157 -25.20 15.29 9.71
CA GLY D 157 -24.29 14.26 10.16
C GLY D 157 -22.93 14.88 10.44
N LEU D 158 -22.34 14.50 11.57
CA LEU D 158 -21.00 14.96 11.93
C LEU D 158 -20.02 13.80 11.91
N PHE D 159 -19.20 13.63 10.90
CA PHE D 159 -18.26 12.57 10.70
C PHE D 159 -16.90 12.89 11.32
N GLY D 160 -16.34 11.89 11.99
CA GLY D 160 -14.98 12.03 12.48
C GLY D 160 -14.42 10.78 13.12
N GLY D 161 -13.12 10.58 13.00
CA GLY D 161 -12.38 9.48 13.56
C GLY D 161 -12.28 9.71 15.08
N ALA D 162 -11.58 8.89 15.81
CA ALA D 162 -11.58 9.00 17.26
C ALA D 162 -10.92 10.23 17.84
N GLY D 163 -11.66 10.98 18.66
CA GLY D 163 -11.10 12.13 19.35
C GLY D 163 -10.87 13.36 18.48
N VAL D 164 -11.59 13.58 17.38
CA VAL D 164 -11.29 14.75 16.54
C VAL D 164 -12.24 15.93 16.69
N GLY D 165 -13.31 15.74 17.47
CA GLY D 165 -14.22 16.85 17.72
C GLY D 165 -15.68 16.67 17.54
N LYS D 166 -16.21 15.44 17.30
CA LYS D 166 -17.65 15.30 17.11
C LYS D 166 -18.48 15.79 18.28
N THR D 167 -18.11 15.31 19.47
CA THR D 167 -18.94 15.70 20.63
C THR D 167 -18.76 17.17 20.98
N VAL D 168 -17.52 17.72 20.92
CA VAL D 168 -17.48 19.19 21.24
C VAL D 168 -18.39 19.93 20.28
N LEU D 169 -18.40 19.50 19.00
CA LEU D 169 -19.23 20.20 18.02
C LEU D 169 -20.72 20.06 18.33
N ILE D 170 -21.13 18.85 18.72
CA ILE D 170 -22.56 18.68 19.04
C ILE D 170 -22.99 19.50 20.24
N MET D 171 -22.17 19.59 21.27
CA MET D 171 -22.48 20.33 22.48
C MET D 171 -22.52 21.83 22.16
N GLU D 172 -21.72 22.23 21.15
CA GLU D 172 -21.73 23.62 20.71
C GLU D 172 -23.06 23.93 20.05
N LEU D 173 -23.53 23.01 19.22
CA LEU D 173 -24.81 23.19 18.51
C LEU D 173 -25.96 23.19 19.50
N ILE D 174 -25.94 22.28 20.46
CA ILE D 174 -26.95 22.26 21.53
C ILE D 174 -26.90 23.60 22.29
N ASN D 175 -25.69 24.14 22.49
CA ASN D 175 -25.57 25.44 23.15
C ASN D 175 -26.06 26.57 22.25
N ASN D 176 -25.80 26.57 20.96
CA ASN D 176 -26.16 27.60 20.02
C ASN D 176 -27.55 27.59 19.46
N VAL D 177 -28.14 26.45 19.21
CA VAL D 177 -29.46 26.36 18.57
C VAL D 177 -30.55 25.87 19.51
N ALA D 178 -30.24 24.89 20.34
CA ALA D 178 -31.16 24.20 21.20
C ALA D 178 -31.65 25.00 22.39
N LYS D 179 -30.77 25.63 23.14
CA LYS D 179 -31.22 26.36 24.33
C LYS D 179 -32.30 27.37 24.01
N ALA D 180 -32.19 28.04 22.85
CA ALA D 180 -33.18 29.04 22.45
C ALA D 180 -34.38 28.38 21.76
N HIS D 181 -34.19 27.13 21.34
CA HIS D 181 -35.23 26.41 20.63
C HIS D 181 -36.58 26.44 21.37
N GLY D 182 -37.60 26.80 20.58
CA GLY D 182 -38.98 26.66 21.13
C GLY D 182 -39.34 25.22 20.70
N GLY D 183 -40.13 24.49 21.46
CA GLY D 183 -40.40 23.10 21.00
C GLY D 183 -39.51 22.20 21.86
N TYR D 184 -39.42 20.94 21.50
CA TYR D 184 -38.66 19.98 22.28
C TYR D 184 -37.39 19.51 21.61
N SER D 185 -36.52 18.97 22.45
CA SER D 185 -35.31 18.30 22.09
C SER D 185 -35.30 16.90 22.71
N VAL D 186 -34.63 16.02 21.99
CA VAL D 186 -34.37 14.66 22.47
C VAL D 186 -32.89 14.37 22.25
N PHE D 187 -32.21 13.95 23.28
CA PHE D 187 -30.82 13.56 23.17
C PHE D 187 -30.70 12.06 23.50
N ALA D 188 -30.09 11.34 22.58
CA ALA D 188 -29.87 9.91 22.69
C ALA D 188 -28.35 9.66 22.72
N GLY D 189 -27.92 9.21 23.87
CA GLY D 189 -26.53 8.81 24.08
C GLY D 189 -26.45 7.31 23.71
N VAL D 190 -25.69 7.05 22.67
CA VAL D 190 -25.56 5.67 22.15
C VAL D 190 -24.08 5.26 22.09
N GLY D 191 -23.72 4.33 22.94
CA GLY D 191 -22.45 3.69 23.00
C GLY D 191 -21.27 4.60 23.29
N GLU D 192 -21.57 5.76 23.92
CA GLU D 192 -20.53 6.74 24.24
C GLU D 192 -20.24 6.76 25.75
N ARG D 193 -19.62 7.78 26.32
CA ARG D 193 -19.15 7.82 27.68
C ARG D 193 -20.24 8.14 28.72
N THR D 194 -20.35 7.31 29.77
CA THR D 194 -21.30 7.66 30.85
C THR D 194 -20.97 9.03 31.42
N ARG D 195 -19.68 9.32 31.58
CA ARG D 195 -19.23 10.59 32.10
C ARG D 195 -19.88 11.76 31.36
N GLU D 196 -19.95 11.69 30.01
CA GLU D 196 -20.55 12.77 29.25
C GLU D 196 -22.06 12.89 29.53
N GLY D 197 -22.71 11.77 29.80
CA GLY D 197 -24.14 11.78 30.12
C GLY D 197 -24.34 12.54 31.45
N ASN D 198 -23.43 12.34 32.41
CA ASN D 198 -23.55 13.08 33.68
C ASN D 198 -23.21 14.55 33.48
N ASP D 199 -22.19 14.82 32.64
CA ASP D 199 -21.83 16.20 32.37
C ASP D 199 -23.02 16.93 31.75
N LEU D 200 -23.65 16.33 30.76
CA LEU D 200 -24.70 16.93 29.99
C LEU D 200 -25.94 17.26 30.85
N TYR D 201 -26.37 16.26 31.59
CA TYR D 201 -27.53 16.34 32.47
C TYR D 201 -27.40 17.52 33.45
N HIS D 202 -26.26 17.58 34.14
CA HIS D 202 -26.01 18.66 35.09
C HIS D 202 -25.91 20.05 34.47
N GLU D 203 -25.45 20.14 33.24
CA GLU D 203 -25.39 21.37 32.50
C GLU D 203 -26.81 21.80 32.10
N MET D 204 -27.65 20.83 31.76
CA MET D 204 -29.03 21.09 31.42
C MET D 204 -29.88 21.50 32.63
N ILE D 205 -29.51 20.98 33.79
CA ILE D 205 -30.15 21.38 35.04
C ILE D 205 -29.72 22.80 35.41
N GLU D 206 -28.47 23.13 35.12
CA GLU D 206 -27.96 24.47 35.42
C GLU D 206 -28.50 25.52 34.47
N SER D 207 -28.60 25.21 33.18
CA SER D 207 -29.11 26.16 32.23
C SER D 207 -30.63 26.26 32.30
N GLY D 208 -31.26 25.34 33.04
CA GLY D 208 -32.72 25.37 33.14
C GLY D 208 -33.42 24.76 31.96
N VAL D 209 -32.75 24.14 31.00
CA VAL D 209 -33.45 23.45 29.90
C VAL D 209 -34.14 22.20 30.46
N ILE D 210 -33.57 21.69 31.54
CA ILE D 210 -34.14 20.63 32.36
C ILE D 210 -34.54 21.24 33.71
N ASN D 211 -35.80 21.06 34.11
CA ASN D 211 -36.27 21.59 35.38
C ASN D 211 -36.77 20.47 36.27
N LEU D 212 -36.13 20.27 37.40
CA LEU D 212 -36.44 19.19 38.31
C LEU D 212 -37.59 19.52 39.26
N LYS D 213 -38.13 20.74 39.19
CA LYS D 213 -39.22 21.06 40.10
C LYS D 213 -40.57 21.29 39.45
N ASP D 214 -40.62 21.57 38.16
CA ASP D 214 -41.93 21.76 37.51
C ASP D 214 -41.94 20.97 36.19
N ALA D 215 -42.94 21.17 35.37
CA ALA D 215 -43.03 20.46 34.11
C ALA D 215 -42.53 21.30 32.95
N THR D 216 -41.57 22.20 33.17
CA THR D 216 -41.10 23.08 32.13
C THR D 216 -39.88 22.54 31.40
N SER D 217 -39.51 21.28 31.66
CA SER D 217 -38.37 20.69 30.93
C SER D 217 -38.67 20.64 29.44
N LYS D 218 -37.66 20.85 28.62
CA LYS D 218 -37.78 20.82 27.17
C LYS D 218 -36.90 19.79 26.49
N VAL D 219 -36.24 18.92 27.25
CA VAL D 219 -35.41 17.89 26.65
C VAL D 219 -35.67 16.53 27.29
N ALA D 220 -35.64 15.49 26.49
CA ALA D 220 -35.80 14.13 27.05
C ALA D 220 -34.50 13.39 26.75
N LEU D 221 -33.97 12.69 27.76
CA LEU D 221 -32.71 12.01 27.64
C LEU D 221 -32.90 10.49 27.59
N VAL D 222 -32.17 9.86 26.67
CA VAL D 222 -32.20 8.42 26.51
C VAL D 222 -30.75 7.95 26.40
N TYR D 223 -30.32 7.03 27.26
CA TYR D 223 -28.94 6.64 27.27
C TYR D 223 -28.70 5.12 27.39
N GLY D 224 -27.69 4.73 26.62
CA GLY D 224 -27.20 3.34 26.64
C GLY D 224 -25.72 3.42 26.19
N GLN D 225 -24.85 3.62 27.16
CA GLN D 225 -23.44 3.91 26.86
C GLN D 225 -22.52 2.71 26.70
N MET D 226 -21.21 2.96 26.57
CA MET D 226 -20.24 1.93 26.29
C MET D 226 -19.92 1.03 27.46
N ASN D 227 -20.64 1.17 28.57
CA ASN D 227 -20.54 0.15 29.62
C ASN D 227 -21.60 -0.91 29.32
N GLU D 228 -22.50 -0.65 28.36
CA GLU D 228 -23.59 -1.59 28.11
C GLU D 228 -23.25 -2.66 27.08
N PRO D 229 -23.90 -3.81 27.18
CA PRO D 229 -23.73 -4.96 26.31
C PRO D 229 -24.29 -4.63 24.93
N PRO D 230 -23.89 -5.32 23.89
CA PRO D 230 -24.27 -5.03 22.54
C PRO D 230 -25.74 -4.88 22.27
N GLY D 231 -26.54 -5.77 22.93
CA GLY D 231 -27.98 -5.69 22.61
C GLY D 231 -28.50 -4.32 22.95
N ALA D 232 -28.02 -3.74 24.07
CA ALA D 232 -28.57 -2.45 24.47
C ALA D 232 -28.07 -1.38 23.52
N ARG D 233 -26.80 -1.45 23.11
CA ARG D 233 -26.26 -0.39 22.22
C ARG D 233 -26.89 -0.49 20.86
N ALA D 234 -27.32 -1.71 20.53
CA ALA D 234 -27.99 -1.89 19.24
C ALA D 234 -29.41 -1.41 19.21
N ARG D 235 -30.07 -1.22 20.34
CA ARG D 235 -31.47 -0.76 20.30
C ARG D 235 -31.68 0.61 20.92
N VAL D 236 -30.77 1.13 21.75
CA VAL D 236 -31.05 2.39 22.44
C VAL D 236 -31.27 3.55 21.50
N ALA D 237 -30.73 3.50 20.28
CA ALA D 237 -31.03 4.58 19.33
C ALA D 237 -32.48 4.50 18.89
N LEU D 238 -33.04 3.28 18.83
CA LEU D 238 -34.44 3.16 18.43
C LEU D 238 -35.33 3.73 19.54
N THR D 239 -34.98 3.50 20.77
CA THR D 239 -35.78 4.04 21.90
C THR D 239 -35.79 5.57 21.86
N GLY D 240 -34.64 6.19 21.59
CA GLY D 240 -34.53 7.66 21.57
C GLY D 240 -35.37 8.23 20.41
N LEU D 241 -35.23 7.58 19.27
CA LEU D 241 -35.95 7.83 18.04
C LEU D 241 -37.47 7.78 18.25
N THR D 242 -37.90 6.80 19.00
CA THR D 242 -39.30 6.56 19.36
C THR D 242 -39.87 7.68 20.20
N VAL D 243 -39.15 8.21 21.19
CA VAL D 243 -39.53 9.37 21.96
C VAL D 243 -39.75 10.57 21.04
N ALA D 244 -38.79 10.82 20.13
CA ALA D 244 -38.86 11.94 19.20
C ALA D 244 -40.03 11.81 18.23
N GLU D 245 -40.28 10.60 17.73
CA GLU D 245 -41.43 10.36 16.85
C GLU D 245 -42.75 10.79 17.50
N TYR D 246 -42.98 10.39 18.75
CA TYR D 246 -44.17 10.80 19.47
C TYR D 246 -44.29 12.33 19.41
N PHE D 247 -43.21 13.06 19.70
CA PHE D 247 -43.29 14.51 19.66
C PHE D 247 -43.55 15.05 18.26
N ARG D 248 -43.04 14.38 17.24
CA ARG D 248 -43.23 14.86 15.88
C ARG D 248 -44.69 14.71 15.46
N ASP D 249 -45.25 13.52 15.73
CA ASP D 249 -46.54 13.20 15.17
C ASP D 249 -47.67 13.40 16.18
N GLN D 250 -47.59 12.59 17.23
CA GLN D 250 -48.64 12.62 18.26
C GLN D 250 -48.75 13.98 18.93
N GLU D 251 -48.11 14.98 18.33
CA GLU D 251 -48.16 16.35 18.82
C GLU D 251 -47.66 17.34 17.78
N GLY D 252 -47.46 16.90 16.54
CA GLY D 252 -46.94 17.71 15.47
C GLY D 252 -45.88 18.74 15.76
N GLN D 253 -45.03 18.69 16.79
CA GLN D 253 -44.16 19.84 17.04
C GLN D 253 -42.75 19.87 16.57
N ASP D 254 -42.14 21.09 16.51
CA ASP D 254 -40.78 21.12 15.96
C ASP D 254 -39.86 20.35 16.92
N VAL D 255 -39.18 19.36 16.43
CA VAL D 255 -38.31 18.58 17.33
C VAL D 255 -36.86 18.62 16.87
N LEU D 256 -35.94 18.74 17.81
CA LEU D 256 -34.51 18.63 17.55
C LEU D 256 -34.06 17.25 18.05
N LEU D 257 -33.43 16.42 17.26
CA LEU D 257 -33.02 15.08 17.81
C LEU D 257 -31.50 14.97 17.63
N PHE D 258 -30.77 14.87 18.71
CA PHE D 258 -29.33 14.76 18.73
C PHE D 258 -29.00 13.30 19.09
N ILE D 259 -28.08 12.71 18.34
CA ILE D 259 -27.65 11.35 18.63
C ILE D 259 -26.13 11.27 18.69
N ASP D 260 -25.60 10.81 19.82
CA ASP D 260 -24.12 10.65 19.93
C ASP D 260 -23.88 9.26 20.54
N ASN D 261 -23.46 8.32 19.74
CA ASN D 261 -23.01 8.34 18.39
C ASN D 261 -23.67 7.23 17.57
N ILE D 262 -24.24 7.54 16.42
CA ILE D 262 -25.06 6.58 15.67
C ILE D 262 -24.30 5.40 15.17
N PHE D 263 -22.96 5.53 14.99
CA PHE D 263 -22.15 4.40 14.55
C PHE D 263 -22.31 3.25 15.57
N ARG D 264 -22.52 3.62 16.84
CA ARG D 264 -22.61 2.59 17.87
C ARG D 264 -23.79 1.63 17.66
N PHE D 265 -24.78 1.94 16.84
CA PHE D 265 -25.89 1.01 16.49
C PHE D 265 -25.41 -0.11 15.56
N THR D 266 -24.65 0.29 14.54
CA THR D 266 -24.02 -0.59 13.58
C THR D 266 -22.94 -1.45 14.18
N GLN D 267 -22.07 -0.89 15.02
CA GLN D 267 -21.01 -1.66 15.67
C GLN D 267 -21.58 -2.70 16.61
N ALA D 268 -22.62 -2.36 17.38
CA ALA D 268 -23.24 -3.35 18.26
C ALA D 268 -23.73 -4.55 17.44
N GLY D 269 -24.31 -4.26 16.29
CA GLY D 269 -24.78 -5.33 15.40
C GLY D 269 -23.59 -6.15 14.92
N SER D 270 -22.42 -5.50 14.68
CA SER D 270 -21.29 -6.30 14.21
C SER D 270 -20.71 -7.17 15.30
N GLU D 271 -20.95 -6.82 16.57
CA GLU D 271 -20.46 -7.64 17.67
C GLU D 271 -21.23 -8.97 17.82
N VAL D 272 -22.49 -9.03 17.44
CA VAL D 272 -23.26 -10.26 17.60
C VAL D 272 -23.52 -10.98 16.29
N SER D 273 -23.11 -10.44 15.14
CA SER D 273 -23.39 -11.02 13.86
C SER D 273 -22.98 -12.49 13.74
N ALA D 274 -21.74 -12.83 14.03
CA ALA D 274 -21.23 -14.19 13.90
C ALA D 274 -22.00 -15.13 14.83
N LEU D 275 -22.31 -14.74 16.04
CA LEU D 275 -23.12 -15.55 16.98
C LEU D 275 -24.57 -15.60 16.49
N LEU D 276 -24.94 -14.76 15.50
CA LEU D 276 -26.27 -14.94 14.94
C LEU D 276 -26.19 -15.89 13.74
N GLY D 277 -24.98 -16.39 13.45
CA GLY D 277 -24.81 -17.35 12.39
C GLY D 277 -24.59 -16.77 11.01
N ARG D 278 -24.26 -15.48 10.94
CA ARG D 278 -24.02 -14.91 9.61
C ARG D 278 -22.56 -15.12 9.20
N ILE D 279 -22.31 -15.27 7.95
CA ILE D 279 -21.06 -15.21 7.21
C ILE D 279 -20.78 -13.70 7.09
N PRO D 280 -19.58 -13.28 7.37
CA PRO D 280 -19.26 -11.85 7.38
C PRO D 280 -19.15 -11.26 5.98
N SER D 281 -19.53 -10.00 5.88
CA SER D 281 -19.34 -9.18 4.67
C SER D 281 -17.97 -8.49 4.85
N ALA D 282 -17.58 -7.54 4.03
CA ALA D 282 -16.26 -6.91 4.09
C ALA D 282 -15.99 -6.16 5.38
N VAL D 283 -14.74 -6.13 5.83
CA VAL D 283 -14.29 -5.40 6.99
C VAL D 283 -15.01 -5.86 8.25
N GLY D 284 -15.31 -7.16 8.27
CA GLY D 284 -15.93 -7.80 9.41
C GLY D 284 -17.37 -7.41 9.70
N TYR D 285 -18.06 -6.68 8.83
CA TYR D 285 -19.41 -6.26 9.13
C TYR D 285 -20.46 -7.32 8.73
N GLN D 286 -21.59 -7.22 9.37
CA GLN D 286 -22.79 -7.96 9.09
C GLN D 286 -23.22 -7.64 7.65
N PRO D 287 -23.75 -8.64 6.97
CA PRO D 287 -24.25 -8.52 5.61
C PRO D 287 -25.49 -7.62 5.53
N THR D 288 -26.25 -7.48 6.59
CA THR D 288 -27.44 -6.61 6.59
C THR D 288 -27.11 -5.17 7.02
N LEU D 289 -25.86 -4.73 6.95
CA LEU D 289 -25.49 -3.38 7.40
C LEU D 289 -26.32 -2.26 6.80
N ALA D 290 -26.50 -2.25 5.52
CA ALA D 290 -27.24 -1.22 4.80
C ALA D 290 -28.74 -1.30 5.02
N THR D 291 -29.36 -2.47 5.05
CA THR D 291 -30.81 -2.53 5.30
C THR D 291 -31.15 -2.29 6.76
N ASP D 292 -30.34 -2.78 7.71
CA ASP D 292 -30.61 -2.43 9.10
C ASP D 292 -30.57 -0.90 9.28
N MET D 293 -29.54 -0.28 8.66
CA MET D 293 -29.32 1.15 8.81
C MET D 293 -30.48 1.90 8.16
N GLY D 294 -30.94 1.38 7.02
CA GLY D 294 -32.04 2.02 6.32
C GLY D 294 -33.34 1.97 7.12
N THR D 295 -33.63 0.81 7.73
CA THR D 295 -34.92 0.79 8.45
C THR D 295 -34.86 1.69 9.64
N MET D 296 -33.67 1.90 10.22
CA MET D 296 -33.60 2.82 11.36
C MET D 296 -33.58 4.27 10.83
N GLN D 297 -32.69 4.64 9.92
CA GLN D 297 -32.54 6.02 9.47
C GLN D 297 -33.77 6.64 8.82
N GLU D 298 -34.54 5.85 8.05
CA GLU D 298 -35.73 6.36 7.42
C GLU D 298 -36.79 6.79 8.44
N ARG D 299 -36.73 6.41 9.69
CA ARG D 299 -37.69 6.91 10.70
C ARG D 299 -37.23 8.28 11.23
N ILE D 300 -35.92 8.56 11.09
CA ILE D 300 -35.36 9.83 11.56
C ILE D 300 -35.59 10.88 10.48
N THR D 301 -36.76 11.54 10.57
CA THR D 301 -37.06 12.42 9.41
C THR D 301 -38.23 13.34 9.70
N THR D 302 -38.20 14.47 9.04
CA THR D 302 -39.33 15.39 8.96
C THR D 302 -40.37 14.70 8.08
N THR D 303 -41.64 14.95 8.36
CA THR D 303 -42.75 14.47 7.57
C THR D 303 -43.75 15.66 7.42
N LYS D 304 -44.88 15.38 6.79
CA LYS D 304 -45.89 16.44 6.66
C LYS D 304 -46.52 16.73 8.02
N LYS D 305 -46.48 15.81 8.97
CA LYS D 305 -47.06 16.08 10.30
C LYS D 305 -46.18 16.95 11.19
N GLY D 306 -44.84 16.83 11.07
CA GLY D 306 -44.02 17.63 11.99
C GLY D 306 -42.56 17.57 11.46
N SER D 307 -41.75 18.48 11.99
CA SER D 307 -40.38 18.47 11.53
C SER D 307 -39.43 17.93 12.58
N ILE D 308 -38.43 17.17 12.11
CA ILE D 308 -37.34 16.82 13.03
C ILE D 308 -36.03 17.39 12.48
N THR D 309 -35.29 18.15 13.24
CA THR D 309 -33.96 18.60 12.86
C THR D 309 -33.01 17.62 13.52
N SER D 310 -32.35 16.76 12.73
CA SER D 310 -31.54 15.72 13.41
C SER D 310 -30.06 15.97 13.20
N VAL D 311 -29.33 15.78 14.29
CA VAL D 311 -27.92 15.95 14.32
C VAL D 311 -27.31 14.66 14.88
N GLN D 312 -26.58 13.99 13.99
CA GLN D 312 -25.99 12.71 14.41
C GLN D 312 -24.49 12.75 14.32
N ALA D 313 -23.84 12.42 15.42
CA ALA D 313 -22.37 12.25 15.43
C ALA D 313 -22.10 10.86 14.82
N ILE D 314 -21.14 10.72 13.95
CA ILE D 314 -20.87 9.47 13.21
C ILE D 314 -19.39 9.15 13.26
N TYR D 315 -19.00 8.18 14.05
CA TYR D 315 -17.65 7.68 14.21
C TYR D 315 -17.15 7.05 12.93
N VAL D 316 -15.86 7.19 12.65
CA VAL D 316 -15.14 6.70 11.50
C VAL D 316 -13.97 5.83 12.00
N PRO D 317 -14.10 4.53 11.94
CA PRO D 317 -13.09 3.60 12.40
C PRO D 317 -11.80 3.81 11.58
N ALA D 318 -10.72 3.83 12.37
CA ALA D 318 -9.38 3.96 11.79
C ALA D 318 -9.26 5.13 10.87
N ASP D 319 -10.00 6.23 11.14
CA ASP D 319 -9.94 7.44 10.31
C ASP D 319 -10.20 7.16 8.83
N ASP D 320 -10.84 6.05 8.50
CA ASP D 320 -11.06 5.73 7.07
C ASP D 320 -12.48 6.04 6.64
N LEU D 321 -12.76 7.11 5.88
CA LEU D 321 -14.14 7.40 5.50
C LEU D 321 -14.74 6.39 4.51
N THR D 322 -13.93 5.56 3.90
CA THR D 322 -14.48 4.49 3.04
C THR D 322 -14.91 3.29 3.88
N ASP D 323 -14.69 3.23 5.20
CA ASP D 323 -15.19 2.07 5.99
C ASP D 323 -16.68 1.93 5.70
N PRO D 324 -17.22 0.74 5.60
CA PRO D 324 -18.65 0.50 5.34
C PRO D 324 -19.63 1.21 6.20
N ALA D 325 -19.40 1.40 7.52
CA ALA D 325 -20.37 2.10 8.34
C ALA D 325 -20.56 3.55 7.93
N PRO D 326 -19.55 4.38 7.92
CA PRO D 326 -19.67 5.78 7.54
C PRO D 326 -19.93 5.92 6.05
N ALA D 327 -19.35 5.09 5.16
CA ALA D 327 -19.66 5.23 3.74
C ALA D 327 -21.15 5.02 3.49
N THR D 328 -21.78 4.12 4.24
CA THR D 328 -23.24 3.88 4.05
C THR D 328 -24.04 4.98 4.70
N THR D 329 -23.50 5.73 5.68
CA THR D 329 -24.31 6.77 6.34
C THR D 329 -24.48 7.99 5.43
N PHE D 330 -23.55 8.30 4.53
CA PHE D 330 -23.63 9.51 3.76
C PHE D 330 -24.97 9.68 3.04
N ALA D 331 -25.50 8.60 2.46
CA ALA D 331 -26.75 8.75 1.71
C ALA D 331 -27.95 9.11 2.57
N HIS D 332 -27.88 9.05 3.87
CA HIS D 332 -29.02 9.42 4.69
C HIS D 332 -29.05 10.89 5.11
N LEU D 333 -28.12 11.71 4.65
CA LEU D 333 -28.05 13.08 5.21
C LEU D 333 -28.34 14.15 4.20
N ASP D 334 -28.63 15.36 4.68
CA ASP D 334 -28.88 16.53 3.86
C ASP D 334 -27.69 17.50 3.93
N ALA D 335 -26.94 17.47 5.02
CA ALA D 335 -25.72 18.21 5.16
C ALA D 335 -24.67 17.38 5.89
N THR D 336 -23.39 17.55 5.53
CA THR D 336 -22.40 16.78 6.34
C THR D 336 -21.26 17.69 6.81
N THR D 337 -20.81 17.45 8.01
CA THR D 337 -19.65 18.17 8.51
C THR D 337 -18.57 17.10 8.75
N VAL D 338 -17.54 17.07 7.95
CA VAL D 338 -16.47 16.08 8.11
C VAL D 338 -15.28 16.66 8.80
N LEU D 339 -14.90 16.02 9.89
CA LEU D 339 -13.79 16.45 10.76
C LEU D 339 -12.56 15.63 10.45
N SER D 340 -11.37 16.20 10.67
CA SER D 340 -10.16 15.51 10.26
C SER D 340 -9.03 15.61 11.26
N ARG D 341 -8.41 14.49 11.62
CA ARG D 341 -7.28 14.47 12.55
C ARG D 341 -6.12 15.31 11.99
N ALA D 342 -5.81 15.29 10.71
CA ALA D 342 -4.75 16.05 10.10
C ALA D 342 -4.95 17.56 10.27
N ILE D 343 -6.19 18.01 10.34
CA ILE D 343 -6.51 19.42 10.63
C ILE D 343 -6.46 19.68 12.12
N ALA D 344 -7.07 18.83 12.95
CA ALA D 344 -6.97 18.93 14.39
C ALA D 344 -5.52 19.05 14.88
N GLU D 345 -4.63 18.23 14.38
CA GLU D 345 -3.22 18.18 14.72
C GLU D 345 -2.53 19.54 14.58
N LEU D 346 -3.06 20.38 13.66
CA LEU D 346 -2.41 21.70 13.48
C LEU D 346 -2.95 22.70 14.51
N GLY D 347 -3.94 22.28 15.30
CA GLY D 347 -4.55 23.15 16.26
C GLY D 347 -5.70 23.93 15.66
N ILE D 348 -6.09 23.59 14.44
CA ILE D 348 -7.26 24.23 13.82
C ILE D 348 -8.54 23.56 14.28
N TYR D 349 -9.32 24.20 15.14
CA TYR D 349 -10.56 23.75 15.68
C TYR D 349 -11.64 24.81 15.43
N PRO D 350 -12.84 24.38 15.08
CA PRO D 350 -13.21 22.98 14.86
C PRO D 350 -12.48 22.39 13.68
N ALA D 351 -12.10 21.11 13.71
CA ALA D 351 -11.27 20.49 12.71
C ALA D 351 -11.99 20.08 11.45
N VAL D 352 -12.80 20.98 10.92
CA VAL D 352 -13.61 20.71 9.74
C VAL D 352 -12.82 20.73 8.47
N ASP D 353 -12.92 19.64 7.67
CA ASP D 353 -12.30 19.62 6.35
C ASP D 353 -13.22 20.40 5.40
N PRO D 354 -12.76 21.55 4.96
CA PRO D 354 -13.51 22.47 4.13
C PRO D 354 -13.65 21.99 2.70
N LEU D 355 -12.95 20.91 2.33
CA LEU D 355 -13.06 20.31 1.03
C LEU D 355 -13.73 18.96 1.07
N ASP D 356 -14.53 18.73 2.12
CA ASP D 356 -15.22 17.43 2.16
C ASP D 356 -16.48 17.56 3.01
N SER D 357 -17.04 18.74 3.16
CA SER D 357 -18.20 19.04 3.98
C SER D 357 -19.20 19.71 3.01
N THR D 358 -20.40 19.15 2.96
CA THR D 358 -21.35 19.46 1.93
C THR D 358 -22.72 19.70 2.50
N SER D 359 -23.52 20.40 1.69
CA SER D 359 -24.86 20.65 2.12
C SER D 359 -25.78 20.76 0.91
N ARG D 360 -26.94 20.15 1.05
CA ARG D 360 -27.95 20.21 0.04
C ARG D 360 -28.41 21.62 -0.23
N ILE D 361 -28.36 22.54 0.74
CA ILE D 361 -28.83 23.90 0.44
C ILE D 361 -27.72 24.85 -0.01
N MET D 362 -26.51 24.39 -0.26
CA MET D 362 -25.44 25.24 -0.78
C MET D 362 -25.68 25.37 -2.30
N ASP D 363 -26.56 26.28 -2.63
CA ASP D 363 -27.06 26.55 -4.00
C ASP D 363 -27.38 28.05 -4.04
N PRO D 364 -26.92 28.78 -5.02
CA PRO D 364 -27.12 30.22 -5.15
C PRO D 364 -28.58 30.63 -5.06
N ASN D 365 -29.52 29.80 -5.53
CA ASN D 365 -30.93 30.12 -5.49
C ASN D 365 -31.48 29.93 -4.08
N ILE D 366 -30.70 29.31 -3.17
CA ILE D 366 -31.20 29.11 -1.82
C ILE D 366 -30.53 30.08 -0.88
N VAL D 367 -29.19 30.08 -0.88
CA VAL D 367 -28.53 31.00 0.06
C VAL D 367 -28.17 32.32 -0.61
N GLY D 368 -28.44 32.49 -1.91
CA GLY D 368 -28.10 33.72 -2.59
C GLY D 368 -26.76 33.61 -3.27
N SER D 369 -26.51 34.41 -4.30
CA SER D 369 -25.27 34.34 -5.02
C SER D 369 -24.08 34.87 -4.26
N GLU D 370 -24.20 35.86 -3.39
CA GLU D 370 -23.00 36.30 -2.66
C GLU D 370 -22.48 35.20 -1.74
N HIS D 371 -23.35 34.66 -0.90
CA HIS D 371 -22.95 33.56 0.00
C HIS D 371 -22.33 32.41 -0.82
N TYR D 372 -23.05 32.03 -1.89
CA TYR D 372 -22.61 30.94 -2.73
C TYR D 372 -21.24 31.23 -3.33
N ASP D 373 -21.03 32.45 -3.88
CA ASP D 373 -19.77 32.74 -4.55
C ASP D 373 -18.58 32.80 -3.60
N VAL D 374 -18.76 33.37 -2.44
CA VAL D 374 -17.67 33.43 -1.45
C VAL D 374 -17.32 31.99 -1.04
N ALA D 375 -18.28 31.17 -0.72
CA ALA D 375 -18.01 29.77 -0.27
C ALA D 375 -17.26 28.99 -1.34
N ARG D 376 -17.63 29.16 -2.61
CA ARG D 376 -16.90 28.47 -3.67
C ARG D 376 -15.51 29.08 -3.84
N GLY D 377 -15.37 30.37 -3.51
CA GLY D 377 -14.02 30.97 -3.74
C GLY D 377 -13.10 30.52 -2.60
N VAL D 378 -13.68 30.34 -1.43
CA VAL D 378 -12.93 29.76 -0.32
C VAL D 378 -12.53 28.32 -0.64
N GLN D 379 -13.44 27.52 -1.21
CA GLN D 379 -13.04 26.15 -1.59
C GLN D 379 -11.98 26.14 -2.66
N LYS D 380 -12.10 26.98 -3.69
CA LYS D 380 -11.14 27.01 -4.76
C LYS D 380 -9.75 27.37 -4.26
N ILE D 381 -9.64 28.43 -3.44
CA ILE D 381 -8.30 28.81 -3.00
C ILE D 381 -7.68 27.75 -2.10
N LEU D 382 -8.49 27.05 -1.30
CA LEU D 382 -8.00 26.02 -0.42
C LEU D 382 -7.59 24.80 -1.25
N GLN D 383 -8.28 24.50 -2.33
CA GLN D 383 -7.91 23.36 -3.19
C GLN D 383 -6.64 23.69 -4.00
N ASP D 384 -6.54 24.92 -4.53
CA ASP D 384 -5.33 25.34 -5.24
C ASP D 384 -4.11 25.34 -4.30
N TYR D 385 -4.28 25.73 -3.03
CA TYR D 385 -3.13 25.74 -2.12
C TYR D 385 -2.67 24.30 -1.84
N LYS D 386 -3.64 23.41 -1.65
CA LYS D 386 -3.40 22.00 -1.39
C LYS D 386 -2.65 21.37 -2.55
N SER D 387 -2.99 21.71 -3.78
CA SER D 387 -2.28 21.19 -4.94
C SER D 387 -0.87 21.72 -5.09
N LEU D 388 -0.48 22.83 -4.45
CA LEU D 388 0.88 23.36 -4.60
C LEU D 388 1.81 22.97 -3.45
N GLN D 389 1.26 22.58 -2.33
CA GLN D 389 2.05 22.38 -1.11
C GLN D 389 3.28 21.55 -1.35
N ASP D 390 3.20 20.56 -2.23
CA ASP D 390 4.30 19.63 -2.44
C ASP D 390 5.25 20.06 -3.52
N ILE D 391 5.19 21.30 -3.95
CA ILE D 391 6.15 21.82 -4.90
C ILE D 391 6.89 22.97 -4.19
N ILE D 392 6.13 23.57 -3.27
CA ILE D 392 6.65 24.65 -2.43
C ILE D 392 7.77 24.06 -1.56
N ALA D 393 7.37 22.94 -0.99
CA ALA D 393 8.19 22.18 -0.07
C ALA D 393 9.42 21.64 -0.77
N ILE D 394 9.37 21.53 -2.09
CA ILE D 394 10.50 20.99 -2.84
C ILE D 394 11.21 22.02 -3.68
N LEU D 395 10.54 22.95 -4.36
CA LEU D 395 11.27 23.93 -5.15
C LEU D 395 11.34 25.28 -4.44
N GLY D 396 10.74 25.37 -3.26
CA GLY D 396 10.78 26.61 -2.50
C GLY D 396 9.76 27.62 -3.00
N MET D 397 9.32 28.52 -2.13
CA MET D 397 8.39 29.57 -2.49
C MET D 397 8.94 30.49 -3.57
N ASP D 398 10.22 30.84 -3.53
CA ASP D 398 10.78 31.77 -4.51
C ASP D 398 10.53 31.29 -5.94
N GLU D 399 10.50 29.99 -6.14
CA GLU D 399 10.24 29.46 -7.48
C GLU D 399 8.79 29.61 -7.90
N LEU D 400 7.91 30.09 -7.03
CA LEU D 400 6.50 30.22 -7.35
C LEU D 400 6.25 31.56 -8.07
N SER D 401 5.23 31.55 -8.93
CA SER D 401 4.77 32.79 -9.55
C SER D 401 4.25 33.71 -8.44
N GLU D 402 4.04 34.97 -8.77
CA GLU D 402 3.45 35.88 -7.79
C GLU D 402 1.99 35.53 -7.50
N GLU D 403 1.25 35.14 -8.53
CA GLU D 403 -0.15 34.74 -8.31
C GLU D 403 -0.20 33.54 -7.36
N ASP D 404 0.70 32.59 -7.56
CA ASP D 404 0.77 31.41 -6.69
C ASP D 404 1.11 31.78 -5.24
N LYS D 405 1.91 32.82 -5.05
CA LYS D 405 2.26 33.35 -3.76
C LYS D 405 1.05 33.94 -3.04
N LEU D 406 0.12 34.51 -3.80
CA LEU D 406 -1.08 35.11 -3.19
C LEU D 406 -2.05 33.98 -2.81
N THR D 407 -2.15 32.98 -3.68
CA THR D 407 -2.93 31.79 -3.34
C THR D 407 -2.47 31.27 -1.97
N VAL D 408 -1.14 31.13 -1.82
CA VAL D 408 -0.57 30.66 -0.56
C VAL D 408 -0.86 31.51 0.66
N SER D 409 -0.45 32.79 0.68
CA SER D 409 -0.63 33.59 1.88
C SER D 409 -2.11 33.73 2.22
N ARG D 410 -2.96 33.93 1.21
CA ARG D 410 -4.38 34.09 1.47
C ARG D 410 -5.04 32.76 1.91
N ALA D 411 -4.64 31.65 1.27
CA ALA D 411 -5.25 30.38 1.71
C ALA D 411 -4.89 30.13 3.16
N ARG D 412 -3.65 30.37 3.55
CA ARG D 412 -3.19 30.08 4.91
C ARG D 412 -3.90 30.95 5.95
N LYS D 413 -4.24 32.19 5.54
CA LYS D 413 -5.07 33.04 6.38
C LYS D 413 -6.50 32.57 6.43
N ILE D 414 -7.04 32.08 5.32
CA ILE D 414 -8.42 31.59 5.30
C ILE D 414 -8.57 30.31 6.14
N GLN D 415 -7.56 29.44 6.08
CA GLN D 415 -7.52 28.27 6.93
C GLN D 415 -7.63 28.63 8.42
N ARG D 416 -6.89 29.68 8.82
CA ARG D 416 -6.96 30.07 10.25
C ARG D 416 -8.25 30.78 10.57
N PHE D 417 -8.83 31.49 9.60
CA PHE D 417 -10.06 32.23 9.90
C PHE D 417 -11.20 31.26 10.05
N LEU D 418 -11.06 30.05 9.45
CA LEU D 418 -12.14 29.07 9.64
C LEU D 418 -12.12 28.44 11.03
N SER D 419 -11.03 28.58 11.78
CA SER D 419 -10.97 28.12 13.17
C SER D 419 -11.77 29.08 14.04
N GLN D 420 -12.16 28.65 15.21
CA GLN D 420 -13.02 29.46 16.07
C GLN D 420 -13.02 28.91 17.49
N PRO D 421 -12.89 29.79 18.48
CA PRO D 421 -13.06 29.47 19.88
C PRO D 421 -14.51 29.14 20.21
N PHE D 422 -14.77 27.91 20.73
CA PHE D 422 -16.19 27.62 21.04
C PHE D 422 -16.42 27.87 22.53
N GLN D 423 -17.61 28.24 22.89
CA GLN D 423 -17.90 28.39 24.32
C GLN D 423 -17.73 27.11 25.11
N VAL D 424 -18.15 25.97 24.56
CA VAL D 424 -18.04 24.70 25.29
C VAL D 424 -16.60 24.20 25.22
N ALA D 425 -15.72 24.92 24.51
CA ALA D 425 -14.33 24.45 24.38
C ALA D 425 -13.32 25.31 25.12
N GLU D 426 -13.78 26.18 25.98
CA GLU D 426 -12.90 27.08 26.74
C GLU D 426 -12.01 26.29 27.68
N VAL D 427 -12.45 25.14 28.19
CA VAL D 427 -11.54 24.32 29.01
C VAL D 427 -10.35 23.78 28.21
N PHE D 428 -10.42 23.83 26.89
CA PHE D 428 -9.40 23.34 26.02
C PHE D 428 -8.58 24.40 25.29
N THR D 429 -9.12 25.57 25.00
CA THR D 429 -8.43 26.56 24.18
C THR D 429 -7.82 27.67 25.04
N GLY D 430 -8.44 27.91 26.20
CA GLY D 430 -7.99 29.04 27.03
C GLY D 430 -8.55 30.34 26.43
N HIS D 431 -9.50 30.25 25.50
CA HIS D 431 -10.08 31.44 24.90
C HIS D 431 -11.58 31.53 25.17
N LEU D 432 -12.09 32.76 25.24
CA LEU D 432 -13.54 32.96 25.42
C LEU D 432 -14.28 32.47 24.17
N GLY D 433 -15.43 31.88 24.25
CA GLY D 433 -16.15 31.40 23.08
C GLY D 433 -16.75 32.53 22.25
N LYS D 434 -16.91 32.32 20.96
CA LYS D 434 -17.46 33.28 20.03
C LYS D 434 -18.56 32.67 19.15
N LEU D 435 -19.49 33.50 18.77
CA LEU D 435 -20.63 33.12 17.90
C LEU D 435 -20.62 34.15 16.80
N VAL D 436 -20.58 33.75 15.53
CA VAL D 436 -20.46 34.77 14.47
C VAL D 436 -21.67 34.71 13.56
N PRO D 437 -22.39 35.79 13.44
CA PRO D 437 -23.54 35.91 12.58
C PRO D 437 -23.15 35.64 11.12
N LEU D 438 -24.09 35.08 10.37
CA LEU D 438 -23.90 34.71 8.99
C LEU D 438 -23.35 35.81 8.11
N LYS D 439 -23.87 37.04 8.28
CA LYS D 439 -23.36 38.16 7.46
C LYS D 439 -21.94 38.49 7.81
N GLU D 440 -21.55 38.44 9.07
CA GLU D 440 -20.16 38.74 9.41
C GLU D 440 -19.25 37.67 8.83
N THR D 441 -19.65 36.41 8.86
CA THR D 441 -18.84 35.32 8.27
C THR D 441 -18.62 35.58 6.79
N ILE D 442 -19.71 35.85 6.07
CA ILE D 442 -19.58 36.07 4.63
C ILE D 442 -18.61 37.23 4.38
N LYS D 443 -18.84 38.33 5.12
CA LYS D 443 -17.98 39.49 4.85
C LYS D 443 -16.52 39.23 5.13
N GLY D 444 -16.22 38.66 6.30
CA GLY D 444 -14.79 38.41 6.62
C GLY D 444 -14.09 37.65 5.53
N PHE D 445 -14.68 36.54 5.03
CA PHE D 445 -14.02 35.73 4.01
C PHE D 445 -13.93 36.44 2.67
N GLN D 446 -14.97 37.17 2.32
CA GLN D 446 -14.94 37.95 1.04
C GLN D 446 -13.79 38.98 1.09
N GLN D 447 -13.65 39.63 2.23
CA GLN D 447 -12.54 40.58 2.36
C GLN D 447 -11.18 39.92 2.28
N ILE D 448 -11.00 38.68 2.80
CA ILE D 448 -9.67 38.08 2.70
C ILE D 448 -9.34 37.71 1.27
N LEU D 449 -10.35 37.16 0.57
CA LEU D 449 -10.16 36.74 -0.81
C LEU D 449 -9.84 37.93 -1.70
N ALA D 450 -10.45 39.07 -1.38
CA ALA D 450 -10.27 40.28 -2.18
C ALA D 450 -8.90 40.92 -1.94
N GLY D 451 -8.18 40.54 -0.90
CA GLY D 451 -6.81 41.08 -0.71
C GLY D 451 -6.76 42.17 0.33
N GLU D 452 -7.86 42.54 0.96
CA GLU D 452 -7.90 43.54 1.97
C GLU D 452 -6.99 43.32 3.15
N TYR D 453 -6.41 42.14 3.34
CA TYR D 453 -5.64 41.90 4.56
C TYR D 453 -4.35 41.20 4.27
N ASP D 454 -3.87 41.39 3.04
CA ASP D 454 -2.62 40.83 2.61
C ASP D 454 -1.48 41.36 3.49
N HIS D 455 -1.72 42.48 4.15
CA HIS D 455 -0.69 43.03 5.02
C HIS D 455 -0.70 42.43 6.42
N LEU D 456 -1.78 41.82 6.89
CA LEU D 456 -1.75 41.26 8.25
C LEU D 456 -1.09 39.89 8.29
N PRO D 457 -0.40 39.60 9.37
CA PRO D 457 0.24 38.34 9.60
C PRO D 457 -0.79 37.22 9.71
N GLU D 458 -0.41 36.02 9.30
CA GLU D 458 -1.26 34.85 9.47
C GLU D 458 -1.82 34.67 10.88
N GLN D 459 -0.93 34.68 11.90
CA GLN D 459 -1.46 34.35 13.22
C GLN D 459 -2.60 35.26 13.65
N ALA D 460 -2.84 36.35 12.94
CA ALA D 460 -3.96 37.21 13.41
C ALA D 460 -5.31 36.56 13.14
N PHE D 461 -5.40 35.69 12.12
CA PHE D 461 -6.76 35.13 11.84
C PHE D 461 -7.05 33.86 12.62
N TYR D 462 -6.07 33.42 13.41
CA TYR D 462 -6.19 32.17 14.17
C TYR D 462 -6.92 32.37 15.48
N MET D 463 -7.89 31.47 15.71
CA MET D 463 -8.75 31.38 16.84
C MET D 463 -9.43 32.69 17.17
N VAL D 464 -10.20 33.27 16.28
CA VAL D 464 -10.95 34.48 16.64
C VAL D 464 -12.39 34.26 16.14
N GLY D 465 -13.22 35.24 16.40
CA GLY D 465 -14.59 35.27 15.91
C GLY D 465 -14.67 36.13 14.64
N PRO D 466 -15.27 37.30 14.72
CA PRO D 466 -15.44 38.22 13.62
C PRO D 466 -14.11 38.74 13.10
N ILE D 467 -14.07 39.26 11.90
CA ILE D 467 -12.86 39.76 11.24
C ILE D 467 -12.27 40.97 11.96
N GLU D 468 -13.12 41.79 12.57
CA GLU D 468 -12.61 42.93 13.35
C GLU D 468 -11.67 42.40 14.43
N GLU D 469 -11.96 41.17 14.89
CA GLU D 469 -11.11 40.60 15.94
C GLU D 469 -9.73 40.24 15.45
N ALA D 470 -9.61 39.89 14.18
CA ALA D 470 -8.30 39.60 13.61
C ALA D 470 -7.54 40.92 13.37
N VAL D 471 -8.21 41.97 12.93
CA VAL D 471 -7.53 43.29 12.75
C VAL D 471 -7.00 43.76 14.10
N ALA D 472 -7.77 43.54 15.16
CA ALA D 472 -7.30 43.92 16.50
C ALA D 472 -6.18 43.01 16.99
N LYS D 473 -6.22 41.71 16.65
CA LYS D 473 -5.11 40.86 17.11
C LYS D 473 -3.85 41.24 16.39
N ALA D 474 -3.98 41.61 15.11
CA ALA D 474 -2.80 42.05 14.38
C ALA D 474 -2.21 43.29 15.11
N ASP D 475 -3.08 44.20 15.57
CA ASP D 475 -2.51 45.36 16.30
C ASP D 475 -1.83 44.87 17.56
N LYS D 476 -2.52 44.06 18.36
CA LYS D 476 -1.91 43.51 19.57
C LYS D 476 -0.56 42.88 19.30
N LEU D 477 -0.45 41.96 18.34
CA LEU D 477 0.79 41.26 18.06
C LEU D 477 1.92 42.20 17.66
N ALA D 478 1.57 43.24 16.95
CA ALA D 478 2.52 44.26 16.52
C ALA D 478 3.02 45.03 17.76
N GLU D 479 2.82 44.41 18.91
CA GLU D 479 3.18 44.77 20.24
C GLU D 479 2.05 45.51 20.97
N THR E 13 -27.02 -42.05 -19.86
CA THR E 13 -28.00 -42.11 -18.75
C THR E 13 -28.66 -40.76 -18.49
N THR E 14 -29.80 -40.83 -17.81
CA THR E 14 -30.63 -39.71 -17.45
C THR E 14 -30.71 -39.54 -15.93
N GLY E 15 -30.37 -38.34 -15.46
CA GLY E 15 -30.36 -38.08 -14.04
C GLY E 15 -31.43 -37.08 -13.65
N ARG E 16 -31.42 -36.70 -12.38
CA ARG E 16 -32.37 -35.75 -11.86
C ARG E 16 -31.69 -34.56 -11.16
N ILE E 17 -32.20 -33.36 -11.43
CA ILE E 17 -31.65 -32.19 -10.70
C ILE E 17 -31.98 -32.34 -9.23
N VAL E 18 -31.01 -32.18 -8.31
CA VAL E 18 -31.36 -32.20 -6.88
C VAL E 18 -31.13 -30.86 -6.21
N ALA E 19 -30.32 -30.00 -6.85
CA ALA E 19 -30.13 -28.65 -6.29
C ALA E 19 -29.85 -27.63 -7.41
N VAL E 20 -30.34 -26.41 -7.16
CA VAL E 20 -30.13 -25.26 -8.01
C VAL E 20 -29.79 -24.01 -7.16
N ILE E 21 -28.57 -23.52 -7.33
CA ILE E 21 -28.12 -22.32 -6.53
C ILE E 21 -27.48 -21.35 -7.52
N GLY E 22 -28.30 -20.49 -8.12
CA GLY E 22 -27.85 -19.64 -9.21
C GLY E 22 -27.34 -20.52 -10.35
N ALA E 23 -26.08 -20.31 -10.70
CA ALA E 23 -25.49 -21.03 -11.82
C ALA E 23 -24.84 -22.35 -11.46
N VAL E 24 -25.05 -22.86 -10.29
CA VAL E 24 -24.49 -24.17 -9.92
C VAL E 24 -25.67 -25.13 -9.79
N VAL E 25 -25.59 -26.27 -10.49
CA VAL E 25 -26.70 -27.23 -10.41
C VAL E 25 -26.17 -28.60 -9.99
N ASP E 26 -26.75 -29.21 -8.97
CA ASP E 26 -26.30 -30.54 -8.55
C ASP E 26 -27.25 -31.58 -9.18
N VAL E 27 -26.69 -32.58 -9.85
CA VAL E 27 -27.54 -33.57 -10.54
C VAL E 27 -27.24 -34.98 -10.03
N GLN E 28 -28.28 -35.72 -9.68
CA GLN E 28 -28.13 -37.10 -9.22
C GLN E 28 -28.46 -38.13 -10.32
N PHE E 29 -27.65 -39.17 -10.41
CA PHE E 29 -27.81 -40.28 -11.34
C PHE E 29 -27.93 -41.64 -10.65
N ASP E 30 -28.86 -42.51 -11.06
CA ASP E 30 -29.00 -43.85 -10.46
C ASP E 30 -27.91 -44.82 -10.92
N GLU E 31 -27.55 -44.72 -12.19
CA GLU E 31 -26.54 -45.61 -12.77
C GLU E 31 -25.55 -44.78 -13.58
N GLY E 32 -24.30 -45.23 -13.53
CA GLY E 32 -23.23 -44.60 -14.29
C GLY E 32 -23.24 -43.08 -14.27
N LEU E 33 -22.31 -42.51 -13.51
CA LEU E 33 -22.11 -41.09 -13.40
C LEU E 33 -21.25 -40.53 -14.55
N PRO E 34 -21.64 -39.39 -15.06
CA PRO E 34 -20.89 -38.66 -16.07
C PRO E 34 -19.60 -38.12 -15.46
N PRO E 35 -18.48 -38.46 -16.02
CA PRO E 35 -17.20 -37.97 -15.58
C PRO E 35 -17.16 -36.43 -15.59
N ILE E 36 -16.22 -35.89 -14.86
CA ILE E 36 -15.93 -34.46 -14.79
C ILE E 36 -15.63 -33.92 -16.18
N LEU E 37 -16.26 -32.84 -16.58
CA LEU E 37 -16.07 -32.13 -17.83
C LEU E 37 -17.12 -32.56 -18.87
N ASN E 38 -17.94 -33.54 -18.55
CA ASN E 38 -18.98 -33.97 -19.46
C ASN E 38 -20.11 -32.91 -19.49
N ALA E 39 -20.76 -32.90 -20.66
CA ALA E 39 -21.89 -32.05 -20.92
C ALA E 39 -23.18 -32.81 -20.71
N LEU E 40 -24.03 -32.27 -19.84
CA LEU E 40 -25.35 -32.73 -19.55
C LEU E 40 -26.37 -31.79 -20.20
N GLU E 41 -27.46 -32.38 -20.72
CA GLU E 41 -28.50 -31.61 -21.35
C GLU E 41 -29.76 -31.64 -20.48
N VAL E 42 -30.25 -30.45 -20.09
CA VAL E 42 -31.43 -30.41 -19.25
C VAL E 42 -32.64 -30.65 -20.16
N GLN E 43 -33.60 -31.43 -19.70
CA GLN E 43 -34.78 -31.73 -20.49
C GLN E 43 -35.91 -30.77 -20.16
N GLY E 44 -36.84 -30.60 -21.11
CA GLY E 44 -37.99 -29.78 -20.89
C GLY E 44 -37.73 -28.29 -20.91
N ARG E 45 -36.90 -27.81 -21.83
CA ARG E 45 -36.72 -26.35 -21.90
C ARG E 45 -36.91 -25.86 -23.31
N GLU E 46 -37.25 -24.58 -23.47
CA GLU E 46 -37.46 -24.02 -24.80
C GLU E 46 -36.15 -23.89 -25.55
N THR E 47 -35.07 -23.62 -24.84
CA THR E 47 -33.75 -23.50 -25.51
C THR E 47 -32.75 -24.39 -24.83
N ARG E 48 -31.71 -24.82 -25.53
CA ARG E 48 -30.73 -25.76 -24.98
C ARG E 48 -29.98 -25.20 -23.76
N LEU E 49 -29.97 -25.94 -22.67
CA LEU E 49 -29.32 -25.61 -21.42
C LEU E 49 -28.32 -26.73 -21.08
N VAL E 50 -27.06 -26.46 -21.29
CA VAL E 50 -25.98 -27.37 -20.99
C VAL E 50 -25.40 -27.11 -19.62
N LEU E 51 -25.11 -28.17 -18.89
CA LEU E 51 -24.46 -28.13 -17.59
C LEU E 51 -23.13 -28.82 -17.79
N GLU E 52 -22.02 -28.27 -17.35
CA GLU E 52 -20.74 -28.96 -17.44
C GLU E 52 -20.42 -29.59 -16.07
N VAL E 53 -20.17 -30.89 -16.00
CA VAL E 53 -19.85 -31.50 -14.69
C VAL E 53 -18.53 -30.91 -14.17
N ALA E 54 -18.54 -30.51 -12.90
CA ALA E 54 -17.26 -29.98 -12.37
C ALA E 54 -16.69 -30.87 -11.29
N GLN E 55 -17.54 -31.54 -10.53
CA GLN E 55 -17.07 -32.37 -9.41
C GLN E 55 -17.96 -33.59 -9.22
N HIS E 56 -17.45 -34.59 -8.51
CA HIS E 56 -18.32 -35.70 -8.05
C HIS E 56 -18.44 -35.55 -6.53
N LEU E 57 -19.62 -35.25 -6.04
CA LEU E 57 -19.79 -34.94 -4.63
C LEU E 57 -19.90 -36.14 -3.73
N GLY E 58 -20.05 -37.35 -4.30
CA GLY E 58 -20.34 -38.51 -3.44
C GLY E 58 -21.84 -38.77 -3.54
N GLU E 59 -22.32 -39.91 -3.04
CA GLU E 59 -23.73 -40.25 -3.08
C GLU E 59 -24.30 -40.12 -4.48
N SER E 60 -23.57 -40.48 -5.52
CA SER E 60 -24.07 -40.42 -6.88
C SER E 60 -24.53 -39.08 -7.42
N THR E 61 -24.06 -37.97 -6.86
CA THR E 61 -24.50 -36.64 -7.28
C THR E 61 -23.31 -35.89 -7.85
N VAL E 62 -23.53 -35.20 -8.95
CA VAL E 62 -22.48 -34.41 -9.58
C VAL E 62 -22.78 -32.92 -9.42
N ARG E 63 -21.72 -32.13 -9.20
CA ARG E 63 -21.94 -30.66 -9.14
C ARG E 63 -21.61 -30.09 -10.51
N THR E 64 -22.48 -29.25 -11.07
CA THR E 64 -22.21 -28.78 -12.44
C THR E 64 -22.26 -27.25 -12.53
N ILE E 65 -21.70 -26.72 -13.61
CA ILE E 65 -21.80 -25.30 -13.89
C ILE E 65 -22.67 -25.09 -15.14
N ALA E 66 -23.67 -24.24 -15.02
CA ALA E 66 -24.55 -23.96 -16.14
C ALA E 66 -23.99 -23.04 -17.20
N MET E 67 -24.33 -23.35 -18.46
CA MET E 67 -23.94 -22.53 -19.59
C MET E 67 -25.01 -21.52 -20.01
N ASP E 68 -26.11 -21.37 -19.33
CA ASP E 68 -27.17 -20.40 -19.62
C ASP E 68 -27.94 -20.24 -18.29
N GLY E 69 -28.94 -19.40 -18.23
CA GLY E 69 -29.69 -19.10 -17.03
C GLY E 69 -30.33 -20.36 -16.45
N THR E 70 -30.63 -20.35 -15.15
CA THR E 70 -31.19 -21.52 -14.50
C THR E 70 -32.57 -21.26 -13.93
N GLU E 71 -33.08 -20.06 -14.19
CA GLU E 71 -34.45 -19.75 -13.73
C GLU E 71 -35.43 -20.78 -14.33
N GLY E 72 -36.41 -21.17 -13.58
CA GLY E 72 -37.44 -22.09 -14.00
C GLY E 72 -37.13 -23.57 -13.72
N LEU E 73 -35.88 -23.91 -13.42
CA LEU E 73 -35.51 -25.27 -13.12
C LEU E 73 -36.22 -25.81 -11.89
N VAL E 74 -36.63 -27.08 -11.96
CA VAL E 74 -37.30 -27.72 -10.81
C VAL E 74 -36.51 -28.89 -10.26
N ARG E 75 -36.55 -29.10 -8.95
CA ARG E 75 -35.86 -30.29 -8.39
C ARG E 75 -36.60 -31.52 -8.89
N GLY E 76 -35.91 -32.44 -9.53
CA GLY E 76 -36.61 -33.63 -10.06
C GLY E 76 -36.53 -33.62 -11.58
N GLN E 77 -36.23 -32.46 -12.15
CA GLN E 77 -36.16 -32.28 -13.59
C GLN E 77 -35.06 -33.16 -14.18
N LYS E 78 -35.40 -33.81 -15.29
CA LYS E 78 -34.52 -34.72 -15.97
C LYS E 78 -33.37 -34.10 -16.70
N VAL E 79 -32.27 -34.84 -16.73
CA VAL E 79 -31.03 -34.33 -17.32
C VAL E 79 -30.28 -35.47 -17.98
N LEU E 80 -29.95 -35.35 -19.27
CA LEU E 80 -29.25 -36.40 -19.96
C LEU E 80 -27.72 -36.15 -20.01
N ASP E 81 -26.99 -37.22 -19.83
CA ASP E 81 -25.54 -37.25 -20.01
C ASP E 81 -25.24 -37.45 -21.49
N SER E 82 -24.60 -36.49 -22.12
CA SER E 82 -24.24 -36.56 -23.51
C SER E 82 -23.19 -37.64 -23.76
N GLY E 83 -22.55 -38.15 -22.69
CA GLY E 83 -21.52 -39.17 -22.93
C GLY E 83 -20.20 -38.54 -23.35
N ALA E 84 -20.16 -37.20 -23.37
CA ALA E 84 -18.88 -36.53 -23.69
C ALA E 84 -18.92 -35.08 -23.23
N PRO E 85 -17.77 -34.43 -23.21
CA PRO E 85 -17.69 -33.00 -22.90
C PRO E 85 -18.38 -32.24 -24.02
N ILE E 86 -18.55 -30.93 -23.90
CA ILE E 86 -19.19 -30.10 -24.91
C ILE E 86 -18.54 -30.31 -26.29
N ARG E 87 -19.38 -30.64 -27.28
CA ARG E 87 -18.87 -30.80 -28.62
C ARG E 87 -19.48 -29.78 -29.60
N ILE E 88 -18.64 -29.30 -30.49
CA ILE E 88 -19.03 -28.28 -31.44
C ILE E 88 -18.64 -28.62 -32.87
N PRO E 89 -19.34 -28.04 -33.84
CA PRO E 89 -19.08 -28.17 -35.26
C PRO E 89 -17.71 -27.62 -35.65
N VAL E 90 -16.91 -28.36 -36.39
CA VAL E 90 -15.61 -27.92 -36.86
C VAL E 90 -15.51 -28.25 -38.36
N GLY E 91 -14.77 -27.43 -39.10
CA GLY E 91 -14.69 -27.59 -40.55
C GLY E 91 -14.94 -26.25 -41.23
N PRO E 92 -14.81 -26.23 -42.54
CA PRO E 92 -14.95 -25.04 -43.38
C PRO E 92 -16.31 -24.41 -43.24
N GLU E 93 -17.34 -25.21 -42.94
CA GLU E 93 -18.66 -24.69 -42.73
C GLU E 93 -18.69 -23.74 -41.51
N THR E 94 -17.67 -23.69 -40.66
CA THR E 94 -17.77 -22.72 -39.55
C THR E 94 -17.40 -21.32 -40.06
N LEU E 95 -16.74 -21.25 -41.20
CA LEU E 95 -16.25 -19.98 -41.76
C LEU E 95 -17.39 -19.07 -42.16
N GLY E 96 -17.33 -17.81 -41.69
CA GLY E 96 -18.39 -16.82 -41.93
C GLY E 96 -19.60 -16.97 -41.07
N ARG E 97 -19.61 -17.92 -40.12
CA ARG E 97 -20.72 -18.10 -39.22
C ARG E 97 -20.43 -17.51 -37.82
N ILE E 98 -21.46 -17.24 -37.05
CA ILE E 98 -21.31 -16.88 -35.66
C ILE E 98 -21.86 -18.02 -34.76
N MET E 99 -21.00 -18.42 -33.84
CA MET E 99 -21.32 -19.53 -32.93
C MET E 99 -21.15 -19.10 -31.47
N ASN E 100 -21.90 -19.72 -30.57
CA ASN E 100 -21.75 -19.56 -29.14
C ASN E 100 -20.88 -20.70 -28.57
N VAL E 101 -20.69 -20.63 -27.24
CA VAL E 101 -19.78 -21.51 -26.53
C VAL E 101 -20.13 -22.97 -26.73
N ILE E 102 -21.42 -23.30 -26.80
CA ILE E 102 -21.79 -24.71 -26.99
C ILE E 102 -22.01 -25.04 -28.47
N GLY E 103 -21.50 -24.24 -29.37
CA GLY E 103 -21.50 -24.47 -30.77
C GLY E 103 -22.76 -24.24 -31.56
N GLU E 104 -23.73 -23.54 -31.03
CA GLU E 104 -24.99 -23.28 -31.72
C GLU E 104 -24.84 -21.99 -32.53
N PRO E 105 -25.46 -21.93 -33.68
CA PRO E 105 -25.51 -20.75 -34.50
C PRO E 105 -26.26 -19.65 -33.79
N ILE E 106 -25.65 -18.45 -33.76
CA ILE E 106 -26.36 -17.32 -33.15
C ILE E 106 -26.50 -16.19 -34.18
N ASP E 107 -26.17 -16.50 -35.43
CA ASP E 107 -26.30 -15.53 -36.52
C ASP E 107 -27.64 -15.69 -37.25
N GLU E 108 -28.49 -16.61 -36.84
CA GLU E 108 -29.78 -16.84 -37.46
C GLU E 108 -29.74 -17.33 -38.88
N ARG E 109 -28.69 -18.00 -39.35
CA ARG E 109 -28.64 -18.46 -40.73
C ARG E 109 -28.84 -19.98 -40.80
N GLY E 110 -29.49 -20.52 -39.76
CA GLY E 110 -29.75 -21.92 -39.67
C GLY E 110 -28.57 -22.77 -39.21
N PRO E 111 -28.77 -24.08 -39.27
CA PRO E 111 -27.82 -25.08 -38.85
C PRO E 111 -26.44 -24.87 -39.42
N ILE E 112 -25.45 -25.34 -38.67
CA ILE E 112 -24.05 -25.28 -39.12
C ILE E 112 -23.73 -26.71 -39.56
N LYS E 113 -23.91 -27.02 -40.83
CA LYS E 113 -23.79 -28.37 -41.36
C LYS E 113 -22.40 -28.90 -41.58
N THR E 114 -21.56 -29.03 -40.57
CA THR E 114 -20.22 -29.58 -40.77
C THR E 114 -20.37 -31.11 -40.89
N LYS E 115 -19.27 -31.75 -41.22
CA LYS E 115 -19.27 -33.21 -41.28
C LYS E 115 -18.74 -33.78 -39.96
N GLN E 116 -18.08 -32.93 -39.14
CA GLN E 116 -17.59 -33.41 -37.86
C GLN E 116 -17.95 -32.51 -36.66
N PHE E 117 -17.47 -32.99 -35.51
CA PHE E 117 -17.58 -32.33 -34.23
C PHE E 117 -16.31 -32.59 -33.40
N ALA E 118 -16.01 -31.64 -32.51
CA ALA E 118 -14.83 -31.69 -31.66
C ALA E 118 -15.11 -31.26 -30.21
N ALA E 119 -14.44 -31.95 -29.29
CA ALA E 119 -14.59 -31.68 -27.86
C ALA E 119 -13.89 -30.36 -27.53
N ILE E 120 -14.44 -29.50 -26.69
CA ILE E 120 -13.70 -28.22 -26.50
C ILE E 120 -12.53 -28.35 -25.53
N HIS E 121 -12.47 -29.45 -24.83
CA HIS E 121 -11.39 -29.76 -23.89
C HIS E 121 -10.43 -30.68 -24.58
N ALA E 122 -9.15 -30.38 -24.64
CA ALA E 122 -8.18 -31.19 -25.35
C ALA E 122 -6.77 -31.01 -24.78
N GLU E 123 -6.00 -32.08 -24.69
CA GLU E 123 -4.63 -31.96 -24.17
C GLU E 123 -3.79 -31.28 -25.26
N ALA E 124 -2.70 -30.67 -24.89
CA ALA E 124 -1.81 -30.04 -25.86
C ALA E 124 -0.99 -31.12 -26.55
N PRO E 125 -0.49 -30.82 -27.73
CA PRO E 125 0.44 -31.68 -28.45
C PRO E 125 1.52 -32.15 -27.48
N GLU E 126 1.88 -33.43 -27.53
CA GLU E 126 2.86 -34.03 -26.65
C GLU E 126 4.27 -33.47 -26.90
N PHE E 127 5.15 -33.75 -25.94
CA PHE E 127 6.52 -33.28 -26.04
C PHE E 127 7.15 -33.52 -27.39
N VAL E 128 6.82 -34.63 -28.04
CA VAL E 128 7.44 -35.01 -29.30
C VAL E 128 6.78 -34.38 -30.53
N GLU E 129 5.57 -33.85 -30.38
CA GLU E 129 4.75 -33.39 -31.48
C GLU E 129 5.03 -32.00 -32.00
N MET E 130 6.06 -31.32 -31.50
CA MET E 130 6.30 -29.97 -32.02
C MET E 130 7.66 -29.87 -32.69
N GLU E 133 11.41 -23.81 -34.61
CA GLU E 133 11.96 -22.80 -35.53
C GLU E 133 11.19 -21.49 -35.39
N GLN E 134 11.48 -20.52 -36.26
CA GLN E 134 10.81 -19.22 -36.17
C GLN E 134 10.55 -18.60 -37.54
N GLU E 135 9.42 -17.91 -37.67
CA GLU E 135 9.06 -17.26 -38.92
C GLU E 135 8.47 -15.88 -38.65
N ILE E 136 7.90 -15.24 -39.65
CA ILE E 136 7.31 -13.92 -39.54
C ILE E 136 6.00 -13.79 -40.31
N LEU E 137 5.04 -13.13 -39.68
CA LEU E 137 3.70 -12.94 -40.20
C LEU E 137 3.42 -11.51 -40.62
N VAL E 138 3.42 -11.24 -41.92
CA VAL E 138 3.22 -9.90 -42.43
C VAL E 138 1.81 -9.37 -42.23
N THR E 139 1.70 -8.26 -41.48
CA THR E 139 0.37 -7.71 -41.22
C THR E 139 -0.10 -6.72 -42.26
N GLY E 140 0.82 -6.05 -42.94
CA GLY E 140 0.42 -4.99 -43.90
C GLY E 140 0.13 -3.69 -43.14
N ILE E 141 0.59 -3.64 -41.89
CA ILE E 141 0.43 -2.49 -41.01
C ILE E 141 1.85 -2.03 -40.64
N LYS E 142 2.26 -0.91 -41.24
CA LYS E 142 3.62 -0.42 -41.21
C LYS E 142 4.27 -0.36 -39.86
N VAL E 143 3.59 0.24 -38.87
CA VAL E 143 4.20 0.36 -37.55
C VAL E 143 4.51 -1.01 -36.95
N VAL E 144 3.65 -1.99 -37.13
CA VAL E 144 3.88 -3.32 -36.58
C VAL E 144 4.93 -4.10 -37.36
N ASP E 145 4.70 -4.25 -38.66
CA ASP E 145 5.64 -4.97 -39.51
C ASP E 145 7.03 -4.36 -39.44
N LEU E 146 7.12 -3.06 -39.18
CA LEU E 146 8.44 -2.43 -39.09
C LEU E 146 9.12 -2.58 -37.74
N LEU E 147 8.45 -2.09 -36.68
CA LEU E 147 9.05 -2.03 -35.37
C LEU E 147 8.90 -3.19 -34.43
N ALA E 148 7.83 -3.96 -34.54
CA ALA E 148 7.59 -5.10 -33.65
C ALA E 148 6.72 -6.12 -34.39
N PRO E 149 7.29 -6.76 -35.40
CA PRO E 149 6.60 -7.71 -36.26
C PRO E 149 6.16 -8.97 -35.55
N TYR E 150 5.03 -9.56 -35.99
CA TYR E 150 4.56 -10.80 -35.37
C TYR E 150 5.22 -12.03 -36.03
N ALA E 151 5.33 -13.07 -35.24
CA ALA E 151 5.91 -14.33 -35.73
C ALA E 151 4.86 -15.44 -35.70
N LYS E 152 4.67 -16.13 -36.83
CA LYS E 152 3.70 -17.21 -36.89
C LYS E 152 3.93 -18.22 -35.77
N GLY E 153 2.87 -18.67 -35.11
CA GLY E 153 2.98 -19.70 -34.09
C GLY E 153 3.14 -19.15 -32.68
N GLY E 154 3.35 -17.84 -32.59
CA GLY E 154 3.49 -17.21 -31.27
C GLY E 154 2.20 -16.57 -30.76
N LYS E 155 2.30 -16.09 -29.51
CA LYS E 155 1.26 -15.41 -28.80
C LYS E 155 1.67 -13.92 -28.64
N ILE E 156 0.77 -13.06 -29.04
CA ILE E 156 1.01 -11.63 -29.01
C ILE E 156 0.01 -10.92 -28.09
N GLY E 157 0.52 -10.24 -27.07
CA GLY E 157 -0.41 -9.49 -26.22
C GLY E 157 -0.65 -8.08 -26.85
N LEU E 158 -1.91 -7.69 -26.91
CA LEU E 158 -2.38 -6.42 -27.45
C LEU E 158 -2.88 -5.53 -26.32
N PHE E 159 -2.15 -4.46 -26.01
CA PHE E 159 -2.45 -3.63 -24.83
C PHE E 159 -3.10 -2.31 -25.19
N GLY E 160 -3.91 -1.74 -24.30
CA GLY E 160 -4.49 -0.43 -24.62
C GLY E 160 -5.67 -0.08 -23.76
N GLY E 161 -5.71 1.23 -23.40
CA GLY E 161 -6.80 1.73 -22.57
C GLY E 161 -8.12 1.60 -23.31
N ALA E 162 -9.22 1.68 -22.61
CA ALA E 162 -10.55 1.57 -23.22
C ALA E 162 -10.78 2.58 -24.35
N GLY E 163 -11.34 2.10 -25.47
CA GLY E 163 -11.73 2.98 -26.55
C GLY E 163 -10.55 3.53 -27.37
N VAL E 164 -9.38 2.95 -27.19
CA VAL E 164 -8.20 3.42 -27.88
C VAL E 164 -8.07 2.83 -29.28
N GLY E 165 -8.68 1.68 -29.53
CA GLY E 165 -8.60 1.09 -30.86
C GLY E 165 -8.20 -0.36 -30.92
N LYS E 166 -8.12 -1.05 -29.79
CA LYS E 166 -7.68 -2.44 -29.80
C LYS E 166 -8.51 -3.29 -30.77
N THR E 167 -9.85 -3.22 -30.60
CA THR E 167 -10.74 -4.02 -31.41
C THR E 167 -10.66 -3.64 -32.90
N VAL E 168 -10.61 -2.33 -33.14
CA VAL E 168 -10.50 -1.87 -34.53
C VAL E 168 -9.24 -2.50 -35.13
N LEU E 169 -8.20 -2.54 -34.29
CA LEU E 169 -6.93 -3.10 -34.77
C LEU E 169 -7.10 -4.59 -35.05
N ILE E 170 -7.83 -5.28 -34.18
CA ILE E 170 -8.09 -6.71 -34.40
C ILE E 170 -8.79 -6.92 -35.76
N MET E 171 -9.70 -6.01 -36.10
CA MET E 171 -10.49 -6.09 -37.30
C MET E 171 -9.62 -5.94 -38.55
N GLU E 172 -8.72 -4.96 -38.53
CA GLU E 172 -7.81 -4.75 -39.65
C GLU E 172 -6.89 -5.94 -39.82
N LEU E 173 -6.47 -6.55 -38.69
CA LEU E 173 -5.57 -7.69 -38.78
C LEU E 173 -6.30 -8.85 -39.48
N ILE E 174 -7.54 -9.10 -39.06
CA ILE E 174 -8.35 -10.12 -39.72
C ILE E 174 -8.53 -9.79 -41.20
N ASN E 175 -8.69 -8.51 -41.50
CA ASN E 175 -8.89 -8.05 -42.88
C ASN E 175 -7.64 -8.24 -43.72
N ASN E 176 -6.49 -7.78 -43.26
CA ASN E 176 -5.23 -7.93 -43.97
C ASN E 176 -4.87 -9.40 -44.18
N VAL E 177 -5.01 -10.21 -43.13
CA VAL E 177 -4.74 -11.65 -43.30
C VAL E 177 -5.76 -12.24 -44.27
N ALA E 178 -5.33 -12.51 -45.48
CA ALA E 178 -6.02 -13.05 -46.64
C ALA E 178 -4.97 -13.03 -47.80
N LYS E 179 -3.99 -13.91 -47.63
CA LYS E 179 -2.83 -13.91 -48.50
C LYS E 179 -2.03 -15.21 -48.42
N ALA E 180 -0.73 -15.03 -48.34
CA ALA E 180 0.32 -15.99 -48.25
C ALA E 180 -0.04 -17.33 -47.62
N HIS E 181 0.17 -17.48 -46.32
CA HIS E 181 -0.07 -18.73 -45.63
C HIS E 181 -1.55 -19.12 -45.59
N GLY E 182 -2.39 -18.48 -46.42
CA GLY E 182 -3.81 -18.81 -46.46
C GLY E 182 -4.77 -17.69 -46.12
N GLY E 183 -4.79 -17.23 -44.86
CA GLY E 183 -5.67 -16.16 -44.45
C GLY E 183 -6.85 -16.58 -43.60
N TYR E 184 -6.83 -17.74 -42.95
CA TYR E 184 -7.95 -18.12 -42.09
C TYR E 184 -7.78 -17.51 -40.69
N SER E 185 -8.89 -17.12 -40.10
CA SER E 185 -8.93 -16.56 -38.77
C SER E 185 -10.10 -17.09 -37.95
N VAL E 186 -9.85 -17.18 -36.63
CA VAL E 186 -10.93 -17.48 -35.69
C VAL E 186 -10.95 -16.32 -34.69
N PHE E 187 -12.14 -15.72 -34.47
CA PHE E 187 -12.21 -14.66 -33.47
C PHE E 187 -13.01 -15.17 -32.28
N ALA E 188 -12.36 -15.16 -31.11
CA ALA E 188 -13.09 -15.59 -29.88
C ALA E 188 -13.35 -14.33 -29.03
N GLY E 189 -14.60 -13.93 -28.91
CA GLY E 189 -14.96 -12.77 -28.09
C GLY E 189 -15.36 -13.22 -26.69
N VAL E 190 -14.44 -13.09 -25.77
CA VAL E 190 -14.67 -13.50 -24.36
C VAL E 190 -15.26 -12.31 -23.63
N GLY E 191 -16.52 -12.33 -23.24
CA GLY E 191 -17.11 -11.12 -22.63
C GLY E 191 -17.38 -10.13 -23.79
N GLU E 192 -17.80 -10.64 -24.95
CA GLU E 192 -18.08 -9.76 -26.09
C GLU E 192 -19.26 -8.84 -25.79
N ARG E 193 -19.15 -7.53 -25.98
CA ARG E 193 -20.33 -6.67 -25.76
C ARG E 193 -21.24 -6.81 -26.99
N THR E 194 -22.49 -7.15 -26.79
CA THR E 194 -23.42 -7.47 -27.84
C THR E 194 -23.48 -6.41 -28.92
N ARG E 195 -23.42 -5.14 -28.51
CA ARG E 195 -23.44 -4.07 -29.49
C ARG E 195 -22.24 -4.23 -30.41
N GLU E 196 -21.11 -4.55 -29.75
CA GLU E 196 -19.90 -4.65 -30.58
C GLU E 196 -19.94 -5.93 -31.41
N GLY E 197 -20.53 -6.99 -30.90
CA GLY E 197 -20.54 -8.26 -31.72
C GLY E 197 -21.38 -7.99 -32.99
N ASN E 198 -22.39 -7.12 -32.89
CA ASN E 198 -23.16 -6.74 -34.09
C ASN E 198 -22.28 -5.91 -35.03
N ASP E 199 -21.56 -4.92 -34.48
CA ASP E 199 -20.69 -4.11 -35.28
C ASP E 199 -19.58 -4.95 -35.93
N LEU E 200 -18.94 -5.87 -35.20
CA LEU E 200 -17.84 -6.63 -35.85
C LEU E 200 -18.40 -7.45 -37.02
N TYR E 201 -19.52 -8.12 -36.80
CA TYR E 201 -20.15 -8.90 -37.86
C TYR E 201 -20.37 -8.03 -39.10
N HIS E 202 -21.08 -6.93 -38.93
CA HIS E 202 -21.37 -6.05 -40.07
C HIS E 202 -20.13 -5.57 -40.79
N GLU E 203 -19.04 -5.32 -40.08
CA GLU E 203 -17.82 -4.88 -40.75
C GLU E 203 -17.17 -6.02 -41.53
N MET E 204 -17.20 -7.24 -40.98
CA MET E 204 -16.63 -8.40 -41.65
C MET E 204 -17.32 -8.70 -42.98
N ILE E 205 -18.62 -8.46 -43.04
CA ILE E 205 -19.42 -8.64 -44.22
C ILE E 205 -19.12 -7.57 -45.27
N GLU E 206 -19.13 -6.33 -44.79
CA GLU E 206 -18.82 -5.15 -45.54
C GLU E 206 -17.46 -5.24 -46.22
N SER E 207 -16.43 -5.70 -45.53
CA SER E 207 -15.10 -5.70 -46.17
C SER E 207 -14.90 -6.96 -46.99
N GLY E 208 -15.89 -7.86 -46.99
CA GLY E 208 -15.81 -9.09 -47.71
C GLY E 208 -15.21 -10.27 -46.99
N VAL E 209 -14.44 -10.10 -45.91
CA VAL E 209 -13.86 -11.25 -45.22
C VAL E 209 -14.94 -12.28 -44.87
N ILE E 210 -16.19 -11.81 -44.76
CA ILE E 210 -17.29 -12.75 -44.52
C ILE E 210 -18.20 -12.58 -45.76
N ASN E 211 -18.41 -13.67 -46.48
CA ASN E 211 -19.26 -13.61 -47.65
C ASN E 211 -20.55 -14.36 -47.36
N LEU E 212 -21.66 -13.66 -47.28
CA LEU E 212 -22.93 -14.33 -47.01
C LEU E 212 -23.43 -15.08 -48.24
N LYS E 213 -22.74 -14.94 -49.36
CA LYS E 213 -23.21 -15.54 -50.61
C LYS E 213 -22.48 -16.83 -50.97
N ASP E 214 -21.15 -16.87 -50.87
CA ASP E 214 -20.44 -18.11 -51.23
C ASP E 214 -19.75 -18.75 -50.04
N ALA E 215 -18.67 -19.48 -50.28
CA ALA E 215 -17.93 -20.18 -49.26
C ALA E 215 -16.53 -19.59 -49.08
N THR E 216 -16.25 -18.45 -49.68
CA THR E 216 -15.00 -17.76 -49.50
C THR E 216 -14.83 -17.03 -48.18
N SER E 217 -15.75 -17.12 -47.22
CA SER E 217 -15.50 -16.46 -45.92
C SER E 217 -14.16 -16.89 -45.33
N LYS E 218 -13.41 -16.01 -44.70
CA LYS E 218 -12.12 -16.38 -44.12
C LYS E 218 -12.05 -16.30 -42.59
N VAL E 219 -13.15 -16.01 -41.93
CA VAL E 219 -13.16 -15.91 -40.48
C VAL E 219 -14.39 -16.56 -39.90
N ALA E 220 -14.14 -17.28 -38.81
CA ALA E 220 -15.24 -17.92 -38.06
C ALA E 220 -15.40 -17.07 -36.77
N LEU E 221 -16.58 -16.83 -36.30
CA LEU E 221 -16.80 -16.03 -35.11
C LEU E 221 -17.41 -16.91 -34.02
N VAL E 222 -16.82 -16.74 -32.84
CA VAL E 222 -17.31 -17.43 -31.65
C VAL E 222 -17.52 -16.37 -30.55
N TYR E 223 -18.75 -16.19 -30.08
CA TYR E 223 -19.03 -15.19 -29.06
C TYR E 223 -19.42 -15.71 -27.67
N GLY E 224 -18.73 -15.29 -26.65
CA GLY E 224 -19.11 -15.54 -25.23
C GLY E 224 -19.49 -14.13 -24.66
N GLN E 225 -20.77 -13.79 -24.79
CA GLN E 225 -21.27 -12.47 -24.52
C GLN E 225 -21.28 -12.07 -23.06
N MET E 226 -21.17 -10.76 -22.78
CA MET E 226 -21.13 -10.30 -21.38
C MET E 226 -22.29 -10.78 -20.57
N ASN E 227 -23.53 -10.78 -21.09
CA ASN E 227 -24.69 -11.16 -20.35
C ASN E 227 -24.86 -12.67 -20.16
N GLU E 228 -23.87 -13.47 -20.46
CA GLU E 228 -23.97 -14.92 -20.24
C GLU E 228 -23.35 -15.21 -18.86
N PRO E 229 -23.72 -16.30 -18.24
CA PRO E 229 -23.19 -16.76 -16.98
C PRO E 229 -21.70 -17.04 -17.10
N PRO E 230 -21.03 -17.13 -15.96
CA PRO E 230 -19.63 -17.31 -15.83
C PRO E 230 -19.08 -18.57 -16.49
N GLY E 231 -19.81 -19.70 -16.38
CA GLY E 231 -19.30 -20.90 -17.06
C GLY E 231 -19.28 -20.72 -18.57
N ALA E 232 -20.26 -20.02 -19.14
CA ALA E 232 -20.17 -19.74 -20.60
C ALA E 232 -19.01 -18.83 -20.90
N ARG E 233 -18.76 -17.77 -20.10
CA ARG E 233 -17.62 -16.90 -20.45
C ARG E 233 -16.28 -17.57 -20.23
N ALA E 234 -16.18 -18.49 -19.29
CA ALA E 234 -14.89 -19.15 -19.05
C ALA E 234 -14.57 -20.15 -20.15
N ARG E 235 -15.62 -20.74 -20.74
CA ARG E 235 -15.32 -21.79 -21.74
C ARG E 235 -15.29 -21.33 -23.17
N VAL E 236 -15.72 -20.11 -23.49
CA VAL E 236 -15.71 -19.70 -24.90
C VAL E 236 -14.38 -19.59 -25.57
N ALA E 237 -13.31 -19.26 -24.86
CA ALA E 237 -12.00 -19.24 -25.50
C ALA E 237 -11.65 -20.66 -26.02
N LEU E 238 -12.07 -21.68 -25.28
CA LEU E 238 -11.77 -23.06 -25.65
C LEU E 238 -12.55 -23.46 -26.91
N THR E 239 -13.81 -23.10 -26.94
CA THR E 239 -14.64 -23.27 -28.14
C THR E 239 -13.93 -22.64 -29.33
N GLY E 240 -13.44 -21.40 -29.18
CA GLY E 240 -12.75 -20.72 -30.28
C GLY E 240 -11.49 -21.48 -30.67
N LEU E 241 -10.75 -21.91 -29.66
CA LEU E 241 -9.53 -22.70 -29.81
C LEU E 241 -9.80 -24.02 -30.56
N THR E 242 -10.93 -24.66 -30.29
CA THR E 242 -11.29 -25.92 -30.93
C THR E 242 -11.59 -25.72 -32.41
N VAL E 243 -12.27 -24.64 -32.76
CA VAL E 243 -12.49 -24.29 -34.16
C VAL E 243 -11.18 -24.14 -34.90
N ALA E 244 -10.18 -23.51 -34.29
CA ALA E 244 -8.90 -23.29 -34.91
C ALA E 244 -8.04 -24.56 -35.05
N GLU E 245 -8.14 -25.43 -34.05
CA GLU E 245 -7.32 -26.64 -34.04
C GLU E 245 -7.65 -27.50 -35.26
N TYR E 246 -8.89 -27.49 -35.71
CA TYR E 246 -9.33 -28.23 -36.86
C TYR E 246 -8.54 -27.78 -38.09
N PHE E 247 -8.54 -26.48 -38.35
CA PHE E 247 -7.80 -25.90 -39.46
C PHE E 247 -6.33 -26.28 -39.42
N ARG E 248 -5.70 -26.18 -38.24
CA ARG E 248 -4.28 -26.49 -38.13
C ARG E 248 -4.00 -27.99 -38.36
N ASP E 249 -4.76 -28.82 -37.67
CA ASP E 249 -4.56 -30.24 -37.63
C ASP E 249 -5.17 -30.95 -38.84
N GLN E 250 -6.47 -30.88 -39.06
CA GLN E 250 -7.09 -31.62 -40.14
C GLN E 250 -6.81 -31.08 -41.53
N GLU E 251 -6.61 -29.78 -41.68
CA GLU E 251 -6.30 -29.21 -43.00
C GLU E 251 -4.97 -28.52 -43.10
N GLY E 252 -3.97 -28.80 -42.28
CA GLY E 252 -2.66 -28.21 -42.35
C GLY E 252 -2.49 -26.73 -42.54
N GLN E 253 -3.26 -25.87 -41.86
CA GLN E 253 -3.11 -24.43 -42.01
C GLN E 253 -2.38 -23.71 -40.88
N ASP E 254 -1.90 -22.52 -41.23
CA ASP E 254 -1.35 -21.55 -40.30
C ASP E 254 -2.56 -20.64 -40.01
N VAL E 255 -3.20 -20.88 -38.88
CA VAL E 255 -4.40 -20.13 -38.51
C VAL E 255 -4.02 -18.97 -37.56
N LEU E 256 -4.91 -18.01 -37.50
CA LEU E 256 -4.83 -16.89 -36.57
C LEU E 256 -5.99 -17.03 -35.57
N LEU E 257 -5.67 -17.00 -34.28
CA LEU E 257 -6.70 -17.04 -33.23
C LEU E 257 -6.73 -15.71 -32.45
N PHE E 258 -7.84 -15.01 -32.55
CA PHE E 258 -8.02 -13.76 -31.84
C PHE E 258 -8.80 -14.01 -30.52
N ILE E 259 -8.16 -13.60 -29.43
CA ILE E 259 -8.83 -13.68 -28.14
C ILE E 259 -8.94 -12.30 -27.50
N ASP E 260 -10.19 -11.83 -27.53
CA ASP E 260 -10.50 -10.50 -26.99
C ASP E 260 -11.64 -10.64 -26.00
N ASN E 261 -11.37 -10.59 -24.73
CA ASN E 261 -10.10 -10.20 -24.10
C ASN E 261 -9.66 -11.31 -23.15
N ILE E 262 -8.40 -11.58 -22.96
CA ILE E 262 -7.93 -12.71 -22.15
C ILE E 262 -8.13 -12.50 -20.66
N PHE E 263 -8.23 -11.23 -20.26
CA PHE E 263 -8.51 -10.90 -18.87
C PHE E 263 -9.87 -11.47 -18.47
N ARG E 264 -10.81 -11.35 -19.40
CA ARG E 264 -12.16 -11.85 -19.06
C ARG E 264 -12.18 -13.36 -19.09
N PHE E 265 -11.25 -14.02 -19.76
CA PHE E 265 -11.16 -15.50 -19.63
C PHE E 265 -10.76 -15.78 -18.18
N THR E 266 -9.69 -15.14 -17.74
CA THR E 266 -9.27 -15.22 -16.34
C THR E 266 -10.37 -14.85 -15.37
N GLN E 267 -11.12 -13.75 -15.53
CA GLN E 267 -12.12 -13.41 -14.52
C GLN E 267 -13.29 -14.38 -14.52
N ALA E 268 -13.67 -14.82 -15.72
CA ALA E 268 -14.76 -15.81 -15.76
C ALA E 268 -14.28 -17.04 -14.99
N GLY E 269 -13.02 -17.44 -15.17
CA GLY E 269 -12.54 -18.58 -14.36
C GLY E 269 -12.52 -18.29 -12.86
N SER E 270 -12.19 -17.02 -12.50
CA SER E 270 -12.21 -16.67 -11.08
C SER E 270 -13.63 -16.69 -10.55
N GLU E 271 -14.60 -16.22 -11.32
CA GLU E 271 -16.00 -16.32 -10.87
C GLU E 271 -16.51 -17.76 -10.77
N VAL E 272 -16.18 -18.67 -11.68
CA VAL E 272 -16.63 -20.08 -11.55
C VAL E 272 -16.02 -20.70 -10.29
N SER E 273 -14.75 -20.38 -10.04
CA SER E 273 -14.08 -20.96 -8.85
C SER E 273 -14.76 -20.53 -7.57
N ALA E 274 -15.14 -19.24 -7.53
CA ALA E 274 -15.81 -18.69 -6.35
C ALA E 274 -17.18 -19.39 -6.20
N LEU E 275 -17.90 -19.57 -7.30
CA LEU E 275 -19.21 -20.22 -7.23
C LEU E 275 -19.12 -21.65 -6.72
N LEU E 276 -18.06 -22.37 -7.08
CA LEU E 276 -17.85 -23.72 -6.57
C LEU E 276 -17.32 -23.71 -5.14
N GLY E 277 -17.30 -22.55 -4.46
CA GLY E 277 -16.88 -22.49 -3.08
C GLY E 277 -15.38 -22.63 -2.84
N ARG E 278 -14.54 -22.62 -3.88
CA ARG E 278 -13.12 -22.74 -3.64
C ARG E 278 -12.54 -21.45 -3.04
N ILE E 279 -11.59 -21.59 -2.15
CA ILE E 279 -10.96 -20.43 -1.51
C ILE E 279 -10.12 -19.65 -2.50
N PRO E 280 -10.34 -18.36 -2.60
CA PRO E 280 -9.56 -17.50 -3.49
C PRO E 280 -8.11 -17.37 -3.04
N SER E 281 -7.26 -17.15 -4.03
CA SER E 281 -5.82 -16.99 -3.88
C SER E 281 -5.44 -15.52 -3.74
N ALA E 282 -4.17 -15.18 -3.96
CA ALA E 282 -3.72 -13.81 -3.81
C ALA E 282 -4.52 -12.87 -4.72
N VAL E 283 -4.91 -11.71 -4.15
CA VAL E 283 -5.59 -10.70 -4.95
C VAL E 283 -6.94 -11.18 -5.44
N GLY E 284 -7.54 -12.19 -4.80
CA GLY E 284 -8.84 -12.69 -5.17
C GLY E 284 -8.92 -13.63 -6.35
N TYR E 285 -7.81 -13.93 -7.05
CA TYR E 285 -7.93 -14.88 -8.15
C TYR E 285 -8.12 -16.33 -7.71
N GLN E 286 -8.65 -17.14 -8.63
CA GLN E 286 -8.77 -18.58 -8.40
C GLN E 286 -7.41 -19.19 -8.08
N PRO E 287 -7.34 -20.16 -7.19
CA PRO E 287 -6.19 -20.94 -6.82
C PRO E 287 -5.59 -21.64 -8.05
N THR E 288 -6.40 -21.91 -9.04
CA THR E 288 -5.96 -22.59 -10.26
C THR E 288 -5.62 -21.62 -11.37
N LEU E 289 -5.38 -20.36 -11.02
CA LEU E 289 -5.07 -19.36 -12.05
C LEU E 289 -4.03 -19.80 -13.07
N ALA E 290 -2.88 -20.28 -12.63
CA ALA E 290 -1.83 -20.64 -13.57
C ALA E 290 -2.15 -21.89 -14.41
N THR E 291 -2.74 -22.92 -13.84
CA THR E 291 -3.06 -24.11 -14.65
C THR E 291 -4.23 -23.79 -15.57
N ASP E 292 -5.21 -22.96 -15.17
CA ASP E 292 -6.28 -22.55 -16.08
C ASP E 292 -5.67 -21.86 -17.32
N MET E 293 -4.81 -20.87 -17.10
CA MET E 293 -4.14 -20.18 -18.22
C MET E 293 -3.34 -21.23 -19.03
N GLY E 294 -2.55 -22.04 -18.31
CA GLY E 294 -1.66 -23.03 -18.84
C GLY E 294 -2.30 -24.05 -19.76
N THR E 295 -3.43 -24.62 -19.35
CA THR E 295 -4.12 -25.60 -20.16
C THR E 295 -4.67 -24.99 -21.45
N MET E 296 -5.03 -23.71 -21.42
CA MET E 296 -5.53 -23.08 -22.67
C MET E 296 -4.39 -22.73 -23.59
N GLN E 297 -3.41 -21.94 -23.12
CA GLN E 297 -2.32 -21.45 -23.92
C GLN E 297 -1.48 -22.54 -24.58
N GLU E 298 -1.25 -23.64 -23.88
CA GLU E 298 -0.33 -24.67 -24.39
C GLU E 298 -0.81 -25.33 -25.67
N ARG E 299 -2.10 -25.24 -25.94
CA ARG E 299 -2.74 -25.74 -27.13
C ARG E 299 -2.45 -24.83 -28.32
N ILE E 300 -1.96 -23.63 -28.02
CA ILE E 300 -1.67 -22.69 -29.11
C ILE E 300 -0.19 -22.84 -29.47
N THR E 301 0.09 -23.66 -30.48
CA THR E 301 1.51 -23.91 -30.78
C THR E 301 1.69 -24.46 -32.20
N THR E 302 2.94 -24.50 -32.65
CA THR E 302 3.24 -25.00 -33.99
C THR E 302 3.45 -26.51 -33.98
N THR E 303 2.67 -27.25 -34.77
CA THR E 303 2.92 -28.68 -34.85
C THR E 303 3.47 -29.00 -36.26
N LYS E 304 3.81 -30.27 -36.49
CA LYS E 304 4.35 -30.57 -37.83
C LYS E 304 3.27 -30.31 -38.87
N LYS E 305 2.01 -30.50 -38.49
CA LYS E 305 0.89 -30.28 -39.39
C LYS E 305 0.62 -28.81 -39.68
N GLY E 306 1.17 -27.86 -38.92
CA GLY E 306 0.96 -26.43 -39.13
C GLY E 306 1.00 -25.60 -37.86
N SER E 307 0.47 -24.38 -37.89
CA SER E 307 0.47 -23.57 -36.68
C SER E 307 -0.71 -22.63 -36.46
N ILE E 308 -0.84 -22.23 -35.19
CA ILE E 308 -1.82 -21.28 -34.71
C ILE E 308 -1.12 -20.05 -34.10
N THR E 309 -1.29 -18.87 -34.66
CA THR E 309 -0.76 -17.64 -34.11
C THR E 309 -1.91 -16.95 -33.36
N SER E 310 -1.60 -16.39 -32.19
CA SER E 310 -2.70 -15.78 -31.42
C SER E 310 -2.42 -14.34 -31.02
N VAL E 311 -3.44 -13.50 -31.18
CA VAL E 311 -3.39 -12.09 -30.79
C VAL E 311 -4.41 -11.94 -29.65
N GLN E 312 -3.92 -11.53 -28.50
CA GLN E 312 -4.77 -11.55 -27.31
C GLN E 312 -4.78 -10.18 -26.68
N ALA E 313 -6.00 -9.62 -26.71
CA ALA E 313 -6.16 -8.29 -26.09
C ALA E 313 -6.07 -8.50 -24.59
N ILE E 314 -5.26 -7.73 -23.88
CA ILE E 314 -5.07 -7.98 -22.46
C ILE E 314 -5.38 -6.75 -21.61
N TYR E 315 -6.41 -6.83 -20.77
CA TYR E 315 -6.70 -5.77 -19.81
C TYR E 315 -5.76 -5.89 -18.62
N VAL E 316 -5.15 -4.79 -18.17
CA VAL E 316 -4.21 -4.74 -17.06
C VAL E 316 -4.84 -4.06 -15.86
N PRO E 317 -5.21 -4.80 -14.82
CA PRO E 317 -5.87 -4.23 -13.66
C PRO E 317 -5.06 -3.16 -12.96
N ALA E 318 -5.67 -2.00 -12.68
CA ALA E 318 -5.06 -0.87 -12.03
C ALA E 318 -3.77 -0.42 -12.69
N ASP E 319 -3.54 -0.86 -13.95
CA ASP E 319 -2.27 -0.52 -14.59
C ASP E 319 -1.07 -1.16 -13.92
N ASP E 320 -1.29 -2.14 -13.07
CA ASP E 320 -0.22 -2.88 -12.38
C ASP E 320 0.17 -4.12 -13.20
N LEU E 321 1.35 -4.11 -13.82
CA LEU E 321 1.78 -5.26 -14.61
C LEU E 321 2.19 -6.42 -13.70
N THR E 322 2.35 -6.19 -12.41
CA THR E 322 2.63 -7.25 -11.45
C THR E 322 1.36 -7.85 -10.89
N ASP E 323 0.18 -7.37 -11.30
CA ASP E 323 -1.03 -8.07 -10.86
C ASP E 323 -0.95 -9.53 -11.37
N PRO E 324 -1.43 -10.49 -10.61
CA PRO E 324 -1.36 -11.91 -10.96
C PRO E 324 -1.87 -12.25 -12.32
N ALA E 325 -2.97 -11.65 -12.79
CA ALA E 325 -3.53 -11.98 -14.11
C ALA E 325 -2.61 -11.66 -15.30
N PRO E 326 -2.18 -10.44 -15.49
CA PRO E 326 -1.23 -10.08 -16.57
C PRO E 326 0.10 -10.77 -16.30
N ALA E 327 0.50 -10.86 -15.02
CA ALA E 327 1.75 -11.49 -14.67
C ALA E 327 1.76 -12.97 -15.12
N THR E 328 0.63 -13.66 -14.96
CA THR E 328 0.62 -15.07 -15.38
C THR E 328 0.57 -15.16 -16.90
N THR E 329 -0.18 -14.24 -17.50
CA THR E 329 -0.37 -14.23 -18.95
C THR E 329 0.93 -14.00 -19.68
N PHE E 330 1.78 -13.10 -19.19
CA PHE E 330 3.02 -12.73 -19.81
C PHE E 330 3.99 -13.89 -20.01
N ALA E 331 3.94 -14.89 -19.13
CA ALA E 331 4.79 -16.07 -19.29
C ALA E 331 4.51 -16.77 -20.61
N HIS E 332 3.39 -16.47 -21.25
CA HIS E 332 3.04 -17.14 -22.48
C HIS E 332 3.16 -16.27 -23.73
N LEU E 333 3.58 -15.02 -23.62
CA LEU E 333 3.64 -14.14 -24.77
C LEU E 333 5.02 -14.11 -25.40
N ASP E 334 5.06 -13.90 -26.74
CA ASP E 334 6.35 -13.83 -27.46
C ASP E 334 6.54 -12.41 -27.96
N ALA E 335 5.44 -11.63 -27.93
CA ALA E 335 5.52 -10.24 -28.39
C ALA E 335 4.36 -9.40 -27.86
N THR E 336 4.45 -8.09 -28.06
CA THR E 336 3.39 -7.19 -27.64
C THR E 336 3.14 -6.05 -28.64
N THR E 337 1.94 -5.53 -28.66
CA THR E 337 1.51 -4.39 -29.42
C THR E 337 0.85 -3.42 -28.40
N VAL E 338 1.46 -2.29 -28.11
CA VAL E 338 0.97 -1.38 -27.07
C VAL E 338 0.38 -0.10 -27.66
N LEU E 339 -0.94 0.04 -27.60
CA LEU E 339 -1.62 1.23 -28.05
C LEU E 339 -1.64 2.25 -26.89
N SER E 340 -1.86 3.51 -27.22
CA SER E 340 -1.78 4.61 -26.29
C SER E 340 -2.80 5.70 -26.56
N ARG E 341 -3.50 6.11 -25.49
CA ARG E 341 -4.50 7.16 -25.60
C ARG E 341 -3.89 8.53 -25.96
N ALA E 342 -2.72 8.80 -25.39
CA ALA E 342 -2.07 10.10 -25.63
C ALA E 342 -1.74 10.25 -27.11
N ILE E 343 -1.51 9.10 -27.75
CA ILE E 343 -1.25 9.06 -29.18
C ILE E 343 -2.55 9.16 -29.97
N ALA E 344 -3.58 8.47 -29.52
CA ALA E 344 -4.88 8.56 -30.19
C ALA E 344 -5.48 9.96 -30.15
N GLU E 345 -5.39 10.63 -29.01
CA GLU E 345 -5.92 11.98 -28.82
C GLU E 345 -5.18 13.02 -29.65
N LEU E 346 -3.90 12.85 -29.94
CA LEU E 346 -3.16 13.76 -30.79
C LEU E 346 -3.37 13.43 -32.27
N GLY E 347 -4.33 12.55 -32.57
CA GLY E 347 -4.73 12.21 -33.87
C GLY E 347 -4.08 11.11 -34.64
N ILE E 348 -3.14 10.31 -34.10
CA ILE E 348 -2.57 9.25 -34.89
C ILE E 348 -3.16 7.89 -34.63
N TYR E 349 -3.63 7.27 -35.71
CA TYR E 349 -4.15 5.91 -35.74
C TYR E 349 -3.38 5.09 -36.80
N PRO E 350 -3.14 3.84 -36.55
CA PRO E 350 -3.47 3.17 -35.28
C PRO E 350 -2.61 3.78 -34.18
N ALA E 351 -3.11 3.83 -32.96
CA ALA E 351 -2.41 4.50 -31.87
C ALA E 351 -1.32 3.72 -31.19
N VAL E 352 -0.39 3.19 -31.99
CA VAL E 352 0.71 2.40 -31.47
C VAL E 352 1.88 3.24 -30.95
N ASP E 353 2.40 2.89 -29.79
CA ASP E 353 3.58 3.45 -29.20
C ASP E 353 4.81 2.69 -29.72
N PRO E 354 5.51 3.29 -30.65
CA PRO E 354 6.60 2.66 -31.36
C PRO E 354 7.80 2.37 -30.48
N LEU E 355 7.80 2.94 -29.28
CA LEU E 355 8.91 2.72 -28.36
C LEU E 355 8.59 1.72 -27.25
N ASP E 356 7.44 1.04 -27.34
CA ASP E 356 7.10 0.09 -26.29
C ASP E 356 6.65 -1.27 -26.75
N SER E 357 6.68 -1.57 -28.04
CA SER E 357 6.37 -2.88 -28.59
C SER E 357 7.64 -3.70 -28.85
N THR E 358 7.62 -4.99 -28.55
CA THR E 358 8.77 -5.87 -28.68
C THR E 358 8.46 -7.25 -29.25
N SER E 359 9.49 -8.09 -29.42
CA SER E 359 9.37 -9.45 -29.89
C SER E 359 10.41 -10.41 -29.32
N ARG E 360 9.99 -11.53 -28.74
CA ARG E 360 10.90 -12.53 -28.21
C ARG E 360 11.85 -12.96 -29.34
N ILE E 361 11.55 -12.46 -30.54
CA ILE E 361 12.33 -12.81 -31.71
C ILE E 361 12.34 -11.81 -32.85
N MET E 362 12.90 -10.61 -32.67
CA MET E 362 13.11 -9.69 -33.77
C MET E 362 14.61 -9.32 -33.82
N ASP E 363 15.33 -10.02 -34.69
CA ASP E 363 16.79 -9.79 -34.79
C ASP E 363 17.25 -10.11 -36.20
N PRO E 364 18.30 -9.44 -36.62
CA PRO E 364 18.90 -9.57 -37.93
C PRO E 364 18.99 -11.02 -38.37
N ASN E 365 19.34 -11.92 -37.45
CA ASN E 365 19.43 -13.33 -37.83
C ASN E 365 18.08 -13.80 -38.38
N ILE E 366 17.01 -13.26 -37.81
CA ILE E 366 15.66 -13.63 -38.18
C ILE E 366 15.06 -12.77 -39.29
N VAL E 367 14.78 -11.52 -39.00
CA VAL E 367 14.14 -10.64 -39.98
C VAL E 367 15.08 -10.18 -41.08
N GLY E 368 16.37 -10.15 -40.79
CA GLY E 368 17.36 -9.79 -41.78
C GLY E 368 17.82 -8.34 -41.72
N SER E 369 19.11 -8.13 -41.56
CA SER E 369 19.73 -6.83 -41.46
C SER E 369 18.82 -5.69 -41.90
N GLU E 370 18.51 -5.65 -43.19
CA GLU E 370 17.64 -4.66 -43.77
C GLU E 370 16.51 -4.25 -42.83
N HIS E 371 15.46 -5.08 -42.78
CA HIS E 371 14.32 -4.83 -41.91
C HIS E 371 14.80 -4.34 -40.54
N TYR E 372 15.73 -5.08 -39.96
CA TYR E 372 16.25 -4.75 -38.64
C TYR E 372 16.71 -3.30 -38.57
N ASP E 373 17.72 -2.98 -39.38
CA ASP E 373 18.27 -1.64 -39.42
C ASP E 373 17.21 -0.57 -39.61
N VAL E 374 16.26 -0.80 -40.50
CA VAL E 374 15.20 0.20 -40.73
C VAL E 374 14.44 0.47 -39.44
N ALA E 375 14.09 -0.59 -38.73
CA ALA E 375 13.36 -0.50 -37.48
C ALA E 375 14.17 0.27 -36.43
N ARG E 376 15.31 -0.30 -36.06
CA ARG E 376 16.19 0.25 -35.06
C ARG E 376 16.63 1.68 -35.35
N GLY E 377 16.72 2.02 -36.62
CA GLY E 377 17.11 3.40 -36.97
C GLY E 377 15.97 4.36 -36.62
N VAL E 378 14.76 3.83 -36.60
CA VAL E 378 13.57 4.61 -36.28
C VAL E 378 13.39 4.82 -34.80
N GLN E 379 13.87 3.95 -33.94
CA GLN E 379 13.72 4.14 -32.49
C GLN E 379 14.69 5.20 -31.95
N LYS E 380 15.86 5.27 -32.56
CA LYS E 380 16.86 6.23 -32.10
C LYS E 380 16.40 7.65 -32.44
N ILE E 381 15.89 7.82 -33.65
CA ILE E 381 15.40 9.15 -34.04
C ILE E 381 14.29 9.59 -33.09
N LEU E 382 13.37 8.67 -32.82
CA LEU E 382 12.24 8.94 -31.95
C LEU E 382 12.67 9.23 -30.53
N GLN E 383 13.49 8.36 -29.93
CA GLN E 383 13.96 8.63 -28.58
C GLN E 383 14.90 9.83 -28.58
N ASP E 384 15.33 10.27 -29.77
CA ASP E 384 16.19 11.47 -29.82
C ASP E 384 15.32 12.72 -29.91
N TYR E 385 14.26 12.63 -30.71
CA TYR E 385 13.32 13.74 -30.83
C TYR E 385 12.62 13.99 -29.50
N LYS E 386 12.39 12.91 -28.76
CA LYS E 386 11.74 13.02 -27.45
C LYS E 386 12.54 13.90 -26.50
N SER E 387 13.86 13.84 -26.52
CA SER E 387 14.70 14.65 -25.65
C SER E 387 14.52 16.15 -25.94
N LEU E 388 14.60 16.47 -27.23
CA LEU E 388 14.52 17.83 -27.71
C LEU E 388 13.16 18.47 -27.48
N GLN E 389 12.17 17.69 -27.04
CA GLN E 389 10.82 18.23 -26.88
C GLN E 389 10.73 19.35 -25.86
N ASP E 390 11.24 19.16 -24.65
CA ASP E 390 11.25 20.18 -23.62
C ASP E 390 11.73 21.53 -24.19
N ILE E 391 13.00 21.52 -24.54
CA ILE E 391 13.71 22.67 -25.08
C ILE E 391 12.94 23.34 -26.20
N ILE E 392 12.38 22.53 -27.11
CA ILE E 392 11.60 23.13 -28.20
C ILE E 392 10.42 23.90 -27.64
N ALA E 393 9.63 23.27 -26.77
CA ALA E 393 8.47 23.92 -26.17
C ALA E 393 8.86 25.07 -25.25
N ILE E 394 9.85 24.84 -24.38
CA ILE E 394 10.23 25.90 -23.47
C ILE E 394 11.11 26.96 -24.14
N LEU E 395 12.33 26.61 -24.49
CA LEU E 395 13.30 27.55 -25.02
C LEU E 395 12.98 27.96 -26.45
N GLY E 396 12.07 27.27 -27.12
CA GLY E 396 11.75 27.61 -28.49
C GLY E 396 12.44 26.71 -29.49
N MET E 397 11.68 26.32 -30.52
CA MET E 397 12.18 25.44 -31.55
C MET E 397 13.20 26.18 -32.42
N ASP E 398 14.20 26.76 -31.75
CA ASP E 398 15.23 27.52 -32.46
C ASP E 398 16.60 27.33 -31.84
N GLU E 399 16.64 27.06 -30.54
CA GLU E 399 17.91 26.81 -29.86
C GLU E 399 18.53 25.52 -30.41
N LEU E 400 17.80 24.91 -31.34
CA LEU E 400 18.24 23.65 -31.93
C LEU E 400 19.39 23.89 -32.91
N SER E 401 20.42 23.05 -32.78
CA SER E 401 21.55 23.13 -33.71
C SER E 401 21.06 22.67 -35.09
N GLU E 402 21.79 23.02 -36.13
CA GLU E 402 21.37 22.60 -37.47
C GLU E 402 21.24 21.08 -37.47
N GLU E 403 22.13 20.43 -36.73
CA GLU E 403 22.08 18.98 -36.60
C GLU E 403 20.78 18.56 -35.91
N ASP E 404 20.67 18.88 -34.62
CA ASP E 404 19.44 18.52 -33.90
C ASP E 404 18.22 18.96 -34.67
N LYS E 405 18.24 20.16 -35.25
CA LYS E 405 17.09 20.63 -36.02
C LYS E 405 16.72 19.61 -37.08
N LEU E 406 17.72 18.86 -37.55
CA LEU E 406 17.49 17.85 -38.59
C LEU E 406 16.77 16.63 -38.00
N THR E 407 17.26 16.16 -36.86
CA THR E 407 16.64 15.02 -36.20
C THR E 407 15.14 15.23 -35.98
N VAL E 408 14.71 16.45 -35.72
CA VAL E 408 13.31 16.78 -35.49
C VAL E 408 12.47 16.60 -36.74
N SER E 409 12.81 17.26 -37.83
CA SER E 409 11.97 17.15 -39.04
C SER E 409 11.91 15.70 -39.55
N ARG E 410 13.02 14.98 -39.46
CA ARG E 410 13.05 13.58 -39.89
C ARG E 410 12.07 12.78 -39.00
N ALA E 411 12.24 12.99 -37.69
CA ALA E 411 11.43 12.31 -36.68
C ALA E 411 9.94 12.58 -36.87
N ARG E 412 9.54 13.86 -36.87
CA ARG E 412 8.13 14.18 -37.03
C ARG E 412 7.60 13.52 -38.30
N LYS E 413 8.44 13.46 -39.32
CA LYS E 413 8.07 12.83 -40.58
C LYS E 413 7.87 11.33 -40.38
N ILE E 414 8.78 10.71 -39.63
CA ILE E 414 8.60 9.28 -39.34
C ILE E 414 7.36 9.04 -38.50
N GLN E 415 7.05 9.91 -37.53
CA GLN E 415 5.89 9.75 -36.69
C GLN E 415 4.63 9.49 -37.54
N ARG E 416 4.43 10.39 -38.50
CA ARG E 416 3.20 10.30 -39.30
C ARG E 416 3.24 9.17 -40.31
N PHE E 417 4.44 8.84 -40.79
CA PHE E 417 4.54 7.71 -41.74
C PHE E 417 4.12 6.45 -40.99
N LEU E 418 4.18 6.50 -39.66
CA LEU E 418 3.73 5.36 -38.85
C LEU E 418 2.21 5.33 -38.80
N SER E 419 1.56 6.48 -39.06
CA SER E 419 0.09 6.46 -39.08
C SER E 419 -0.45 5.75 -40.31
N GLN E 420 -1.68 5.19 -40.22
CA GLN E 420 -2.23 4.44 -41.34
C GLN E 420 -3.74 4.36 -41.33
N PRO E 421 -4.34 4.63 -42.47
CA PRO E 421 -5.78 4.56 -42.68
C PRO E 421 -6.20 3.11 -42.84
N PHE E 422 -7.13 2.65 -41.99
CA PHE E 422 -7.50 1.24 -42.08
C PHE E 422 -8.75 1.01 -42.91
N GLN E 423 -8.72 -0.09 -43.67
CA GLN E 423 -9.93 -0.46 -44.40
C GLN E 423 -11.11 -0.40 -43.45
N VAL E 424 -11.03 -1.16 -42.35
CA VAL E 424 -12.14 -1.15 -41.40
C VAL E 424 -12.32 0.24 -40.77
N ALA E 425 -11.50 1.23 -41.09
CA ALA E 425 -11.69 2.55 -40.45
C ALA E 425 -12.48 3.50 -41.35
N GLU E 426 -12.72 3.05 -42.58
CA GLU E 426 -13.50 3.81 -43.55
C GLU E 426 -14.85 4.23 -42.99
N VAL E 427 -15.54 3.39 -42.26
CA VAL E 427 -16.84 3.75 -41.68
C VAL E 427 -16.71 4.92 -40.72
N PHE E 428 -15.51 5.17 -40.21
CA PHE E 428 -15.27 6.30 -39.33
C PHE E 428 -14.85 7.55 -40.09
N THR E 429 -13.64 7.60 -40.61
CA THR E 429 -13.07 8.76 -41.25
C THR E 429 -13.65 9.07 -42.62
N GLY E 430 -14.21 8.06 -43.26
CA GLY E 430 -14.73 8.17 -44.60
C GLY E 430 -13.62 8.03 -45.64
N HIS E 431 -12.36 7.98 -45.22
CA HIS E 431 -11.25 7.85 -46.14
C HIS E 431 -10.87 6.41 -46.45
N LEU E 432 -10.25 6.20 -47.60
CA LEU E 432 -9.82 4.91 -48.07
C LEU E 432 -8.73 4.30 -47.19
N GLY E 433 -8.73 2.97 -47.14
CA GLY E 433 -7.77 2.22 -46.33
C GLY E 433 -6.61 1.72 -47.19
N LYS E 434 -5.49 1.40 -46.56
CA LYS E 434 -4.33 0.91 -47.27
C LYS E 434 -3.61 -0.22 -46.55
N LEU E 435 -3.25 -1.22 -47.33
CA LEU E 435 -2.55 -2.43 -46.88
C LEU E 435 -1.12 -2.32 -47.43
N VAL E 436 -0.14 -2.11 -46.58
CA VAL E 436 1.22 -1.88 -46.99
C VAL E 436 2.20 -3.03 -46.81
N PRO E 437 2.67 -3.54 -47.95
CA PRO E 437 3.62 -4.62 -48.08
C PRO E 437 4.91 -4.37 -47.33
N LEU E 438 5.47 -5.41 -46.71
CA LEU E 438 6.70 -5.23 -45.93
C LEU E 438 7.72 -4.45 -46.75
N LYS E 439 7.86 -4.86 -47.99
CA LYS E 439 8.72 -4.25 -48.99
C LYS E 439 8.56 -2.72 -49.01
N GLU E 440 7.33 -2.31 -49.34
CA GLU E 440 7.04 -0.88 -49.44
C GLU E 440 7.18 -0.20 -48.10
N THR E 441 7.00 -0.95 -47.01
CA THR E 441 7.13 -0.40 -45.67
C THR E 441 8.62 -0.20 -45.32
N ILE E 442 9.37 -1.28 -45.37
CA ILE E 442 10.80 -1.20 -45.03
C ILE E 442 11.48 -0.10 -45.82
N LYS E 443 11.18 -0.06 -47.12
CA LYS E 443 11.82 0.92 -47.99
C LYS E 443 11.60 2.35 -47.50
N GLY E 444 10.37 2.82 -47.59
CA GLY E 444 9.99 4.15 -47.19
C GLY E 444 10.58 4.64 -45.89
N PHE E 445 10.80 3.76 -44.91
CA PHE E 445 11.36 4.19 -43.64
C PHE E 445 12.87 4.31 -43.67
N GLN E 446 13.50 3.58 -44.58
CA GLN E 446 14.95 3.57 -44.70
C GLN E 446 15.45 4.94 -45.16
N GLN E 447 14.66 5.52 -46.06
CA GLN E 447 14.95 6.81 -46.63
C GLN E 447 15.03 7.91 -45.58
N ILE E 448 13.89 8.32 -45.04
CA ILE E 448 13.81 9.43 -44.10
C ILE E 448 15.18 9.96 -43.73
N LEU E 449 15.94 9.25 -42.91
CA LEU E 449 17.29 9.72 -42.58
C LEU E 449 17.88 10.53 -43.73
N ALA E 450 18.05 9.91 -44.89
CA ALA E 450 18.56 10.57 -46.08
C ALA E 450 18.14 12.03 -46.20
N GLY E 451 16.85 12.29 -46.36
CA GLY E 451 16.36 13.65 -46.49
C GLY E 451 15.63 13.87 -47.80
N GLU E 452 15.48 12.78 -48.55
CA GLU E 452 14.81 12.80 -49.84
C GLU E 452 13.45 13.49 -49.72
N TYR E 453 13.11 13.84 -48.48
CA TYR E 453 11.83 14.47 -48.22
C TYR E 453 11.90 15.67 -47.31
N ASP E 454 13.08 16.23 -47.08
CA ASP E 454 13.18 17.41 -46.21
C ASP E 454 12.24 18.50 -46.72
N HIS E 455 12.28 18.74 -48.02
CA HIS E 455 11.36 19.72 -48.62
C HIS E 455 9.94 19.16 -48.55
N LEU E 456 9.86 17.83 -48.72
CA LEU E 456 8.55 17.17 -48.62
C LEU E 456 7.97 17.47 -47.24
N PRO E 457 6.80 18.07 -47.22
CA PRO E 457 6.10 18.46 -46.02
C PRO E 457 5.55 17.25 -45.25
N GLU E 458 5.19 17.50 -44.01
CA GLU E 458 4.68 16.49 -43.10
C GLU E 458 3.26 16.04 -43.39
N GLN E 459 2.80 16.15 -44.62
CA GLN E 459 1.43 15.69 -44.91
C GLN E 459 1.45 14.52 -45.87
N ALA E 460 2.28 14.56 -46.91
CA ALA E 460 2.33 13.37 -47.79
C ALA E 460 2.87 12.23 -46.93
N PHE E 461 2.92 12.50 -45.62
CA PHE E 461 3.38 11.50 -44.67
C PHE E 461 2.33 11.06 -43.67
N TYR E 462 1.38 11.93 -43.35
CA TYR E 462 0.32 11.67 -42.40
C TYR E 462 -0.89 10.98 -43.00
N MET E 463 -1.23 9.80 -42.48
CA MET E 463 -2.38 9.05 -42.96
C MET E 463 -2.23 8.66 -44.42
N VAL E 464 -1.06 8.09 -44.75
CA VAL E 464 -0.82 7.58 -46.10
C VAL E 464 -0.34 6.13 -46.01
N GLY E 465 -0.33 5.47 -47.16
CA GLY E 465 0.15 4.09 -47.22
C GLY E 465 1.64 4.08 -47.57
N PRO E 466 1.92 3.81 -48.84
CA PRO E 466 3.25 3.73 -49.38
C PRO E 466 3.95 5.08 -49.46
N ILE E 467 5.28 5.07 -49.34
CA ILE E 467 6.07 6.30 -49.33
C ILE E 467 5.63 7.22 -50.46
N GLU E 468 5.43 6.62 -51.64
CA GLU E 468 5.03 7.35 -52.81
C GLU E 468 3.72 8.10 -52.61
N THR F 13 0.90 -48.45 28.64
CA THR F 13 -0.42 -48.88 28.02
C THR F 13 -0.35 -48.65 26.52
N THR F 14 -1.02 -49.44 25.69
CA THR F 14 -0.94 -49.30 24.25
C THR F 14 -2.21 -48.84 23.52
N GLY F 15 -1.93 -48.03 22.47
CA GLY F 15 -2.95 -47.46 21.62
C GLY F 15 -2.69 -47.78 20.15
N ARG F 16 -3.62 -47.35 19.31
CA ARG F 16 -3.59 -47.59 17.89
C ARG F 16 -3.86 -46.32 17.10
N ILE F 17 -3.05 -46.09 16.08
CA ILE F 17 -3.30 -44.90 15.25
C ILE F 17 -4.67 -44.97 14.58
N VAL F 18 -5.50 -43.92 14.69
CA VAL F 18 -6.74 -43.90 13.93
C VAL F 18 -6.70 -42.89 12.80
N ALA F 19 -5.73 -41.98 12.76
CA ALA F 19 -5.62 -40.99 11.67
C ALA F 19 -4.22 -40.40 11.56
N VAL F 20 -3.81 -40.08 10.35
CA VAL F 20 -2.50 -39.50 10.09
C VAL F 20 -2.63 -38.39 9.03
N ILE F 21 -2.26 -37.17 9.43
CA ILE F 21 -2.15 -36.10 8.40
C ILE F 21 -0.85 -35.35 8.61
N GLY F 22 0.15 -35.64 7.81
CA GLY F 22 1.48 -35.02 7.98
C GLY F 22 2.04 -35.24 9.38
N ALA F 23 2.34 -34.18 10.11
CA ALA F 23 2.90 -34.33 11.45
C ALA F 23 1.89 -34.63 12.54
N VAL F 24 0.61 -34.56 12.25
CA VAL F 24 -0.43 -34.78 13.24
C VAL F 24 -1.01 -36.18 13.17
N VAL F 25 -0.94 -36.89 14.29
CA VAL F 25 -1.42 -38.27 14.33
C VAL F 25 -2.43 -38.47 15.43
N ASP F 26 -3.59 -39.02 15.15
CA ASP F 26 -4.58 -39.30 16.21
C ASP F 26 -4.39 -40.74 16.70
N VAL F 27 -4.52 -40.98 18.00
CA VAL F 27 -4.25 -42.27 18.60
C VAL F 27 -5.31 -42.60 19.66
N GLN F 28 -5.91 -43.77 19.50
CA GLN F 28 -7.01 -44.16 20.41
C GLN F 28 -6.51 -45.14 21.46
N PHE F 29 -6.87 -44.95 22.72
CA PHE F 29 -6.38 -45.86 23.79
C PHE F 29 -7.58 -46.55 24.43
N ASP F 30 -7.57 -47.86 24.62
CA ASP F 30 -8.72 -48.55 25.23
C ASP F 30 -8.66 -48.45 26.75
N GLU F 31 -7.46 -48.33 27.26
CA GLU F 31 -7.25 -48.23 28.70
C GLU F 31 -6.18 -47.17 28.92
N GLY F 32 -6.42 -46.38 29.96
CA GLY F 32 -5.55 -45.30 30.35
C GLY F 32 -5.20 -44.33 29.23
N LEU F 33 -5.77 -43.12 29.24
CA LEU F 33 -5.31 -42.13 28.23
C LEU F 33 -4.03 -41.47 28.71
N PRO F 34 -3.08 -41.28 27.83
CA PRO F 34 -1.87 -40.53 28.15
C PRO F 34 -2.20 -39.05 28.30
N PRO F 35 -1.77 -38.39 29.35
CA PRO F 35 -1.96 -36.97 29.57
C PRO F 35 -1.24 -36.10 28.52
N ILE F 36 -1.73 -34.88 28.33
CA ILE F 36 -1.12 -33.92 27.43
C ILE F 36 0.36 -33.78 27.81
N LEU F 37 1.22 -33.72 26.80
CA LEU F 37 2.64 -33.60 26.83
C LEU F 37 3.41 -34.91 26.95
N ASN F 38 2.73 -36.03 27.21
CA ASN F 38 3.43 -37.31 27.28
C ASN F 38 4.02 -37.67 25.92
N ALA F 39 5.20 -38.30 25.98
CA ALA F 39 5.85 -38.86 24.84
C ALA F 39 5.35 -40.31 24.60
N LEU F 40 4.81 -40.58 23.43
CA LEU F 40 4.40 -41.88 23.02
C LEU F 40 5.39 -42.44 21.99
N GLU F 41 5.55 -43.75 21.92
CA GLU F 41 6.47 -44.38 21.01
C GLU F 41 5.73 -45.26 20.00
N VAL F 42 6.00 -45.00 18.70
CA VAL F 42 5.34 -45.78 17.66
C VAL F 42 6.09 -47.12 17.51
N GLN F 43 5.30 -48.19 17.51
CA GLN F 43 5.89 -49.52 17.41
C GLN F 43 6.12 -49.84 15.96
N GLY F 44 6.95 -50.81 15.65
CA GLY F 44 7.19 -51.21 14.27
C GLY F 44 7.95 -50.20 13.43
N ARG F 45 8.87 -49.40 13.99
CA ARG F 45 9.64 -48.48 13.15
C ARG F 45 11.13 -48.78 13.21
N GLU F 46 11.86 -48.56 12.13
CA GLU F 46 13.30 -48.74 12.15
C GLU F 46 13.95 -47.75 13.10
N THR F 47 13.56 -46.46 13.07
CA THR F 47 14.20 -45.48 13.99
C THR F 47 13.13 -44.99 14.95
N ARG F 48 13.51 -44.62 16.16
CA ARG F 48 12.57 -44.20 17.18
C ARG F 48 11.69 -43.05 16.66
N LEU F 49 10.38 -43.22 16.82
CA LEU F 49 9.45 -42.22 16.38
C LEU F 49 8.57 -41.82 17.53
N VAL F 50 8.78 -40.60 18.04
CA VAL F 50 8.01 -40.07 19.13
C VAL F 50 6.82 -39.23 18.69
N LEU F 51 5.70 -39.36 19.38
CA LEU F 51 4.47 -38.63 19.19
C LEU F 51 4.21 -37.87 20.51
N GLU F 52 4.11 -36.54 20.45
CA GLU F 52 3.87 -35.84 21.73
C GLU F 52 2.41 -35.52 21.85
N VAL F 53 1.75 -36.00 22.94
CA VAL F 53 0.32 -35.73 23.07
C VAL F 53 0.03 -34.24 23.12
N ALA F 54 -0.89 -33.75 22.29
CA ALA F 54 -1.25 -32.32 22.31
C ALA F 54 -2.65 -32.05 22.86
N GLN F 55 -3.58 -32.98 22.61
CA GLN F 55 -4.95 -32.77 23.02
C GLN F 55 -5.67 -34.09 23.31
N HIS F 56 -6.74 -33.99 24.11
CA HIS F 56 -7.68 -35.10 24.30
C HIS F 56 -8.91 -34.79 23.46
N LEU F 57 -9.14 -35.51 22.39
CA LEU F 57 -10.25 -35.24 21.49
C LEU F 57 -11.61 -35.67 21.99
N GLY F 58 -11.64 -36.54 22.99
CA GLY F 58 -12.90 -37.17 23.42
C GLY F 58 -12.88 -38.59 22.87
N GLU F 59 -13.82 -39.42 23.28
CA GLU F 59 -13.90 -40.81 22.84
C GLU F 59 -12.61 -41.57 22.98
N SER F 60 -11.86 -41.38 24.03
CA SER F 60 -10.61 -42.09 24.29
C SER F 60 -9.55 -41.89 23.22
N THR F 61 -9.62 -40.78 22.51
CA THR F 61 -8.65 -40.50 21.44
C THR F 61 -7.83 -39.28 21.75
N VAL F 62 -6.55 -39.32 21.48
CA VAL F 62 -5.75 -38.10 21.72
C VAL F 62 -5.20 -37.63 20.38
N ARG F 63 -4.89 -36.36 20.31
CA ARG F 63 -4.29 -35.80 19.11
C ARG F 63 -2.82 -35.54 19.38
N THR F 64 -1.89 -35.94 18.53
CA THR F 64 -0.49 -35.82 18.81
C THR F 64 0.31 -35.16 17.68
N ILE F 65 1.56 -34.82 18.01
CA ILE F 65 2.46 -34.22 17.02
C ILE F 65 3.73 -35.06 17.00
N ALA F 66 4.08 -35.48 15.82
CA ALA F 66 5.23 -36.34 15.57
C ALA F 66 6.54 -35.58 15.63
N MET F 67 7.60 -36.30 16.11
CA MET F 67 8.91 -35.66 16.25
C MET F 67 9.79 -36.02 15.06
N ASP F 68 9.28 -36.89 14.20
CA ASP F 68 9.98 -37.27 12.96
C ASP F 68 8.94 -37.58 11.88
N GLY F 69 9.34 -37.91 10.64
CA GLY F 69 8.42 -38.09 9.55
C GLY F 69 7.36 -39.16 9.78
N THR F 70 6.17 -38.99 9.19
CA THR F 70 5.15 -40.05 9.42
C THR F 70 4.94 -40.95 8.23
N GLU F 71 5.76 -40.91 7.20
CA GLU F 71 5.66 -41.77 6.03
C GLU F 71 5.75 -43.25 6.50
N GLY F 72 4.90 -44.12 5.94
CA GLY F 72 4.93 -45.52 6.34
C GLY F 72 4.05 -45.88 7.52
N LEU F 73 3.43 -44.91 8.20
CA LEU F 73 2.49 -45.23 9.24
C LEU F 73 1.20 -45.76 8.61
N VAL F 74 0.55 -46.67 9.29
CA VAL F 74 -0.68 -47.30 8.83
C VAL F 74 -1.75 -47.14 9.89
N ARG F 75 -3.04 -47.03 9.53
CA ARG F 75 -4.05 -47.02 10.61
C ARG F 75 -4.07 -48.34 11.36
N GLY F 76 -4.19 -48.31 12.66
CA GLY F 76 -4.13 -49.51 13.49
C GLY F 76 -2.71 -49.74 14.02
N GLN F 77 -1.72 -48.98 13.57
CA GLN F 77 -0.32 -49.26 14.00
C GLN F 77 -0.25 -49.01 15.50
N LYS F 78 0.56 -49.81 16.21
CA LYS F 78 0.55 -49.70 17.66
C LYS F 78 1.43 -48.59 18.20
N VAL F 79 0.98 -48.05 19.32
CA VAL F 79 1.71 -47.00 20.02
C VAL F 79 1.75 -47.22 21.51
N LEU F 80 2.90 -47.03 22.15
CA LEU F 80 2.91 -47.11 23.62
C LEU F 80 3.11 -45.74 24.26
N ASP F 81 2.59 -45.56 25.43
CA ASP F 81 2.77 -44.37 26.25
C ASP F 81 4.00 -44.58 27.14
N SER F 82 4.96 -43.66 27.07
CA SER F 82 6.18 -43.81 27.84
C SER F 82 5.95 -43.43 29.30
N GLY F 83 4.83 -42.79 29.63
CA GLY F 83 4.55 -42.38 30.99
C GLY F 83 5.08 -41.02 31.35
N ALA F 84 5.78 -40.34 30.44
CA ALA F 84 6.29 -38.99 30.75
C ALA F 84 6.50 -38.22 29.44
N PRO F 85 6.79 -36.95 29.53
CA PRO F 85 7.15 -36.12 28.39
C PRO F 85 8.50 -36.55 27.86
N ILE F 86 8.89 -36.03 26.70
CA ILE F 86 10.18 -36.26 26.12
C ILE F 86 11.27 -35.94 27.15
N ARG F 87 12.17 -36.90 27.38
CA ARG F 87 13.20 -36.66 28.40
C ARG F 87 14.56 -36.82 27.69
N ILE F 88 15.51 -35.98 28.02
CA ILE F 88 16.82 -36.09 27.36
C ILE F 88 17.95 -36.10 28.35
N PRO F 89 19.11 -36.52 27.91
CA PRO F 89 20.33 -36.48 28.70
C PRO F 89 20.67 -35.01 29.02
N VAL F 90 21.05 -34.73 30.28
CA VAL F 90 21.54 -33.40 30.64
C VAL F 90 22.80 -33.59 31.49
N GLY F 91 23.66 -32.56 31.60
CA GLY F 91 24.87 -32.79 32.44
C GLY F 91 26.13 -32.72 31.59
N PRO F 92 27.26 -33.01 32.20
CA PRO F 92 28.58 -32.90 31.61
C PRO F 92 28.80 -33.80 30.41
N GLU F 93 28.05 -34.87 30.30
CA GLU F 93 28.19 -35.78 29.16
C GLU F 93 27.50 -35.28 27.90
N THR F 94 26.90 -34.08 27.92
CA THR F 94 26.35 -33.52 26.68
C THR F 94 27.40 -32.64 25.98
N LEU F 95 28.42 -32.27 26.74
CA LEU F 95 29.46 -31.37 26.28
C LEU F 95 30.35 -32.07 25.25
N GLY F 96 30.49 -31.41 24.11
CA GLY F 96 31.22 -31.97 22.99
C GLY F 96 30.35 -32.87 22.15
N ARG F 97 29.12 -33.17 22.58
CA ARG F 97 28.26 -34.02 21.77
C ARG F 97 27.28 -33.20 20.93
N ILE F 98 26.66 -33.87 19.96
CA ILE F 98 25.57 -33.33 19.17
C ILE F 98 24.32 -34.19 19.41
N MET F 99 23.24 -33.63 19.88
CA MET F 99 21.97 -34.34 20.07
C MET F 99 20.89 -33.72 19.17
N ASN F 100 19.87 -34.49 18.88
CA ASN F 100 18.70 -34.04 18.17
C ASN F 100 17.59 -33.67 19.16
N VAL F 101 16.39 -33.43 18.66
CA VAL F 101 15.22 -33.02 19.41
C VAL F 101 14.81 -33.98 20.53
N ILE F 102 14.92 -35.29 20.32
CA ILE F 102 14.56 -36.24 21.39
C ILE F 102 15.77 -36.67 22.21
N GLY F 103 16.90 -35.99 22.14
CA GLY F 103 18.07 -36.28 22.94
C GLY F 103 18.95 -37.43 22.47
N GLU F 104 18.85 -37.86 21.23
CA GLU F 104 19.65 -38.92 20.68
C GLU F 104 20.93 -38.34 20.10
N PRO F 105 22.00 -39.08 20.15
CA PRO F 105 23.28 -38.66 19.60
C PRO F 105 23.23 -38.58 18.09
N ILE F 106 23.59 -37.46 17.45
CA ILE F 106 23.58 -37.45 15.98
C ILE F 106 24.99 -37.10 15.50
N ASP F 107 25.97 -37.62 16.20
CA ASP F 107 27.38 -37.39 15.85
C ASP F 107 28.17 -38.68 15.68
N GLU F 108 27.50 -39.81 15.59
CA GLU F 108 28.07 -41.12 15.41
C GLU F 108 29.06 -41.51 16.48
N ARG F 109 28.96 -41.03 17.71
CA ARG F 109 29.97 -41.31 18.73
C ARG F 109 29.44 -42.19 19.85
N GLY F 110 28.31 -42.85 19.62
CA GLY F 110 27.78 -43.77 20.63
C GLY F 110 26.86 -43.09 21.61
N PRO F 111 26.32 -43.87 22.54
CA PRO F 111 25.42 -43.40 23.55
C PRO F 111 25.96 -42.20 24.31
N ILE F 112 25.06 -41.43 24.88
CA ILE F 112 25.40 -40.30 25.75
C ILE F 112 25.19 -40.81 27.18
N LYS F 113 26.24 -41.21 27.89
CA LYS F 113 25.97 -41.88 29.18
C LYS F 113 25.86 -40.95 30.34
N THR F 114 24.80 -40.16 30.46
CA THR F 114 24.70 -39.28 31.62
C THR F 114 24.07 -40.09 32.77
N LYS F 115 24.08 -39.44 33.91
CA LYS F 115 23.42 -39.97 35.11
C LYS F 115 21.99 -39.42 35.16
N GLN F 116 21.84 -38.20 34.67
CA GLN F 116 20.63 -37.46 34.65
C GLN F 116 19.93 -37.33 33.28
N PHE F 117 18.63 -37.16 33.43
CA PHE F 117 17.74 -36.96 32.29
C PHE F 117 16.84 -35.80 32.68
N ALA F 118 16.34 -35.02 31.74
CA ALA F 118 15.40 -33.97 32.09
C ALA F 118 14.29 -33.90 31.04
N ALA F 119 13.07 -33.63 31.52
CA ALA F 119 11.95 -33.45 30.59
C ALA F 119 12.19 -32.14 29.81
N ILE F 120 11.81 -32.06 28.54
CA ILE F 120 12.04 -30.84 27.76
C ILE F 120 10.94 -29.79 28.01
N HIS F 121 9.89 -30.21 28.70
CA HIS F 121 8.82 -29.34 29.12
C HIS F 121 8.96 -29.11 30.64
N ALA F 122 8.77 -27.90 31.09
CA ALA F 122 8.91 -27.55 32.50
C ALA F 122 8.29 -26.15 32.74
N GLU F 123 7.83 -25.93 33.96
CA GLU F 123 7.25 -24.61 34.26
C GLU F 123 8.40 -23.60 34.32
N ALA F 124 8.13 -22.40 33.84
CA ALA F 124 9.14 -21.34 33.90
C ALA F 124 9.47 -21.00 35.35
N PRO F 125 10.63 -20.47 35.62
CA PRO F 125 11.01 -19.93 36.92
C PRO F 125 10.01 -18.89 37.39
N GLU F 126 9.58 -18.94 38.64
CA GLU F 126 8.55 -18.08 39.21
C GLU F 126 9.08 -16.66 39.46
N PHE F 127 8.16 -15.73 39.69
CA PHE F 127 8.51 -14.35 39.99
C PHE F 127 9.50 -14.25 41.14
N VAL F 128 9.31 -15.01 42.23
CA VAL F 128 10.27 -14.92 43.31
C VAL F 128 11.67 -15.34 42.89
N GLU F 129 11.85 -16.07 41.78
CA GLU F 129 13.21 -16.48 41.42
C GLU F 129 13.91 -15.46 40.57
N MET F 130 13.24 -14.35 40.23
CA MET F 130 13.88 -13.41 39.30
C MET F 130 15.06 -12.69 39.95
N SER F 131 16.10 -12.41 39.15
CA SER F 131 17.21 -11.61 39.62
C SER F 131 17.09 -10.22 39.00
N VAL F 132 17.54 -9.21 39.74
CA VAL F 132 17.44 -7.85 39.17
C VAL F 132 18.83 -7.26 38.98
N GLU F 133 19.89 -8.07 38.95
CA GLU F 133 21.23 -7.49 38.80
C GLU F 133 21.47 -7.11 37.34
N GLN F 134 21.99 -5.90 37.10
CA GLN F 134 22.29 -5.45 35.76
C GLN F 134 23.75 -5.02 35.64
N GLU F 135 24.49 -5.68 34.78
CA GLU F 135 25.90 -5.41 34.55
C GLU F 135 26.24 -5.54 33.06
N ILE F 136 27.08 -4.66 32.55
CA ILE F 136 27.40 -4.67 31.15
C ILE F 136 28.22 -5.86 30.74
N LEU F 137 27.95 -6.32 29.51
CA LEU F 137 28.72 -7.36 28.84
C LEU F 137 29.33 -6.68 27.60
N VAL F 138 30.64 -6.45 27.61
CA VAL F 138 31.26 -5.71 26.50
C VAL F 138 31.56 -6.66 25.36
N THR F 139 31.18 -6.34 24.15
CA THR F 139 31.37 -7.23 23.02
C THR F 139 32.55 -6.84 22.12
N GLY F 140 32.99 -5.60 22.20
CA GLY F 140 34.02 -5.03 21.37
C GLY F 140 33.53 -4.61 20.00
N ILE F 141 32.20 -4.65 19.85
CA ILE F 141 31.53 -4.22 18.61
C ILE F 141 30.98 -2.82 18.91
N LYS F 142 31.58 -1.81 18.27
CA LYS F 142 31.28 -0.42 18.56
C LYS F 142 29.79 -0.08 18.63
N VAL F 143 29.02 -0.49 17.62
CA VAL F 143 27.62 -0.01 17.54
C VAL F 143 26.80 -0.59 18.66
N VAL F 144 27.04 -1.84 19.06
CA VAL F 144 26.35 -2.51 20.15
C VAL F 144 26.73 -1.92 21.51
N ASP F 145 28.00 -1.87 21.82
CA ASP F 145 28.47 -1.34 23.11
C ASP F 145 28.11 0.11 23.32
N LEU F 146 28.23 0.93 22.26
CA LEU F 146 27.89 2.34 22.46
C LEU F 146 26.39 2.57 22.72
N LEU F 147 25.58 2.17 21.73
CA LEU F 147 24.17 2.47 21.69
C LEU F 147 23.18 1.59 22.38
N ALA F 148 23.35 0.29 22.41
CA ALA F 148 22.36 -0.63 22.99
C ALA F 148 23.14 -1.85 23.52
N PRO F 149 23.93 -1.59 24.56
CA PRO F 149 24.78 -2.54 25.18
C PRO F 149 24.11 -3.76 25.79
N TYR F 150 24.80 -4.90 25.67
CA TYR F 150 24.41 -6.18 26.22
C TYR F 150 24.73 -6.28 27.71
N ALA F 151 23.93 -7.04 28.45
CA ALA F 151 24.05 -7.25 29.86
C ALA F 151 24.43 -8.69 30.19
N LYS F 152 25.30 -8.91 31.18
CA LYS F 152 25.62 -10.30 31.53
C LYS F 152 24.37 -11.00 32.06
N GLY F 153 24.10 -12.24 31.65
CA GLY F 153 22.86 -12.87 32.19
C GLY F 153 21.62 -12.27 31.57
N GLY F 154 21.80 -11.42 30.53
CA GLY F 154 20.57 -10.84 29.92
C GLY F 154 20.10 -11.53 28.66
N LYS F 155 18.88 -11.20 28.23
CA LYS F 155 18.37 -11.68 26.94
C LYS F 155 18.68 -10.76 25.77
N ILE F 156 19.39 -11.24 24.77
CA ILE F 156 19.77 -10.54 23.59
C ILE F 156 19.11 -11.11 22.34
N GLY F 157 18.44 -10.29 21.54
CA GLY F 157 17.79 -10.71 20.31
C GLY F 157 18.40 -9.97 19.10
N LEU F 158 18.76 -10.72 18.07
CA LEU F 158 19.32 -10.23 16.84
C LEU F 158 18.29 -10.36 15.71
N PHE F 159 17.54 -9.32 15.39
CA PHE F 159 16.52 -9.32 14.36
C PHE F 159 17.13 -9.08 12.97
N GLY F 160 16.61 -9.84 11.98
CA GLY F 160 17.15 -9.60 10.64
C GLY F 160 16.39 -10.33 9.55
N GLY F 161 16.26 -9.65 8.39
CA GLY F 161 15.71 -10.23 7.20
C GLY F 161 16.70 -11.27 6.66
N ALA F 162 16.32 -11.95 5.60
CA ALA F 162 17.13 -13.04 5.04
C ALA F 162 18.47 -12.55 4.54
N GLY F 163 19.58 -13.14 4.97
CA GLY F 163 20.92 -12.83 4.49
C GLY F 163 21.45 -11.45 4.92
N VAL F 164 20.94 -10.82 5.96
CA VAL F 164 21.41 -9.46 6.37
C VAL F 164 22.55 -9.51 7.37
N GLY F 165 22.79 -10.64 8.04
CA GLY F 165 23.91 -10.83 8.91
C GLY F 165 23.69 -11.36 10.30
N LYS F 166 22.56 -12.03 10.61
CA LYS F 166 22.39 -12.51 11.99
C LYS F 166 23.40 -13.60 12.37
N THR F 167 23.63 -14.60 11.52
CA THR F 167 24.55 -15.68 11.91
C THR F 167 25.99 -15.19 12.01
N VAL F 168 26.40 -14.39 11.02
CA VAL F 168 27.74 -13.80 11.08
C VAL F 168 27.85 -13.02 12.40
N LEU F 169 26.81 -12.26 12.77
CA LEU F 169 26.92 -11.52 14.05
C LEU F 169 27.00 -12.48 15.23
N ILE F 170 26.21 -13.56 15.25
CA ILE F 170 26.33 -14.56 16.33
C ILE F 170 27.75 -15.12 16.42
N MET F 171 28.35 -15.55 15.31
CA MET F 171 29.68 -16.11 15.30
C MET F 171 30.74 -15.14 15.80
N GLU F 172 30.59 -13.85 15.49
CA GLU F 172 31.51 -12.85 16.02
C GLU F 172 31.33 -12.72 17.54
N LEU F 173 30.11 -12.90 18.05
CA LEU F 173 29.87 -12.77 19.50
C LEU F 173 30.47 -13.98 20.21
N ILE F 174 30.29 -15.15 19.56
CA ILE F 174 30.95 -16.34 20.12
C ILE F 174 32.45 -16.08 20.19
N ASN F 175 33.03 -15.60 19.10
CA ASN F 175 34.44 -15.28 19.05
C ASN F 175 34.85 -14.17 20.00
N ASN F 176 34.04 -13.16 20.30
CA ASN F 176 34.50 -12.09 21.18
C ASN F 176 34.15 -12.27 22.65
N VAL F 177 33.17 -13.09 22.96
CA VAL F 177 32.65 -13.22 24.32
C VAL F 177 32.84 -14.61 24.89
N ALA F 178 32.45 -15.61 24.10
CA ALA F 178 32.37 -17.00 24.48
C ALA F 178 33.72 -17.68 24.70
N LYS F 179 34.40 -17.89 23.57
CA LYS F 179 35.71 -18.51 23.53
C LYS F 179 36.51 -18.20 24.79
N ALA F 180 36.36 -16.99 25.33
CA ALA F 180 37.08 -16.62 26.54
C ALA F 180 36.12 -16.30 27.68
N HIS F 181 35.16 -17.19 27.86
CA HIS F 181 34.13 -17.12 28.88
C HIS F 181 34.39 -18.20 29.93
N GLY F 182 34.22 -17.86 31.21
CA GLY F 182 34.43 -18.87 32.25
C GLY F 182 33.80 -20.22 31.98
N GLY F 183 32.47 -20.32 31.93
CA GLY F 183 31.77 -21.56 31.88
C GLY F 183 31.49 -22.31 30.63
N TYR F 184 30.27 -22.84 30.53
CA TYR F 184 29.84 -23.66 29.40
C TYR F 184 28.90 -22.89 28.45
N SER F 185 28.78 -23.42 27.24
CA SER F 185 27.91 -22.87 26.24
C SER F 185 27.02 -23.98 25.65
N VAL F 186 25.83 -23.61 25.22
CA VAL F 186 24.92 -24.51 24.52
C VAL F 186 24.56 -23.80 23.18
N PHE F 187 24.74 -24.46 22.07
CA PHE F 187 24.32 -23.90 20.79
C PHE F 187 23.21 -24.80 20.24
N ALA F 188 22.03 -24.19 20.10
CA ALA F 188 20.86 -24.85 19.56
C ALA F 188 20.58 -24.29 18.15
N GLY F 189 20.82 -25.15 17.18
CA GLY F 189 20.51 -24.88 15.79
C GLY F 189 19.04 -25.26 15.56
N VAL F 190 18.21 -24.27 15.20
CA VAL F 190 16.79 -24.48 15.08
C VAL F 190 16.34 -23.99 13.70
N GLY F 191 15.95 -24.90 12.84
CA GLY F 191 15.46 -24.62 11.53
C GLY F 191 16.44 -23.93 10.60
N GLU F 192 17.75 -23.99 10.83
CA GLU F 192 18.72 -23.38 9.90
C GLU F 192 19.44 -24.43 9.06
N ARG F 193 20.61 -24.13 8.49
CA ARG F 193 21.25 -24.99 7.52
C ARG F 193 22.07 -26.07 8.25
N THR F 194 21.83 -27.32 7.80
CA THR F 194 22.64 -28.42 8.40
C THR F 194 24.12 -28.15 8.14
N ARG F 195 24.43 -27.68 6.92
CA ARG F 195 25.82 -27.41 6.60
C ARG F 195 26.42 -26.36 7.53
N GLU F 196 25.66 -25.45 8.08
CA GLU F 196 26.19 -24.50 9.07
C GLU F 196 26.48 -25.25 10.37
N GLY F 197 25.63 -26.26 10.67
CA GLY F 197 25.90 -27.12 11.83
C GLY F 197 27.21 -27.88 11.56
N ASN F 198 27.41 -28.40 10.34
CA ASN F 198 28.72 -29.03 10.04
C ASN F 198 29.86 -28.03 10.08
N ASP F 199 29.69 -26.79 9.59
CA ASP F 199 30.73 -25.77 9.74
C ASP F 199 31.06 -25.52 11.22
N LEU F 200 30.03 -25.41 12.07
CA LEU F 200 30.35 -24.99 13.46
C LEU F 200 31.13 -26.09 14.17
N TYR F 201 30.61 -27.30 13.98
CA TYR F 201 31.21 -28.48 14.65
C TYR F 201 32.68 -28.59 14.29
N HIS F 202 32.97 -28.45 13.00
CA HIS F 202 34.37 -28.59 12.56
C HIS F 202 35.25 -27.50 13.10
N GLU F 203 34.73 -26.29 13.10
CA GLU F 203 35.53 -25.17 13.65
C GLU F 203 35.78 -25.33 15.13
N MET F 204 34.84 -25.87 15.90
CA MET F 204 35.05 -26.05 17.33
C MET F 204 36.02 -27.17 17.62
N ILE F 205 36.03 -28.18 16.76
CA ILE F 205 36.98 -29.27 16.91
C ILE F 205 38.37 -28.72 16.56
N GLU F 206 38.44 -27.85 15.55
CA GLU F 206 39.75 -27.34 15.14
C GLU F 206 40.32 -26.42 16.20
N SER F 207 39.48 -25.69 16.93
CA SER F 207 40.00 -24.79 17.98
C SER F 207 40.18 -25.45 19.34
N GLY F 208 39.62 -26.63 19.56
CA GLY F 208 39.71 -27.29 20.85
C GLY F 208 38.57 -26.97 21.78
N VAL F 209 37.64 -26.10 21.40
CA VAL F 209 36.45 -25.79 22.23
C VAL F 209 35.66 -27.07 22.41
N ILE F 210 35.76 -27.92 21.38
CA ILE F 210 35.20 -29.25 21.43
C ILE F 210 36.43 -30.20 21.32
N ASN F 211 36.52 -31.17 22.22
CA ASN F 211 37.63 -32.11 22.20
C ASN F 211 37.08 -33.53 22.15
N LEU F 212 37.46 -34.24 21.07
CA LEU F 212 36.94 -35.59 20.93
C LEU F 212 37.74 -36.61 21.73
N LYS F 213 38.74 -36.21 22.50
CA LYS F 213 39.59 -37.14 23.23
C LYS F 213 39.53 -37.03 24.75
N ASP F 214 39.43 -35.83 25.26
CA ASP F 214 39.36 -35.50 26.65
C ASP F 214 37.89 -35.20 27.08
N ALA F 215 37.79 -34.87 28.35
CA ALA F 215 36.54 -34.40 28.92
C ALA F 215 36.56 -32.88 28.98
N THR F 216 37.45 -32.21 28.24
CA THR F 216 37.55 -30.76 28.27
C THR F 216 36.62 -29.96 27.38
N SER F 217 35.70 -30.51 26.64
CA SER F 217 34.80 -29.73 25.78
C SER F 217 34.03 -28.66 26.55
N LYS F 218 33.75 -27.51 25.95
CA LYS F 218 33.03 -26.47 26.69
C LYS F 218 31.64 -26.18 26.13
N VAL F 219 31.27 -26.77 25.02
CA VAL F 219 29.96 -26.56 24.42
C VAL F 219 29.20 -27.85 24.15
N ALA F 220 27.89 -27.85 24.37
CA ALA F 220 26.93 -28.87 24.02
C ALA F 220 26.15 -28.43 22.78
N LEU F 221 26.10 -29.22 21.73
CA LEU F 221 25.35 -28.91 20.52
C LEU F 221 24.00 -29.61 20.42
N VAL F 222 22.96 -28.84 20.04
CA VAL F 222 21.61 -29.38 19.87
C VAL F 222 21.07 -28.95 18.52
N TYR F 223 20.68 -29.86 17.61
CA TYR F 223 20.27 -29.43 16.29
C TYR F 223 18.96 -30.03 15.81
N GLY F 224 18.20 -29.20 15.11
CA GLY F 224 16.95 -29.62 14.45
C GLY F 224 16.73 -28.57 13.33
N GLN F 225 17.38 -28.86 12.22
CA GLN F 225 17.49 -27.92 11.12
C GLN F 225 16.36 -27.95 10.12
N MET F 226 16.52 -27.15 9.04
CA MET F 226 15.51 -26.99 8.03
C MET F 226 15.21 -28.20 7.17
N ASN F 227 15.87 -29.31 7.40
CA ASN F 227 15.50 -30.57 6.79
C ASN F 227 14.49 -31.34 7.65
N GLU F 228 14.20 -30.94 8.87
CA GLU F 228 13.29 -31.66 9.78
C GLU F 228 11.84 -31.26 9.61
N PRO F 229 10.92 -32.18 9.87
CA PRO F 229 9.48 -31.95 9.88
C PRO F 229 9.14 -31.03 11.03
N PRO F 230 8.01 -30.37 10.98
CA PRO F 230 7.66 -29.26 11.87
C PRO F 230 7.62 -29.57 13.34
N GLY F 231 7.19 -30.79 13.69
CA GLY F 231 7.11 -31.05 15.17
C GLY F 231 8.53 -31.00 15.74
N ALA F 232 9.49 -31.55 14.99
CA ALA F 232 10.88 -31.46 15.49
C ALA F 232 11.37 -30.02 15.51
N ARG F 233 11.17 -29.23 14.44
CA ARG F 233 11.55 -27.80 14.60
C ARG F 233 10.77 -27.08 15.65
N ALA F 234 9.53 -27.49 16.03
CA ALA F 234 8.79 -26.76 17.07
C ALA F 234 9.25 -27.12 18.48
N ARG F 235 9.89 -28.29 18.67
CA ARG F 235 10.36 -28.63 19.99
C ARG F 235 11.86 -28.52 20.19
N VAL F 236 12.66 -28.46 19.12
CA VAL F 236 14.12 -28.50 19.30
C VAL F 236 14.64 -27.35 20.13
N ALA F 237 13.99 -26.19 20.12
CA ALA F 237 14.51 -25.12 21.01
C ALA F 237 14.31 -25.51 22.48
N LEU F 238 13.24 -26.26 22.77
CA LEU F 238 13.05 -26.70 24.16
C LEU F 238 14.16 -27.67 24.55
N THR F 239 14.62 -28.49 23.62
CA THR F 239 15.71 -29.42 23.97
C THR F 239 16.97 -28.68 24.33
N GLY F 240 17.33 -27.68 23.51
CA GLY F 240 18.52 -26.86 23.74
C GLY F 240 18.40 -26.14 25.09
N LEU F 241 17.30 -25.43 25.31
CA LEU F 241 17.14 -24.68 26.56
C LEU F 241 17.12 -25.59 27.78
N THR F 242 16.64 -26.82 27.67
CA THR F 242 16.66 -27.78 28.77
C THR F 242 18.11 -28.10 29.16
N VAL F 243 18.99 -28.25 28.19
CA VAL F 243 20.40 -28.54 28.49
C VAL F 243 21.00 -27.35 29.24
N ALA F 244 20.65 -26.14 28.77
CA ALA F 244 21.13 -24.92 29.37
C ALA F 244 20.58 -24.76 30.79
N GLU F 245 19.34 -25.12 31.07
CA GLU F 245 18.80 -25.04 32.41
C GLU F 245 19.63 -25.82 33.45
N TYR F 246 19.95 -27.06 33.08
CA TYR F 246 20.76 -27.92 33.93
C TYR F 246 22.06 -27.20 34.30
N PHE F 247 22.80 -26.66 33.35
CA PHE F 247 24.06 -26.00 33.70
C PHE F 247 23.73 -24.73 34.50
N ARG F 248 22.60 -24.10 34.24
CA ARG F 248 22.30 -22.86 34.95
C ARG F 248 22.19 -23.20 36.44
N ASP F 249 21.33 -24.11 36.76
CA ASP F 249 20.94 -24.54 38.06
C ASP F 249 21.80 -25.65 38.65
N GLN F 250 21.63 -26.83 38.03
CA GLN F 250 22.23 -28.06 38.53
C GLN F 250 23.75 -27.97 38.61
N GLU F 251 24.20 -26.73 38.55
CA GLU F 251 25.61 -26.43 38.75
C GLU F 251 25.68 -24.98 39.25
N GLY F 252 24.55 -24.28 39.06
CA GLY F 252 24.44 -22.88 39.45
C GLY F 252 25.38 -21.99 38.63
N GLN F 253 25.99 -22.51 37.55
CA GLN F 253 27.00 -21.75 36.86
C GLN F 253 26.66 -21.12 35.53
N ASP F 254 27.28 -19.98 35.29
CA ASP F 254 27.03 -19.08 34.18
C ASP F 254 27.26 -19.63 32.80
N VAL F 255 26.16 -19.96 32.13
CA VAL F 255 26.11 -20.55 30.82
C VAL F 255 25.80 -19.53 29.73
N LEU F 256 26.32 -19.72 28.54
CA LEU F 256 25.94 -18.96 27.37
C LEU F 256 25.01 -19.85 26.52
N LEU F 257 23.88 -19.27 26.09
CA LEU F 257 22.97 -20.04 25.26
C LEU F 257 22.73 -19.32 23.94
N PHE F 258 23.13 -19.95 22.84
CA PHE F 258 22.90 -19.36 21.54
C PHE F 258 21.82 -20.14 20.82
N ILE F 259 20.86 -19.41 20.23
CA ILE F 259 19.83 -20.09 19.45
C ILE F 259 19.79 -19.47 18.06
N ASP F 260 19.90 -20.28 17.01
CA ASP F 260 19.81 -19.76 15.63
C ASP F 260 18.96 -20.78 14.88
N ASN F 261 17.74 -20.48 14.58
CA ASN F 261 17.06 -19.21 14.77
C ASN F 261 15.71 -19.42 15.40
N ILE F 262 15.35 -18.74 16.48
CA ILE F 262 14.14 -18.96 17.24
C ILE F 262 12.88 -18.62 16.47
N PHE F 263 12.89 -17.81 15.41
CA PHE F 263 11.69 -17.61 14.63
C PHE F 263 11.20 -19.00 14.10
N ARG F 264 12.15 -19.89 13.80
CA ARG F 264 11.78 -21.20 13.23
C ARG F 264 10.87 -21.99 14.16
N PHE F 265 10.90 -21.82 15.47
CA PHE F 265 9.93 -22.43 16.43
C PHE F 265 8.49 -22.01 16.15
N THR F 266 8.30 -20.68 16.02
CA THR F 266 7.01 -20.11 15.71
C THR F 266 6.59 -20.50 14.28
N GLN F 267 7.49 -20.58 13.33
CA GLN F 267 7.08 -20.95 11.97
C GLN F 267 6.60 -22.42 11.95
N ALA F 268 7.33 -23.32 12.62
CA ALA F 268 6.96 -24.72 12.72
C ALA F 268 5.61 -24.87 13.38
N GLY F 269 5.35 -24.09 14.45
CA GLY F 269 4.05 -24.03 15.07
C GLY F 269 2.96 -23.65 14.09
N SER F 270 3.19 -22.72 13.14
CA SER F 270 2.11 -22.39 12.22
C SER F 270 1.86 -23.54 11.22
N GLU F 271 2.88 -24.35 10.89
CA GLU F 271 2.58 -25.47 9.98
C GLU F 271 1.63 -26.51 10.61
N VAL F 272 1.71 -26.78 11.90
CA VAL F 272 0.86 -27.78 12.51
C VAL F 272 -0.45 -27.30 13.05
N SER F 273 -0.53 -25.99 13.34
CA SER F 273 -1.73 -25.38 13.90
C SER F 273 -2.93 -25.66 13.01
N ALA F 274 -2.63 -25.66 11.72
CA ALA F 274 -3.72 -25.97 10.76
C ALA F 274 -4.13 -27.42 10.96
N LEU F 275 -3.13 -28.31 10.93
CA LEU F 275 -3.52 -29.75 11.14
C LEU F 275 -4.17 -29.95 12.47
N LEU F 276 -4.00 -29.04 13.44
CA LEU F 276 -4.62 -29.26 14.76
C LEU F 276 -6.06 -28.84 14.84
N GLY F 277 -6.66 -28.29 13.79
CA GLY F 277 -8.06 -27.86 13.90
C GLY F 277 -8.29 -26.46 14.46
N ARG F 278 -7.32 -25.55 14.46
CA ARG F 278 -7.61 -24.24 15.10
C ARG F 278 -8.11 -23.27 14.03
N ILE F 279 -8.93 -22.31 14.41
CA ILE F 279 -9.19 -21.19 13.47
C ILE F 279 -7.91 -20.33 13.45
N PRO F 280 -7.38 -20.03 12.29
CA PRO F 280 -6.20 -19.21 12.13
C PRO F 280 -6.43 -17.77 12.63
N SER F 281 -5.36 -17.12 13.06
CA SER F 281 -5.29 -15.75 13.48
C SER F 281 -4.66 -14.91 12.36
N ALA F 282 -4.21 -13.69 12.64
CA ALA F 282 -3.72 -12.78 11.60
C ALA F 282 -2.54 -13.34 10.83
N VAL F 283 -2.49 -13.14 9.51
CA VAL F 283 -1.39 -13.63 8.70
C VAL F 283 -1.28 -15.12 8.66
N GLY F 284 -2.41 -15.79 8.92
CA GLY F 284 -2.37 -17.26 8.87
C GLY F 284 -1.74 -17.90 10.08
N TYR F 285 -1.23 -17.15 11.06
CA TYR F 285 -0.61 -17.77 12.22
C TYR F 285 -1.57 -18.46 13.17
N GLN F 286 -1.02 -19.40 13.94
CA GLN F 286 -1.66 -20.01 15.08
C GLN F 286 -2.22 -18.94 16.05
N PRO F 287 -3.40 -19.09 16.59
CA PRO F 287 -4.02 -18.19 17.54
C PRO F 287 -3.27 -18.10 18.88
N THR F 288 -2.41 -19.09 19.10
CA THR F 288 -1.68 -19.29 20.32
C THR F 288 -0.26 -18.78 20.19
N LEU F 289 0.06 -18.09 19.12
CA LEU F 289 1.41 -17.62 18.85
C LEU F 289 2.11 -17.03 20.06
N ALA F 290 1.50 -16.10 20.76
CA ALA F 290 2.10 -15.38 21.88
C ALA F 290 2.19 -16.16 23.16
N THR F 291 1.21 -16.99 23.51
CA THR F 291 1.34 -17.82 24.73
C THR F 291 2.28 -19.01 24.49
N ASP F 292 2.31 -19.59 23.28
CA ASP F 292 3.35 -20.58 23.00
C ASP F 292 4.74 -19.93 23.15
N MET F 293 4.87 -18.75 22.58
CA MET F 293 6.17 -18.08 22.64
C MET F 293 6.55 -17.85 24.11
N GLY F 294 5.59 -17.37 24.89
CA GLY F 294 5.82 -17.00 26.28
C GLY F 294 6.21 -18.19 27.16
N THR F 295 5.52 -19.33 27.00
CA THR F 295 5.87 -20.48 27.82
C THR F 295 7.29 -20.97 27.54
N MET F 296 7.76 -20.81 26.30
CA MET F 296 9.15 -21.18 25.99
C MET F 296 10.13 -20.09 26.44
N GLN F 297 9.84 -18.83 26.10
CA GLN F 297 10.78 -17.73 26.38
C GLN F 297 10.99 -17.52 27.88
N GLU F 298 9.96 -17.74 28.71
CA GLU F 298 10.12 -17.48 30.13
C GLU F 298 11.03 -18.46 30.82
N ARG F 299 11.40 -19.54 30.18
CA ARG F 299 12.40 -20.45 30.74
C ARG F 299 13.81 -20.04 30.31
N ILE F 300 13.89 -19.23 29.23
CA ILE F 300 15.24 -18.80 28.80
C ILE F 300 15.60 -17.60 29.66
N THR F 301 16.08 -17.82 30.88
CA THR F 301 16.26 -16.70 31.80
C THR F 301 17.28 -16.99 32.90
N THR F 302 17.89 -15.90 33.34
CA THR F 302 18.78 -15.89 34.50
C THR F 302 17.83 -15.95 35.70
N THR F 303 18.14 -16.67 36.74
CA THR F 303 17.38 -16.79 37.97
C THR F 303 18.39 -16.53 39.14
N LYS F 304 17.93 -16.51 40.37
CA LYS F 304 18.77 -16.31 41.53
C LYS F 304 19.75 -17.48 41.66
N LYS F 305 19.37 -18.63 41.12
CA LYS F 305 20.25 -19.78 41.20
C LYS F 305 21.44 -19.67 40.26
N GLY F 306 21.32 -19.03 39.11
CA GLY F 306 22.43 -19.04 38.15
C GLY F 306 22.00 -18.22 36.92
N SER F 307 23.00 -17.89 36.15
CA SER F 307 22.85 -16.99 35.05
C SER F 307 22.96 -17.65 33.70
N ILE F 308 22.09 -17.19 32.79
CA ILE F 308 22.07 -17.51 31.41
C ILE F 308 22.15 -16.21 30.58
N THR F 309 23.18 -16.11 29.79
CA THR F 309 23.32 -15.01 28.83
C THR F 309 22.89 -15.62 27.49
N SER F 310 21.70 -15.30 27.02
CA SER F 310 21.17 -15.92 25.82
C SER F 310 21.24 -14.93 24.66
N VAL F 311 21.59 -15.44 23.49
CA VAL F 311 21.66 -14.68 22.27
C VAL F 311 20.81 -15.41 21.22
N GLN F 312 19.77 -14.74 20.74
CA GLN F 312 18.84 -15.43 19.82
C GLN F 312 18.71 -14.69 18.49
N ALA F 313 19.09 -15.32 17.40
CA ALA F 313 18.83 -14.80 16.06
C ALA F 313 17.32 -14.94 15.81
N ILE F 314 16.73 -13.90 15.26
CA ILE F 314 15.29 -13.77 15.05
C ILE F 314 15.04 -13.37 13.61
N TYR F 315 14.68 -14.37 12.81
CA TYR F 315 14.34 -14.08 11.41
C TYR F 315 13.16 -13.13 11.31
N VAL F 316 13.15 -12.34 10.24
CA VAL F 316 12.10 -11.36 9.97
C VAL F 316 11.57 -11.59 8.54
N PRO F 317 10.37 -12.18 8.45
CA PRO F 317 9.69 -12.52 7.22
C PRO F 317 9.35 -11.33 6.32
N ALA F 318 9.70 -11.47 5.04
CA ALA F 318 9.48 -10.48 4.03
C ALA F 318 10.00 -9.13 4.54
N ASP F 319 11.02 -9.17 5.38
CA ASP F 319 11.60 -7.97 5.98
C ASP F 319 10.56 -7.17 6.73
N ASP F 320 9.44 -7.74 7.18
CA ASP F 320 8.42 -6.96 7.89
C ASP F 320 8.48 -7.03 9.39
N LEU F 321 9.06 -6.06 10.12
CA LEU F 321 9.24 -6.13 11.55
C LEU F 321 7.89 -6.11 12.26
N THR F 322 6.82 -5.82 11.54
CA THR F 322 5.50 -5.85 12.17
C THR F 322 4.85 -7.23 12.02
N ASP F 323 5.49 -8.15 11.32
CA ASP F 323 4.87 -9.52 11.26
C ASP F 323 4.68 -10.00 12.69
N PRO F 324 3.59 -10.63 13.05
CA PRO F 324 3.31 -11.12 14.41
C PRO F 324 4.46 -11.86 15.09
N ALA F 325 5.30 -12.61 14.37
CA ALA F 325 6.40 -13.34 15.03
C ALA F 325 7.47 -12.44 15.61
N PRO F 326 8.20 -11.65 14.83
CA PRO F 326 9.21 -10.76 15.33
C PRO F 326 8.57 -9.74 16.28
N ALA F 327 7.37 -9.24 15.97
CA ALA F 327 6.74 -8.24 16.80
C ALA F 327 6.42 -8.70 18.20
N THR F 328 6.14 -9.99 18.35
CA THR F 328 5.76 -10.47 19.72
C THR F 328 7.01 -10.80 20.49
N THR F 329 8.14 -11.00 19.80
CA THR F 329 9.41 -11.35 20.41
C THR F 329 10.06 -10.18 21.15
N PHE F 330 9.86 -8.96 20.73
CA PHE F 330 10.44 -7.77 21.35
C PHE F 330 10.29 -7.67 22.86
N ALA F 331 9.16 -8.03 23.42
CA ALA F 331 8.88 -8.00 24.85
C ALA F 331 9.71 -9.00 25.64
N HIS F 332 10.30 -10.01 24.99
CA HIS F 332 11.06 -11.01 25.70
C HIS F 332 12.52 -10.67 25.84
N LEU F 333 12.90 -9.44 25.48
CA LEU F 333 14.31 -9.11 25.40
C LEU F 333 14.80 -7.99 26.31
N ASP F 334 16.07 -7.99 26.62
CA ASP F 334 16.70 -6.95 27.44
C ASP F 334 17.58 -6.08 26.54
N ALA F 335 18.07 -6.66 25.44
CA ALA F 335 18.74 -5.91 24.42
C ALA F 335 18.33 -6.40 23.01
N THR F 336 18.09 -5.41 22.14
CA THR F 336 17.71 -5.81 20.76
C THR F 336 18.72 -5.20 19.79
N THR F 337 19.22 -5.94 18.83
CA THR F 337 20.10 -5.47 17.77
C THR F 337 19.33 -5.65 16.46
N VAL F 338 18.83 -4.60 15.85
CA VAL F 338 18.02 -4.75 14.62
C VAL F 338 18.86 -4.50 13.37
N LEU F 339 18.96 -5.49 12.51
CA LEU F 339 19.71 -5.39 11.24
C LEU F 339 18.82 -4.94 10.11
N SER F 340 19.38 -4.16 9.19
CA SER F 340 18.53 -3.64 8.11
C SER F 340 19.14 -3.90 6.74
N ARG F 341 18.32 -4.38 5.80
CA ARG F 341 18.78 -4.68 4.45
C ARG F 341 19.28 -3.40 3.77
N ALA F 342 18.59 -2.28 4.03
CA ALA F 342 18.97 -1.03 3.37
C ALA F 342 20.39 -0.67 3.76
N ILE F 343 20.64 -0.75 5.06
CA ILE F 343 21.99 -0.48 5.58
C ILE F 343 23.01 -1.46 5.03
N ALA F 344 22.66 -2.77 4.98
CA ALA F 344 23.57 -3.75 4.40
C ALA F 344 23.84 -3.36 2.94
N GLU F 345 22.81 -2.92 2.23
CA GLU F 345 23.09 -2.58 0.80
C GLU F 345 23.94 -1.36 0.66
N LEU F 346 24.13 -0.53 1.71
CA LEU F 346 25.04 0.60 1.59
C LEU F 346 26.47 0.18 1.96
N GLY F 347 26.70 -1.07 2.23
CA GLY F 347 27.97 -1.62 2.60
C GLY F 347 28.35 -1.40 4.03
N ILE F 348 27.40 -0.97 4.86
CA ILE F 348 27.65 -0.80 6.29
C ILE F 348 27.41 -2.13 7.00
N TYR F 349 28.46 -2.73 7.53
CA TYR F 349 28.36 -3.96 8.32
C TYR F 349 29.09 -3.71 9.64
N PRO F 350 28.62 -4.22 10.75
CA PRO F 350 27.38 -4.98 10.85
C PRO F 350 26.18 -4.10 10.52
N ALA F 351 25.13 -4.64 9.93
CA ALA F 351 24.07 -3.77 9.34
C ALA F 351 23.01 -3.40 10.36
N VAL F 352 23.49 -2.88 11.49
CA VAL F 352 22.69 -2.50 12.61
C VAL F 352 22.04 -1.13 12.44
N ASP F 353 20.74 -1.04 12.59
CA ASP F 353 19.98 0.17 12.61
C ASP F 353 20.15 0.82 13.99
N PRO F 354 20.96 1.87 14.01
CA PRO F 354 21.31 2.58 15.23
C PRO F 354 20.15 3.33 15.85
N LEU F 355 19.02 3.46 15.16
CA LEU F 355 17.84 4.10 15.72
C LEU F 355 16.70 3.10 15.94
N ASP F 356 17.04 1.81 15.94
CA ASP F 356 16.00 0.79 16.24
C ASP F 356 16.60 -0.31 17.08
N SER F 357 17.82 -0.16 17.57
CA SER F 357 18.46 -1.13 18.48
C SER F 357 18.39 -0.55 19.86
N THR F 358 17.92 -1.26 20.86
CA THR F 358 17.70 -0.67 22.20
C THR F 358 18.25 -1.58 23.29
N SER F 359 18.42 -1.04 24.49
CA SER F 359 18.88 -1.81 25.63
C SER F 359 18.35 -1.28 26.95
N ARG F 360 17.85 -2.18 27.79
CA ARG F 360 17.29 -1.78 29.10
C ARG F 360 18.36 -1.23 30.03
N ILE F 361 19.60 -1.44 29.69
CA ILE F 361 20.78 -1.06 30.46
C ILE F 361 21.37 0.27 30.06
N MET F 362 20.83 0.94 29.04
CA MET F 362 21.24 2.27 28.58
C MET F 362 20.57 3.34 29.47
N ASP F 363 21.16 3.54 30.62
CA ASP F 363 20.77 4.40 31.72
C ASP F 363 22.06 4.92 32.35
N PRO F 364 22.18 6.21 32.59
CA PRO F 364 23.40 6.83 33.13
C PRO F 364 23.76 6.29 34.50
N ASN F 365 22.83 5.79 35.32
CA ASN F 365 23.23 5.23 36.62
C ASN F 365 23.82 3.86 36.45
N ILE F 366 23.75 3.30 35.24
CA ILE F 366 24.36 1.98 35.01
C ILE F 366 25.62 2.07 34.17
N VAL F 367 25.55 2.78 33.02
CA VAL F 367 26.77 2.83 32.20
C VAL F 367 27.56 4.10 32.47
N GLY F 368 27.11 4.90 33.42
CA GLY F 368 27.77 6.17 33.74
C GLY F 368 27.28 7.26 32.79
N SER F 369 27.30 8.52 33.22
CA SER F 369 26.90 9.64 32.39
C SER F 369 27.69 9.91 31.15
N GLU F 370 28.97 9.66 31.01
CA GLU F 370 29.68 9.91 29.76
C GLU F 370 29.26 8.92 28.67
N HIS F 371 29.23 7.61 28.98
CA HIS F 371 28.76 6.68 27.94
C HIS F 371 27.36 7.12 27.48
N TYR F 372 26.47 7.31 28.45
CA TYR F 372 25.09 7.69 28.18
C TYR F 372 24.97 8.99 27.38
N ASP F 373 25.75 10.02 27.71
CA ASP F 373 25.62 11.28 26.95
C ASP F 373 26.15 11.14 25.54
N VAL F 374 27.23 10.40 25.33
CA VAL F 374 27.72 10.20 23.95
C VAL F 374 26.74 9.38 23.12
N ALA F 375 26.17 8.29 23.67
CA ALA F 375 25.20 7.51 22.92
C ALA F 375 23.97 8.34 22.55
N ARG F 376 23.44 9.17 23.46
CA ARG F 376 22.30 10.02 23.17
C ARG F 376 22.64 11.11 22.13
N GLY F 377 23.87 11.62 22.18
CA GLY F 377 24.30 12.62 21.16
C GLY F 377 24.42 11.96 19.80
N VAL F 378 24.94 10.75 19.70
CA VAL F 378 25.03 10.07 18.40
C VAL F 378 23.64 9.83 17.82
N GLN F 379 22.71 9.35 18.66
CA GLN F 379 21.34 9.12 18.21
C GLN F 379 20.67 10.42 17.82
N LYS F 380 20.84 11.49 18.58
CA LYS F 380 20.25 12.75 18.16
C LYS F 380 20.77 13.22 16.80
N ILE F 381 22.06 13.16 16.58
CA ILE F 381 22.58 13.62 15.28
C ILE F 381 22.13 12.74 14.15
N LEU F 382 22.06 11.42 14.36
CA LEU F 382 21.59 10.51 13.31
C LEU F 382 20.10 10.70 13.04
N GLN F 383 19.29 11.02 14.07
CA GLN F 383 17.87 11.25 13.80
C GLN F 383 17.71 12.62 13.10
N ASP F 384 18.56 13.58 13.50
CA ASP F 384 18.46 14.92 12.86
C ASP F 384 18.74 14.78 11.36
N TYR F 385 19.74 13.92 11.09
CA TYR F 385 20.15 13.70 9.70
C TYR F 385 19.05 12.98 8.91
N LYS F 386 18.55 11.91 9.51
CA LYS F 386 17.42 11.17 8.92
C LYS F 386 16.32 12.17 8.58
N SER F 387 16.00 13.06 9.51
CA SER F 387 14.98 14.08 9.27
C SER F 387 15.33 15.01 8.14
N LEU F 388 16.57 15.48 8.00
CA LEU F 388 16.93 16.29 6.84
C LEU F 388 16.82 15.49 5.53
N GLN F 389 17.28 14.24 5.55
CA GLN F 389 17.25 13.41 4.34
C GLN F 389 15.89 13.49 3.68
N ASP F 390 14.86 13.34 4.50
CA ASP F 390 13.46 13.34 4.09
C ASP F 390 13.10 14.58 3.30
N ILE F 391 13.72 15.70 3.61
CA ILE F 391 13.45 16.96 2.94
C ILE F 391 14.45 17.29 1.84
N ILE F 392 15.50 16.54 1.66
CA ILE F 392 16.56 16.74 0.68
C ILE F 392 16.38 15.71 -0.44
N ALA F 393 15.54 14.72 -0.14
CA ALA F 393 15.27 13.61 -1.04
C ALA F 393 15.44 14.06 -2.50
N ILE F 394 14.77 15.12 -2.90
CA ILE F 394 14.87 15.57 -4.28
C ILE F 394 16.03 16.53 -4.52
N LEU F 395 16.14 17.62 -3.78
CA LEU F 395 17.10 18.65 -4.06
C LEU F 395 18.49 18.61 -3.49
N GLY F 396 19.06 17.45 -3.14
CA GLY F 396 20.41 17.37 -2.65
C GLY F 396 20.74 18.34 -1.52
N MET F 397 22.03 18.45 -1.20
CA MET F 397 22.49 19.27 -0.10
C MET F 397 22.76 20.73 -0.40
N ASP F 398 22.83 21.11 -1.66
CA ASP F 398 23.10 22.51 -2.00
C ASP F 398 22.15 23.44 -1.27
N GLU F 399 20.86 23.24 -1.49
CA GLU F 399 19.83 24.08 -0.89
C GLU F 399 19.91 24.05 0.62
N LEU F 400 20.60 23.06 1.16
CA LEU F 400 20.73 22.92 2.61
C LEU F 400 21.50 24.10 3.19
N SER F 401 21.33 24.34 4.48
CA SER F 401 21.97 25.44 5.19
C SER F 401 23.21 25.00 5.94
N GLU F 402 24.34 25.65 5.72
CA GLU F 402 25.62 25.35 6.29
C GLU F 402 25.63 24.67 7.65
N GLU F 403 24.77 25.04 8.58
CA GLU F 403 24.78 24.42 9.91
C GLU F 403 24.21 22.99 9.87
N ASP F 404 23.21 22.82 9.02
CA ASP F 404 22.62 21.53 8.71
C ASP F 404 23.66 20.75 7.88
N LYS F 405 24.45 21.53 7.14
CA LYS F 405 25.52 20.93 6.34
C LYS F 405 26.49 20.26 7.31
N LEU F 406 26.52 20.84 8.52
CA LEU F 406 27.39 20.26 9.54
C LEU F 406 26.75 19.06 10.20
N THR F 407 25.43 19.02 10.33
CA THR F 407 24.78 17.81 10.86
C THR F 407 25.02 16.64 9.89
N VAL F 408 24.90 16.90 8.61
CA VAL F 408 25.08 15.92 7.55
C VAL F 408 26.47 15.32 7.53
N SER F 409 27.50 16.14 7.48
CA SER F 409 28.86 15.65 7.39
C SER F 409 29.23 14.84 8.63
N ARG F 410 28.88 15.33 9.81
CA ARG F 410 29.13 14.58 11.03
C ARG F 410 28.35 13.27 11.07
N ALA F 411 27.04 13.33 10.82
CA ALA F 411 26.21 12.12 10.86
C ALA F 411 26.73 11.04 9.90
N ARG F 412 27.20 11.50 8.73
CA ARG F 412 27.75 10.59 7.73
C ARG F 412 29.02 9.93 8.24
N LYS F 413 29.86 10.72 8.93
CA LYS F 413 31.06 10.10 9.51
C LYS F 413 30.73 9.14 10.63
N ILE F 414 29.68 9.46 11.41
CA ILE F 414 29.32 8.60 12.54
C ILE F 414 28.76 7.26 12.07
N GLN F 415 27.95 7.28 11.05
CA GLN F 415 27.37 6.12 10.39
C GLN F 415 28.45 5.18 9.89
N ARG F 416 29.51 5.77 9.29
CA ARG F 416 30.64 4.92 8.85
C ARG F 416 31.48 4.43 9.99
N PHE F 417 31.69 5.25 11.03
CA PHE F 417 32.49 4.77 12.16
C PHE F 417 31.72 3.69 12.93
N LEU F 418 30.41 3.55 12.70
CA LEU F 418 29.67 2.44 13.31
C LEU F 418 29.95 1.14 12.56
N SER F 419 30.49 1.25 11.35
CA SER F 419 30.83 0.03 10.59
C SER F 419 32.06 -0.61 11.23
N GLN F 420 32.36 -1.86 10.95
CA GLN F 420 33.51 -2.51 11.61
C GLN F 420 33.74 -3.89 10.97
N PRO F 421 34.97 -4.18 10.64
CA PRO F 421 35.40 -5.46 10.09
C PRO F 421 35.43 -6.49 11.20
N PHE F 422 34.73 -7.58 10.97
CA PHE F 422 34.62 -8.70 11.91
C PHE F 422 35.62 -9.77 11.57
N GLN F 423 36.17 -10.40 12.60
CA GLN F 423 37.07 -11.52 12.34
C GLN F 423 36.46 -12.59 11.47
N VAL F 424 35.18 -12.94 11.61
CA VAL F 424 34.59 -14.02 10.82
C VAL F 424 34.16 -13.60 9.44
N ALA F 425 34.26 -12.33 9.07
CA ALA F 425 33.84 -11.89 7.76
C ALA F 425 34.98 -11.48 6.84
N GLU F 426 36.23 -11.74 7.18
CA GLU F 426 37.34 -11.28 6.37
C GLU F 426 37.25 -11.62 4.91
N VAL F 427 36.58 -12.73 4.59
CA VAL F 427 36.51 -13.12 3.17
C VAL F 427 35.68 -12.15 2.39
N PHE F 428 34.67 -11.57 3.04
CA PHE F 428 33.78 -10.65 2.31
C PHE F 428 34.27 -9.20 2.38
N THR F 429 34.91 -8.76 3.47
CA THR F 429 35.33 -7.38 3.55
C THR F 429 36.75 -7.18 3.00
N GLY F 430 37.55 -8.23 2.95
CA GLY F 430 38.94 -8.09 2.54
C GLY F 430 39.61 -7.09 3.51
N HIS F 431 39.30 -7.25 4.79
CA HIS F 431 39.82 -6.43 5.86
C HIS F 431 40.02 -7.27 7.13
N LEU F 432 41.17 -7.17 7.78
CA LEU F 432 41.37 -7.96 9.01
C LEU F 432 40.38 -7.55 10.09
N GLY F 433 39.99 -8.47 10.95
CA GLY F 433 38.98 -8.18 11.97
C GLY F 433 39.47 -7.26 13.07
N LYS F 434 38.55 -6.58 13.75
CA LYS F 434 38.92 -5.67 14.82
C LYS F 434 37.98 -5.78 16.02
N LEU F 435 38.52 -5.74 17.22
CA LEU F 435 37.80 -5.72 18.48
C LEU F 435 38.07 -4.37 19.16
N VAL F 436 37.06 -3.51 19.34
CA VAL F 436 37.31 -2.20 19.96
C VAL F 436 36.81 -2.14 21.39
N PRO F 437 37.72 -1.82 22.31
CA PRO F 437 37.46 -1.73 23.74
C PRO F 437 36.45 -0.64 24.03
N LEU F 438 35.63 -0.80 25.08
CA LEU F 438 34.57 0.14 25.39
C LEU F 438 35.03 1.58 25.51
N LYS F 439 36.05 1.83 26.35
CA LYS F 439 36.51 3.22 26.52
C LYS F 439 36.89 3.85 25.19
N GLU F 440 37.46 3.14 24.24
CA GLU F 440 37.87 3.70 22.96
C GLU F 440 36.70 3.94 22.02
N THR F 441 35.65 3.10 22.12
CA THR F 441 34.44 3.32 21.31
C THR F 441 33.83 4.66 21.74
N ILE F 442 33.79 4.91 23.04
CA ILE F 442 33.26 6.17 23.55
C ILE F 442 34.05 7.40 23.16
N LYS F 443 35.37 7.38 23.35
CA LYS F 443 36.26 8.45 22.95
C LYS F 443 36.10 8.86 21.50
N GLY F 444 36.08 7.85 20.61
CA GLY F 444 35.99 8.13 19.17
C GLY F 444 34.72 8.80 18.75
N PHE F 445 33.56 8.38 19.29
CA PHE F 445 32.30 9.03 18.97
C PHE F 445 32.24 10.40 19.68
N GLN F 446 32.78 10.47 20.88
CA GLN F 446 32.87 11.76 21.59
C GLN F 446 33.64 12.78 20.74
N GLN F 447 34.78 12.38 20.15
CA GLN F 447 35.56 13.27 19.33
C GLN F 447 34.88 13.72 18.05
N ILE F 448 34.28 12.75 17.34
CA ILE F 448 33.56 13.13 16.13
C ILE F 448 32.49 14.17 16.43
N LEU F 449 31.70 13.99 17.48
CA LEU F 449 30.63 14.87 17.86
C LEU F 449 31.18 16.26 18.28
N ALA F 450 32.44 16.31 18.68
CA ALA F 450 33.02 17.57 19.16
C ALA F 450 33.63 18.35 18.02
N GLY F 451 33.66 17.79 16.82
CA GLY F 451 34.17 18.43 15.63
C GLY F 451 35.65 18.17 15.40
N GLU F 452 36.29 17.37 16.26
CA GLU F 452 37.70 17.09 16.09
C GLU F 452 38.11 16.49 14.77
N TYR F 453 37.21 16.02 13.92
CA TYR F 453 37.65 15.46 12.63
C TYR F 453 36.81 15.99 11.48
N ASP F 454 36.36 17.23 11.58
CA ASP F 454 35.57 17.81 10.50
C ASP F 454 36.37 17.97 9.20
N HIS F 455 37.68 17.78 9.27
CA HIS F 455 38.49 17.99 8.06
C HIS F 455 38.84 16.69 7.39
N LEU F 456 38.56 15.55 8.05
CA LEU F 456 38.81 14.25 7.39
C LEU F 456 37.67 13.87 6.47
N PRO F 457 38.00 13.20 5.38
CA PRO F 457 37.01 12.70 4.45
C PRO F 457 36.22 11.56 5.11
N GLU F 458 34.96 11.44 4.72
CA GLU F 458 34.06 10.41 5.22
C GLU F 458 34.66 9.00 5.18
N GLN F 459 35.17 8.68 4.00
CA GLN F 459 35.70 7.37 3.68
C GLN F 459 36.67 6.87 4.70
N ALA F 460 37.37 7.77 5.37
CA ALA F 460 38.35 7.35 6.37
C ALA F 460 37.74 6.68 7.59
N PHE F 461 36.47 6.93 7.91
CA PHE F 461 35.89 6.34 9.12
C PHE F 461 35.26 4.97 8.83
N TYR F 462 35.29 4.57 7.56
CA TYR F 462 34.64 3.36 7.08
C TYR F 462 35.54 2.14 7.29
N MET F 463 34.93 1.09 7.78
CA MET F 463 35.56 -0.17 8.00
C MET F 463 36.87 -0.11 8.75
N VAL F 464 36.89 0.48 9.93
CA VAL F 464 38.09 0.46 10.77
C VAL F 464 37.71 0.05 12.19
N GLY F 465 38.68 0.02 13.07
CA GLY F 465 38.55 -0.26 14.48
C GLY F 465 38.44 1.04 15.25
N PRO F 466 39.42 1.36 16.09
CA PRO F 466 39.50 2.57 16.87
C PRO F 466 39.69 3.81 16.00
N ILE F 467 39.57 4.98 16.64
CA ILE F 467 39.62 6.26 15.90
C ILE F 467 40.99 6.56 15.31
N GLU F 468 42.05 6.10 15.95
CA GLU F 468 43.41 6.25 15.41
C GLU F 468 43.50 5.60 14.04
N GLU F 469 42.73 4.50 13.83
CA GLU F 469 42.73 3.91 12.49
C GLU F 469 42.04 4.81 11.47
N ALA F 470 41.00 5.57 11.83
CA ALA F 470 40.41 6.49 10.85
C ALA F 470 41.44 7.55 10.42
N VAL F 471 42.13 8.11 11.41
CA VAL F 471 43.16 9.12 11.18
C VAL F 471 44.23 8.58 10.23
N ALA F 472 44.75 7.40 10.53
CA ALA F 472 45.76 6.83 9.62
C ALA F 472 45.17 6.79 8.21
N LYS F 473 44.10 6.02 8.05
CA LYS F 473 43.46 5.89 6.75
C LYS F 473 43.28 7.24 6.09
N ALA F 474 43.10 8.32 6.87
CA ALA F 474 42.95 9.65 6.30
C ALA F 474 44.27 10.08 5.61
N ASP F 475 45.38 9.91 6.31
CA ASP F 475 46.72 10.21 5.79
C ASP F 475 46.94 9.41 4.50
N LYS F 476 46.84 8.10 4.62
CA LYS F 476 46.93 7.21 3.47
C LYS F 476 46.10 7.73 2.30
N LEU F 477 44.89 8.22 2.56
CA LEU F 477 44.09 8.77 1.46
C LEU F 477 44.70 10.10 1.01
N ALA F 478 45.28 10.84 1.95
CA ALA F 478 45.87 12.14 1.62
C ALA F 478 44.84 12.99 0.90
N ALA G 1 0.52 5.29 4.56
CA ALA G 1 0.60 4.21 3.54
C ALA G 1 -0.81 3.68 3.23
N THR G 2 -1.48 4.49 2.46
CA THR G 2 -2.86 4.39 2.04
C THR G 2 -2.94 4.73 0.54
N LEU G 3 -3.44 3.81 -0.23
CA LEU G 3 -3.56 3.91 -1.67
C LEU G 3 -3.74 5.33 -2.19
N LYS G 4 -4.70 6.03 -1.59
CA LYS G 4 -5.01 7.40 -2.00
C LYS G 4 -3.84 8.36 -1.86
N ASP G 5 -3.38 8.49 -0.65
CA ASP G 5 -2.19 9.29 -0.32
C ASP G 5 -1.03 8.96 -1.24
N ILE G 6 -0.70 7.69 -1.39
CA ILE G 6 0.41 7.24 -2.22
C ILE G 6 0.19 7.70 -3.66
N THR G 7 -1.03 7.53 -4.12
CA THR G 7 -1.49 7.91 -5.43
C THR G 7 -1.32 9.39 -5.67
N ARG G 8 -1.73 10.17 -4.67
CA ARG G 8 -1.60 11.61 -4.87
C ARG G 8 -0.11 11.92 -5.03
N ARG G 9 0.67 11.39 -4.10
CA ARG G 9 2.10 11.66 -4.06
C ARG G 9 2.82 11.23 -5.34
N LEU G 10 2.32 10.18 -5.98
CA LEU G 10 2.90 9.63 -7.17
C LEU G 10 2.70 10.55 -8.36
N LYS G 11 1.49 11.10 -8.52
CA LYS G 11 1.29 12.01 -9.65
C LYS G 11 2.08 13.30 -9.42
N SER G 12 2.01 13.81 -8.19
CA SER G 12 2.70 15.10 -7.94
C SER G 12 4.20 14.95 -8.12
N ILE G 13 4.85 13.93 -7.54
CA ILE G 13 6.29 13.83 -7.80
C ILE G 13 6.48 13.69 -9.31
N LYS G 14 5.46 13.17 -10.02
CA LYS G 14 5.64 12.99 -11.46
C LYS G 14 5.64 14.36 -12.15
N ASN G 15 4.94 15.31 -11.56
CA ASN G 15 4.94 16.65 -12.16
C ASN G 15 6.36 17.21 -11.91
N ILE G 16 6.74 17.27 -10.63
CA ILE G 16 8.00 17.82 -10.22
C ILE G 16 9.12 17.35 -11.15
N GLN G 17 9.14 16.04 -11.41
CA GLN G 17 10.18 15.47 -12.27
C GLN G 17 10.12 16.07 -13.67
N LYS G 18 8.94 16.12 -14.27
CA LYS G 18 8.82 16.68 -15.61
C LYS G 18 9.39 18.11 -15.61
N ILE G 19 9.03 18.85 -14.58
CA ILE G 19 9.42 20.23 -14.40
C ILE G 19 10.93 20.38 -14.19
N THR G 20 11.50 19.68 -13.21
CA THR G 20 12.91 19.78 -12.94
C THR G 20 13.74 19.34 -14.16
N LYS G 21 13.25 18.37 -14.92
CA LYS G 21 14.02 17.89 -16.07
C LYS G 21 14.17 18.98 -17.12
N SER G 22 13.04 19.66 -17.37
CA SER G 22 13.09 20.73 -18.37
C SER G 22 14.02 21.83 -17.87
N MET G 23 13.86 22.23 -16.61
CA MET G 23 14.68 23.26 -16.00
C MET G 23 16.15 22.89 -16.19
N LYS G 24 16.42 21.59 -16.20
CA LYS G 24 17.78 21.14 -16.43
C LYS G 24 18.17 21.53 -17.87
N MET G 25 17.26 21.20 -18.77
CA MET G 25 17.49 21.47 -20.20
C MET G 25 17.73 22.95 -20.44
N VAL G 26 16.92 23.80 -19.81
CA VAL G 26 17.15 25.23 -19.98
C VAL G 26 18.59 25.52 -19.54
N ALA G 27 18.88 25.39 -18.25
CA ALA G 27 20.22 25.59 -17.73
C ALA G 27 21.31 25.17 -18.72
N ALA G 28 21.24 23.91 -19.16
CA ALA G 28 22.22 23.45 -20.14
C ALA G 28 22.34 24.44 -21.29
N ALA G 29 21.20 24.87 -21.82
CA ALA G 29 21.13 25.78 -22.94
C ALA G 29 21.83 27.10 -22.60
N LYS G 30 21.29 27.79 -21.59
CA LYS G 30 21.90 29.04 -21.17
C LYS G 30 23.37 28.80 -20.87
N TYR G 31 23.70 27.63 -20.33
CA TYR G 31 25.11 27.33 -20.10
C TYR G 31 25.84 27.19 -21.43
N ALA G 32 25.21 26.55 -22.41
CA ALA G 32 25.83 26.38 -23.73
C ALA G 32 26.27 27.75 -24.25
N ARG G 33 25.33 28.69 -24.30
CA ARG G 33 25.63 30.04 -24.73
C ARG G 33 26.71 30.65 -23.82
N ALA G 34 26.38 30.91 -22.57
CA ALA G 34 27.32 31.49 -21.62
C ALA G 34 28.76 31.02 -21.86
N GLU G 35 28.91 29.74 -22.13
CA GLU G 35 30.18 29.08 -22.36
C GLU G 35 30.93 29.76 -23.50
N ARG G 36 30.17 30.13 -24.51
CA ARG G 36 30.64 30.81 -25.70
C ARG G 36 30.99 32.26 -25.39
N GLU G 37 29.99 33.04 -24.98
CA GLU G 37 30.20 34.44 -24.64
C GLU G 37 31.36 34.61 -23.65
N LEU G 38 31.89 33.51 -23.11
CA LEU G 38 32.97 33.59 -22.14
C LEU G 38 34.36 33.47 -22.77
N LYS G 39 34.43 32.89 -23.96
CA LYS G 39 35.72 32.70 -24.64
C LYS G 39 36.39 34.07 -24.86
N PRO G 40 35.66 34.96 -25.50
CA PRO G 40 36.09 36.30 -25.80
C PRO G 40 36.21 37.22 -24.60
N ALA G 41 35.24 37.13 -23.69
CA ALA G 41 35.18 38.04 -22.53
C ALA G 41 36.36 37.81 -21.61
N ARG G 42 36.86 36.59 -21.59
CA ARG G 42 37.99 36.22 -20.73
C ARG G 42 39.29 36.80 -21.30
N VAL G 43 39.38 36.80 -22.62
CA VAL G 43 40.48 37.45 -23.33
C VAL G 43 40.41 38.95 -23.03
N TYR G 44 39.25 39.54 -23.29
CA TYR G 44 39.04 40.96 -22.99
C TYR G 44 39.35 41.26 -21.53
N GLY G 45 38.96 40.38 -20.61
CA GLY G 45 39.18 40.66 -19.19
C GLY G 45 40.61 40.46 -18.73
N VAL G 46 41.23 39.36 -19.16
CA VAL G 46 42.61 39.07 -18.74
C VAL G 46 43.45 40.26 -19.24
N GLY G 47 43.27 40.55 -20.52
CA GLY G 47 43.90 41.64 -21.22
C GLY G 47 43.84 42.95 -20.43
N SER G 48 42.72 43.21 -19.78
CA SER G 48 42.56 44.40 -18.97
C SER G 48 43.25 44.30 -17.63
N LEU G 49 43.57 43.08 -17.19
CA LEU G 49 44.26 42.89 -15.91
C LEU G 49 45.77 42.88 -16.13
N ALA G 50 46.20 42.90 -17.39
CA ALA G 50 47.62 42.77 -17.72
C ALA G 50 48.54 43.78 -17.06
N LEU G 51 48.14 45.04 -17.00
CA LEU G 51 48.95 46.08 -16.41
C LEU G 51 49.41 45.80 -14.99
N TYR G 52 48.65 45.05 -14.23
CA TYR G 52 48.99 44.72 -12.83
C TYR G 52 49.83 43.48 -12.76
N GLU G 53 49.65 42.58 -13.74
CA GLU G 53 50.54 41.41 -13.79
C GLU G 53 51.94 41.96 -14.11
N LYS G 54 52.00 42.78 -15.17
CA LYS G 54 53.26 43.33 -15.63
C LYS G 54 53.78 44.44 -14.72
N ALA G 55 52.90 45.10 -13.98
CA ALA G 55 53.32 46.14 -13.03
C ALA G 55 52.70 45.85 -11.66
N ASP G 56 53.54 45.53 -10.69
CA ASP G 56 53.18 45.13 -9.35
C ASP G 56 52.59 46.24 -8.49
N ILE G 57 51.28 46.25 -8.30
CA ILE G 57 50.62 47.29 -7.50
C ILE G 57 50.17 46.80 -6.13
N LEU G 67 36.15 47.79 -0.23
CA LEU G 67 34.92 47.35 -0.91
C LEU G 67 35.00 45.85 -1.20
N ILE G 68 33.92 45.14 -0.88
CA ILE G 68 33.84 43.73 -1.21
C ILE G 68 32.68 43.67 -2.24
N ILE G 69 32.93 43.05 -3.37
CA ILE G 69 31.87 42.93 -4.38
C ILE G 69 31.66 41.46 -4.73
N GLY G 70 30.52 40.95 -4.27
CA GLY G 70 30.15 39.57 -4.52
C GLY G 70 29.28 39.56 -5.79
N VAL G 71 29.49 38.54 -6.61
CA VAL G 71 28.75 38.41 -7.85
C VAL G 71 28.20 37.01 -8.04
N SER G 72 26.88 36.96 -8.05
CA SER G 72 26.16 35.74 -8.42
C SER G 72 24.95 36.18 -9.23
N SER G 73 23.76 36.08 -8.68
CA SER G 73 22.53 36.42 -9.40
C SER G 73 21.36 36.53 -8.43
N ASP G 74 20.14 36.56 -8.97
CA ASP G 74 18.95 36.66 -8.15
C ASP G 74 18.23 35.34 -7.91
N ARG G 75 18.29 34.41 -8.84
CA ARG G 75 17.52 33.20 -8.80
C ARG G 75 18.32 31.93 -8.54
N GLY G 76 17.57 30.88 -8.79
CA GLY G 76 17.68 29.54 -8.93
C GLY G 76 18.16 28.63 -7.83
N LEU G 77 18.05 27.40 -8.25
CA LEU G 77 18.45 26.20 -7.53
C LEU G 77 19.76 25.86 -8.27
N CYS G 78 20.81 26.39 -7.70
CA CYS G 78 22.17 26.27 -8.22
C CYS G 78 23.07 26.22 -6.96
N GLY G 79 22.35 26.05 -5.85
CA GLY G 79 22.76 26.00 -4.50
C GLY G 79 24.17 26.36 -4.13
N ALA G 80 25.11 25.48 -4.44
CA ALA G 80 26.51 25.77 -4.04
C ALA G 80 27.04 27.02 -4.73
N ILE G 81 26.32 27.58 -5.71
CA ILE G 81 26.79 28.82 -6.35
C ILE G 81 26.78 29.99 -5.38
N HIS G 82 25.60 30.39 -4.92
CA HIS G 82 25.52 31.55 -4.03
C HIS G 82 26.16 31.28 -2.67
N SER G 83 26.31 30.00 -2.29
CA SER G 83 26.87 29.74 -0.96
C SER G 83 28.36 30.04 -0.96
N SER G 84 29.10 29.50 -1.92
CA SER G 84 30.53 29.74 -2.01
C SER G 84 30.86 31.22 -1.96
N VAL G 85 30.20 32.05 -2.78
CA VAL G 85 30.47 33.48 -2.79
C VAL G 85 30.16 34.08 -1.42
N ALA G 86 29.07 33.62 -0.82
CA ALA G 86 28.68 34.07 0.51
C ALA G 86 29.74 33.64 1.54
N LYS G 87 30.15 32.38 1.38
CA LYS G 87 31.21 31.83 2.25
C LYS G 87 32.40 32.77 2.19
N GLN G 88 33.04 32.85 1.02
CA GLN G 88 34.23 33.67 0.86
C GLN G 88 34.03 35.14 1.17
N MET G 89 32.82 35.67 1.05
CA MET G 89 32.61 37.08 1.38
C MET G 89 32.65 37.29 2.89
N LYS G 90 31.92 36.44 3.63
CA LYS G 90 31.91 36.57 5.10
C LYS G 90 33.33 36.43 5.62
N SER G 91 34.06 35.45 5.11
CA SER G 91 35.43 35.20 5.51
C SER G 91 36.24 36.50 5.51
N GLU G 92 36.22 37.20 4.38
CA GLU G 92 36.95 38.44 4.23
C GLU G 92 36.52 39.51 5.23
N ALA G 93 35.27 39.97 5.11
CA ALA G 93 34.75 41.00 6.00
C ALA G 93 35.23 40.79 7.43
N ALA G 94 35.33 39.53 7.83
CA ALA G 94 35.79 39.19 9.18
C ALA G 94 37.29 39.48 9.32
N ASN G 95 38.06 38.87 8.42
CA ASN G 95 39.50 39.02 8.45
C ASN G 95 39.95 40.46 8.30
N LEU G 96 39.01 41.39 8.15
CA LEU G 96 39.34 42.80 8.01
C LEU G 96 38.57 43.64 9.03
N LYS G 101 38.69 46.65 8.99
CA LYS G 101 39.45 47.89 8.88
C LYS G 101 38.51 49.07 8.60
N GLU G 102 37.53 48.83 7.80
CA GLU G 102 36.44 49.64 7.36
C GLU G 102 35.92 49.00 6.05
N VAL G 103 34.65 48.65 6.06
CA VAL G 103 34.06 47.98 4.90
C VAL G 103 32.76 48.64 4.43
N LYS G 104 32.58 48.64 3.12
CA LYS G 104 31.38 49.13 2.44
C LYS G 104 31.22 48.21 1.23
N ILE G 105 30.11 47.49 1.16
CA ILE G 105 29.96 46.39 0.21
C ILE G 105 28.85 46.55 -0.82
N ILE G 106 28.88 45.63 -1.78
CA ILE G 106 27.92 45.44 -2.83
C ILE G 106 27.76 43.95 -3.15
N GLY G 107 26.56 43.59 -3.55
CA GLY G 107 26.27 42.24 -4.04
C GLY G 107 25.53 42.48 -5.38
N VAL G 108 25.80 41.68 -6.39
CA VAL G 108 25.06 41.87 -7.66
C VAL G 108 24.09 40.70 -7.71
N GLY G 109 22.83 40.99 -7.42
CA GLY G 109 21.80 39.94 -7.33
C GLY G 109 21.16 39.98 -5.94
N ASP G 110 19.85 40.15 -5.88
CA ASP G 110 19.15 40.23 -4.60
C ASP G 110 19.63 39.07 -3.73
N LYS G 111 19.96 37.97 -4.40
CA LYS G 111 20.43 36.81 -3.67
C LYS G 111 21.56 37.14 -2.72
N ILE G 112 22.51 37.97 -3.16
CA ILE G 112 23.62 38.33 -2.27
C ILE G 112 23.08 39.04 -1.03
N ARG G 113 22.13 39.94 -1.27
CA ARG G 113 21.48 40.68 -0.20
C ARG G 113 20.75 39.72 0.75
N SER G 114 20.00 38.78 0.20
CA SER G 114 19.27 37.79 0.96
C SER G 114 20.19 36.95 1.85
N ILE G 115 21.22 36.37 1.24
CA ILE G 115 22.11 35.48 1.96
C ILE G 115 22.92 36.18 3.03
N LEU G 116 22.74 37.49 3.23
CA LEU G 116 23.62 38.16 4.17
C LEU G 116 23.01 38.92 5.32
N HIS G 117 22.35 40.04 5.04
CA HIS G 117 21.80 40.93 6.03
C HIS G 117 21.88 40.41 7.46
N THR G 127 22.90 47.99 -3.93
CA THR G 127 22.76 46.63 -4.44
C THR G 127 22.18 46.58 -5.85
N PHE G 128 22.10 45.36 -6.39
CA PHE G 128 21.59 45.16 -7.73
C PHE G 128 20.76 43.87 -7.83
N LYS G 129 19.90 43.86 -8.85
CA LYS G 129 19.02 42.73 -9.13
C LYS G 129 18.74 42.66 -10.64
N GLU G 130 18.26 41.52 -11.09
CA GLU G 130 17.92 41.25 -12.47
C GLU G 130 19.11 40.60 -13.19
N VAL G 131 19.86 39.83 -12.38
CA VAL G 131 21.03 39.11 -12.85
C VAL G 131 20.73 37.62 -13.07
N GLY G 132 21.50 37.06 -13.98
CA GLY G 132 21.46 35.66 -14.33
C GLY G 132 20.21 35.39 -15.17
N ARG G 133 19.12 36.05 -14.78
CA ARG G 133 17.84 35.81 -15.47
C ARG G 133 18.07 35.87 -16.97
N ARG G 134 18.63 36.98 -17.43
CA ARG G 134 19.06 37.07 -18.84
C ARG G 134 20.55 37.35 -18.91
N PRO G 135 21.17 37.03 -20.02
CA PRO G 135 22.62 37.13 -20.23
C PRO G 135 23.15 38.53 -20.01
N PRO G 136 24.17 38.66 -19.18
CA PRO G 136 24.78 39.90 -18.76
C PRO G 136 25.63 40.61 -19.79
N THR G 137 25.82 41.93 -19.65
CA THR G 137 26.62 42.70 -20.61
C THR G 137 27.45 43.84 -20.05
N PHE G 138 28.34 44.39 -20.91
CA PHE G 138 29.23 45.49 -20.53
C PHE G 138 28.40 46.64 -20.01
N GLY G 139 27.22 46.76 -20.63
CA GLY G 139 26.22 47.74 -20.22
C GLY G 139 25.85 47.55 -18.76
N ASP G 140 25.74 46.30 -18.27
CA ASP G 140 25.40 46.08 -16.87
C ASP G 140 26.57 46.48 -15.98
N ALA G 141 27.76 46.07 -16.45
CA ALA G 141 29.00 46.38 -15.71
C ALA G 141 29.13 47.89 -15.56
N SER G 142 28.99 48.58 -16.69
CA SER G 142 29.12 50.05 -16.63
C SER G 142 28.17 50.65 -15.62
N VAL G 143 26.98 50.09 -15.45
CA VAL G 143 26.04 50.61 -14.45
C VAL G 143 26.53 50.40 -13.03
N ILE G 144 27.15 49.24 -12.77
CA ILE G 144 27.66 49.00 -11.40
C ILE G 144 28.80 50.00 -11.15
N ALA G 145 29.73 50.09 -12.09
CA ALA G 145 30.86 51.00 -11.96
C ALA G 145 30.38 52.42 -11.68
N LEU G 146 29.48 52.87 -12.53
CA LEU G 146 28.84 54.17 -12.39
C LEU G 146 28.16 54.37 -11.05
N GLU G 147 27.45 53.35 -10.57
CA GLU G 147 26.80 53.48 -9.28
C GLU G 147 27.82 53.67 -8.17
N LEU G 148 28.92 52.91 -8.25
CA LEU G 148 29.97 52.93 -7.26
C LEU G 148 30.78 54.22 -7.20
N LEU G 149 30.81 54.98 -8.28
CA LEU G 149 31.57 56.23 -8.33
C LEU G 149 30.75 57.42 -7.84
N ASN G 150 29.48 57.16 -7.50
CA ASN G 150 28.56 58.18 -7.03
C ASN G 150 27.93 57.79 -5.70
N GLU G 157 41.04 50.38 -1.62
CA GLU G 157 41.14 49.05 -2.20
C GLU G 157 39.85 48.25 -2.07
N GLY G 158 39.51 47.56 -3.14
CA GLY G 158 38.32 46.71 -3.18
C GLY G 158 38.69 45.32 -3.68
N SER G 159 37.75 44.39 -3.52
CA SER G 159 37.96 43.03 -4.00
C SER G 159 36.66 42.63 -4.71
N ILE G 160 36.77 41.71 -5.63
CA ILE G 160 35.57 41.27 -6.36
C ILE G 160 35.54 39.76 -6.37
N ILE G 161 34.47 39.22 -5.76
CA ILE G 161 34.30 37.78 -5.58
C ILE G 161 33.26 37.19 -6.51
N PHE G 162 33.58 36.13 -7.21
CA PHE G 162 32.72 35.48 -8.20
C PHE G 162 33.13 34.04 -8.45
N ASN G 163 32.42 33.33 -9.33
CA ASN G 163 32.84 31.96 -9.60
C ASN G 163 33.47 31.82 -10.98
N ARG G 164 34.72 31.39 -10.98
CA ARG G 164 35.50 31.14 -12.18
C ARG G 164 35.08 29.76 -12.71
N PHE G 165 34.49 29.73 -13.88
CA PHE G 165 34.14 28.48 -14.54
C PHE G 165 35.37 27.66 -14.90
N ARG G 166 35.40 26.41 -14.50
CA ARG G 166 36.40 25.45 -14.96
C ARG G 166 35.64 24.42 -15.82
N SER G 167 34.75 23.71 -15.16
CA SER G 167 33.95 22.67 -15.80
C SER G 167 32.45 22.84 -15.58
N VAL G 168 31.68 22.05 -16.33
CA VAL G 168 30.23 22.02 -16.13
C VAL G 168 29.97 21.52 -14.70
N ILE G 169 30.89 20.65 -14.28
CA ILE G 169 30.81 20.02 -12.98
C ILE G 169 31.72 20.69 -11.96
N SER G 170 32.32 21.82 -12.33
CA SER G 170 33.12 22.56 -11.37
C SER G 170 33.36 24.03 -11.73
N TYR G 171 33.45 24.81 -10.66
CA TYR G 171 33.70 26.22 -10.64
C TYR G 171 34.44 26.57 -9.34
N LYS G 172 35.07 27.73 -9.32
CA LYS G 172 35.78 28.16 -8.11
C LYS G 172 35.60 29.64 -7.83
N THR G 173 35.41 30.00 -6.56
CA THR G 173 35.24 31.38 -6.16
C THR G 173 36.57 32.10 -6.01
N GLU G 174 36.98 32.86 -7.02
CA GLU G 174 38.24 33.60 -6.87
C GLU G 174 37.96 35.00 -6.38
N GLU G 175 38.99 35.62 -5.81
CA GLU G 175 38.89 37.03 -5.40
C GLU G 175 39.89 37.77 -6.30
N LYS G 176 39.48 38.89 -6.86
CA LYS G 176 40.35 39.74 -7.67
C LYS G 176 40.42 41.11 -6.98
N PRO G 177 41.61 41.64 -6.83
CA PRO G 177 41.86 42.91 -6.20
C PRO G 177 41.41 44.07 -7.07
N ILE G 178 40.89 45.12 -6.43
CA ILE G 178 40.45 46.32 -7.09
C ILE G 178 41.28 47.50 -6.55
N PHE G 179 42.47 47.64 -7.14
CA PHE G 179 43.36 48.73 -6.76
C PHE G 179 42.75 50.05 -7.24
N SER G 180 41.63 49.95 -7.95
CA SER G 180 41.00 51.12 -8.53
C SER G 180 41.36 52.40 -7.80
N LEU G 181 41.66 52.31 -6.49
CA LEU G 181 42.10 53.55 -5.83
C LEU G 181 43.03 54.23 -6.85
N ASP G 182 42.55 55.36 -7.35
CA ASP G 182 43.32 56.14 -8.30
C ASP G 182 44.64 56.51 -7.60
N THR G 183 44.45 56.81 -6.32
CA THR G 183 45.54 57.16 -5.42
C THR G 183 46.59 56.06 -5.41
N ILE G 184 46.20 54.82 -5.14
CA ILE G 184 47.18 53.73 -5.11
C ILE G 184 47.94 53.59 -6.42
N SER G 185 47.29 53.86 -7.55
CA SER G 185 47.90 53.63 -8.85
C SER G 185 48.96 54.63 -9.22
N SER G 186 49.37 55.44 -8.25
CA SER G 186 50.48 56.38 -8.43
C SER G 186 51.61 55.91 -7.52
N ALA G 187 52.41 55.00 -8.06
CA ALA G 187 53.52 54.38 -7.36
C ALA G 187 54.73 54.12 -8.25
N GLU G 188 55.88 53.97 -7.60
CA GLU G 188 57.16 53.75 -8.19
C GLU G 188 57.15 52.94 -9.46
N SER G 189 56.65 51.72 -9.42
CA SER G 189 56.61 50.82 -10.56
C SER G 189 56.06 51.47 -11.82
N MET G 190 55.30 52.54 -11.65
CA MET G 190 54.71 53.21 -12.81
C MET G 190 55.58 54.35 -13.31
N SER G 191 56.79 54.45 -12.80
CA SER G 191 57.69 55.51 -13.23
C SER G 191 58.21 55.23 -14.64
N ILE G 192 58.09 53.97 -15.03
CA ILE G 192 58.55 53.49 -16.32
C ILE G 192 57.56 53.87 -17.43
N TYR G 193 56.37 54.33 -17.03
CA TYR G 193 55.32 54.62 -18.00
C TYR G 193 55.34 56.04 -18.49
N ASP G 194 55.49 56.18 -19.82
CA ASP G 194 55.72 57.45 -20.45
C ASP G 194 54.69 58.53 -20.14
N ASP G 195 53.80 58.93 -21.03
CA ASP G 195 52.92 60.07 -20.79
C ASP G 195 52.35 60.19 -19.40
N ILE G 196 51.18 59.66 -19.12
CA ILE G 196 50.56 59.67 -17.83
C ILE G 196 50.53 61.02 -17.11
N ASP G 197 49.31 61.48 -16.99
CA ASP G 197 48.89 62.63 -16.22
C ASP G 197 48.01 62.04 -15.09
N ALA G 198 47.94 62.70 -13.94
CA ALA G 198 47.13 62.20 -12.85
C ALA G 198 45.70 61.93 -13.34
N ASP G 199 45.34 62.54 -14.48
CA ASP G 199 43.94 62.35 -14.90
C ASP G 199 43.74 61.63 -16.20
N VAL G 200 44.79 61.39 -16.97
CA VAL G 200 44.61 60.53 -18.18
C VAL G 200 44.46 59.10 -17.62
N LEU G 201 44.96 59.01 -16.39
CA LEU G 201 44.98 57.87 -15.54
C LEU G 201 43.64 57.66 -14.83
N ARG G 202 43.11 58.75 -14.29
CA ARG G 202 41.80 58.68 -13.65
C ARG G 202 40.82 58.06 -14.65
N ASN G 203 40.99 58.41 -15.93
CA ASN G 203 40.08 57.82 -16.91
C ASN G 203 40.39 56.36 -17.17
N TYR G 204 41.68 56.03 -17.09
CA TYR G 204 42.12 54.65 -17.36
C TYR G 204 41.59 53.70 -16.28
N GLN G 205 41.63 54.12 -15.03
CA GLN G 205 41.16 53.31 -13.92
C GLN G 205 39.65 53.05 -14.08
N GLU G 206 38.92 54.16 -14.16
CA GLU G 206 37.47 54.10 -14.30
C GLU G 206 37.13 53.02 -15.33
N TYR G 207 37.79 53.14 -16.50
CA TYR G 207 37.51 52.14 -17.53
C TYR G 207 37.89 50.74 -17.08
N SER G 208 39.07 50.55 -16.50
CA SER G 208 39.47 49.22 -16.06
C SER G 208 38.54 48.70 -14.97
N LEU G 209 38.02 49.65 -14.17
CA LEU G 209 37.12 49.23 -13.10
C LEU G 209 35.87 48.56 -13.72
N ALA G 210 35.44 49.09 -14.86
CA ALA G 210 34.30 48.53 -15.55
C ALA G 210 34.60 47.24 -16.27
N ASN G 211 35.86 46.98 -16.62
CA ASN G 211 36.13 45.71 -17.32
C ASN G 211 36.18 44.54 -16.32
N ILE G 212 36.58 44.82 -15.07
CA ILE G 212 36.72 43.73 -14.10
C ILE G 212 35.35 43.31 -13.56
N ILE G 213 34.40 44.22 -13.55
CA ILE G 213 33.01 43.93 -13.22
C ILE G 213 32.36 43.14 -14.35
N TYR G 214 32.56 43.58 -15.58
CA TYR G 214 32.02 42.88 -16.74
C TYR G 214 32.49 41.44 -16.74
N TYR G 215 33.78 41.28 -16.56
CA TYR G 215 34.43 39.96 -16.54
C TYR G 215 33.88 39.08 -15.41
N SER G 216 33.58 39.67 -14.27
CA SER G 216 33.05 38.85 -13.16
C SER G 216 31.68 38.31 -13.56
N LEU G 217 30.82 39.22 -13.99
CA LEU G 217 29.48 38.86 -14.45
C LEU G 217 29.49 37.72 -15.45
N LYS G 218 30.34 37.81 -16.49
CA LYS G 218 30.34 36.76 -17.51
C LYS G 218 30.81 35.43 -16.97
N GLU G 219 31.73 35.43 -15.99
CA GLU G 219 32.17 34.14 -15.48
C GLU G 219 31.10 33.58 -14.53
N SER G 220 30.44 34.48 -13.82
CA SER G 220 29.42 34.03 -12.87
C SER G 220 28.23 33.36 -13.57
N THR G 221 27.67 33.95 -14.61
CA THR G 221 26.56 33.34 -15.32
C THR G 221 26.87 31.93 -15.83
N THR G 222 28.04 31.73 -16.40
CA THR G 222 28.44 30.41 -16.91
C THR G 222 28.60 29.42 -15.76
N SER G 223 28.96 29.96 -14.59
CA SER G 223 29.17 29.07 -13.45
C SER G 223 27.81 28.77 -12.81
N GLU G 224 26.92 29.74 -12.90
CA GLU G 224 25.59 29.64 -12.39
C GLU G 224 24.75 28.61 -13.17
N GLN G 225 24.72 28.80 -14.46
CA GLN G 225 23.95 27.92 -15.36
C GLN G 225 24.51 26.52 -15.40
N SER G 226 25.84 26.40 -15.29
CA SER G 226 26.46 25.07 -15.26
C SER G 226 26.03 24.33 -14.00
N ALA G 227 25.96 25.06 -12.89
CA ALA G 227 25.58 24.51 -11.61
C ALA G 227 24.08 24.18 -11.55
N ARG G 228 23.22 25.03 -12.11
CA ARG G 228 21.80 24.80 -12.06
C ARG G 228 21.45 23.55 -12.83
N MET G 229 22.07 23.37 -14.00
CA MET G 229 21.84 22.18 -14.82
C MET G 229 22.13 20.92 -13.98
N THR G 230 23.38 20.82 -13.57
CA THR G 230 23.84 19.69 -12.78
C THR G 230 22.90 19.41 -11.61
N ALA G 231 22.36 20.48 -11.03
CA ALA G 231 21.52 20.35 -9.84
C ALA G 231 20.13 19.80 -10.16
N MET G 232 19.52 20.30 -11.21
CA MET G 232 18.21 19.86 -11.65
C MET G 232 18.33 18.44 -12.23
N ASP G 233 19.55 18.15 -12.68
CA ASP G 233 19.83 16.83 -13.22
C ASP G 233 19.74 15.83 -12.06
N ASN G 234 20.47 16.11 -10.98
CA ASN G 234 20.37 15.20 -9.84
C ASN G 234 18.94 15.16 -9.33
N ALA G 235 18.31 16.33 -9.16
CA ALA G 235 16.95 16.38 -8.66
C ALA G 235 16.03 15.51 -9.52
N SER G 236 16.27 15.49 -10.83
CA SER G 236 15.40 14.78 -11.76
C SER G 236 15.58 13.27 -11.67
N LYS G 237 16.77 12.84 -11.32
CA LYS G 237 17.13 11.45 -11.15
C LYS G 237 16.66 10.94 -9.79
N ASN G 238 16.71 11.86 -8.81
CA ASN G 238 16.26 11.47 -7.47
C ASN G 238 14.74 11.20 -7.53
N ALA G 239 14.10 12.06 -8.32
CA ALA G 239 12.65 12.00 -8.41
C ALA G 239 12.22 10.69 -9.06
N SER G 240 12.85 10.36 -10.17
CA SER G 240 12.51 9.14 -10.89
C SER G 240 12.72 7.92 -10.01
N GLU G 241 13.71 8.00 -9.13
CA GLU G 241 13.93 6.94 -8.16
C GLU G 241 12.81 6.94 -7.11
N MET G 242 12.31 8.14 -6.77
CA MET G 242 11.23 8.18 -5.77
C MET G 242 9.96 7.62 -6.41
N ILE G 243 9.77 7.82 -7.71
CA ILE G 243 8.61 7.34 -8.42
C ILE G 243 8.59 5.81 -8.50
N ASP G 244 9.79 5.22 -8.56
CA ASP G 244 9.88 3.76 -8.64
C ASP G 244 9.57 3.13 -7.29
N LYS G 245 10.12 3.71 -6.21
CA LYS G 245 9.84 3.12 -4.90
C LYS G 245 8.34 3.25 -4.62
N LEU G 246 7.79 4.42 -4.95
CA LEU G 246 6.40 4.69 -4.64
C LEU G 246 5.45 3.82 -5.46
N THR G 247 5.69 3.74 -6.76
CA THR G 247 4.90 2.91 -7.65
C THR G 247 4.88 1.46 -7.15
N LEU G 248 6.05 0.94 -6.86
CA LEU G 248 6.17 -0.43 -6.36
C LEU G 248 5.55 -0.56 -5.00
N THR G 249 5.60 0.50 -4.19
CA THR G 249 4.94 0.48 -2.87
C THR G 249 3.43 0.37 -3.12
N PHE G 250 2.95 1.19 -4.05
CA PHE G 250 1.57 1.25 -4.40
C PHE G 250 1.04 -0.10 -4.91
N ASN G 251 1.67 -0.74 -5.87
CA ASN G 251 1.15 -2.03 -6.36
C ASN G 251 1.15 -3.09 -5.27
N ARG G 252 2.21 -3.17 -4.47
CA ARG G 252 2.26 -4.16 -3.41
C ARG G 252 1.19 -3.93 -2.37
N THR G 253 0.95 -2.66 -2.03
CA THR G 253 -0.06 -2.38 -1.01
C THR G 253 -1.45 -2.66 -1.56
N ARG G 254 -1.63 -2.37 -2.84
CA ARG G 254 -3.00 -2.57 -3.39
C ARG G 254 -3.35 -4.06 -3.35
N GLN G 255 -2.38 -4.90 -3.73
CA GLN G 255 -2.53 -6.34 -3.77
C GLN G 255 -2.74 -6.93 -2.38
N ALA G 256 -1.93 -6.52 -1.44
CA ALA G 256 -2.07 -6.97 -0.04
C ALA G 256 -3.37 -6.54 0.57
N VAL G 257 -3.93 -5.37 0.27
CA VAL G 257 -5.23 -5.01 0.84
C VAL G 257 -6.35 -5.94 0.37
N ILE G 258 -6.40 -6.22 -0.92
CA ILE G 258 -7.44 -7.15 -1.42
C ILE G 258 -7.21 -8.52 -0.81
N THR G 259 -6.00 -9.05 -0.84
CA THR G 259 -5.77 -10.40 -0.29
C THR G 259 -6.17 -10.51 1.17
N LYS G 260 -5.73 -9.53 1.96
CA LYS G 260 -6.00 -9.48 3.39
C LYS G 260 -7.47 -9.38 3.73
N GLU G 261 -8.19 -8.50 3.03
CA GLU G 261 -9.61 -8.37 3.26
C GLU G 261 -10.32 -9.70 2.96
N LEU G 262 -9.93 -10.34 1.87
CA LEU G 262 -10.53 -11.63 1.51
C LEU G 262 -10.23 -12.73 2.51
N ILE G 263 -9.00 -12.81 3.05
CA ILE G 263 -8.68 -13.83 4.05
C ILE G 263 -9.51 -13.63 5.31
N GLU G 264 -9.77 -12.37 5.68
CA GLU G 264 -10.62 -12.13 6.86
C GLU G 264 -12.02 -12.64 6.52
N ILE G 265 -12.52 -12.39 5.33
CA ILE G 265 -13.89 -12.88 4.99
C ILE G 265 -14.03 -14.40 5.06
N ILE G 266 -13.14 -15.11 4.43
CA ILE G 266 -13.06 -16.58 4.41
C ILE G 266 -12.87 -17.13 5.83
N SER G 267 -11.95 -16.55 6.61
CA SER G 267 -11.73 -17.04 7.97
C SER G 267 -13.02 -16.97 8.77
N GLY G 268 -13.72 -15.84 8.64
CA GLY G 268 -14.99 -15.73 9.39
C GLY G 268 -16.02 -16.71 8.80
N ALA G 269 -16.05 -16.88 7.49
CA ALA G 269 -17.02 -17.79 6.89
C ALA G 269 -16.80 -19.24 7.36
N ALA G 270 -15.57 -19.72 7.26
CA ALA G 270 -15.25 -21.10 7.56
C ALA G 270 -15.43 -21.42 9.04
N ALA G 271 -15.33 -20.44 9.91
CA ALA G 271 -15.42 -20.64 11.34
C ALA G 271 -16.82 -20.93 11.87
N LEU G 272 -17.82 -20.83 11.02
CA LEU G 272 -19.21 -21.06 11.45
C LEU G 272 -19.55 -22.53 11.67
N GLN H 15 59.45 41.49 -32.49
CA GLN H 15 58.11 40.92 -32.31
C GLN H 15 57.43 41.48 -31.06
N MET H 16 56.16 41.86 -31.22
CA MET H 16 55.35 42.34 -30.11
C MET H 16 54.05 41.52 -30.06
N SER H 17 53.61 41.13 -28.87
CA SER H 17 52.38 40.32 -28.81
C SER H 17 51.19 41.26 -28.70
N PHE H 18 50.42 41.31 -29.80
CA PHE H 18 49.27 42.20 -29.87
C PHE H 18 47.99 41.50 -29.41
N THR H 19 47.19 42.24 -28.65
CA THR H 19 45.91 41.72 -28.20
C THR H 19 44.85 42.81 -28.35
N PHE H 20 43.92 42.49 -29.26
CA PHE H 20 42.87 43.47 -29.56
C PHE H 20 41.51 42.82 -29.36
N ALA H 21 40.64 43.50 -28.61
CA ALA H 21 39.31 42.95 -28.38
C ALA H 21 38.34 43.97 -27.80
N SER H 22 37.08 43.60 -27.94
CA SER H 22 35.93 44.28 -27.38
C SER H 22 35.29 43.25 -26.42
N PRO H 23 34.39 43.70 -25.60
CA PRO H 23 33.72 42.89 -24.60
C PRO H 23 33.12 41.64 -25.21
N THR H 24 32.84 41.69 -26.50
CA THR H 24 32.23 40.57 -27.21
C THR H 24 33.17 39.91 -28.20
N GLN H 25 33.93 40.70 -28.96
CA GLN H 25 34.79 40.13 -29.99
C GLN H 25 36.28 40.30 -29.71
N VAL H 26 37.03 39.31 -30.18
CA VAL H 26 38.48 39.30 -30.09
C VAL H 26 39.14 39.22 -31.47
N PHE H 27 39.75 40.34 -31.88
CA PHE H 27 40.42 40.40 -33.18
C PHE H 27 41.83 39.85 -33.13
N PHE H 28 42.63 40.25 -32.14
CA PHE H 28 43.99 39.72 -32.04
C PHE H 28 44.29 39.19 -30.65
N ASN H 29 44.89 38.01 -30.63
CA ASN H 29 45.33 37.42 -29.37
C ASN H 29 46.83 37.14 -29.42
N SER H 30 47.58 37.94 -28.67
CA SER H 30 49.03 37.75 -28.58
C SER H 30 49.67 37.52 -29.95
N ALA H 31 49.21 38.26 -30.96
CA ALA H 31 49.73 38.09 -32.30
C ALA H 31 50.95 38.98 -32.57
N ASN H 32 51.91 38.38 -33.26
CA ASN H 32 53.14 39.06 -33.64
C ASN H 32 52.84 40.01 -34.81
N VAL H 33 52.56 41.25 -34.45
CA VAL H 33 52.26 42.31 -35.42
C VAL H 33 53.44 43.26 -35.51
N ARG H 34 53.65 43.88 -36.68
CA ARG H 34 54.80 44.78 -36.81
C ARG H 34 54.49 46.15 -36.24
N GLN H 35 53.24 46.60 -36.40
CA GLN H 35 52.86 47.92 -35.92
C GLN H 35 51.35 48.09 -35.85
N VAL H 36 50.90 48.97 -34.96
CA VAL H 36 49.49 49.25 -34.77
C VAL H 36 49.25 50.74 -34.57
N ASP H 37 48.24 51.32 -35.20
CA ASP H 37 47.96 52.75 -35.03
C ASP H 37 46.68 52.96 -34.24
N VAL H 38 46.73 53.79 -33.21
CA VAL H 38 45.58 53.95 -32.33
C VAL H 38 45.19 55.39 -32.11
N PRO H 39 43.91 55.66 -32.02
CA PRO H 39 43.32 56.95 -31.77
C PRO H 39 43.19 57.22 -30.28
N THR H 40 43.96 58.14 -29.74
CA THR H 40 43.97 58.45 -28.33
C THR H 40 43.46 59.83 -28.00
N GLN H 41 43.16 60.04 -26.72
CA GLN H 41 42.73 61.35 -26.22
C GLN H 41 43.74 62.43 -26.60
N THR H 42 45.00 62.03 -26.71
CA THR H 42 46.08 62.93 -27.09
C THR H 42 46.80 62.39 -28.32
N GLY H 43 46.33 62.77 -29.50
CA GLY H 43 46.97 62.32 -30.73
C GLY H 43 46.52 60.93 -31.14
N ALA H 44 47.20 60.37 -32.14
CA ALA H 44 46.89 59.06 -32.68
C ALA H 44 48.21 58.33 -32.96
N PHE H 45 48.60 57.35 -32.14
CA PHE H 45 49.90 56.77 -32.37
C PHE H 45 50.03 55.30 -32.68
N GLY H 46 51.11 55.09 -33.45
CA GLY H 46 51.53 53.78 -33.91
C GLY H 46 52.51 53.12 -32.94
N ILE H 47 52.03 52.06 -32.30
CA ILE H 47 52.89 51.31 -31.39
C ILE H 47 53.85 50.46 -32.23
N LEU H 48 55.12 50.51 -31.85
CA LEU H 48 56.14 49.73 -32.54
C LEU H 48 56.61 48.59 -31.65
N ALA H 49 56.95 47.48 -32.27
CA ALA H 49 57.41 46.29 -31.57
C ALA H 49 58.37 46.63 -30.45
N ALA H 50 58.72 47.90 -30.28
CA ALA H 50 59.67 48.28 -29.23
C ALA H 50 59.47 49.69 -28.71
N HIS H 51 58.24 50.04 -28.33
CA HIS H 51 57.94 51.38 -27.83
C HIS H 51 58.10 51.49 -26.33
N VAL H 52 58.38 52.68 -25.77
CA VAL H 52 58.48 52.77 -24.31
C VAL H 52 57.08 52.52 -23.74
N PRO H 53 57.02 51.99 -22.55
CA PRO H 53 55.75 51.71 -21.89
C PRO H 53 54.88 52.95 -21.80
N THR H 54 53.63 52.83 -22.25
CA THR H 54 52.68 53.93 -22.05
C THR H 54 51.27 53.39 -21.83
N LEU H 55 50.42 54.20 -21.24
CA LEU H 55 49.03 53.93 -20.99
C LEU H 55 48.20 55.05 -21.67
N GLN H 56 47.06 54.70 -22.25
CA GLN H 56 46.18 55.70 -22.83
C GLN H 56 44.72 55.22 -22.89
N VAL H 57 43.78 56.16 -22.84
CA VAL H 57 42.38 55.81 -23.07
C VAL H 57 41.95 56.32 -24.44
N LEU H 58 41.26 55.48 -25.20
CA LEU H 58 40.88 55.77 -26.54
C LEU H 58 39.86 56.90 -26.74
N ARG H 59 39.73 57.18 -28.03
CA ARG H 59 38.87 58.19 -28.63
C ARG H 59 38.21 57.57 -29.87
N PRO H 60 37.00 57.98 -30.15
CA PRO H 60 36.29 57.49 -31.33
C PRO H 60 37.21 57.74 -32.53
N GLY H 61 37.61 56.71 -33.25
CA GLY H 61 38.53 56.94 -34.37
C GLY H 61 38.87 55.67 -35.11
N LEU H 62 40.07 55.64 -35.71
CA LEU H 62 40.46 54.49 -36.54
C LEU H 62 41.62 53.72 -35.96
N VAL H 63 41.67 52.41 -36.26
CA VAL H 63 42.75 51.56 -35.80
C VAL H 63 43.35 50.84 -37.02
N VAL H 64 44.69 50.86 -37.11
CA VAL H 64 45.31 50.20 -38.25
C VAL H 64 46.39 49.24 -37.78
N VAL H 65 46.24 47.99 -38.17
CA VAL H 65 47.15 46.94 -37.77
C VAL H 65 48.04 46.50 -38.94
N HIS H 66 49.28 46.96 -38.91
CA HIS H 66 50.25 46.55 -39.92
C HIS H 66 50.65 45.09 -39.67
N ALA H 67 50.19 44.26 -40.59
CA ALA H 67 50.41 42.82 -40.53
C ALA H 67 51.88 42.48 -40.76
N GLU H 68 52.23 41.22 -40.54
CA GLU H 68 53.59 40.75 -40.80
C GLU H 68 53.83 40.80 -42.31
N ASP H 69 52.75 40.76 -43.07
CA ASP H 69 52.81 40.70 -44.52
C ASP H 69 52.12 41.81 -45.28
N GLY H 70 52.56 43.05 -45.09
CA GLY H 70 52.09 44.21 -45.80
C GLY H 70 50.63 44.58 -45.64
N THR H 71 49.92 44.66 -46.76
CA THR H 71 48.51 45.04 -46.80
C THR H 71 47.90 44.96 -45.41
N THR H 72 47.71 46.15 -44.84
CA THR H 72 47.24 46.35 -43.49
C THR H 72 45.73 46.35 -43.33
N SER H 73 45.27 45.78 -42.21
CA SER H 73 43.85 45.71 -41.89
C SER H 73 43.41 46.89 -41.03
N LYS H 74 42.18 47.35 -41.26
CA LYS H 74 41.64 48.49 -40.54
C LYS H 74 40.44 48.10 -39.68
N TYR H 75 40.21 48.90 -38.64
CA TYR H 75 39.12 48.71 -37.71
C TYR H 75 38.69 50.05 -37.12
N PHE H 76 37.41 50.15 -36.76
CA PHE H 76 36.89 51.37 -36.15
C PHE H 76 36.47 51.09 -34.70
N VAL H 77 36.86 51.99 -33.82
CA VAL H 77 36.66 51.88 -32.38
C VAL H 77 36.01 53.13 -31.84
N SER H 78 35.18 53.04 -30.83
CA SER H 78 34.51 54.21 -30.27
C SER H 78 35.27 54.77 -29.07
N SER H 79 35.89 53.83 -28.33
CA SER H 79 36.57 54.16 -27.09
C SER H 79 37.23 52.93 -26.47
N GLY H 80 37.75 53.11 -25.26
CA GLY H 80 38.40 51.97 -24.61
C GLY H 80 39.77 52.32 -24.09
N SER H 81 40.69 51.34 -24.18
CA SER H 81 42.01 51.62 -23.61
C SER H 81 43.10 51.01 -24.45
N VAL H 82 44.33 51.47 -24.23
CA VAL H 82 45.46 50.83 -24.90
C VAL H 82 46.58 50.78 -23.85
N THR H 83 47.39 49.76 -23.87
CA THR H 83 48.46 49.56 -22.91
C THR H 83 49.67 48.94 -23.60
N VAL H 84 50.83 49.55 -23.35
CA VAL H 84 52.09 49.07 -23.93
C VAL H 84 53.02 48.74 -22.78
N ASN H 85 53.53 47.52 -22.72
CA ASN H 85 54.34 47.20 -21.53
C ASN H 85 55.81 47.10 -21.85
N ALA H 86 56.64 47.13 -20.80
CA ALA H 86 58.09 47.05 -20.95
C ALA H 86 58.43 45.78 -21.70
N ASP H 87 57.78 44.68 -21.36
CA ASP H 87 57.90 43.46 -22.22
C ASP H 87 57.11 43.86 -23.46
N SER H 88 57.43 43.49 -24.69
CA SER H 88 56.71 44.14 -25.80
C SER H 88 55.25 43.80 -25.92
N SER H 89 54.51 43.59 -24.82
CA SER H 89 53.10 43.23 -24.92
C SER H 89 52.17 44.41 -25.01
N VAL H 90 51.24 44.35 -25.97
CA VAL H 90 50.27 45.40 -26.19
C VAL H 90 48.83 44.94 -26.15
N GLN H 91 47.97 45.62 -25.36
CA GLN H 91 46.56 45.26 -25.34
C GLN H 91 45.65 46.42 -25.70
N LEU H 92 44.86 46.17 -26.76
CA LEU H 92 43.89 47.17 -27.22
C LEU H 92 42.47 46.67 -26.92
N LEU H 93 41.77 47.47 -26.12
CA LEU H 93 40.45 47.07 -25.63
C LEU H 93 39.43 48.14 -25.92
N ALA H 94 38.47 47.84 -26.80
CA ALA H 94 37.47 48.87 -27.14
C ALA H 94 36.06 48.46 -26.78
N GLU H 95 35.29 49.40 -26.22
CA GLU H 95 33.90 49.10 -25.88
C GLU H 95 33.15 48.60 -27.10
N GLU H 96 33.24 49.39 -28.17
CA GLU H 96 32.64 48.95 -29.44
C GLU H 96 33.74 48.92 -30.51
N ALA H 97 33.76 47.88 -31.31
CA ALA H 97 34.79 47.73 -32.33
C ALA H 97 34.18 47.05 -33.56
N VAL H 98 34.06 47.84 -34.63
CA VAL H 98 33.51 47.30 -35.87
C VAL H 98 34.43 47.61 -37.03
N THR H 99 34.51 46.67 -37.97
CA THR H 99 35.30 46.89 -39.18
C THR H 99 34.49 47.76 -40.13
N LEU H 100 35.10 48.80 -40.68
CA LEU H 100 34.42 49.72 -41.60
C LEU H 100 33.54 48.98 -42.61
N ASP H 101 33.87 47.74 -42.89
CA ASP H 101 33.12 46.89 -43.80
C ASP H 101 31.63 46.87 -43.45
N MET H 102 31.32 47.04 -42.17
CA MET H 102 29.94 46.97 -41.70
C MET H 102 29.37 48.30 -41.26
N LEU H 103 30.01 49.42 -41.62
CA LEU H 103 29.49 50.73 -41.23
C LEU H 103 28.89 51.50 -42.41
N VAL I 1 42.04 68.77 -18.47
CA VAL I 1 40.65 68.27 -18.22
C VAL I 1 39.80 68.34 -19.47
N ALA I 2 38.96 67.33 -19.69
CA ALA I 2 38.12 67.33 -20.89
C ALA I 2 36.87 68.16 -20.62
N TYR I 3 36.08 68.39 -21.67
CA TYR I 3 34.88 69.20 -21.53
C TYR I 3 33.85 68.53 -20.63
N TRP I 4 33.62 67.24 -20.85
CA TRP I 4 32.60 66.50 -20.12
C TRP I 4 32.91 66.43 -18.64
N ARG I 5 34.21 66.33 -18.30
CA ARG I 5 34.50 66.44 -16.84
C ARG I 5 34.27 67.92 -16.53
N GLN I 6 34.29 68.40 -15.30
CA GLN I 6 33.94 69.83 -15.11
C GLN I 6 32.42 69.90 -15.32
N ALA I 7 31.93 69.00 -16.17
CA ALA I 7 30.49 68.92 -16.42
C ALA I 7 29.87 67.70 -15.74
N GLY I 8 30.65 67.03 -14.90
CA GLY I 8 30.20 65.91 -14.12
C GLY I 8 30.39 64.54 -14.74
N LEU I 9 30.47 64.43 -16.06
CA LEU I 9 30.60 63.12 -16.70
C LEU I 9 31.89 62.42 -16.31
N SER I 10 31.86 61.08 -16.36
CA SER I 10 33.05 60.27 -16.11
C SER I 10 33.48 59.67 -17.46
N TYR I 11 34.53 58.86 -17.47
CA TYR I 11 34.96 58.22 -18.69
C TYR I 11 34.12 57.04 -19.12
N ILE I 12 33.61 56.24 -18.19
CA ILE I 12 32.81 55.05 -18.58
C ILE I 12 31.61 55.55 -19.39
N ARG I 13 31.08 56.65 -18.86
CA ARG I 13 29.94 57.34 -19.44
C ARG I 13 30.25 57.82 -20.86
N TYR I 14 31.47 58.36 -21.00
CA TYR I 14 31.97 58.78 -22.31
C TYR I 14 32.06 57.57 -23.24
N SER I 15 32.73 56.49 -22.79
CA SER I 15 32.87 55.35 -23.69
C SER I 15 31.48 54.86 -24.10
N GLN I 16 30.55 54.91 -23.16
CA GLN I 16 29.18 54.44 -23.30
C GLN I 16 28.53 55.06 -24.53
N ILE I 17 28.61 56.39 -24.58
CA ILE I 17 28.12 57.17 -25.70
C ILE I 17 28.86 56.87 -26.99
N CYS I 18 30.19 56.93 -27.03
CA CYS I 18 30.89 56.62 -28.28
C CYS I 18 30.57 55.19 -28.72
N ALA I 19 30.55 54.22 -27.80
CA ALA I 19 30.27 52.83 -28.16
C ALA I 19 28.96 52.72 -28.94
N LYS I 20 27.97 53.39 -28.34
CA LYS I 20 26.62 53.37 -28.89
C LYS I 20 26.57 54.02 -30.27
N ALA I 21 27.29 55.14 -30.40
CA ALA I 21 27.31 55.84 -31.70
C ALA I 21 27.84 54.90 -32.78
N VAL I 22 28.97 54.22 -32.51
CA VAL I 22 29.47 53.29 -33.54
C VAL I 22 28.35 52.32 -33.91
N ARG I 23 27.62 51.84 -32.92
CA ARG I 23 26.53 50.89 -33.11
C ARG I 23 25.50 51.41 -34.11
N ASP I 24 24.99 52.60 -33.79
CA ASP I 24 23.98 53.22 -34.63
C ASP I 24 24.48 53.38 -36.07
N ALA I 25 25.78 53.55 -36.23
CA ALA I 25 26.34 53.63 -37.60
C ALA I 25 26.18 52.26 -38.24
N THR I 37 23.96 42.22 -27.00
CA THR I 37 24.91 43.05 -26.25
C THR I 37 24.27 44.39 -25.87
N SER I 38 25.00 45.23 -25.17
CA SER I 38 24.51 46.56 -24.84
C SER I 38 23.13 46.60 -24.24
N GLY I 39 22.84 45.65 -23.36
CA GLY I 39 21.54 45.71 -22.66
C GLY I 39 21.82 46.49 -21.37
N SER I 40 20.88 46.41 -20.46
CA SER I 40 21.01 47.01 -19.15
C SER I 40 19.79 46.60 -18.33
N THR I 41 19.81 45.29 -18.07
CA THR I 41 18.83 44.58 -17.28
C THR I 41 18.99 44.96 -15.82
N ILE I 42 20.25 45.03 -15.40
CA ILE I 42 20.64 45.40 -14.05
C ILE I 42 19.69 46.44 -13.47
N LYS I 43 19.40 46.30 -12.18
CA LYS I 43 18.52 47.27 -11.49
C LYS I 43 19.14 47.64 -10.15
N ILE I 44 19.02 48.90 -9.75
CA ILE I 44 19.61 49.40 -8.53
C ILE I 44 18.80 49.12 -7.27
N VAL I 45 19.44 48.77 -6.15
CA VAL I 45 18.60 48.64 -4.94
C VAL I 45 19.20 49.45 -3.81
N LYS I 46 18.97 50.77 -3.84
CA LYS I 46 19.58 51.66 -2.85
C LYS I 46 18.85 51.80 -1.53
N VAL I 47 19.48 51.43 -0.41
CA VAL I 47 18.84 51.60 0.90
C VAL I 47 19.87 51.83 2.00
#